data_2LVW
#
_entry.id   2LVW
#
_entity_poly.entity_id   1
_entity_poly.type   'polypeptide(L)'
_entity_poly.pdbx_seq_one_letter_code
;GSMQNTTHDNVILELTVRNHPGVMTHVCGLFARRAFNVEGILCLPIQDSDKSHIWLLVNDDQRLEQMISQIDKLEDVVKV
QRNQSDPTMFNKIAVFFQ
;
_entity_poly.pdbx_strand_id   A,B
#
# COMPACT_ATOMS: atom_id res chain seq x y z
N GLY A 1 -17.62 11.06 -1.25
CA GLY A 1 -18.12 9.74 -1.66
C GLY A 1 -17.92 9.52 -3.14
N SER A 2 -16.80 8.84 -3.49
CA SER A 2 -16.36 8.54 -4.88
C SER A 2 -16.22 9.83 -5.74
N MET A 3 -14.97 10.18 -6.10
CA MET A 3 -14.66 11.40 -6.89
C MET A 3 -15.26 11.33 -8.31
N GLN A 4 -16.50 11.82 -8.45
CA GLN A 4 -17.25 11.80 -9.71
C GLN A 4 -16.76 12.95 -10.62
N ASN A 5 -16.84 14.20 -10.13
CA ASN A 5 -16.43 15.40 -10.90
C ASN A 5 -15.36 16.21 -10.16
N THR A 6 -15.00 15.79 -8.94
CA THR A 6 -13.95 16.42 -8.14
C THR A 6 -12.67 15.54 -8.13
N THR A 7 -11.56 16.12 -7.69
CA THR A 7 -10.28 15.42 -7.50
C THR A 7 -9.94 15.36 -5.98
N HIS A 8 -10.68 16.15 -5.17
CA HIS A 8 -10.35 16.38 -3.75
C HIS A 8 -11.36 15.63 -2.83
N ASP A 9 -11.99 14.56 -3.36
CA ASP A 9 -12.97 13.74 -2.60
C ASP A 9 -12.24 12.93 -1.51
N ASN A 10 -11.01 12.51 -1.84
CA ASN A 10 -10.13 11.76 -0.92
C ASN A 10 -9.42 12.70 0.08
N VAL A 11 -8.72 12.08 1.03
CA VAL A 11 -7.91 12.76 2.05
C VAL A 11 -6.57 12.02 2.14
N ILE A 12 -5.49 12.78 2.34
CA ILE A 12 -4.11 12.27 2.37
C ILE A 12 -3.71 12.00 3.84
N LEU A 13 -3.86 10.73 4.25
CA LEU A 13 -3.56 10.31 5.62
C LEU A 13 -2.19 9.66 5.67
N GLU A 14 -1.18 10.42 6.08
CA GLU A 14 0.17 9.91 6.20
C GLU A 14 0.42 9.34 7.60
N LEU A 15 1.21 8.27 7.66
CA LEU A 15 1.69 7.69 8.89
C LEU A 15 3.04 7.01 8.65
N THR A 16 4.06 7.42 9.40
CA THR A 16 5.38 6.82 9.35
C THR A 16 5.40 5.68 10.34
N VAL A 17 5.30 4.45 9.83
CA VAL A 17 5.38 3.25 10.65
C VAL A 17 6.77 2.64 10.51
N ARG A 18 7.23 1.93 11.53
CA ARG A 18 8.44 1.11 11.42
C ARG A 18 8.03 -0.35 11.28
N ASN A 19 8.81 -1.11 10.50
CA ASN A 19 8.43 -2.44 10.00
C ASN A 19 8.49 -3.51 11.11
N HIS A 20 7.42 -3.57 11.92
CA HIS A 20 7.12 -4.71 12.80
C HIS A 20 6.28 -5.71 11.99
N PRO A 21 6.27 -7.04 12.34
CA PRO A 21 5.50 -8.08 11.60
C PRO A 21 4.00 -7.74 11.37
N GLY A 22 3.68 -7.32 10.12
CA GLY A 22 2.29 -7.12 9.67
C GLY A 22 1.66 -5.82 10.13
N VAL A 23 2.39 -4.71 9.97
CA VAL A 23 1.91 -3.35 10.31
C VAL A 23 1.12 -2.73 9.15
N MET A 24 1.43 -3.15 7.93
CA MET A 24 0.67 -2.78 6.72
C MET A 24 -0.78 -3.30 6.82
N THR A 25 -0.92 -4.45 7.51
CA THR A 25 -2.21 -5.12 7.76
C THR A 25 -3.10 -4.26 8.69
N HIS A 26 -2.47 -3.46 9.57
CA HIS A 26 -3.18 -2.59 10.54
C HIS A 26 -3.99 -1.52 9.78
N VAL A 27 -3.30 -0.73 8.92
CA VAL A 27 -3.94 0.37 8.17
C VAL A 27 -5.04 -0.17 7.21
N CYS A 28 -4.72 -1.29 6.53
CA CYS A 28 -5.65 -1.95 5.60
C CYS A 28 -6.89 -2.49 6.34
N GLY A 29 -6.69 -2.93 7.59
CA GLY A 29 -7.76 -3.46 8.45
C GLY A 29 -8.75 -2.38 8.88
N LEU A 30 -8.22 -1.19 9.22
CA LEU A 30 -9.04 -0.04 9.70
C LEU A 30 -9.98 0.48 8.60
N PHE A 31 -9.43 0.70 7.39
CA PHE A 31 -10.21 1.23 6.24
C PHE A 31 -11.18 0.18 5.66
N ALA A 32 -10.80 -1.11 5.82
CA ALA A 32 -11.67 -2.24 5.46
C ALA A 32 -12.97 -2.22 6.27
N ARG A 33 -12.83 -2.21 7.61
CA ARG A 33 -13.97 -2.28 8.57
C ARG A 33 -14.68 -0.91 8.69
N ARG A 34 -14.12 0.11 8.03
CA ARG A 34 -14.63 1.49 8.11
C ARG A 34 -15.98 1.59 7.39
N ALA A 35 -15.94 1.43 6.05
CA ALA A 35 -17.13 1.53 5.17
C ALA A 35 -16.71 1.29 3.73
N PHE A 36 -15.76 2.10 3.27
CA PHE A 36 -15.24 2.08 1.90
C PHE A 36 -13.72 1.84 1.96
N ASN A 37 -13.18 1.16 0.94
CA ASN A 37 -11.75 0.76 0.89
C ASN A 37 -10.84 1.95 0.58
N VAL A 38 -9.52 1.68 0.54
CA VAL A 38 -8.52 2.70 0.16
C VAL A 38 -8.51 2.83 -1.37
N GLU A 39 -8.45 4.07 -1.84
CA GLU A 39 -8.33 4.39 -3.26
C GLU A 39 -6.89 4.10 -3.74
N GLY A 40 -5.93 4.73 -3.05
CA GLY A 40 -4.51 4.62 -3.42
C GLY A 40 -3.60 4.56 -2.19
N ILE A 41 -2.55 3.73 -2.25
CA ILE A 41 -1.58 3.54 -1.14
C ILE A 41 -0.18 3.85 -1.66
N LEU A 42 0.61 4.57 -0.86
CA LEU A 42 2.00 4.87 -1.17
C LEU A 42 2.87 4.60 0.05
N CYS A 43 3.36 3.36 0.15
CA CYS A 43 4.30 2.96 1.19
C CYS A 43 5.73 3.22 0.68
N LEU A 44 6.26 4.39 1.04
CA LEU A 44 7.58 4.87 0.60
C LEU A 44 8.65 4.41 1.62
N PRO A 45 9.52 3.41 1.27
CA PRO A 45 10.51 2.85 2.23
C PRO A 45 11.55 3.91 2.67
N ILE A 46 11.55 4.23 3.97
CA ILE A 46 12.52 5.14 4.56
C ILE A 46 13.88 4.42 4.67
N GLN A 47 14.77 4.71 3.71
CA GLN A 47 16.06 4.00 3.52
C GLN A 47 17.03 4.17 4.72
N ASP A 48 16.77 5.19 5.56
CA ASP A 48 17.67 5.56 6.67
C ASP A 48 17.66 4.48 7.78
N SER A 49 16.48 3.87 8.00
CA SER A 49 16.25 2.88 9.07
C SER A 49 15.23 1.84 8.60
N ASP A 50 14.79 0.97 9.53
CA ASP A 50 13.71 0.00 9.30
C ASP A 50 12.34 0.70 9.52
N LYS A 51 11.98 1.54 8.54
CA LYS A 51 10.73 2.33 8.54
C LYS A 51 10.19 2.47 7.11
N SER A 52 8.94 2.91 7.02
CA SER A 52 8.28 3.26 5.76
C SER A 52 7.15 4.26 6.07
N HIS A 53 7.03 5.30 5.25
CA HIS A 53 6.01 6.35 5.42
C HIS A 53 4.90 6.10 4.39
N ILE A 54 3.69 5.75 4.85
CA ILE A 54 2.56 5.38 3.97
C ILE A 54 1.56 6.54 3.89
N TRP A 55 1.18 6.92 2.66
CA TRP A 55 0.07 7.88 2.41
C TRP A 55 -1.16 7.09 1.92
N LEU A 56 -2.24 7.17 2.70
CA LEU A 56 -3.51 6.52 2.42
C LEU A 56 -4.48 7.54 1.81
N LEU A 57 -4.79 7.36 0.53
CA LEU A 57 -5.78 8.13 -0.22
C LEU A 57 -7.12 7.45 -0.02
N VAL A 58 -7.95 8.02 0.83
CA VAL A 58 -9.27 7.45 1.16
C VAL A 58 -10.26 8.60 1.32
N ASN A 59 -11.52 8.39 0.97
CA ASN A 59 -12.55 9.45 1.08
C ASN A 59 -12.95 9.62 2.56
N ASP A 60 -13.14 10.89 2.98
CA ASP A 60 -13.50 11.25 4.37
C ASP A 60 -14.86 10.66 4.77
N ASP A 61 -15.00 10.30 6.05
CA ASP A 61 -16.16 9.61 6.60
C ASP A 61 -16.41 10.11 8.03
N GLN A 62 -17.59 9.78 8.59
CA GLN A 62 -17.97 10.13 9.97
C GLN A 62 -17.11 9.39 11.00
N ARG A 63 -16.80 8.11 10.70
CA ARG A 63 -15.97 7.23 11.56
C ARG A 63 -14.48 7.48 11.32
N LEU A 64 -14.14 7.99 10.12
CA LEU A 64 -12.77 8.09 9.56
C LEU A 64 -11.71 8.51 10.62
N GLU A 65 -11.88 9.72 11.19
CA GLU A 65 -10.89 10.32 12.12
C GLU A 65 -10.85 9.60 13.48
N GLN A 66 -11.98 9.01 13.89
CA GLN A 66 -12.06 8.15 15.09
C GLN A 66 -11.17 6.90 14.91
N MET A 67 -11.18 6.36 13.68
CA MET A 67 -10.40 5.16 13.31
C MET A 67 -8.91 5.50 13.09
N ILE A 68 -8.64 6.75 12.66
CA ILE A 68 -7.26 7.29 12.60
C ILE A 68 -6.69 7.35 14.02
N SER A 69 -7.52 7.84 14.95
CA SER A 69 -7.15 8.00 16.37
C SER A 69 -6.85 6.63 17.00
N GLN A 70 -7.56 5.58 16.53
CA GLN A 70 -7.36 4.19 16.99
C GLN A 70 -6.01 3.65 16.48
N ILE A 71 -5.80 3.74 15.15
CA ILE A 71 -4.62 3.15 14.47
C ILE A 71 -3.32 3.90 14.89
N ASP A 72 -3.49 5.19 15.24
CA ASP A 72 -2.42 6.07 15.75
C ASP A 72 -1.81 5.53 17.07
N LYS A 73 -2.63 4.84 17.88
CA LYS A 73 -2.19 4.33 19.20
C LYS A 73 -1.29 3.10 19.08
N LEU A 74 -1.26 2.48 17.89
CA LEU A 74 -0.36 1.35 17.60
C LEU A 74 1.09 1.87 17.55
N GLU A 75 1.98 1.16 18.25
CA GLU A 75 3.37 1.62 18.55
C GLU A 75 4.31 1.52 17.33
N ASP A 76 3.83 0.83 16.27
CA ASP A 76 4.50 0.80 14.96
C ASP A 76 4.39 2.18 14.31
N VAL A 77 3.21 2.81 14.42
CA VAL A 77 3.00 4.20 14.00
C VAL A 77 3.91 5.13 14.84
N VAL A 78 5.07 5.45 14.25
CA VAL A 78 6.06 6.37 14.83
C VAL A 78 5.50 7.80 14.74
N LYS A 79 4.83 8.10 13.60
CA LYS A 79 4.20 9.41 13.30
C LYS A 79 2.88 9.20 12.55
N VAL A 80 1.94 10.15 12.71
CA VAL A 80 0.63 10.16 11.99
C VAL A 80 0.17 11.63 11.80
N GLN A 81 -0.25 11.99 10.57
CA GLN A 81 -0.78 13.33 10.26
C GLN A 81 -1.96 13.22 9.26
N ARG A 82 -2.97 14.07 9.46
CA ARG A 82 -4.20 14.12 8.64
C ARG A 82 -4.14 15.37 7.75
N ASN A 83 -4.06 15.19 6.42
CA ASN A 83 -3.93 16.31 5.47
C ASN A 83 -5.05 16.24 4.44
N GLN A 84 -5.87 17.30 4.36
CA GLN A 84 -6.98 17.37 3.39
C GLN A 84 -6.42 17.97 2.09
N SER A 85 -5.92 17.09 1.21
CA SER A 85 -5.20 17.50 0.01
C SER A 85 -5.51 16.55 -1.17
N ASP A 86 -4.89 16.82 -2.33
CA ASP A 86 -5.20 16.14 -3.60
C ASP A 86 -4.27 14.93 -3.83
N PRO A 87 -4.71 13.92 -4.68
CA PRO A 87 -3.88 12.72 -5.05
C PRO A 87 -2.65 13.07 -5.91
N THR A 88 -2.53 14.33 -6.33
CA THR A 88 -1.33 14.84 -7.03
C THR A 88 -0.13 14.89 -6.08
N MET A 89 -0.42 15.08 -4.78
CA MET A 89 0.61 15.05 -3.71
C MET A 89 1.26 13.67 -3.64
N PHE A 90 0.41 12.62 -3.74
CA PHE A 90 0.82 11.20 -3.84
C PHE A 90 1.91 11.03 -4.95
N ASN A 91 1.67 11.62 -6.11
CA ASN A 91 2.59 11.57 -7.26
C ASN A 91 3.90 12.32 -6.94
N LYS A 92 3.74 13.54 -6.41
CA LYS A 92 4.83 14.47 -6.09
C LYS A 92 5.91 13.84 -5.20
N ILE A 93 5.47 13.22 -4.12
CA ILE A 93 6.35 12.63 -3.08
C ILE A 93 6.89 11.24 -3.52
N ALA A 94 6.13 10.55 -4.39
CA ALA A 94 6.57 9.28 -5.03
C ALA A 94 7.77 9.52 -5.95
N VAL A 95 7.71 10.64 -6.73
CA VAL A 95 8.74 10.97 -7.73
C VAL A 95 9.93 11.72 -7.11
N PHE A 96 9.65 12.51 -6.05
CA PHE A 96 10.68 13.30 -5.34
C PHE A 96 11.44 12.43 -4.33
N PHE A 97 10.74 11.40 -3.78
CA PHE A 97 11.26 10.47 -2.76
C PHE A 97 11.60 11.25 -1.47
N GLN A 98 10.57 11.55 -0.66
CA GLN A 98 10.74 12.23 0.63
C GLN A 98 9.56 11.83 1.55
N GLY B 1 17.28 -11.82 -1.21
CA GLY B 1 16.74 -12.25 0.10
C GLY B 1 17.37 -11.51 1.28
N SER B 2 18.63 -11.06 1.13
CA SER B 2 19.39 -10.37 2.20
C SER B 2 19.55 -8.89 1.83
N MET B 3 18.56 -8.07 2.26
CA MET B 3 18.53 -6.62 1.98
C MET B 3 19.61 -5.89 2.78
N GLN B 4 20.82 -5.79 2.18
CA GLN B 4 21.94 -5.02 2.75
C GLN B 4 21.85 -3.59 2.20
N ASN B 5 22.18 -3.45 0.91
CA ASN B 5 21.94 -2.22 0.12
C ASN B 5 21.66 -2.64 -1.35
N THR B 6 21.34 -3.93 -1.53
CA THR B 6 21.07 -4.52 -2.84
C THR B 6 19.69 -4.04 -3.36
N THR B 7 19.72 -3.19 -4.40
CA THR B 7 18.54 -2.54 -4.99
C THR B 7 17.53 -3.57 -5.55
N HIS B 8 18.06 -4.62 -6.20
CA HIS B 8 17.25 -5.66 -6.89
C HIS B 8 17.12 -6.91 -5.98
N ASP B 9 17.30 -6.72 -4.66
CA ASP B 9 17.05 -7.79 -3.67
C ASP B 9 15.54 -8.01 -3.54
N ASN B 10 14.78 -6.93 -3.82
CA ASN B 10 13.32 -6.97 -3.90
C ASN B 10 12.84 -7.52 -5.25
N VAL B 11 11.55 -7.83 -5.32
CA VAL B 11 10.86 -8.32 -6.51
C VAL B 11 9.55 -7.54 -6.67
N ILE B 12 9.19 -7.22 -7.92
CA ILE B 12 8.02 -6.39 -8.24
C ILE B 12 6.82 -7.32 -8.50
N LEU B 13 5.99 -7.51 -7.47
CA LEU B 13 4.81 -8.39 -7.54
C LEU B 13 3.56 -7.55 -7.77
N GLU B 14 3.13 -7.46 -9.02
CA GLU B 14 1.92 -6.72 -9.37
C GLU B 14 0.70 -7.62 -9.29
N LEU B 15 -0.42 -7.05 -8.85
CA LEU B 15 -1.73 -7.69 -8.88
C LEU B 15 -2.82 -6.63 -9.00
N THR B 16 -3.65 -6.75 -10.04
CA THR B 16 -4.79 -5.87 -10.25
C THR B 16 -5.97 -6.46 -9.51
N VAL B 17 -6.28 -5.89 -8.36
CA VAL B 17 -7.45 -6.30 -7.56
C VAL B 17 -8.58 -5.30 -7.81
N ARG B 18 -9.83 -5.75 -7.66
CA ARG B 18 -10.98 -4.85 -7.62
C ARG B 18 -11.45 -4.69 -6.17
N ASN B 19 -11.93 -3.49 -5.84
CA ASN B 19 -12.14 -3.04 -4.44
C ASN B 19 -13.36 -3.73 -3.78
N HIS B 20 -13.16 -4.98 -3.33
CA HIS B 20 -14.08 -5.67 -2.41
C HIS B 20 -13.66 -5.30 -0.97
N PRO B 21 -14.58 -5.34 0.04
CA PRO B 21 -14.25 -4.97 1.45
C PRO B 21 -12.98 -5.67 2.02
N GLY B 22 -11.87 -4.91 2.09
CA GLY B 22 -10.63 -5.35 2.76
C GLY B 22 -9.77 -6.30 1.96
N VAL B 23 -9.55 -5.96 0.69
CA VAL B 23 -8.68 -6.75 -0.22
C VAL B 23 -7.20 -6.36 -0.09
N MET B 24 -6.96 -5.10 0.33
CA MET B 24 -5.61 -4.61 0.67
C MET B 24 -5.04 -5.39 1.87
N THR B 25 -5.95 -5.83 2.75
CA THR B 25 -5.64 -6.63 3.95
C THR B 25 -5.11 -8.04 3.56
N HIS B 26 -5.56 -8.55 2.39
CA HIS B 26 -5.15 -9.88 1.88
C HIS B 26 -3.64 -9.90 1.59
N VAL B 27 -3.18 -8.97 0.74
CA VAL B 27 -1.76 -8.90 0.32
C VAL B 27 -0.84 -8.64 1.53
N CYS B 28 -1.26 -7.71 2.40
CA CYS B 28 -0.54 -7.34 3.62
C CYS B 28 -0.44 -8.53 4.60
N GLY B 29 -1.51 -9.37 4.61
CA GLY B 29 -1.59 -10.55 5.47
C GLY B 29 -0.62 -11.65 5.04
N LEU B 30 -0.48 -11.84 3.71
CA LEU B 30 0.40 -12.89 3.12
C LEU B 30 1.89 -12.61 3.42
N PHE B 31 2.32 -11.36 3.17
CA PHE B 31 3.74 -10.95 3.37
C PHE B 31 4.08 -10.82 4.86
N ALA B 32 3.05 -10.51 5.69
CA ALA B 32 3.18 -10.49 7.16
C ALA B 32 3.58 -11.89 7.67
N ARG B 33 2.74 -12.89 7.34
CA ARG B 33 2.90 -14.29 7.82
C ARG B 33 4.04 -15.02 7.09
N ARG B 34 4.61 -14.37 6.06
CA ARG B 34 5.64 -14.95 5.20
C ARG B 34 6.95 -15.14 5.99
N ALA B 35 7.57 -14.00 6.36
CA ALA B 35 8.85 -13.95 7.10
C ALA B 35 9.26 -12.50 7.34
N PHE B 36 9.34 -11.74 6.23
CA PHE B 36 9.75 -10.33 6.22
C PHE B 36 8.62 -9.50 5.57
N ASN B 37 8.47 -8.25 6.04
CA ASN B 37 7.39 -7.34 5.62
C ASN B 37 7.62 -6.79 4.20
N VAL B 38 6.66 -5.99 3.70
CA VAL B 38 6.80 -5.31 2.41
C VAL B 38 7.70 -4.09 2.58
N GLU B 39 8.61 -3.89 1.63
CA GLU B 39 9.50 -2.71 1.57
C GLU B 39 8.68 -1.48 1.12
N GLY B 40 8.03 -1.61 -0.05
CA GLY B 40 7.27 -0.52 -0.65
C GLY B 40 6.00 -1.01 -1.33
N ILE B 41 4.91 -0.23 -1.22
CA ILE B 41 3.59 -0.57 -1.79
C ILE B 41 3.14 0.57 -2.71
N LEU B 42 2.60 0.21 -3.88
CA LEU B 42 2.06 1.18 -4.83
C LEU B 42 0.69 0.72 -5.31
N CYS B 43 -0.35 1.13 -4.59
CA CYS B 43 -1.74 0.87 -4.96
C CYS B 43 -2.21 2.02 -5.86
N LEU B 44 -2.11 1.80 -7.18
CA LEU B 44 -2.45 2.82 -8.20
C LEU B 44 -3.93 2.64 -8.59
N PRO B 45 -4.84 3.59 -8.18
CA PRO B 45 -6.29 3.45 -8.44
C PRO B 45 -6.62 3.49 -9.95
N ILE B 46 -7.16 2.37 -10.46
CA ILE B 46 -7.60 2.27 -11.85
C ILE B 46 -8.90 3.06 -12.02
N GLN B 47 -8.78 4.29 -12.55
CA GLN B 47 -9.87 5.27 -12.66
C GLN B 47 -11.06 4.79 -13.53
N ASP B 48 -10.81 3.79 -14.38
CA ASP B 48 -11.77 3.31 -15.38
C ASP B 48 -12.97 2.60 -14.71
N SER B 49 -12.67 1.91 -13.61
CA SER B 49 -13.65 1.06 -12.88
C SER B 49 -13.32 1.07 -11.37
N ASP B 50 -14.04 0.23 -10.62
CA ASP B 50 -13.77 -0.01 -9.20
C ASP B 50 -12.64 -1.07 -9.07
N LYS B 51 -11.41 -0.62 -9.36
CA LYS B 51 -10.19 -1.46 -9.33
C LYS B 51 -8.98 -0.61 -8.88
N SER B 52 -7.90 -1.31 -8.55
CA SER B 52 -6.61 -0.72 -8.24
C SER B 52 -5.51 -1.78 -8.48
N HIS B 53 -4.42 -1.36 -9.12
CA HIS B 53 -3.29 -2.24 -9.45
C HIS B 53 -2.15 -1.97 -8.46
N ILE B 54 -1.83 -2.95 -7.61
CA ILE B 54 -0.85 -2.79 -6.53
C ILE B 54 0.47 -3.48 -6.91
N TRP B 55 1.60 -2.76 -6.77
CA TRP B 55 2.96 -3.34 -6.91
C TRP B 55 3.58 -3.47 -5.51
N LEU B 56 3.88 -4.73 -5.13
CA LEU B 56 4.48 -5.08 -3.85
C LEU B 56 5.99 -5.30 -4.05
N LEU B 57 6.78 -4.38 -3.49
CA LEU B 57 8.24 -4.47 -3.45
C LEU B 57 8.60 -5.25 -2.20
N VAL B 58 8.98 -6.51 -2.37
CA VAL B 58 9.31 -7.41 -1.25
C VAL B 58 10.49 -8.28 -1.68
N ASN B 59 11.37 -8.65 -0.75
CA ASN B 59 12.52 -9.50 -1.07
C ASN B 59 12.07 -10.96 -1.29
N ASP B 60 12.66 -11.62 -2.29
CA ASP B 60 12.33 -13.02 -2.66
C ASP B 60 12.66 -14.00 -1.50
N ASP B 61 11.83 -15.04 -1.39
CA ASP B 61 11.87 -16.02 -0.31
C ASP B 61 11.52 -17.41 -0.87
N GLN B 62 11.78 -18.46 -0.07
CA GLN B 62 11.46 -19.86 -0.42
C GLN B 62 9.93 -20.10 -0.45
N ARG B 63 9.21 -19.45 0.47
CA ARG B 63 7.73 -19.53 0.59
C ARG B 63 7.05 -18.56 -0.37
N LEU B 64 7.80 -17.49 -0.75
CA LEU B 64 7.28 -16.30 -1.48
C LEU B 64 6.26 -16.65 -2.59
N GLU B 65 6.72 -17.43 -3.59
CA GLU B 65 5.89 -17.75 -4.80
C GLU B 65 4.72 -18.69 -4.49
N GLN B 66 4.90 -19.54 -3.47
CA GLN B 66 3.82 -20.42 -2.96
C GLN B 66 2.67 -19.56 -2.37
N MET B 67 3.06 -18.46 -1.71
CA MET B 67 2.13 -17.53 -1.07
C MET B 67 1.49 -16.58 -2.12
N ILE B 68 2.24 -16.30 -3.20
CA ILE B 68 1.69 -15.60 -4.38
C ILE B 68 0.58 -16.45 -5.01
N SER B 69 0.87 -17.76 -5.13
CA SER B 69 -0.06 -18.74 -5.71
C SER B 69 -1.35 -18.84 -4.87
N GLN B 70 -1.22 -18.63 -3.55
CA GLN B 70 -2.35 -18.65 -2.62
C GLN B 70 -3.22 -17.40 -2.81
N ILE B 71 -2.58 -16.21 -2.76
CA ILE B 71 -3.27 -14.90 -2.79
C ILE B 71 -3.91 -14.66 -4.19
N ASP B 72 -3.30 -15.26 -5.21
CA ASP B 72 -3.78 -15.26 -6.61
C ASP B 72 -5.19 -15.90 -6.75
N LYS B 73 -5.49 -16.90 -5.90
CA LYS B 73 -6.76 -17.65 -5.97
C LYS B 73 -7.95 -16.83 -5.44
N LEU B 74 -7.65 -15.72 -4.73
CA LEU B 74 -8.68 -14.79 -4.24
C LEU B 74 -9.28 -14.03 -5.43
N GLU B 75 -10.62 -13.97 -5.46
CA GLU B 75 -11.40 -13.53 -6.64
C GLU B 75 -11.34 -12.01 -6.84
N ASP B 76 -10.88 -11.28 -5.81
CA ASP B 76 -10.59 -9.84 -5.90
C ASP B 76 -9.41 -9.60 -6.85
N VAL B 77 -8.39 -10.47 -6.75
CA VAL B 77 -7.27 -10.49 -7.69
C VAL B 77 -7.80 -10.84 -9.11
N VAL B 78 -8.03 -9.77 -9.90
CA VAL B 78 -8.47 -9.87 -11.29
C VAL B 78 -7.28 -10.37 -12.15
N LYS B 79 -6.07 -9.89 -11.80
CA LYS B 79 -4.80 -10.23 -12.49
C LYS B 79 -3.65 -10.30 -11.45
N VAL B 80 -2.62 -11.12 -11.74
CA VAL B 80 -1.41 -11.25 -10.90
C VAL B 80 -0.19 -11.62 -11.79
N GLN B 81 0.92 -10.90 -11.64
CA GLN B 81 2.17 -11.17 -12.40
C GLN B 81 3.39 -11.00 -11.48
N ARG B 82 4.40 -11.87 -11.66
CA ARG B 82 5.65 -11.88 -10.89
C ARG B 82 6.77 -11.34 -11.78
N ASN B 83 7.36 -10.19 -11.41
CA ASN B 83 8.41 -9.54 -12.22
C ASN B 83 9.66 -9.32 -11.35
N GLN B 84 10.79 -9.89 -11.78
CA GLN B 84 12.06 -9.72 -11.06
C GLN B 84 12.73 -8.46 -11.60
N SER B 85 12.43 -7.31 -10.98
CA SER B 85 12.84 -6.00 -11.49
C SER B 85 13.17 -5.05 -10.31
N ASP B 86 13.58 -3.82 -10.65
CA ASP B 86 14.10 -2.83 -9.69
C ASP B 86 12.98 -1.90 -9.15
N PRO B 87 13.16 -1.29 -7.92
CA PRO B 87 12.19 -0.32 -7.32
C PRO B 87 12.08 1.01 -8.10
N THR B 88 12.92 1.19 -9.12
CA THR B 88 12.83 2.33 -10.05
C THR B 88 11.57 2.22 -10.94
N MET B 89 11.14 0.96 -11.18
CA MET B 89 9.90 0.67 -11.92
C MET B 89 8.69 1.21 -11.16
N PHE B 90 8.71 1.01 -9.82
CA PHE B 90 7.72 1.57 -8.86
C PHE B 90 7.54 3.10 -9.09
N ASN B 91 8.67 3.81 -9.24
CA ASN B 91 8.66 5.26 -9.48
C ASN B 91 8.07 5.60 -10.86
N LYS B 92 8.55 4.84 -11.88
CA LYS B 92 8.21 5.05 -13.30
C LYS B 92 6.69 5.02 -13.54
N ILE B 93 6.03 4.00 -12.98
CA ILE B 93 4.59 3.75 -13.18
C ILE B 93 3.73 4.65 -12.27
N ALA B 94 4.31 5.07 -11.12
CA ALA B 94 3.69 6.06 -10.21
C ALA B 94 3.58 7.44 -10.88
N VAL B 95 4.63 7.83 -11.61
CA VAL B 95 4.72 9.17 -12.25
C VAL B 95 4.03 9.18 -13.63
N PHE B 96 4.02 8.03 -14.33
CA PHE B 96 3.40 7.87 -15.66
C PHE B 96 1.89 7.59 -15.54
N PHE B 97 1.51 6.91 -14.43
CA PHE B 97 0.12 6.47 -14.15
C PHE B 97 -0.34 5.41 -15.17
N GLN B 98 0.20 4.19 -15.05
CA GLN B 98 -0.19 3.05 -15.87
C GLN B 98 0.29 1.77 -15.13
N GLY A 1 -21.15 10.40 6.48
CA GLY A 1 -20.56 10.75 5.18
C GLY A 1 -20.95 9.79 4.07
N SER A 2 -20.80 10.26 2.82
CA SER A 2 -21.06 9.47 1.61
C SER A 2 -19.87 8.51 1.34
N MET A 3 -19.78 7.96 0.12
CA MET A 3 -18.63 7.15 -0.33
C MET A 3 -18.33 7.49 -1.81
N GLN A 4 -17.22 8.22 -2.04
CA GLN A 4 -16.82 8.67 -3.39
C GLN A 4 -15.32 8.42 -3.62
N ASN A 5 -14.91 8.58 -4.88
CA ASN A 5 -13.52 8.41 -5.34
C ASN A 5 -13.34 9.15 -6.68
N THR A 6 -12.66 10.31 -6.64
CA THR A 6 -12.50 11.19 -7.84
C THR A 6 -11.09 11.84 -7.87
N THR A 7 -10.86 12.85 -7.00
CA THR A 7 -9.59 13.64 -6.97
C THR A 7 -9.50 14.40 -5.64
N HIS A 8 -10.58 15.16 -5.33
CA HIS A 8 -10.67 15.92 -4.06
C HIS A 8 -11.97 15.55 -3.32
N ASP A 9 -11.87 14.50 -2.50
CA ASP A 9 -12.95 13.96 -1.63
C ASP A 9 -12.33 12.91 -0.74
N ASN A 10 -11.37 12.21 -1.34
CA ASN A 10 -10.45 11.33 -0.63
C ASN A 10 -9.42 12.18 0.12
N VAL A 11 -8.72 11.56 1.06
CA VAL A 11 -7.67 12.21 1.87
C VAL A 11 -6.46 11.30 1.88
N ILE A 12 -5.29 11.93 2.02
CA ILE A 12 -3.99 11.28 1.96
C ILE A 12 -3.50 11.08 3.42
N LEU A 13 -3.84 9.94 4.02
CA LEU A 13 -3.57 9.69 5.45
C LEU A 13 -2.15 9.13 5.62
N GLU A 14 -1.23 10.00 6.06
CA GLU A 14 0.19 9.67 6.15
C GLU A 14 0.48 9.00 7.49
N LEU A 15 0.44 7.67 7.46
CA LEU A 15 0.75 6.83 8.62
C LEU A 15 2.25 6.54 8.61
N THR A 16 2.95 7.21 9.52
CA THR A 16 4.38 7.03 9.71
C THR A 16 4.56 5.85 10.66
N VAL A 17 4.80 4.65 10.10
CA VAL A 17 4.95 3.42 10.89
C VAL A 17 6.35 2.84 10.67
N ARG A 18 6.86 2.13 11.68
CA ARG A 18 8.07 1.29 11.53
C ARG A 18 7.61 -0.17 11.38
N ASN A 19 7.98 -0.78 10.23
CA ASN A 19 7.33 -2.00 9.73
C ASN A 19 7.70 -3.26 10.54
N HIS A 20 6.89 -3.49 11.57
CA HIS A 20 6.82 -4.77 12.30
C HIS A 20 6.00 -5.78 11.40
N PRO A 21 5.98 -7.13 11.71
CA PRO A 21 5.26 -8.15 10.86
C PRO A 21 3.82 -7.77 10.41
N GLY A 22 3.70 -7.32 9.14
CA GLY A 22 2.42 -7.05 8.48
C GLY A 22 1.59 -5.95 9.15
N VAL A 23 2.23 -4.83 9.50
CA VAL A 23 1.55 -3.65 10.11
C VAL A 23 0.60 -2.93 9.12
N MET A 24 0.85 -3.10 7.82
CA MET A 24 0.02 -2.52 6.74
C MET A 24 -1.46 -3.00 6.84
N THR A 25 -1.68 -4.20 7.43
CA THR A 25 -3.04 -4.73 7.69
C THR A 25 -3.80 -3.82 8.69
N HIS A 26 -3.05 -3.17 9.62
CA HIS A 26 -3.60 -2.21 10.60
C HIS A 26 -4.21 -1.00 9.87
N VAL A 27 -3.40 -0.37 9.01
CA VAL A 27 -3.76 0.89 8.34
C VAL A 27 -4.93 0.68 7.34
N CYS A 28 -4.80 -0.40 6.51
CA CYS A 28 -5.80 -0.77 5.52
C CYS A 28 -7.11 -1.13 6.20
N GLY A 29 -7.02 -1.99 7.24
CA GLY A 29 -8.18 -2.49 7.95
C GLY A 29 -8.94 -1.40 8.69
N LEU A 30 -8.20 -0.47 9.30
CA LEU A 30 -8.75 0.58 10.18
C LEU A 30 -9.67 1.54 9.40
N PHE A 31 -9.20 2.02 8.24
CA PHE A 31 -9.95 3.02 7.45
C PHE A 31 -11.03 2.36 6.56
N ALA A 32 -10.80 1.08 6.18
CA ALA A 32 -11.77 0.28 5.39
C ALA A 32 -12.99 -0.13 6.24
N ARG A 33 -12.76 -0.45 7.53
CA ARG A 33 -13.82 -0.96 8.45
C ARG A 33 -14.78 0.15 8.90
N ARG A 34 -14.45 1.42 8.55
CA ARG A 34 -15.30 2.57 8.86
C ARG A 34 -16.61 2.47 8.05
N ALA A 35 -16.47 2.34 6.70
CA ALA A 35 -17.61 2.20 5.77
C ALA A 35 -17.12 1.99 4.33
N PHE A 36 -16.25 2.90 3.86
CA PHE A 36 -15.73 2.88 2.47
C PHE A 36 -14.39 2.14 2.41
N ASN A 37 -14.18 1.37 1.31
CA ASN A 37 -12.94 0.63 1.06
C ASN A 37 -11.82 1.60 0.67
N VAL A 38 -10.56 1.22 0.95
CA VAL A 38 -9.40 2.03 0.59
C VAL A 38 -9.27 2.16 -0.95
N GLU A 39 -9.21 3.41 -1.43
CA GLU A 39 -9.03 3.73 -2.85
C GLU A 39 -7.56 3.44 -3.29
N GLY A 40 -6.60 3.98 -2.52
CA GLY A 40 -5.18 3.93 -2.89
C GLY A 40 -4.26 3.84 -1.69
N ILE A 41 -3.05 3.26 -1.89
CA ILE A 41 -2.01 3.16 -0.84
C ILE A 41 -0.66 3.54 -1.45
N LEU A 42 0.23 4.12 -0.63
CA LEU A 42 1.63 4.35 -1.00
C LEU A 42 2.51 4.14 0.24
N CYS A 43 3.12 2.95 0.34
CA CYS A 43 4.09 2.63 1.42
C CYS A 43 5.50 2.87 0.89
N LEU A 44 6.07 4.04 1.25
CA LEU A 44 7.41 4.47 0.83
C LEU A 44 8.40 4.16 1.98
N PRO A 45 9.27 3.11 1.84
CA PRO A 45 10.27 2.77 2.88
C PRO A 45 11.34 3.87 3.00
N ILE A 46 11.44 4.46 4.20
CA ILE A 46 12.38 5.56 4.48
C ILE A 46 13.82 5.04 4.47
N GLN A 47 14.68 5.68 3.65
CA GLN A 47 16.10 5.27 3.49
C GLN A 47 16.93 5.67 4.72
N ASP A 48 16.46 6.70 5.45
CA ASP A 48 17.16 7.30 6.60
C ASP A 48 17.25 6.33 7.79
N SER A 49 16.16 5.59 8.04
CA SER A 49 16.02 4.73 9.23
C SER A 49 14.90 3.70 9.02
N ASP A 50 14.70 2.80 10.01
CA ASP A 50 13.67 1.74 9.95
C ASP A 50 12.26 2.37 10.17
N LYS A 51 11.73 2.96 9.10
CA LYS A 51 10.37 3.53 9.04
C LYS A 51 9.85 3.42 7.60
N SER A 52 8.57 3.71 7.46
CA SER A 52 7.86 3.75 6.19
C SER A 52 6.61 4.61 6.37
N HIS A 53 6.29 5.44 5.37
CA HIS A 53 5.08 6.28 5.39
C HIS A 53 4.07 5.68 4.42
N ILE A 54 2.92 5.26 4.95
CA ILE A 54 1.84 4.66 4.18
C ILE A 54 0.75 5.72 4.01
N TRP A 55 0.59 6.26 2.80
CA TRP A 55 -0.46 7.25 2.49
C TRP A 55 -1.74 6.50 2.05
N LEU A 56 -2.76 6.50 2.94
CA LEU A 56 -4.07 5.85 2.68
C LEU A 56 -5.03 6.85 2.04
N LEU A 57 -5.41 6.59 0.80
CA LEU A 57 -6.40 7.36 0.06
C LEU A 57 -7.78 6.76 0.35
N VAL A 58 -8.57 7.51 1.14
CA VAL A 58 -9.95 7.15 1.51
C VAL A 58 -10.74 8.44 1.70
N ASN A 59 -12.07 8.46 1.47
CA ASN A 59 -12.88 9.67 1.67
C ASN A 59 -12.97 10.04 3.17
N ASP A 60 -12.88 11.34 3.47
CA ASP A 60 -12.91 11.86 4.84
C ASP A 60 -14.34 11.80 5.41
N ASP A 61 -14.44 11.39 6.68
CA ASP A 61 -15.70 11.23 7.39
C ASP A 61 -15.55 11.65 8.85
N GLN A 62 -16.68 11.92 9.51
CA GLN A 62 -16.74 12.33 10.92
C GLN A 62 -16.26 11.20 11.86
N ARG A 63 -16.54 9.95 11.46
CA ARG A 63 -16.12 8.74 12.19
C ARG A 63 -14.67 8.39 11.86
N LEU A 64 -14.22 8.74 10.62
CA LEU A 64 -12.84 8.48 10.14
C LEU A 64 -11.80 9.04 11.11
N GLU A 65 -12.11 10.23 11.67
CA GLU A 65 -11.26 10.94 12.63
C GLU A 65 -11.02 10.10 13.90
N GLN A 66 -12.07 9.40 14.35
CA GLN A 66 -12.01 8.51 15.53
C GLN A 66 -11.10 7.30 15.24
N MET A 67 -11.19 6.76 14.00
CA MET A 67 -10.32 5.65 13.51
C MET A 67 -8.84 6.10 13.47
N ILE A 68 -8.63 7.36 13.03
CA ILE A 68 -7.30 8.00 12.94
C ILE A 68 -6.68 8.18 14.35
N SER A 69 -7.54 8.55 15.31
CA SER A 69 -7.16 8.77 16.72
C SER A 69 -6.88 7.42 17.44
N GLN A 70 -7.57 6.34 16.99
CA GLN A 70 -7.44 5.00 17.58
C GLN A 70 -6.14 4.34 17.11
N ILE A 71 -5.91 4.38 15.78
CA ILE A 71 -4.73 3.76 15.15
C ILE A 71 -3.43 4.45 15.60
N ASP A 72 -3.54 5.75 15.92
CA ASP A 72 -2.44 6.57 16.47
C ASP A 72 -1.77 5.89 17.69
N LYS A 73 -2.57 5.14 18.47
CA LYS A 73 -2.13 4.54 19.75
C LYS A 73 -1.36 3.21 19.55
N LEU A 74 -1.27 2.75 18.29
CA LEU A 74 -0.48 1.55 17.92
C LEU A 74 1.03 1.89 17.92
N GLU A 75 1.83 0.93 18.39
CA GLU A 75 3.29 1.09 18.59
C GLU A 75 4.04 1.25 17.27
N ASP A 76 3.55 0.57 16.21
CA ASP A 76 4.08 0.70 14.85
C ASP A 76 3.90 2.14 14.35
N VAL A 77 2.68 2.67 14.53
CA VAL A 77 2.32 4.04 14.16
C VAL A 77 3.10 5.04 15.04
N VAL A 78 4.30 5.40 14.55
CA VAL A 78 5.18 6.40 15.16
C VAL A 78 4.46 7.77 15.20
N LYS A 79 3.78 8.09 14.08
CA LYS A 79 2.92 9.28 13.94
C LYS A 79 1.78 8.96 12.98
N VAL A 80 0.63 9.59 13.17
CA VAL A 80 -0.47 9.61 12.18
C VAL A 80 -0.65 11.06 11.70
N GLN A 81 -0.88 11.23 10.39
CA GLN A 81 -1.06 12.55 9.76
C GLN A 81 -2.25 12.52 8.81
N ARG A 82 -2.99 13.64 8.75
CA ARG A 82 -4.16 13.81 7.88
C ARG A 82 -3.82 14.86 6.82
N ASN A 83 -3.39 14.41 5.64
CA ASN A 83 -3.00 15.31 4.53
C ASN A 83 -4.18 15.45 3.57
N GLN A 84 -4.25 16.59 2.88
CA GLN A 84 -5.32 16.88 1.91
C GLN A 84 -4.91 16.33 0.54
N SER A 85 -5.90 15.76 -0.18
CA SER A 85 -5.66 15.09 -1.47
C SER A 85 -5.46 16.10 -2.59
N ASP A 86 -4.30 15.94 -3.25
CA ASP A 86 -3.88 16.72 -4.39
C ASP A 86 -3.12 15.76 -5.33
N PRO A 87 -3.42 15.76 -6.67
CA PRO A 87 -2.79 14.83 -7.65
C PRO A 87 -1.24 14.84 -7.61
N THR A 88 -0.66 16.02 -7.31
CA THR A 88 0.80 16.19 -7.32
C THR A 88 1.45 15.66 -6.03
N MET A 89 0.69 15.70 -4.89
CA MET A 89 1.18 15.22 -3.58
C MET A 89 1.69 13.78 -3.67
N PHE A 90 0.81 12.90 -4.18
CA PHE A 90 1.08 11.45 -4.35
C PHE A 90 2.35 11.22 -5.20
N ASN A 91 2.43 11.98 -6.31
CA ASN A 91 3.53 11.86 -7.27
C ASN A 91 4.84 12.44 -6.69
N LYS A 92 4.68 13.45 -5.80
CA LYS A 92 5.81 14.23 -5.26
C LYS A 92 6.69 13.36 -4.37
N ILE A 93 6.11 12.64 -3.40
CA ILE A 93 6.91 11.77 -2.51
C ILE A 93 7.37 10.51 -3.27
N ALA A 94 6.55 10.05 -4.24
CA ALA A 94 6.91 8.90 -5.09
C ALA A 94 8.18 9.18 -5.93
N VAL A 95 8.35 10.43 -6.40
CA VAL A 95 9.54 10.84 -7.17
C VAL A 95 10.69 11.33 -6.25
N PHE A 96 10.35 11.80 -5.03
CA PHE A 96 11.34 12.38 -4.09
C PHE A 96 12.11 11.27 -3.35
N PHE A 97 11.42 10.11 -3.11
CA PHE A 97 11.91 8.96 -2.32
C PHE A 97 12.66 9.40 -1.03
N GLN A 98 11.91 9.99 -0.09
CA GLN A 98 12.47 10.51 1.20
C GLN A 98 13.14 9.38 2.05
N GLY B 1 15.26 -15.39 -0.27
CA GLY B 1 15.50 -16.16 0.97
C GLY B 1 14.52 -15.76 2.07
N SER B 2 14.81 -16.21 3.30
CA SER B 2 13.95 -16.00 4.47
C SER B 2 13.80 -14.50 4.79
N MET B 3 14.91 -13.81 5.10
CA MET B 3 14.88 -12.35 5.31
C MET B 3 16.25 -11.72 4.97
N GLN B 4 16.27 -10.99 3.86
CA GLN B 4 17.36 -10.07 3.45
C GLN B 4 16.71 -8.92 2.66
N ASN B 5 17.44 -7.83 2.44
CA ASN B 5 16.91 -6.65 1.74
C ASN B 5 18.05 -5.86 1.07
N THR B 6 17.93 -5.73 -0.26
CA THR B 6 18.66 -4.76 -1.10
C THR B 6 17.78 -4.39 -2.31
N THR B 7 18.18 -3.36 -3.07
CA THR B 7 17.33 -2.69 -4.07
C THR B 7 16.99 -3.57 -5.32
N HIS B 8 17.70 -4.71 -5.48
CA HIS B 8 17.41 -5.70 -6.55
C HIS B 8 17.20 -7.11 -5.97
N ASP B 9 17.15 -7.20 -4.61
CA ASP B 9 16.85 -8.46 -3.89
C ASP B 9 15.34 -8.56 -3.64
N ASN B 10 14.69 -7.40 -3.56
CA ASN B 10 13.22 -7.29 -3.49
C ASN B 10 12.62 -7.51 -4.90
N VAL B 11 11.31 -7.75 -4.94
CA VAL B 11 10.54 -7.95 -6.19
C VAL B 11 9.27 -7.12 -6.12
N ILE B 12 8.79 -6.72 -7.30
CA ILE B 12 7.64 -5.84 -7.44
C ILE B 12 6.41 -6.71 -7.81
N LEU B 13 5.67 -7.17 -6.81
CA LEU B 13 4.57 -8.15 -7.02
C LEU B 13 3.28 -7.40 -7.37
N GLU B 14 2.93 -7.40 -8.67
CA GLU B 14 1.80 -6.62 -9.19
C GLU B 14 0.51 -7.43 -9.04
N LEU B 15 -0.17 -7.21 -7.91
CA LEU B 15 -1.46 -7.82 -7.60
C LEU B 15 -2.57 -6.94 -8.19
N THR B 16 -3.15 -7.41 -9.28
CA THR B 16 -4.25 -6.74 -9.94
C THR B 16 -5.53 -7.20 -9.25
N VAL B 17 -6.02 -6.40 -8.29
CA VAL B 17 -7.23 -6.74 -7.52
C VAL B 17 -8.30 -5.68 -7.76
N ARG B 18 -9.57 -6.08 -7.65
CA ARG B 18 -10.71 -5.15 -7.59
C ARG B 18 -11.13 -5.02 -6.12
N ASN B 19 -11.06 -3.77 -5.60
CA ASN B 19 -11.03 -3.50 -4.16
C ASN B 19 -12.39 -3.71 -3.47
N HIS B 20 -12.58 -4.97 -3.03
CA HIS B 20 -13.63 -5.38 -2.07
C HIS B 20 -13.18 -4.92 -0.64
N PRO B 21 -14.06 -4.94 0.42
CA PRO B 21 -13.71 -4.48 1.81
C PRO B 21 -12.34 -4.98 2.34
N GLY B 22 -11.32 -4.08 2.28
CA GLY B 22 -10.00 -4.30 2.86
C GLY B 22 -9.24 -5.51 2.31
N VAL B 23 -9.22 -5.64 0.97
CA VAL B 23 -8.50 -6.72 0.26
C VAL B 23 -6.97 -6.57 0.37
N MET B 24 -6.49 -5.34 0.62
CA MET B 24 -5.06 -5.04 0.80
C MET B 24 -4.45 -5.83 1.98
N THR B 25 -5.28 -6.22 2.97
CA THR B 25 -4.85 -7.10 4.08
C THR B 25 -4.42 -8.49 3.58
N HIS B 26 -5.05 -8.94 2.45
CA HIS B 26 -4.71 -10.22 1.79
C HIS B 26 -3.27 -10.17 1.26
N VAL B 27 -2.98 -9.11 0.46
CA VAL B 27 -1.71 -8.99 -0.27
C VAL B 27 -0.53 -8.72 0.71
N CYS B 28 -0.77 -7.87 1.73
CA CYS B 28 0.23 -7.54 2.75
C CYS B 28 0.50 -8.78 3.61
N GLY B 29 -0.59 -9.42 4.08
CA GLY B 29 -0.50 -10.55 4.99
C GLY B 29 0.17 -11.77 4.37
N LEU B 30 -0.12 -12.03 3.09
CA LEU B 30 0.32 -13.24 2.37
C LEU B 30 1.85 -13.31 2.25
N PHE B 31 2.46 -12.20 1.82
CA PHE B 31 3.90 -12.13 1.55
C PHE B 31 4.71 -11.88 2.84
N ALA B 32 4.07 -11.20 3.82
CA ALA B 32 4.67 -10.94 5.14
C ALA B 32 4.75 -12.22 6.00
N ARG B 33 3.72 -13.09 5.88
CA ARG B 33 3.60 -14.33 6.71
C ARG B 33 4.56 -15.42 6.23
N ARG B 34 5.25 -15.19 5.09
CA ARG B 34 6.23 -16.12 4.55
C ARG B 34 7.46 -16.18 5.49
N ALA B 35 8.06 -14.98 5.76
CA ALA B 35 9.21 -14.84 6.67
C ALA B 35 9.60 -13.35 6.84
N PHE B 36 9.77 -12.64 5.71
CA PHE B 36 10.19 -11.22 5.70
C PHE B 36 8.97 -10.30 5.61
N ASN B 37 9.03 -9.16 6.32
CA ASN B 37 7.98 -8.13 6.32
C ASN B 37 8.01 -7.36 4.97
N VAL B 38 6.86 -6.83 4.56
CA VAL B 38 6.76 -6.03 3.33
C VAL B 38 7.61 -4.74 3.46
N GLU B 39 8.48 -4.52 2.48
CA GLU B 39 9.34 -3.32 2.37
C GLU B 39 8.52 -2.10 1.89
N GLY B 40 7.75 -2.29 0.81
CA GLY B 40 7.03 -1.19 0.15
C GLY B 40 5.74 -1.65 -0.51
N ILE B 41 4.78 -0.73 -0.66
CA ILE B 41 3.48 -0.98 -1.33
C ILE B 41 3.16 0.20 -2.26
N LEU B 42 2.46 -0.07 -3.36
CA LEU B 42 1.91 0.95 -4.25
C LEU B 42 0.57 0.46 -4.78
N CYS B 43 -0.53 0.91 -4.18
CA CYS B 43 -1.90 0.62 -4.64
C CYS B 43 -2.38 1.80 -5.50
N LEU B 44 -2.29 1.61 -6.83
CA LEU B 44 -2.69 2.61 -7.83
C LEU B 44 -4.11 2.27 -8.33
N PRO B 45 -5.16 3.06 -7.90
CA PRO B 45 -6.55 2.82 -8.35
C PRO B 45 -6.72 3.13 -9.85
N ILE B 46 -7.09 2.10 -10.62
CA ILE B 46 -7.23 2.19 -12.08
C ILE B 46 -8.44 3.09 -12.45
N GLN B 47 -8.18 4.12 -13.28
CA GLN B 47 -9.21 5.11 -13.70
C GLN B 47 -10.20 4.50 -14.72
N ASP B 48 -9.73 3.45 -15.42
CA ASP B 48 -10.47 2.80 -16.51
C ASP B 48 -11.72 2.06 -15.99
N SER B 49 -11.57 1.37 -14.84
CA SER B 49 -12.61 0.49 -14.28
C SER B 49 -12.35 0.23 -12.79
N ASP B 50 -13.26 -0.51 -12.13
CA ASP B 50 -13.15 -0.85 -10.69
C ASP B 50 -12.02 -1.91 -10.47
N LYS B 51 -10.77 -1.44 -10.46
CA LYS B 51 -9.58 -2.25 -10.20
C LYS B 51 -8.52 -1.35 -9.55
N SER B 52 -7.46 -2.00 -9.06
CA SER B 52 -6.30 -1.35 -8.46
C SER B 52 -5.14 -2.35 -8.52
N HIS B 53 -3.94 -1.87 -8.85
CA HIS B 53 -2.73 -2.71 -8.89
C HIS B 53 -1.87 -2.37 -7.68
N ILE B 54 -1.66 -3.36 -6.81
CA ILE B 54 -0.88 -3.21 -5.59
C ILE B 54 0.48 -3.89 -5.84
N TRP B 55 1.54 -3.08 -5.97
CA TRP B 55 2.91 -3.58 -6.15
C TRP B 55 3.57 -3.81 -4.77
N LEU B 56 3.71 -5.09 -4.37
CA LEU B 56 4.32 -5.48 -3.09
C LEU B 56 5.84 -5.68 -3.26
N LEU B 57 6.61 -4.82 -2.60
CA LEU B 57 8.07 -4.92 -2.55
C LEU B 57 8.45 -5.82 -1.38
N VAL B 58 8.93 -7.03 -1.70
CA VAL B 58 9.41 -8.03 -0.73
C VAL B 58 10.51 -8.86 -1.39
N ASN B 59 11.48 -9.39 -0.63
CA ASN B 59 12.55 -10.23 -1.22
C ASN B 59 11.98 -11.55 -1.76
N ASP B 60 12.48 -11.97 -2.93
CA ASP B 60 12.03 -13.20 -3.60
C ASP B 60 12.57 -14.45 -2.88
N ASP B 61 11.70 -15.46 -2.74
CA ASP B 61 12.03 -16.71 -2.03
C ASP B 61 11.35 -17.89 -2.75
N GLN B 62 11.86 -19.11 -2.49
CA GLN B 62 11.33 -20.35 -3.07
C GLN B 62 9.90 -20.64 -2.57
N ARG B 63 9.63 -20.26 -1.31
CA ARG B 63 8.29 -20.40 -0.69
C ARG B 63 7.37 -19.26 -1.14
N LEU B 64 7.96 -18.07 -1.43
CA LEU B 64 7.20 -16.87 -1.86
C LEU B 64 6.32 -17.19 -3.07
N GLU B 65 6.86 -18.02 -3.99
CA GLU B 65 6.18 -18.47 -5.22
C GLU B 65 4.87 -19.22 -4.90
N GLN B 66 4.90 -20.03 -3.83
CA GLN B 66 3.72 -20.79 -3.35
C GLN B 66 2.65 -19.84 -2.79
N MET B 67 3.11 -18.78 -2.09
CA MET B 67 2.22 -17.71 -1.57
C MET B 67 1.55 -16.94 -2.73
N ILE B 68 2.35 -16.69 -3.79
CA ILE B 68 1.91 -15.99 -5.02
C ILE B 68 0.84 -16.84 -5.76
N SER B 69 1.05 -18.17 -5.78
CA SER B 69 0.15 -19.14 -6.42
C SER B 69 -1.16 -19.32 -5.61
N GLN B 70 -1.06 -19.14 -4.26
CA GLN B 70 -2.20 -19.31 -3.35
C GLN B 70 -3.13 -18.09 -3.43
N ILE B 71 -2.53 -16.89 -3.34
CA ILE B 71 -3.27 -15.61 -3.33
C ILE B 71 -3.96 -15.38 -4.70
N ASP B 72 -3.36 -15.95 -5.76
CA ASP B 72 -3.90 -15.94 -7.12
C ASP B 72 -5.36 -16.44 -7.17
N LYS B 73 -5.70 -17.38 -6.27
CA LYS B 73 -7.00 -18.07 -6.24
C LYS B 73 -8.09 -17.24 -5.53
N LEU B 74 -7.73 -16.07 -4.99
CA LEU B 74 -8.67 -15.12 -4.36
C LEU B 74 -9.45 -14.36 -5.46
N GLU B 75 -10.74 -14.10 -5.19
CA GLU B 75 -11.68 -13.49 -6.16
C GLU B 75 -11.36 -12.01 -6.43
N ASP B 76 -10.82 -11.33 -5.41
CA ASP B 76 -10.34 -9.94 -5.56
C ASP B 76 -9.17 -9.90 -6.54
N VAL B 77 -8.20 -10.82 -6.34
CA VAL B 77 -7.02 -10.97 -7.20
C VAL B 77 -7.46 -11.43 -8.61
N VAL B 78 -7.74 -10.43 -9.45
CA VAL B 78 -8.08 -10.60 -10.87
C VAL B 78 -6.91 -11.29 -11.60
N LYS B 79 -5.69 -10.81 -11.30
CA LYS B 79 -4.42 -11.39 -11.79
C LYS B 79 -3.34 -11.19 -10.72
N VAL B 80 -2.37 -12.10 -10.67
CA VAL B 80 -1.13 -11.90 -9.89
C VAL B 80 0.05 -11.87 -10.89
N GLN B 81 1.01 -10.97 -10.66
CA GLN B 81 2.18 -10.79 -11.53
C GLN B 81 3.45 -10.67 -10.68
N ARG B 82 4.56 -11.22 -11.20
CA ARG B 82 5.87 -11.19 -10.52
C ARG B 82 6.83 -10.33 -11.36
N ASN B 83 6.93 -9.05 -11.02
CA ASN B 83 7.78 -8.09 -11.75
C ASN B 83 9.15 -7.98 -11.05
N GLN B 84 10.19 -7.67 -11.81
CA GLN B 84 11.55 -7.54 -11.30
C GLN B 84 11.76 -6.10 -10.79
N SER B 85 12.47 -5.95 -9.66
CA SER B 85 12.65 -4.66 -9.00
C SER B 85 13.68 -3.79 -9.73
N ASP B 86 13.22 -2.60 -10.13
CA ASP B 86 14.03 -1.57 -10.76
C ASP B 86 13.54 -0.22 -10.20
N PRO B 87 14.47 0.70 -9.79
CA PRO B 87 14.10 2.02 -9.19
C PRO B 87 13.10 2.84 -10.06
N THR B 88 13.21 2.71 -11.39
CA THR B 88 12.38 3.49 -12.32
C THR B 88 10.98 2.88 -12.47
N MET B 89 10.87 1.53 -12.30
CA MET B 89 9.58 0.81 -12.42
C MET B 89 8.52 1.42 -11.48
N PHE B 90 8.90 1.52 -10.19
CA PHE B 90 8.03 2.05 -9.11
C PHE B 90 7.58 3.49 -9.42
N ASN B 91 8.52 4.30 -9.95
CA ASN B 91 8.27 5.71 -10.26
C ASN B 91 7.44 5.85 -11.54
N LYS B 92 7.58 4.86 -12.46
CA LYS B 92 7.00 4.90 -13.81
C LYS B 92 5.48 4.86 -13.75
N ILE B 93 4.90 3.88 -13.01
CA ILE B 93 3.43 3.76 -12.93
C ILE B 93 2.85 4.86 -12.02
N ALA B 94 3.66 5.30 -11.03
CA ALA B 94 3.29 6.39 -10.11
C ALA B 94 3.11 7.72 -10.85
N VAL B 95 3.96 7.96 -11.88
CA VAL B 95 3.87 9.17 -12.74
C VAL B 95 2.93 8.95 -13.95
N PHE B 96 2.71 7.68 -14.34
CA PHE B 96 1.85 7.34 -15.50
C PHE B 96 0.36 7.36 -15.10
N PHE B 97 0.09 7.11 -13.78
CA PHE B 97 -1.26 7.10 -13.16
C PHE B 97 -2.33 6.39 -14.04
N GLN B 98 -2.12 5.10 -14.30
CA GLN B 98 -3.07 4.28 -15.09
C GLN B 98 -4.33 3.92 -14.25
N GLY A 1 -18.93 10.69 4.92
CA GLY A 1 -19.91 11.46 5.73
C GLY A 1 -20.64 12.51 4.91
N SER A 2 -21.47 13.32 5.60
CA SER A 2 -22.27 14.39 4.97
C SER A 2 -21.38 15.59 4.56
N MET A 3 -20.79 15.51 3.35
CA MET A 3 -19.90 16.54 2.79
C MET A 3 -19.91 16.48 1.25
N GLN A 4 -19.55 17.60 0.59
CA GLN A 4 -19.46 17.66 -0.89
C GLN A 4 -17.99 17.48 -1.33
N ASN A 5 -17.76 16.43 -2.12
CA ASN A 5 -16.42 16.01 -2.59
C ASN A 5 -16.22 16.42 -4.07
N THR A 6 -15.44 17.49 -4.30
CA THR A 6 -15.15 18.00 -5.66
C THR A 6 -13.82 17.42 -6.20
N THR A 7 -12.69 17.83 -5.58
CA THR A 7 -11.32 17.38 -5.97
C THR A 7 -10.54 16.88 -4.74
N HIS A 8 -10.81 17.51 -3.58
CA HIS A 8 -10.23 17.09 -2.29
C HIS A 8 -11.11 16.02 -1.62
N ASP A 9 -11.62 15.08 -2.44
CA ASP A 9 -12.31 13.87 -1.98
C ASP A 9 -11.37 13.04 -1.12
N ASN A 10 -10.29 12.55 -1.75
CA ASN A 10 -9.30 11.72 -1.08
C ASN A 10 -8.34 12.59 -0.26
N VAL A 11 -8.23 12.26 1.02
CA VAL A 11 -7.25 12.82 1.94
C VAL A 11 -5.95 12.00 1.87
N ILE A 12 -4.84 12.70 2.13
CA ILE A 12 -3.49 12.17 2.14
C ILE A 12 -3.13 11.77 3.59
N LEU A 13 -3.42 10.52 3.96
CA LEU A 13 -3.16 10.01 5.30
C LEU A 13 -1.77 9.38 5.39
N GLU A 14 -0.80 10.15 5.94
CA GLU A 14 0.58 9.69 6.12
C GLU A 14 0.73 8.98 7.48
N LEU A 15 0.70 7.65 7.44
CA LEU A 15 1.02 6.82 8.60
C LEU A 15 2.53 6.54 8.60
N THR A 16 3.23 7.14 9.55
CA THR A 16 4.66 6.88 9.76
C THR A 16 4.77 5.65 10.66
N VAL A 17 5.07 4.51 10.05
CA VAL A 17 5.21 3.24 10.75
C VAL A 17 6.64 2.73 10.62
N ARG A 18 7.08 1.97 11.60
CA ARG A 18 8.32 1.18 11.50
C ARG A 18 7.94 -0.29 11.31
N ASN A 19 8.81 -1.06 10.60
CA ASN A 19 8.48 -2.43 10.14
C ASN A 19 8.47 -3.45 11.31
N HIS A 20 7.32 -3.48 11.99
CA HIS A 20 6.92 -4.54 12.94
C HIS A 20 6.39 -5.76 12.14
N PRO A 21 6.40 -6.99 12.73
CA PRO A 21 5.78 -8.17 12.10
C PRO A 21 4.25 -7.98 11.88
N GLY A 22 3.88 -7.62 10.63
CA GLY A 22 2.47 -7.47 10.24
C GLY A 22 1.89 -6.09 10.56
N VAL A 23 2.52 -5.00 10.05
CA VAL A 23 1.98 -3.62 10.20
C VAL A 23 0.92 -3.35 9.12
N MET A 24 1.24 -3.81 7.91
CA MET A 24 0.44 -3.54 6.70
C MET A 24 -1.04 -4.02 6.89
N THR A 25 -1.21 -5.10 7.67
CA THR A 25 -2.53 -5.65 8.04
C THR A 25 -3.29 -4.71 9.01
N HIS A 26 -2.54 -4.06 9.93
CA HIS A 26 -3.10 -3.13 10.94
C HIS A 26 -3.72 -1.91 10.24
N VAL A 27 -2.92 -1.23 9.38
CA VAL A 27 -3.38 -0.01 8.69
C VAL A 27 -4.62 -0.33 7.81
N CYS A 28 -4.49 -1.39 6.99
CA CYS A 28 -5.55 -1.86 6.09
C CYS A 28 -6.83 -2.27 6.85
N GLY A 29 -6.65 -2.73 8.10
CA GLY A 29 -7.75 -3.09 8.98
C GLY A 29 -8.62 -1.90 9.34
N LEU A 30 -7.97 -0.77 9.70
CA LEU A 30 -8.68 0.48 10.09
C LEU A 30 -9.53 1.05 8.93
N PHE A 31 -9.01 0.94 7.69
CA PHE A 31 -9.72 1.44 6.48
C PHE A 31 -10.89 0.52 6.06
N ALA A 32 -10.67 -0.81 6.16
CA ALA A 32 -11.66 -1.82 5.75
C ALA A 32 -12.89 -1.80 6.67
N ARG A 33 -12.66 -1.63 7.99
CA ARG A 33 -13.71 -1.73 9.03
C ARG A 33 -14.68 -0.54 9.03
N ARG A 34 -14.36 0.52 8.27
CA ARG A 34 -15.29 1.62 8.02
C ARG A 34 -16.43 1.10 7.11
N ALA A 35 -16.13 0.99 5.81
CA ALA A 35 -17.11 0.64 4.76
C ALA A 35 -16.41 0.73 3.41
N PHE A 36 -15.79 1.89 3.17
CA PHE A 36 -15.07 2.20 1.94
C PHE A 36 -13.58 1.90 2.14
N ASN A 37 -13.01 1.06 1.25
CA ASN A 37 -11.58 0.76 1.24
C ASN A 37 -10.81 1.93 0.60
N VAL A 38 -9.50 1.81 0.58
CA VAL A 38 -8.61 2.83 0.03
C VAL A 38 -8.68 2.84 -1.51
N GLU A 39 -8.70 4.04 -2.11
CA GLU A 39 -8.72 4.23 -3.57
C GLU A 39 -7.34 3.87 -4.17
N GLY A 40 -6.30 4.43 -3.52
CA GLY A 40 -4.91 4.20 -3.93
C GLY A 40 -3.97 4.29 -2.75
N ILE A 41 -2.85 3.55 -2.76
CA ILE A 41 -1.89 3.48 -1.63
C ILE A 41 -0.48 3.85 -2.13
N LEU A 42 0.31 4.45 -1.25
CA LEU A 42 1.74 4.66 -1.43
C LEU A 42 2.44 4.39 -0.09
N CYS A 43 3.66 3.86 -0.16
CA CYS A 43 4.49 3.56 1.01
C CYS A 43 5.96 3.72 0.60
N LEU A 44 6.57 4.84 1.06
CA LEU A 44 7.97 5.18 0.76
C LEU A 44 8.86 4.74 1.93
N PRO A 45 9.74 3.71 1.74
CA PRO A 45 10.69 3.28 2.80
C PRO A 45 11.74 4.38 3.08
N ILE A 46 11.65 4.97 4.30
CA ILE A 46 12.57 6.01 4.74
C ILE A 46 13.93 5.36 5.06
N GLN A 47 14.84 5.47 4.08
CA GLN A 47 16.08 4.67 4.00
C GLN A 47 17.08 4.90 5.14
N ASP A 48 16.97 6.04 5.85
CA ASP A 48 17.98 6.45 6.85
C ASP A 48 17.81 5.63 8.16
N SER A 49 16.61 5.09 8.36
CA SER A 49 16.22 4.36 9.58
C SER A 49 15.31 3.16 9.21
N ASP A 50 14.87 2.39 10.23
CA ASP A 50 13.84 1.35 10.06
C ASP A 50 12.45 2.00 10.22
N LYS A 51 12.00 2.67 9.15
CA LYS A 51 10.67 3.29 9.11
C LYS A 51 10.25 3.59 7.67
N SER A 52 8.97 3.91 7.50
CA SER A 52 8.33 4.16 6.21
C SER A 52 7.11 5.06 6.42
N HIS A 53 6.75 5.82 5.38
CA HIS A 53 5.52 6.64 5.38
C HIS A 53 4.53 6.03 4.38
N ILE A 54 3.33 5.72 4.83
CA ILE A 54 2.29 5.11 3.99
C ILE A 54 1.19 6.17 3.78
N TRP A 55 1.17 6.81 2.58
CA TRP A 55 0.11 7.77 2.21
C TRP A 55 -1.04 7.01 1.55
N LEU A 56 -2.16 6.85 2.27
CA LEU A 56 -3.35 6.22 1.72
C LEU A 56 -4.31 7.31 1.21
N LEU A 57 -4.64 7.23 -0.08
CA LEU A 57 -5.58 8.11 -0.76
C LEU A 57 -6.98 7.54 -0.56
N VAL A 58 -7.70 8.10 0.41
CA VAL A 58 -9.07 7.65 0.76
C VAL A 58 -9.90 8.87 1.15
N ASN A 59 -11.20 8.88 0.87
CA ASN A 59 -12.05 10.02 1.31
C ASN A 59 -12.26 9.97 2.83
N ASP A 60 -12.22 11.14 3.48
CA ASP A 60 -12.35 11.25 4.95
C ASP A 60 -13.80 11.04 5.38
N ASP A 61 -13.98 10.46 6.57
CA ASP A 61 -15.30 10.28 7.19
C ASP A 61 -15.18 10.77 8.63
N GLN A 62 -16.28 11.29 9.18
CA GLN A 62 -16.30 11.84 10.55
C GLN A 62 -15.95 10.75 11.59
N ARG A 63 -16.38 9.50 11.34
CA ARG A 63 -16.07 8.36 12.22
C ARG A 63 -14.68 7.79 11.91
N LEU A 64 -14.23 7.94 10.64
CA LEU A 64 -12.87 7.53 10.22
C LEU A 64 -11.79 8.37 10.94
N GLU A 65 -12.14 9.62 11.33
CA GLU A 65 -11.28 10.49 12.15
C GLU A 65 -10.97 9.83 13.52
N GLN A 66 -11.99 9.17 14.10
CA GLN A 66 -11.87 8.39 15.35
C GLN A 66 -10.93 7.18 15.14
N MET A 67 -10.97 6.60 13.93
CA MET A 67 -10.13 5.44 13.57
C MET A 67 -8.67 5.86 13.32
N ILE A 68 -8.48 7.13 12.88
CA ILE A 68 -7.15 7.78 12.77
C ILE A 68 -6.52 7.93 14.18
N SER A 69 -7.37 8.29 15.15
CA SER A 69 -6.97 8.42 16.57
C SER A 69 -6.65 7.03 17.18
N GLN A 70 -7.38 6.00 16.71
CA GLN A 70 -7.24 4.61 17.20
C GLN A 70 -5.93 3.99 16.68
N ILE A 71 -5.64 4.20 15.38
CA ILE A 71 -4.45 3.63 14.73
C ILE A 71 -3.16 4.28 15.27
N ASP A 72 -3.29 5.56 15.68
CA ASP A 72 -2.20 6.31 16.33
C ASP A 72 -1.75 5.63 17.64
N LYS A 73 -2.69 4.93 18.32
CA LYS A 73 -2.43 4.23 19.60
C LYS A 73 -1.54 2.99 19.42
N LEU A 74 -1.49 2.45 18.17
CA LEU A 74 -0.66 1.29 17.82
C LEU A 74 0.84 1.64 17.93
N GLU A 75 1.62 0.68 18.44
CA GLU A 75 3.08 0.78 18.62
C GLU A 75 3.81 0.77 17.26
N ASP A 76 3.07 0.42 16.21
CA ASP A 76 3.55 0.45 14.82
C ASP A 76 3.76 1.90 14.37
N VAL A 77 2.70 2.68 14.60
CA VAL A 77 2.57 4.05 14.13
C VAL A 77 3.38 5.00 15.02
N VAL A 78 4.60 5.29 14.56
CA VAL A 78 5.52 6.25 15.19
C VAL A 78 4.88 7.66 15.21
N LYS A 79 4.31 8.04 14.05
CA LYS A 79 3.59 9.31 13.86
C LYS A 79 2.38 9.06 12.96
N VAL A 80 1.29 9.76 13.20
CA VAL A 80 0.13 9.81 12.29
C VAL A 80 0.06 11.22 11.69
N GLN A 81 -0.47 11.33 10.48
CA GLN A 81 -0.63 12.63 9.81
C GLN A 81 -1.83 12.56 8.86
N ARG A 82 -2.57 13.67 8.76
CA ARG A 82 -3.74 13.78 7.90
C ARG A 82 -3.74 15.17 7.23
N ASN A 83 -3.73 15.17 5.88
CA ASN A 83 -3.74 16.40 5.06
C ASN A 83 -4.80 16.24 3.97
N GLN A 84 -5.82 17.12 3.91
CA GLN A 84 -6.84 17.05 2.85
C GLN A 84 -6.36 17.82 1.63
N SER A 85 -5.74 17.09 0.70
CA SER A 85 -5.09 17.66 -0.49
C SER A 85 -5.35 16.77 -1.72
N ASP A 86 -4.90 17.22 -2.90
CA ASP A 86 -5.09 16.49 -4.18
C ASP A 86 -4.28 15.18 -4.22
N PRO A 87 -4.74 14.12 -4.97
CA PRO A 87 -4.01 12.82 -5.09
C PRO A 87 -2.58 12.98 -5.66
N THR A 88 -2.33 14.11 -6.34
CA THR A 88 -1.02 14.43 -6.96
C THR A 88 0.13 14.53 -5.94
N MET A 89 -0.21 14.61 -4.63
CA MET A 89 0.78 14.58 -3.54
C MET A 89 1.53 13.23 -3.54
N PHE A 90 0.77 12.11 -3.75
CA PHE A 90 1.34 10.75 -3.79
C PHE A 90 2.40 10.67 -4.89
N ASN A 91 2.08 11.26 -6.06
CA ASN A 91 2.95 11.30 -7.24
C ASN A 91 4.25 12.06 -6.90
N LYS A 92 4.09 13.19 -6.15
CA LYS A 92 5.20 14.10 -5.79
C LYS A 92 6.34 13.35 -5.08
N ILE A 93 6.06 12.72 -3.92
CA ILE A 93 7.14 12.06 -3.13
C ILE A 93 7.58 10.72 -3.76
N ALA A 94 6.66 10.08 -4.51
CA ALA A 94 6.94 8.81 -5.22
C ALA A 94 8.05 9.00 -6.27
N VAL A 95 7.99 10.12 -7.01
CA VAL A 95 8.97 10.47 -8.05
C VAL A 95 10.22 11.13 -7.43
N PHE A 96 10.03 11.81 -6.29
CA PHE A 96 11.11 12.54 -5.60
C PHE A 96 12.05 11.54 -4.91
N PHE A 97 11.45 10.36 -4.57
CA PHE A 97 12.13 9.14 -4.05
C PHE A 97 12.49 9.26 -2.56
N GLN A 98 13.17 10.35 -2.19
CA GLN A 98 13.67 10.62 -0.84
C GLN A 98 14.51 11.92 -0.95
N GLY B 1 15.33 -16.91 1.57
CA GLY B 1 15.74 -18.13 0.83
C GLY B 1 17.26 -18.21 0.65
N SER B 2 17.71 -19.20 -0.16
CA SER B 2 19.13 -19.48 -0.39
C SER B 2 19.64 -18.74 -1.65
N MET B 3 19.03 -17.58 -1.94
CA MET B 3 19.34 -16.75 -3.12
C MET B 3 20.03 -15.47 -2.67
N GLN B 4 21.18 -15.14 -3.29
CA GLN B 4 21.91 -13.89 -3.01
C GLN B 4 21.13 -12.69 -3.58
N ASN B 5 20.88 -11.67 -2.74
CA ASN B 5 20.11 -10.48 -3.13
C ASN B 5 21.06 -9.36 -3.59
N THR B 6 20.69 -8.72 -4.72
CA THR B 6 21.46 -7.64 -5.36
C THR B 6 20.67 -6.32 -5.29
N THR B 7 20.98 -5.37 -6.20
CA THR B 7 20.14 -4.19 -6.44
C THR B 7 18.71 -4.58 -6.88
N HIS B 8 18.56 -5.80 -7.42
CA HIS B 8 17.25 -6.40 -7.79
C HIS B 8 16.71 -7.26 -6.62
N ASP B 9 17.02 -6.81 -5.38
CA ASP B 9 16.51 -7.43 -4.14
C ASP B 9 14.99 -7.54 -4.18
N ASN B 10 14.34 -6.37 -4.26
CA ASN B 10 12.89 -6.27 -4.25
C ASN B 10 12.30 -6.60 -5.65
N VAL B 11 11.36 -7.52 -5.67
CA VAL B 11 10.55 -7.83 -6.86
C VAL B 11 9.31 -6.93 -6.91
N ILE B 12 8.86 -6.67 -8.13
CA ILE B 12 7.71 -5.83 -8.45
C ILE B 12 6.48 -6.74 -8.58
N LEU B 13 5.78 -6.98 -7.46
CA LEU B 13 4.58 -7.86 -7.44
C LEU B 13 3.32 -7.05 -7.71
N GLU B 14 2.83 -7.10 -8.97
CA GLU B 14 1.61 -6.40 -9.38
C GLU B 14 0.39 -7.31 -9.15
N LEU B 15 -0.31 -7.06 -8.04
CA LEU B 15 -1.59 -7.69 -7.76
C LEU B 15 -2.70 -6.81 -8.36
N THR B 16 -3.35 -7.31 -9.41
CA THR B 16 -4.50 -6.66 -10.02
C THR B 16 -5.74 -7.10 -9.25
N VAL B 17 -6.22 -6.23 -8.37
CA VAL B 17 -7.39 -6.51 -7.54
C VAL B 17 -8.50 -5.52 -7.87
N ARG B 18 -9.74 -5.94 -7.69
CA ARG B 18 -10.90 -5.05 -7.71
C ARG B 18 -11.37 -4.84 -6.26
N ASN B 19 -11.96 -3.66 -5.98
CA ASN B 19 -12.26 -3.22 -4.59
C ASN B 19 -13.44 -4.00 -3.97
N HIS B 20 -13.10 -5.18 -3.44
CA HIS B 20 -13.96 -5.98 -2.55
C HIS B 20 -13.86 -5.40 -1.11
N PRO B 21 -14.87 -5.65 -0.22
CA PRO B 21 -14.78 -5.26 1.20
C PRO B 21 -13.59 -5.96 1.93
N GLY B 22 -12.48 -5.21 2.08
CA GLY B 22 -11.28 -5.69 2.78
C GLY B 22 -10.35 -6.52 1.90
N VAL B 23 -9.86 -5.95 0.77
CA VAL B 23 -8.84 -6.61 -0.08
C VAL B 23 -7.44 -6.34 0.48
N MET B 24 -7.24 -5.10 0.93
CA MET B 24 -5.94 -4.60 1.38
C MET B 24 -5.39 -5.46 2.55
N THR B 25 -6.30 -6.02 3.36
CA THR B 25 -5.96 -6.94 4.45
C THR B 25 -5.47 -8.31 3.91
N HIS B 26 -6.11 -8.78 2.81
CA HIS B 26 -5.78 -10.08 2.17
C HIS B 26 -4.35 -10.07 1.63
N VAL B 27 -4.01 -9.05 0.82
CA VAL B 27 -2.68 -8.93 0.20
C VAL B 27 -1.59 -8.85 1.30
N CYS B 28 -1.80 -7.93 2.26
CA CYS B 28 -0.89 -7.69 3.38
C CYS B 28 -0.70 -8.95 4.27
N GLY B 29 -1.75 -9.79 4.31
CA GLY B 29 -1.73 -11.04 5.04
C GLY B 29 -0.70 -12.02 4.49
N LEU B 30 -0.65 -12.17 3.15
CA LEU B 30 0.27 -13.10 2.45
C LEU B 30 1.75 -12.73 2.67
N PHE B 31 2.04 -11.42 2.75
CA PHE B 31 3.42 -10.91 2.94
C PHE B 31 3.87 -11.01 4.40
N ALA B 32 2.94 -10.74 5.33
CA ALA B 32 3.22 -10.77 6.78
C ALA B 32 3.50 -12.22 7.26
N ARG B 33 2.70 -13.18 6.76
CA ARG B 33 2.75 -14.59 7.22
C ARG B 33 4.03 -15.33 6.76
N ARG B 34 4.81 -14.73 5.86
CA ARG B 34 6.14 -15.22 5.52
C ARG B 34 7.07 -15.02 6.74
N ALA B 35 7.54 -13.77 6.92
CA ALA B 35 8.52 -13.39 7.94
C ALA B 35 8.87 -11.91 7.76
N PHE B 36 9.27 -11.58 6.51
CA PHE B 36 9.66 -10.22 6.11
C PHE B 36 8.44 -9.52 5.49
N ASN B 37 8.09 -8.34 6.03
CA ASN B 37 7.03 -7.49 5.47
C ASN B 37 7.54 -6.76 4.22
N VAL B 38 6.64 -6.00 3.62
CA VAL B 38 6.94 -5.25 2.40
C VAL B 38 7.84 -4.02 2.72
N GLU B 39 8.83 -3.76 1.87
CA GLU B 39 9.74 -2.61 2.01
C GLU B 39 9.00 -1.31 1.67
N GLY B 40 8.29 -1.34 0.52
CA GLY B 40 7.51 -0.22 0.02
C GLY B 40 6.33 -0.68 -0.80
N ILE B 41 5.22 0.08 -0.81
CA ILE B 41 3.97 -0.32 -1.50
C ILE B 41 3.55 0.80 -2.46
N LEU B 42 2.91 0.40 -3.56
CA LEU B 42 2.22 1.30 -4.48
C LEU B 42 0.90 0.63 -4.89
N CYS B 43 -0.13 1.45 -5.11
CA CYS B 43 -1.47 0.99 -5.55
C CYS B 43 -2.08 2.10 -6.41
N LEU B 44 -2.10 1.88 -7.73
CA LEU B 44 -2.63 2.83 -8.71
C LEU B 44 -4.07 2.43 -9.08
N PRO B 45 -5.10 3.25 -8.69
CA PRO B 45 -6.51 2.98 -9.05
C PRO B 45 -6.72 3.11 -10.57
N ILE B 46 -6.99 1.98 -11.23
CA ILE B 46 -7.24 1.95 -12.67
C ILE B 46 -8.64 2.54 -12.95
N GLN B 47 -8.63 3.82 -13.37
CA GLN B 47 -9.81 4.71 -13.37
C GLN B 47 -10.93 4.30 -14.34
N ASP B 48 -10.62 3.46 -15.35
CA ASP B 48 -11.59 3.11 -16.41
C ASP B 48 -12.64 2.10 -15.89
N SER B 49 -12.27 1.36 -14.84
CA SER B 49 -13.08 0.27 -14.25
C SER B 49 -12.96 0.30 -12.71
N ASP B 50 -13.68 -0.64 -12.04
CA ASP B 50 -13.52 -0.88 -10.59
C ASP B 50 -12.38 -1.89 -10.38
N LYS B 51 -11.14 -1.39 -10.48
CA LYS B 51 -9.93 -2.20 -10.26
C LYS B 51 -8.72 -1.29 -9.99
N SER B 52 -7.63 -1.92 -9.52
CA SER B 52 -6.39 -1.26 -9.13
C SER B 52 -5.24 -2.26 -9.24
N HIS B 53 -4.02 -1.74 -9.46
CA HIS B 53 -2.79 -2.56 -9.46
C HIS B 53 -1.96 -2.17 -8.24
N ILE B 54 -1.62 -3.16 -7.40
CA ILE B 54 -0.84 -2.92 -6.18
C ILE B 54 0.56 -3.54 -6.40
N TRP B 55 1.57 -2.69 -6.67
CA TRP B 55 2.98 -3.14 -6.81
C TRP B 55 3.65 -3.08 -5.44
N LEU B 56 3.86 -4.25 -4.83
CA LEU B 56 4.58 -4.36 -3.56
C LEU B 56 6.06 -4.67 -3.81
N LEU B 57 6.93 -3.79 -3.31
CA LEU B 57 8.38 -3.90 -3.40
C LEU B 57 8.85 -4.73 -2.20
N VAL B 58 9.07 -6.01 -2.43
CA VAL B 58 9.51 -6.98 -1.38
C VAL B 58 10.49 -7.95 -2.01
N ASN B 59 11.48 -8.45 -1.27
CA ASN B 59 12.40 -9.48 -1.82
C ASN B 59 11.66 -10.83 -1.95
N ASP B 60 11.94 -11.55 -3.05
CA ASP B 60 11.29 -12.85 -3.34
C ASP B 60 11.88 -13.96 -2.46
N ASP B 61 11.02 -14.93 -2.12
CA ASP B 61 11.40 -16.11 -1.36
C ASP B 61 10.79 -17.31 -2.09
N GLN B 62 11.47 -18.46 -2.02
CA GLN B 62 11.04 -19.68 -2.72
C GLN B 62 9.66 -20.16 -2.22
N ARG B 63 9.38 -19.95 -0.91
CA ARG B 63 8.07 -20.30 -0.32
C ARG B 63 7.05 -19.17 -0.54
N LEU B 64 7.54 -17.91 -0.68
CA LEU B 64 6.69 -16.75 -1.02
C LEU B 64 6.07 -16.90 -2.42
N GLU B 65 6.77 -17.62 -3.34
CA GLU B 65 6.26 -17.98 -4.68
C GLU B 65 4.96 -18.82 -4.56
N GLN B 66 4.93 -19.73 -3.57
CA GLN B 66 3.74 -20.55 -3.24
C GLN B 66 2.60 -19.65 -2.73
N MET B 67 2.96 -18.57 -2.00
CA MET B 67 1.99 -17.61 -1.45
C MET B 67 1.43 -16.68 -2.56
N ILE B 68 2.25 -16.44 -3.61
CA ILE B 68 1.83 -15.73 -4.84
C ILE B 68 0.75 -16.56 -5.59
N SER B 69 0.95 -17.89 -5.59
CA SER B 69 0.00 -18.85 -6.19
C SER B 69 -1.30 -18.93 -5.35
N GLN B 70 -1.16 -18.76 -4.02
CA GLN B 70 -2.28 -18.86 -3.05
C GLN B 70 -3.18 -17.61 -3.17
N ILE B 71 -2.54 -16.43 -3.24
CA ILE B 71 -3.25 -15.13 -3.30
C ILE B 71 -4.00 -14.99 -4.65
N ASP B 72 -3.44 -15.63 -5.69
CA ASP B 72 -4.05 -15.70 -7.03
C ASP B 72 -5.43 -16.40 -6.99
N LYS B 73 -5.59 -17.34 -6.02
CA LYS B 73 -6.84 -18.11 -5.84
C LYS B 73 -7.98 -17.23 -5.28
N LEU B 74 -7.62 -16.10 -4.63
CA LEU B 74 -8.60 -15.14 -4.07
C LEU B 74 -9.42 -14.47 -5.20
N GLU B 75 -10.73 -14.30 -4.93
CA GLU B 75 -11.70 -13.67 -5.85
C GLU B 75 -11.44 -12.15 -5.98
N ASP B 76 -10.58 -11.63 -5.09
CA ASP B 76 -10.12 -10.24 -5.11
C ASP B 76 -9.20 -10.02 -6.31
N VAL B 77 -8.22 -10.93 -6.42
CA VAL B 77 -7.13 -10.86 -7.38
C VAL B 77 -7.64 -11.31 -8.76
N VAL B 78 -7.93 -10.31 -9.61
CA VAL B 78 -8.33 -10.50 -11.02
C VAL B 78 -7.17 -11.12 -11.81
N LYS B 79 -5.97 -10.54 -11.59
CA LYS B 79 -4.71 -11.01 -12.19
C LYS B 79 -3.60 -10.89 -11.15
N VAL B 80 -2.65 -11.82 -11.19
CA VAL B 80 -1.39 -11.72 -10.41
C VAL B 80 -0.23 -11.54 -11.40
N GLN B 81 0.82 -10.84 -10.98
CA GLN B 81 2.00 -10.61 -11.82
C GLN B 81 3.24 -10.48 -10.93
N ARG B 82 4.38 -11.01 -11.41
CA ARG B 82 5.65 -10.98 -10.68
C ARG B 82 6.81 -10.70 -11.64
N ASN B 83 7.49 -9.56 -11.45
CA ASN B 83 8.63 -9.11 -12.30
C ASN B 83 9.80 -8.77 -11.38
N GLN B 84 10.96 -9.44 -11.52
CA GLN B 84 12.15 -9.14 -10.67
C GLN B 84 12.95 -8.01 -11.33
N SER B 85 12.66 -6.78 -10.90
CA SER B 85 13.23 -5.56 -11.50
C SER B 85 13.54 -4.54 -10.40
N ASP B 86 14.14 -3.39 -10.79
CA ASP B 86 14.56 -2.33 -9.85
C ASP B 86 13.33 -1.62 -9.23
N PRO B 87 13.46 -1.06 -7.97
CA PRO B 87 12.35 -0.33 -7.29
C PRO B 87 11.84 0.89 -8.09
N THR B 88 12.68 1.39 -9.02
CA THR B 88 12.38 2.54 -9.87
C THR B 88 11.13 2.32 -10.77
N MET B 89 10.70 1.05 -10.91
CA MET B 89 9.46 0.71 -11.63
C MET B 89 8.24 1.33 -10.94
N PHE B 90 8.23 1.31 -9.57
CA PHE B 90 7.11 1.89 -8.77
C PHE B 90 6.99 3.39 -9.09
N ASN B 91 8.16 4.06 -9.17
CA ASN B 91 8.26 5.51 -9.45
C ASN B 91 7.67 5.81 -10.85
N LYS B 92 7.96 4.90 -11.82
CA LYS B 92 7.58 5.06 -13.24
C LYS B 92 6.05 5.25 -13.40
N ILE B 93 5.25 4.27 -12.97
CA ILE B 93 3.78 4.33 -13.16
C ILE B 93 3.11 5.32 -12.18
N ALA B 94 3.75 5.54 -11.01
CA ALA B 94 3.27 6.50 -10.00
C ALA B 94 3.25 7.94 -10.57
N VAL B 95 4.33 8.30 -11.30
CA VAL B 95 4.45 9.63 -11.93
C VAL B 95 3.69 9.67 -13.27
N PHE B 96 3.57 8.52 -13.93
CA PHE B 96 2.92 8.40 -15.25
C PHE B 96 1.38 8.44 -15.11
N PHE B 97 0.89 8.01 -13.92
CA PHE B 97 -0.55 7.81 -13.61
C PHE B 97 -1.15 6.61 -14.36
N GLN B 98 -0.29 5.77 -14.96
CA GLN B 98 -0.72 4.57 -15.71
C GLN B 98 0.44 3.54 -15.77
N GLY A 1 -22.35 4.37 -0.49
CA GLY A 1 -22.99 5.67 -0.79
C GLY A 1 -22.28 6.42 -1.91
N SER A 2 -23.01 6.71 -3.00
CA SER A 2 -22.46 7.40 -4.19
C SER A 2 -22.23 8.89 -3.91
N MET A 3 -20.95 9.32 -3.91
CA MET A 3 -20.55 10.73 -3.64
C MET A 3 -19.76 11.30 -4.83
N GLN A 4 -19.21 12.52 -4.66
CA GLN A 4 -18.40 13.20 -5.69
C GLN A 4 -17.03 12.48 -5.82
N ASN A 5 -16.97 11.45 -6.69
CA ASN A 5 -15.72 10.69 -6.93
C ASN A 5 -14.68 11.57 -7.66
N THR A 6 -13.94 12.34 -6.85
CA THR A 6 -13.00 13.39 -7.31
C THR A 6 -11.71 13.34 -6.47
N THR A 7 -10.59 13.85 -7.04
CA THR A 7 -9.28 13.94 -6.37
C THR A 7 -9.26 15.09 -5.32
N HIS A 8 -10.11 14.92 -4.31
CA HIS A 8 -10.42 15.91 -3.24
C HIS A 8 -11.37 15.26 -2.24
N ASP A 9 -12.26 14.38 -2.75
CA ASP A 9 -13.12 13.52 -1.93
C ASP A 9 -12.27 12.60 -1.06
N ASN A 10 -11.25 12.00 -1.68
CA ASN A 10 -10.27 11.16 -0.97
C ASN A 10 -9.29 12.08 -0.22
N VAL A 11 -8.98 11.70 1.01
CA VAL A 11 -8.05 12.42 1.89
C VAL A 11 -6.74 11.64 1.91
N ILE A 12 -5.64 12.36 2.13
CA ILE A 12 -4.28 11.81 2.00
C ILE A 12 -3.70 11.61 3.41
N LEU A 13 -3.99 10.46 4.02
CA LEU A 13 -3.59 10.17 5.41
C LEU A 13 -2.24 9.46 5.45
N GLU A 14 -1.14 10.20 5.73
CA GLU A 14 0.17 9.54 5.90
C GLU A 14 0.41 9.22 7.36
N LEU A 15 0.99 8.06 7.60
CA LEU A 15 1.44 7.64 8.92
C LEU A 15 2.86 7.07 8.82
N THR A 16 3.76 7.63 9.63
CA THR A 16 5.14 7.17 9.72
C THR A 16 5.17 6.01 10.70
N VAL A 17 5.07 4.81 10.15
CA VAL A 17 5.18 3.59 10.91
C VAL A 17 6.59 3.04 10.77
N ARG A 18 7.07 2.34 11.79
CA ARG A 18 8.30 1.54 11.67
C ARG A 18 7.89 0.09 11.38
N ASN A 19 8.71 -0.64 10.60
CA ASN A 19 8.31 -1.91 9.97
C ASN A 19 8.22 -3.06 11.02
N HIS A 20 7.08 -3.07 11.72
CA HIS A 20 6.65 -4.15 12.65
C HIS A 20 5.99 -5.29 11.86
N PRO A 21 5.81 -6.52 12.46
CA PRO A 21 5.11 -7.65 11.81
C PRO A 21 3.72 -7.29 11.23
N GLY A 22 3.70 -7.08 9.90
CA GLY A 22 2.46 -6.85 9.15
C GLY A 22 1.71 -5.59 9.54
N VAL A 23 2.41 -4.43 9.57
CA VAL A 23 1.77 -3.12 9.85
C VAL A 23 0.72 -2.80 8.78
N MET A 24 1.01 -3.24 7.56
CA MET A 24 0.19 -3.02 6.38
C MET A 24 -1.20 -3.68 6.56
N THR A 25 -1.22 -4.83 7.24
CA THR A 25 -2.45 -5.55 7.61
C THR A 25 -3.25 -4.74 8.68
N HIS A 26 -2.50 -4.08 9.59
CA HIS A 26 -3.09 -3.27 10.69
C HIS A 26 -3.81 -2.04 10.12
N VAL A 27 -3.08 -1.24 9.29
CA VAL A 27 -3.60 0.02 8.74
C VAL A 27 -4.87 -0.23 7.90
N CYS A 28 -4.78 -1.24 7.01
CA CYS A 28 -5.87 -1.62 6.11
C CYS A 28 -7.07 -2.18 6.89
N GLY A 29 -6.80 -2.79 8.07
CA GLY A 29 -7.84 -3.25 8.98
C GLY A 29 -8.69 -2.11 9.54
N LEU A 30 -8.04 -0.97 9.88
CA LEU A 30 -8.71 0.22 10.44
C LEU A 30 -9.66 0.88 9.40
N PHE A 31 -9.23 0.93 8.13
CA PHE A 31 -10.05 1.53 7.05
C PHE A 31 -11.18 0.61 6.58
N ALA A 32 -10.90 -0.71 6.57
CA ALA A 32 -11.87 -1.74 6.13
C ALA A 32 -13.07 -1.87 7.09
N ARG A 33 -12.80 -1.76 8.40
CA ARG A 33 -13.80 -1.99 9.47
C ARG A 33 -14.87 -0.88 9.53
N ARG A 34 -14.69 0.20 8.75
CA ARG A 34 -15.70 1.25 8.58
C ARG A 34 -16.80 0.73 7.64
N ALA A 35 -16.46 0.66 6.34
CA ALA A 35 -17.38 0.29 5.26
C ALA A 35 -16.65 0.43 3.93
N PHE A 36 -16.13 1.65 3.69
CA PHE A 36 -15.40 1.98 2.46
C PHE A 36 -13.91 1.68 2.65
N ASN A 37 -13.32 1.07 1.61
CA ASN A 37 -11.91 0.64 1.58
C ASN A 37 -11.02 1.80 1.12
N VAL A 38 -9.70 1.59 1.15
CA VAL A 38 -8.73 2.51 0.55
C VAL A 38 -8.72 2.30 -0.97
N GLU A 39 -8.64 3.38 -1.74
CA GLU A 39 -8.63 3.33 -3.21
C GLU A 39 -7.18 3.36 -3.73
N GLY A 40 -6.34 4.21 -3.10
CA GLY A 40 -4.93 4.35 -3.51
C GLY A 40 -3.99 4.34 -2.32
N ILE A 41 -2.84 3.68 -2.45
CA ILE A 41 -1.84 3.56 -1.37
C ILE A 41 -0.45 3.93 -1.91
N LEU A 42 0.37 4.56 -1.07
CA LEU A 42 1.75 4.87 -1.39
C LEU A 42 2.61 4.68 -0.13
N CYS A 43 3.21 3.50 0.01
CA CYS A 43 4.15 3.20 1.11
C CYS A 43 5.56 3.52 0.64
N LEU A 44 6.09 4.65 1.12
CA LEU A 44 7.42 5.15 0.76
C LEU A 44 8.39 4.82 1.91
N PRO A 45 9.27 3.78 1.75
CA PRO A 45 10.21 3.37 2.81
C PRO A 45 11.32 4.40 3.03
N ILE A 46 11.43 4.90 4.27
CA ILE A 46 12.51 5.80 4.70
C ILE A 46 13.83 5.02 4.71
N GLN A 47 14.81 5.47 3.90
CA GLN A 47 16.14 4.80 3.81
C GLN A 47 17.01 5.13 5.03
N ASP A 48 16.70 6.27 5.69
CA ASP A 48 17.48 6.80 6.82
C ASP A 48 17.44 5.85 8.04
N SER A 49 16.26 5.27 8.31
CA SER A 49 16.03 4.40 9.49
C SER A 49 14.99 3.32 9.15
N ASP A 50 14.65 2.44 10.12
CA ASP A 50 13.56 1.47 9.95
C ASP A 50 12.22 2.20 10.12
N LYS A 51 11.82 2.91 9.06
CA LYS A 51 10.60 3.75 9.02
C LYS A 51 10.01 3.69 7.60
N SER A 52 8.72 4.00 7.50
CA SER A 52 7.99 4.06 6.23
C SER A 52 6.73 4.90 6.45
N HIS A 53 6.51 5.93 5.62
CA HIS A 53 5.27 6.75 5.70
C HIS A 53 4.35 6.42 4.52
N ILE A 54 3.11 6.01 4.84
CA ILE A 54 2.15 5.48 3.86
C ILE A 54 0.98 6.47 3.71
N TRP A 55 0.74 6.98 2.48
CA TRP A 55 -0.41 7.86 2.18
C TRP A 55 -1.60 6.98 1.75
N LEU A 56 -2.64 6.95 2.60
CA LEU A 56 -3.89 6.22 2.32
C LEU A 56 -4.92 7.19 1.71
N LEU A 57 -5.25 6.96 0.43
CA LEU A 57 -6.25 7.72 -0.33
C LEU A 57 -7.61 7.06 -0.11
N VAL A 58 -8.34 7.60 0.87
CA VAL A 58 -9.68 7.14 1.27
C VAL A 58 -10.49 8.38 1.66
N ASN A 59 -11.80 8.42 1.37
CA ASN A 59 -12.62 9.54 1.88
C ASN A 59 -12.83 9.36 3.39
N ASP A 60 -12.49 10.40 4.17
CA ASP A 60 -12.59 10.34 5.64
C ASP A 60 -14.06 10.43 6.08
N ASP A 61 -14.26 10.14 7.35
CA ASP A 61 -15.57 10.04 7.98
C ASP A 61 -15.42 10.57 9.41
N GLN A 62 -16.55 10.85 10.08
CA GLN A 62 -16.55 11.14 11.53
C GLN A 62 -16.13 9.88 12.32
N ARG A 63 -16.45 8.70 11.74
CA ARG A 63 -16.06 7.38 12.28
C ARG A 63 -14.56 7.11 12.03
N LEU A 64 -14.09 7.53 10.85
CA LEU A 64 -12.71 7.31 10.35
C LEU A 64 -11.69 7.91 11.35
N GLU A 65 -12.04 9.10 11.89
CA GLU A 65 -11.21 9.85 12.85
C GLU A 65 -10.93 9.05 14.13
N GLN A 66 -11.91 8.23 14.54
CA GLN A 66 -11.76 7.34 15.71
C GLN A 66 -10.77 6.20 15.39
N MET A 67 -10.83 5.70 14.14
CA MET A 67 -9.89 4.68 13.64
C MET A 67 -8.45 5.24 13.54
N ILE A 68 -8.32 6.53 13.14
CA ILE A 68 -7.03 7.25 13.07
C ILE A 68 -6.45 7.40 14.50
N SER A 69 -7.34 7.76 15.44
CA SER A 69 -7.00 8.01 16.84
C SER A 69 -6.58 6.70 17.55
N GLN A 70 -7.22 5.59 17.14
CA GLN A 70 -6.96 4.26 17.71
C GLN A 70 -5.59 3.77 17.25
N ILE A 71 -5.37 3.79 15.91
CA ILE A 71 -4.16 3.24 15.28
C ILE A 71 -2.92 4.05 15.68
N ASP A 72 -3.13 5.34 15.97
CA ASP A 72 -2.07 6.27 16.44
C ASP A 72 -1.42 5.76 17.75
N LYS A 73 -2.24 5.10 18.60
CA LYS A 73 -1.80 4.60 19.92
C LYS A 73 -1.03 3.26 19.82
N LEU A 74 -1.00 2.68 18.60
CA LEU A 74 -0.21 1.46 18.30
C LEU A 74 1.28 1.82 18.23
N GLU A 75 2.13 0.83 18.58
CA GLU A 75 3.60 0.96 18.54
C GLU A 75 4.13 0.96 17.09
N ASP A 76 3.22 0.66 16.14
CA ASP A 76 3.50 0.75 14.71
C ASP A 76 3.62 2.22 14.31
N VAL A 77 2.55 2.98 14.57
CA VAL A 77 2.43 4.38 14.16
C VAL A 77 3.26 5.27 15.10
N VAL A 78 4.46 5.62 14.62
CA VAL A 78 5.37 6.54 15.33
C VAL A 78 4.78 7.96 15.27
N LYS A 79 4.29 8.33 14.08
CA LYS A 79 3.57 9.60 13.82
C LYS A 79 2.40 9.36 12.84
N VAL A 80 1.34 10.16 12.96
CA VAL A 80 0.21 10.17 12.01
C VAL A 80 -0.05 11.64 11.59
N GLN A 81 -0.46 11.85 10.32
CA GLN A 81 -0.61 13.19 9.74
C GLN A 81 -1.71 13.21 8.65
N ARG A 82 -2.68 14.11 8.81
CA ARG A 82 -3.76 14.33 7.84
C ARG A 82 -3.30 15.38 6.81
N ASN A 83 -3.17 14.97 5.54
CA ASN A 83 -2.82 15.89 4.42
C ASN A 83 -4.07 16.19 3.58
N GLN A 84 -4.09 17.38 2.96
CA GLN A 84 -5.16 17.79 2.03
C GLN A 84 -4.84 17.23 0.63
N SER A 85 -5.89 16.85 -0.10
CA SER A 85 -5.76 16.14 -1.37
C SER A 85 -5.34 17.08 -2.50
N ASP A 86 -4.32 16.65 -3.24
CA ASP A 86 -3.72 17.40 -4.33
C ASP A 86 -3.26 16.39 -5.40
N PRO A 87 -3.68 16.55 -6.70
CA PRO A 87 -3.37 15.59 -7.79
C PRO A 87 -1.84 15.36 -7.98
N THR A 88 -1.05 16.41 -7.73
CA THR A 88 0.40 16.39 -7.94
C THR A 88 1.17 16.02 -6.66
N MET A 89 0.48 16.00 -5.49
CA MET A 89 1.07 15.59 -4.17
C MET A 89 1.73 14.21 -4.29
N PHE A 90 0.94 13.27 -4.84
CA PHE A 90 1.34 11.86 -5.05
C PHE A 90 2.68 11.76 -5.81
N ASN A 91 2.81 12.59 -6.86
CA ASN A 91 4.01 12.61 -7.73
C ASN A 91 5.20 13.22 -6.98
N LYS A 92 4.95 14.29 -6.20
CA LYS A 92 5.99 15.04 -5.43
C LYS A 92 6.82 14.09 -4.54
N ILE A 93 6.15 13.30 -3.68
CA ILE A 93 6.88 12.40 -2.75
C ILE A 93 7.38 11.13 -3.45
N ALA A 94 6.66 10.68 -4.50
CA ALA A 94 7.06 9.49 -5.29
C ALA A 94 8.43 9.71 -5.96
N VAL A 95 8.62 10.91 -6.55
CA VAL A 95 9.87 11.29 -7.25
C VAL A 95 10.96 11.72 -6.23
N PHE A 96 10.54 12.11 -5.01
CA PHE A 96 11.46 12.47 -3.92
C PHE A 96 12.07 11.22 -3.26
N PHE A 97 11.29 10.11 -3.27
CA PHE A 97 11.67 8.77 -2.74
C PHE A 97 12.40 8.79 -1.36
N GLN A 98 11.84 9.55 -0.41
CA GLN A 98 12.31 9.53 1.00
C GLN A 98 11.07 9.41 1.91
N GLY B 1 16.78 -9.42 10.19
CA GLY B 1 17.62 -10.20 9.25
C GLY B 1 18.44 -9.32 8.33
N SER B 2 19.77 -9.49 8.33
CA SER B 2 20.68 -8.75 7.44
C SER B 2 20.57 -9.30 6.01
N MET B 3 19.91 -8.54 5.14
CA MET B 3 19.68 -8.89 3.72
C MET B 3 20.48 -7.92 2.84
N GLN B 4 20.19 -7.92 1.52
CA GLN B 4 20.81 -6.97 0.60
C GLN B 4 19.99 -5.67 0.57
N ASN B 5 20.65 -4.55 0.88
CA ASN B 5 20.05 -3.19 0.78
C ASN B 5 19.83 -2.79 -0.70
N THR B 6 20.48 -3.54 -1.61
CA THR B 6 20.32 -3.43 -3.06
C THR B 6 18.83 -3.47 -3.47
N THR B 7 18.42 -2.58 -4.42
CA THR B 7 17.03 -2.56 -4.95
C THR B 7 16.67 -3.91 -5.62
N HIS B 8 17.70 -4.61 -6.13
CA HIS B 8 17.55 -5.92 -6.80
C HIS B 8 17.49 -7.09 -5.77
N ASP B 9 17.21 -6.78 -4.50
CA ASP B 9 16.89 -7.80 -3.46
C ASP B 9 15.37 -7.99 -3.40
N ASN B 10 14.65 -6.86 -3.36
CA ASN B 10 13.18 -6.84 -3.35
C ASN B 10 12.65 -7.09 -4.76
N VAL B 11 11.56 -7.85 -4.85
CA VAL B 11 10.88 -8.18 -6.11
C VAL B 11 9.62 -7.33 -6.20
N ILE B 12 9.19 -7.05 -7.43
CA ILE B 12 8.10 -6.11 -7.70
C ILE B 12 6.85 -6.89 -8.12
N LEU B 13 6.06 -7.33 -7.13
CA LEU B 13 4.89 -8.21 -7.38
C LEU B 13 3.62 -7.36 -7.55
N GLU B 14 3.17 -7.13 -8.80
CA GLU B 14 1.91 -6.42 -9.02
C GLU B 14 0.77 -7.43 -9.17
N LEU B 15 -0.37 -7.10 -8.58
CA LEU B 15 -1.60 -7.87 -8.72
C LEU B 15 -2.75 -6.91 -9.01
N THR B 16 -3.46 -7.19 -10.11
CA THR B 16 -4.64 -6.42 -10.50
C THR B 16 -5.82 -6.99 -9.74
N VAL B 17 -6.12 -6.36 -8.61
CA VAL B 17 -7.27 -6.69 -7.81
C VAL B 17 -8.39 -5.70 -8.12
N ARG B 18 -9.62 -6.13 -8.02
CA ARG B 18 -10.78 -5.22 -8.00
C ARG B 18 -11.16 -4.95 -6.55
N ASN B 19 -11.66 -3.73 -6.25
CA ASN B 19 -11.75 -3.21 -4.88
C ASN B 19 -12.90 -3.90 -4.09
N HIS B 20 -12.57 -5.11 -3.58
CA HIS B 20 -13.39 -5.90 -2.64
C HIS B 20 -13.17 -5.40 -1.19
N PRO B 21 -14.07 -5.78 -0.21
CA PRO B 21 -13.90 -5.42 1.22
C PRO B 21 -12.49 -5.79 1.78
N GLY B 22 -11.64 -4.75 1.87
CA GLY B 22 -10.32 -4.84 2.50
C GLY B 22 -9.36 -5.81 1.81
N VAL B 23 -9.20 -5.67 0.48
CA VAL B 23 -8.22 -6.48 -0.29
C VAL B 23 -6.79 -6.24 0.22
N MET B 24 -6.57 -5.00 0.66
CA MET B 24 -5.27 -4.53 1.15
C MET B 24 -4.86 -5.29 2.42
N THR B 25 -5.86 -5.68 3.23
CA THR B 25 -5.66 -6.53 4.41
C THR B 25 -5.29 -7.97 3.99
N HIS B 26 -5.91 -8.43 2.87
CA HIS B 26 -5.70 -9.79 2.33
C HIS B 26 -4.26 -9.95 1.81
N VAL B 27 -3.83 -9.02 0.93
CA VAL B 27 -2.51 -9.08 0.28
C VAL B 27 -1.38 -9.06 1.33
N CYS B 28 -1.50 -8.12 2.29
CA CYS B 28 -0.53 -7.90 3.36
C CYS B 28 -0.49 -9.10 4.31
N GLY B 29 -1.64 -9.81 4.43
CA GLY B 29 -1.73 -11.04 5.22
C GLY B 29 -0.86 -12.16 4.66
N LEU B 30 -0.84 -12.28 3.31
CA LEU B 30 -0.06 -13.33 2.60
C LEU B 30 1.46 -13.13 2.78
N PHE B 31 1.92 -11.87 2.78
CA PHE B 31 3.35 -11.54 2.91
C PHE B 31 3.81 -11.62 4.37
N ALA B 32 2.92 -11.21 5.30
CA ALA B 32 3.19 -11.20 6.75
C ALA B 32 3.36 -12.62 7.33
N ARG B 33 2.53 -13.57 6.85
CA ARG B 33 2.46 -14.95 7.40
C ARG B 33 3.70 -15.80 7.05
N ARG B 34 4.59 -15.25 6.22
CA ARG B 34 5.91 -15.85 5.94
C ARG B 34 6.82 -15.59 7.14
N ALA B 35 7.32 -14.34 7.23
CA ALA B 35 8.28 -13.90 8.25
C ALA B 35 8.66 -12.44 8.00
N PHE B 36 9.09 -12.17 6.75
CA PHE B 36 9.48 -10.82 6.31
C PHE B 36 8.27 -10.09 5.72
N ASN B 37 8.13 -8.81 6.08
CA ASN B 37 7.02 -7.94 5.66
C ASN B 37 7.36 -7.27 4.32
N VAL B 38 6.38 -6.53 3.77
CA VAL B 38 6.61 -5.67 2.59
C VAL B 38 7.32 -4.38 3.06
N GLU B 39 8.28 -3.90 2.26
CA GLU B 39 9.04 -2.68 2.60
C GLU B 39 8.43 -1.46 1.90
N GLY B 40 8.00 -1.66 0.63
CA GLY B 40 7.42 -0.58 -0.18
C GLY B 40 6.19 -1.04 -0.93
N ILE B 41 5.15 -0.19 -1.00
CA ILE B 41 3.86 -0.52 -1.66
C ILE B 41 3.48 0.62 -2.61
N LEU B 42 2.85 0.27 -3.73
CA LEU B 42 2.33 1.24 -4.69
C LEU B 42 0.99 0.71 -5.25
N CYS B 43 -0.12 1.13 -4.63
CA CYS B 43 -1.47 0.81 -5.08
C CYS B 43 -1.95 1.91 -6.03
N LEU B 44 -1.91 1.61 -7.33
CA LEU B 44 -2.28 2.54 -8.40
C LEU B 44 -3.70 2.21 -8.89
N PRO B 45 -4.74 3.01 -8.49
CA PRO B 45 -6.14 2.74 -8.87
C PRO B 45 -6.41 2.98 -10.37
N ILE B 46 -6.90 1.94 -11.05
CA ILE B 46 -7.33 2.01 -12.45
C ILE B 46 -8.60 2.89 -12.55
N GLN B 47 -8.53 3.99 -13.32
CA GLN B 47 -9.66 4.92 -13.48
C GLN B 47 -10.70 4.37 -14.47
N ASP B 48 -10.24 3.43 -15.32
CA ASP B 48 -11.05 2.85 -16.40
C ASP B 48 -12.21 1.99 -15.86
N SER B 49 -11.93 1.21 -14.79
CA SER B 49 -12.90 0.28 -14.17
C SER B 49 -12.63 0.16 -12.67
N ASP B 50 -13.46 -0.62 -11.93
CA ASP B 50 -13.21 -0.92 -10.50
C ASP B 50 -12.05 -1.93 -10.41
N LYS B 51 -10.83 -1.41 -10.55
CA LYS B 51 -9.59 -2.20 -10.55
C LYS B 51 -8.48 -1.36 -9.90
N SER B 52 -7.43 -2.03 -9.44
CA SER B 52 -6.23 -1.41 -8.86
C SER B 52 -5.09 -2.43 -8.90
N HIS B 53 -3.93 -2.07 -9.48
CA HIS B 53 -2.74 -2.95 -9.48
C HIS B 53 -1.70 -2.44 -8.48
N ILE B 54 -1.30 -3.31 -7.53
CA ILE B 54 -0.44 -2.94 -6.39
C ILE B 54 0.92 -3.64 -6.52
N TRP B 55 2.02 -2.86 -6.59
CA TRP B 55 3.40 -3.41 -6.61
C TRP B 55 3.91 -3.55 -5.17
N LEU B 56 4.07 -4.81 -4.73
CA LEU B 56 4.62 -5.14 -3.40
C LEU B 56 6.13 -5.39 -3.51
N LEU B 57 6.90 -4.49 -2.89
CA LEU B 57 8.38 -4.57 -2.83
C LEU B 57 8.77 -5.39 -1.59
N VAL B 58 8.96 -6.68 -1.82
CA VAL B 58 9.33 -7.66 -0.79
C VAL B 58 10.32 -8.62 -1.42
N ASN B 59 11.33 -9.12 -0.71
CA ASN B 59 12.20 -10.18 -1.27
C ASN B 59 11.42 -11.50 -1.30
N ASP B 60 11.35 -12.15 -2.48
CA ASP B 60 10.57 -13.38 -2.66
C ASP B 60 11.30 -14.57 -2.02
N ASP B 61 10.56 -15.65 -1.89
CA ASP B 61 10.97 -16.86 -1.20
C ASP B 61 10.38 -18.06 -1.98
N GLN B 62 10.89 -19.26 -1.72
CA GLN B 62 10.26 -20.50 -2.23
C GLN B 62 8.88 -20.70 -1.57
N ARG B 63 8.74 -20.18 -0.33
CA ARG B 63 7.47 -20.18 0.43
C ARG B 63 6.51 -19.10 -0.13
N LEU B 64 7.10 -17.94 -0.50
CA LEU B 64 6.38 -16.73 -0.99
C LEU B 64 5.52 -17.10 -2.22
N GLU B 65 6.10 -17.94 -3.09
CA GLU B 65 5.47 -18.40 -4.35
C GLU B 65 4.14 -19.15 -4.10
N GLN B 66 4.07 -19.86 -2.97
CA GLN B 66 2.85 -20.58 -2.55
C GLN B 66 1.78 -19.59 -2.07
N MET B 67 2.23 -18.51 -1.40
CA MET B 67 1.35 -17.39 -0.98
C MET B 67 0.80 -16.63 -2.20
N ILE B 68 1.65 -16.46 -3.25
CA ILE B 68 1.26 -15.81 -4.52
C ILE B 68 0.20 -16.69 -5.23
N SER B 69 0.46 -18.01 -5.24
CA SER B 69 -0.39 -19.00 -5.89
C SER B 69 -1.76 -19.12 -5.17
N GLN B 70 -1.75 -18.95 -3.83
CA GLN B 70 -2.95 -19.02 -2.99
C GLN B 70 -3.83 -17.80 -3.25
N ILE B 71 -3.22 -16.60 -3.13
CA ILE B 71 -3.94 -15.32 -3.24
C ILE B 71 -4.50 -15.11 -4.66
N ASP B 72 -3.81 -15.69 -5.65
CA ASP B 72 -4.24 -15.66 -7.06
C ASP B 72 -5.64 -16.27 -7.23
N LYS B 73 -5.94 -17.32 -6.44
CA LYS B 73 -7.22 -18.05 -6.52
C LYS B 73 -8.38 -17.31 -5.83
N LEU B 74 -8.06 -16.20 -5.14
CA LEU B 74 -9.07 -15.30 -4.53
C LEU B 74 -9.78 -14.49 -5.62
N GLU B 75 -11.05 -14.14 -5.35
CA GLU B 75 -11.88 -13.31 -6.25
C GLU B 75 -11.42 -11.85 -6.27
N ASP B 76 -10.51 -11.51 -5.35
CA ASP B 76 -9.85 -10.20 -5.31
C ASP B 76 -8.90 -10.07 -6.50
N VAL B 77 -7.96 -11.02 -6.58
CA VAL B 77 -6.88 -11.02 -7.58
C VAL B 77 -7.43 -11.48 -8.93
N VAL B 78 -7.75 -10.50 -9.79
CA VAL B 78 -8.20 -10.74 -11.16
C VAL B 78 -7.02 -11.27 -11.99
N LYS B 79 -5.84 -10.63 -11.79
CA LYS B 79 -4.54 -11.05 -12.39
C LYS B 79 -3.41 -10.84 -11.37
N VAL B 80 -2.36 -11.68 -11.47
CA VAL B 80 -1.11 -11.52 -10.68
C VAL B 80 0.09 -11.58 -11.65
N GLN B 81 1.16 -10.81 -11.37
CA GLN B 81 2.31 -10.65 -12.28
C GLN B 81 3.61 -10.37 -11.47
N ARG B 82 4.63 -11.21 -11.70
CA ARG B 82 5.96 -11.05 -11.09
C ARG B 82 6.83 -10.16 -12.01
N ASN B 83 7.18 -8.96 -11.54
CA ASN B 83 8.07 -8.02 -12.27
C ASN B 83 9.49 -8.09 -11.70
N GLN B 84 10.49 -7.79 -12.55
CA GLN B 84 11.89 -7.71 -12.12
C GLN B 84 12.14 -6.29 -11.57
N SER B 85 12.99 -6.20 -10.54
CA SER B 85 13.22 -4.96 -9.82
C SER B 85 14.08 -3.98 -10.64
N ASP B 86 13.65 -2.73 -10.65
CA ASP B 86 14.28 -1.64 -11.39
C ASP B 86 14.03 -0.34 -10.61
N PRO B 87 15.10 0.46 -10.27
CA PRO B 87 14.97 1.70 -9.44
C PRO B 87 13.99 2.74 -10.04
N THR B 88 13.93 2.80 -11.38
CA THR B 88 13.10 3.77 -12.11
C THR B 88 11.71 3.21 -12.46
N MET B 89 11.50 1.87 -12.30
CA MET B 89 10.19 1.20 -12.53
C MET B 89 9.08 1.89 -11.75
N PHE B 90 9.36 2.08 -10.44
CA PHE B 90 8.45 2.73 -9.47
C PHE B 90 7.97 4.11 -9.98
N ASN B 91 8.90 4.89 -10.56
CA ASN B 91 8.62 6.24 -11.08
C ASN B 91 7.77 6.17 -12.36
N LYS B 92 8.08 5.18 -13.23
CA LYS B 92 7.42 5.01 -14.56
C LYS B 92 5.88 4.92 -14.43
N ILE B 93 5.39 4.01 -13.56
CA ILE B 93 3.94 3.81 -13.40
C ILE B 93 3.31 4.89 -12.50
N ALA B 94 4.11 5.44 -11.56
CA ALA B 94 3.66 6.52 -10.65
C ALA B 94 3.29 7.80 -11.43
N VAL B 95 4.14 8.14 -12.42
CA VAL B 95 3.94 9.32 -13.29
C VAL B 95 2.92 9.00 -14.41
N PHE B 96 2.78 7.70 -14.75
CA PHE B 96 1.76 7.24 -15.71
C PHE B 96 0.37 7.21 -15.06
N PHE B 97 0.35 7.12 -13.70
CA PHE B 97 -0.86 7.13 -12.81
C PHE B 97 -2.02 6.22 -13.32
N GLN B 98 -1.65 5.14 -14.01
CA GLN B 98 -2.63 4.22 -14.62
C GLN B 98 -2.01 2.80 -14.78
N GLY A 1 -13.27 3.41 -7.51
CA GLY A 1 -13.90 4.71 -7.88
C GLY A 1 -12.86 5.74 -8.27
N SER A 2 -11.93 5.34 -9.16
CA SER A 2 -10.80 6.18 -9.56
C SER A 2 -11.23 7.16 -10.67
N MET A 3 -10.90 8.45 -10.48
CA MET A 3 -11.26 9.53 -11.41
C MET A 3 -10.39 10.77 -11.12
N GLN A 4 -10.15 11.61 -12.16
CA GLN A 4 -9.44 12.89 -12.00
C GLN A 4 -10.24 13.81 -11.07
N ASN A 5 -9.79 13.87 -9.81
CA ASN A 5 -10.47 14.60 -8.73
C ASN A 5 -10.18 16.10 -8.83
N THR A 6 -11.18 16.90 -8.44
CA THR A 6 -11.11 18.37 -8.38
C THR A 6 -11.76 18.83 -7.06
N THR A 7 -12.91 18.20 -6.74
CA THR A 7 -13.60 18.39 -5.46
C THR A 7 -12.89 17.56 -4.37
N HIS A 8 -12.13 18.24 -3.49
CA HIS A 8 -11.30 17.58 -2.45
C HIS A 8 -12.17 16.95 -1.34
N ASP A 9 -12.71 15.77 -1.66
CA ASP A 9 -13.35 14.88 -0.68
C ASP A 9 -12.32 13.89 -0.16
N ASN A 10 -11.34 13.57 -1.01
CA ASN A 10 -10.29 12.59 -0.69
C ASN A 10 -9.26 13.26 0.23
N VAL A 11 -8.76 12.48 1.18
CA VAL A 11 -7.76 12.90 2.15
C VAL A 11 -6.53 12.05 1.93
N ILE A 12 -5.38 12.73 1.95
CA ILE A 12 -4.07 12.12 1.91
C ILE A 12 -3.69 11.82 3.35
N LEU A 13 -4.06 10.64 3.83
CA LEU A 13 -3.89 10.25 5.21
C LEU A 13 -2.51 9.59 5.34
N GLU A 14 -1.58 10.34 5.92
CA GLU A 14 -0.19 9.93 6.12
C GLU A 14 -0.08 9.13 7.42
N LEU A 15 0.66 8.04 7.40
CA LEU A 15 1.03 7.32 8.61
C LEU A 15 2.37 6.61 8.38
N THR A 16 3.39 7.09 9.08
CA THR A 16 4.72 6.53 9.03
C THR A 16 4.79 5.40 10.07
N VAL A 17 4.73 4.16 9.60
CA VAL A 17 4.73 2.98 10.48
C VAL A 17 6.09 2.28 10.38
N ARG A 18 6.65 1.91 11.54
CA ARG A 18 7.87 1.12 11.60
C ARG A 18 7.54 -0.36 11.40
N ASN A 19 8.32 -1.02 10.52
CA ASN A 19 7.99 -2.33 9.94
C ASN A 19 8.20 -3.48 10.94
N HIS A 20 7.21 -3.65 11.83
CA HIS A 20 7.05 -4.84 12.69
C HIS A 20 6.25 -5.91 11.90
N PRO A 21 6.35 -7.24 12.26
CA PRO A 21 5.61 -8.32 11.53
C PRO A 21 4.08 -8.08 11.43
N GLY A 22 3.62 -7.60 10.26
CA GLY A 22 2.19 -7.45 9.94
C GLY A 22 1.61 -6.07 10.19
N VAL A 23 2.44 -5.02 10.17
CA VAL A 23 1.97 -3.62 10.34
C VAL A 23 1.16 -3.12 9.13
N MET A 24 1.46 -3.68 7.94
CA MET A 24 0.69 -3.43 6.72
C MET A 24 -0.77 -3.89 6.93
N THR A 25 -0.92 -5.03 7.63
CA THR A 25 -2.22 -5.65 7.93
C THR A 25 -3.00 -4.83 8.98
N HIS A 26 -2.26 -4.13 9.88
CA HIS A 26 -2.86 -3.20 10.88
C HIS A 26 -3.65 -2.10 10.16
N VAL A 27 -2.94 -1.30 9.35
CA VAL A 27 -3.51 -0.11 8.71
C VAL A 27 -4.66 -0.49 7.76
N CYS A 28 -4.42 -1.51 6.91
CA CYS A 28 -5.41 -2.01 5.94
C CYS A 28 -6.65 -2.59 6.64
N GLY A 29 -6.43 -3.24 7.80
CA GLY A 29 -7.52 -3.79 8.61
C GLY A 29 -8.37 -2.72 9.24
N LEU A 30 -7.72 -1.62 9.66
CA LEU A 30 -8.37 -0.49 10.34
C LEU A 30 -9.20 0.38 9.38
N PHE A 31 -8.81 0.44 8.09
CA PHE A 31 -9.61 1.12 7.05
C PHE A 31 -10.75 0.23 6.55
N ALA A 32 -10.52 -1.08 6.52
CA ALA A 32 -11.54 -2.08 6.14
C ALA A 32 -12.71 -2.10 7.15
N ARG A 33 -12.37 -2.16 8.45
CA ARG A 33 -13.35 -2.22 9.55
C ARG A 33 -13.93 -0.84 9.89
N ARG A 34 -13.34 0.24 9.28
CA ARG A 34 -13.82 1.62 9.46
C ARG A 34 -15.24 1.72 8.85
N ALA A 35 -15.32 1.49 7.53
CA ALA A 35 -16.58 1.53 6.77
C ALA A 35 -16.31 1.14 5.31
N PHE A 36 -15.44 1.91 4.67
CA PHE A 36 -15.12 1.77 3.22
C PHE A 36 -13.61 1.56 3.03
N ASN A 37 -13.25 1.00 1.87
CA ASN A 37 -11.86 0.68 1.49
C ASN A 37 -11.02 1.95 1.22
N VAL A 38 -9.75 1.75 0.86
CA VAL A 38 -8.86 2.82 0.36
C VAL A 38 -8.83 2.76 -1.17
N GLU A 39 -8.72 3.92 -1.82
CA GLU A 39 -8.66 4.03 -3.28
C GLU A 39 -7.21 3.87 -3.75
N GLY A 40 -6.31 4.69 -3.17
CA GLY A 40 -4.89 4.72 -3.57
C GLY A 40 -3.96 4.63 -2.37
N ILE A 41 -2.91 3.82 -2.48
CA ILE A 41 -1.93 3.60 -1.38
C ILE A 41 -0.51 3.87 -1.91
N LEU A 42 0.38 4.38 -1.04
CA LEU A 42 1.79 4.55 -1.36
C LEU A 42 2.64 4.43 -0.10
N CYS A 43 3.28 3.26 0.09
CA CYS A 43 4.27 3.04 1.14
C CYS A 43 5.66 3.40 0.60
N LEU A 44 6.15 4.57 1.01
CA LEU A 44 7.48 5.07 0.65
C LEU A 44 8.47 4.57 1.71
N PRO A 45 9.30 3.54 1.38
CA PRO A 45 10.22 2.94 2.36
C PRO A 45 11.36 3.91 2.77
N ILE A 46 11.33 4.31 4.04
CA ILE A 46 12.25 5.30 4.60
C ILE A 46 13.69 4.74 4.71
N GLN A 47 14.59 5.30 3.91
CA GLN A 47 16.02 4.92 3.86
C GLN A 47 16.77 5.23 5.17
N ASP A 48 16.22 6.18 5.95
CA ASP A 48 16.85 6.70 7.17
C ASP A 48 16.92 5.64 8.30
N SER A 49 15.84 4.86 8.47
CA SER A 49 15.73 3.85 9.54
C SER A 49 14.62 2.83 9.24
N ASP A 50 14.38 1.89 10.18
CA ASP A 50 13.39 0.79 10.02
C ASP A 50 11.95 1.32 10.12
N LYS A 51 11.49 1.96 9.03
CA LYS A 51 10.11 2.46 8.91
C LYS A 51 9.79 2.77 7.45
N SER A 52 8.50 2.96 7.19
CA SER A 52 7.95 3.28 5.87
C SER A 52 6.76 4.24 6.07
N HIS A 53 6.65 5.23 5.18
CA HIS A 53 5.62 6.29 5.29
C HIS A 53 4.53 6.03 4.23
N ILE A 54 3.33 5.61 4.68
CA ILE A 54 2.23 5.22 3.80
C ILE A 54 1.21 6.38 3.67
N TRP A 55 0.72 6.62 2.44
CA TRP A 55 -0.38 7.57 2.20
C TRP A 55 -1.62 6.80 1.74
N LEU A 56 -2.74 7.05 2.42
CA LEU A 56 -4.03 6.42 2.14
C LEU A 56 -4.98 7.47 1.57
N LEU A 57 -5.26 7.35 0.28
CA LEU A 57 -6.18 8.21 -0.46
C LEU A 57 -7.58 7.62 -0.31
N VAL A 58 -8.34 8.17 0.63
CA VAL A 58 -9.73 7.77 0.88
C VAL A 58 -10.54 9.04 1.15
N ASN A 59 -11.81 9.08 0.78
CA ASN A 59 -12.70 10.20 1.14
C ASN A 59 -12.86 10.30 2.67
N ASP A 60 -12.92 11.54 3.17
CA ASP A 60 -13.05 11.84 4.60
C ASP A 60 -14.40 11.34 5.15
N ASP A 61 -14.38 10.97 6.42
CA ASP A 61 -15.50 10.31 7.13
C ASP A 61 -15.79 11.11 8.41
N GLN A 62 -17.00 10.98 8.96
CA GLN A 62 -17.35 11.54 10.28
C GLN A 62 -16.56 10.81 11.38
N ARG A 63 -16.23 9.53 11.12
CA ARG A 63 -15.42 8.67 11.98
C ARG A 63 -13.91 8.97 11.82
N LEU A 64 -13.52 9.48 10.63
CA LEU A 64 -12.11 9.54 10.12
C LEU A 64 -11.07 9.93 11.22
N GLU A 65 -11.28 11.11 11.85
CA GLU A 65 -10.37 11.67 12.88
C GLU A 65 -10.33 10.82 14.16
N GLN A 66 -11.49 10.25 14.51
CA GLN A 66 -11.64 9.37 15.69
C GLN A 66 -10.93 8.03 15.44
N MET A 67 -10.99 7.56 14.18
CA MET A 67 -10.34 6.32 13.76
C MET A 67 -8.81 6.54 13.63
N ILE A 68 -8.44 7.80 13.29
CA ILE A 68 -7.05 8.27 13.26
C ILE A 68 -6.45 8.24 14.68
N SER A 69 -7.23 8.68 15.67
CA SER A 69 -6.81 8.69 17.08
C SER A 69 -6.66 7.25 17.61
N GLN A 70 -7.49 6.34 17.08
CA GLN A 70 -7.50 4.93 17.44
C GLN A 70 -6.22 4.24 16.91
N ILE A 71 -5.83 4.55 15.66
CA ILE A 71 -4.62 3.95 15.03
C ILE A 71 -3.33 4.68 15.48
N ASP A 72 -3.47 5.97 15.84
CA ASP A 72 -2.36 6.84 16.32
C ASP A 72 -1.68 6.24 17.56
N LYS A 73 -2.51 5.71 18.47
CA LYS A 73 -2.04 5.18 19.76
C LYS A 73 -1.41 3.76 19.63
N LEU A 74 -1.20 3.29 18.38
CA LEU A 74 -0.46 2.05 18.08
C LEU A 74 1.06 2.33 18.05
N GLU A 75 1.85 1.31 18.44
CA GLU A 75 3.32 1.40 18.55
C GLU A 75 4.01 1.22 17.18
N ASP A 76 3.28 0.65 16.22
CA ASP A 76 3.73 0.58 14.82
C ASP A 76 3.70 1.97 14.17
N VAL A 77 2.56 2.67 14.30
CA VAL A 77 2.42 4.05 13.84
C VAL A 77 3.34 4.99 14.65
N VAL A 78 4.46 5.38 14.03
CA VAL A 78 5.40 6.37 14.57
C VAL A 78 4.76 7.78 14.48
N LYS A 79 4.18 8.06 13.30
CA LYS A 79 3.53 9.35 13.00
C LYS A 79 2.20 9.10 12.28
N VAL A 80 1.16 9.88 12.63
CA VAL A 80 -0.11 9.91 11.88
C VAL A 80 -0.43 11.39 11.53
N GLN A 81 -0.86 11.60 10.29
CA GLN A 81 -1.07 12.93 9.68
C GLN A 81 -2.17 12.81 8.63
N ARG A 82 -2.87 13.91 8.34
CA ARG A 82 -3.93 13.94 7.29
C ARG A 82 -3.99 15.34 6.66
N ASN A 83 -4.13 15.36 5.32
CA ASN A 83 -4.18 16.61 4.52
C ASN A 83 -5.16 16.43 3.37
N GLN A 84 -6.07 17.39 3.18
CA GLN A 84 -7.09 17.33 2.12
C GLN A 84 -6.52 17.95 0.84
N SER A 85 -5.89 17.10 0.02
CA SER A 85 -5.21 17.49 -1.22
C SER A 85 -5.62 16.55 -2.36
N ASP A 86 -5.31 16.95 -3.59
CA ASP A 86 -5.64 16.21 -4.83
C ASP A 86 -4.73 14.97 -4.96
N PRO A 87 -5.21 13.88 -5.64
CA PRO A 87 -4.54 12.55 -5.65
C PRO A 87 -3.05 12.57 -6.10
N THR A 88 -2.67 13.54 -6.96
CA THR A 88 -1.30 13.60 -7.57
C THR A 88 -0.20 13.88 -6.53
N MET A 89 -0.61 14.15 -5.27
CA MET A 89 0.27 14.21 -4.10
C MET A 89 1.19 12.97 -4.04
N PHE A 90 0.60 11.77 -4.34
CA PHE A 90 1.31 10.48 -4.30
C PHE A 90 2.49 10.49 -5.32
N ASN A 91 2.24 11.08 -6.49
CA ASN A 91 3.22 11.19 -7.58
C ASN A 91 4.33 12.19 -7.19
N LYS A 92 3.89 13.32 -6.62
CA LYS A 92 4.78 14.44 -6.25
C LYS A 92 5.87 14.02 -5.24
N ILE A 93 5.48 13.21 -4.24
CA ILE A 93 6.43 12.71 -3.21
C ILE A 93 7.25 11.50 -3.75
N ALA A 94 6.64 10.73 -4.68
CA ALA A 94 7.27 9.53 -5.27
C ALA A 94 8.55 9.87 -6.05
N VAL A 95 8.57 11.06 -6.69
CA VAL A 95 9.74 11.53 -7.47
C VAL A 95 10.91 11.93 -6.55
N PHE A 96 10.62 12.33 -5.31
CA PHE A 96 11.65 12.74 -4.33
C PHE A 96 12.18 11.53 -3.55
N PHE A 97 11.29 10.53 -3.28
CA PHE A 97 11.62 9.28 -2.54
C PHE A 97 12.02 9.56 -1.05
N GLN A 98 11.73 10.78 -0.59
CA GLN A 98 12.11 11.24 0.76
C GLN A 98 10.85 11.76 1.48
N GLY B 1 13.81 -0.45 6.07
CA GLY B 1 14.70 0.66 5.65
C GLY B 1 15.33 0.38 4.29
N SER B 2 14.80 1.02 3.24
CA SER B 2 15.25 0.81 1.84
C SER B 2 16.53 1.62 1.53
N MET B 3 16.95 1.57 0.27
CA MET B 3 18.14 2.27 -0.25
C MET B 3 18.09 2.21 -1.79
N GLN B 4 19.04 2.88 -2.49
CA GLN B 4 19.14 2.80 -3.97
C GLN B 4 19.69 1.40 -4.35
N ASN B 5 18.80 0.39 -4.33
CA ASN B 5 19.16 -1.02 -4.48
C ASN B 5 19.33 -1.36 -5.96
N THR B 6 20.60 -1.44 -6.39
CA THR B 6 20.96 -1.73 -7.79
C THR B 6 20.73 -3.23 -8.11
N THR B 7 20.71 -4.07 -7.06
CA THR B 7 20.47 -5.50 -7.15
C THR B 7 18.96 -5.79 -7.30
N HIS B 8 18.62 -6.87 -8.01
CA HIS B 8 17.23 -7.30 -8.23
C HIS B 8 16.88 -8.50 -7.33
N ASP B 9 17.41 -8.47 -6.09
CA ASP B 9 17.00 -9.40 -5.02
C ASP B 9 15.57 -9.08 -4.60
N ASN B 10 15.22 -7.78 -4.69
CA ASN B 10 13.84 -7.31 -4.49
C ASN B 10 13.04 -7.60 -5.77
N VAL B 11 11.77 -7.96 -5.58
CA VAL B 11 10.84 -8.29 -6.66
C VAL B 11 9.71 -7.29 -6.64
N ILE B 12 9.36 -6.81 -7.81
CA ILE B 12 8.22 -5.95 -8.03
C ILE B 12 7.02 -6.87 -8.27
N LEU B 13 6.35 -7.24 -7.18
CA LEU B 13 5.25 -8.20 -7.23
C LEU B 13 3.95 -7.44 -7.49
N GLU B 14 3.46 -7.55 -8.71
CA GLU B 14 2.26 -6.87 -9.17
C GLU B 14 1.05 -7.74 -8.82
N LEU B 15 -0.02 -7.11 -8.33
CA LEU B 15 -1.32 -7.77 -8.18
C LEU B 15 -2.42 -6.72 -8.31
N THR B 16 -3.19 -6.83 -9.38
CA THR B 16 -4.31 -5.96 -9.65
C THR B 16 -5.54 -6.56 -8.98
N VAL B 17 -5.93 -5.99 -7.84
CA VAL B 17 -7.06 -6.49 -7.05
C VAL B 17 -8.25 -5.54 -7.21
N ARG B 18 -9.44 -6.11 -7.45
CA ARG B 18 -10.69 -5.35 -7.49
C ARG B 18 -11.19 -5.10 -6.07
N ASN B 19 -11.55 -3.84 -5.79
CA ASN B 19 -11.76 -3.30 -4.43
C ASN B 19 -13.08 -3.81 -3.81
N HIS B 20 -13.02 -5.06 -3.30
CA HIS B 20 -14.06 -5.62 -2.40
C HIS B 20 -13.71 -5.20 -0.95
N PRO B 21 -14.69 -5.22 0.02
CA PRO B 21 -14.43 -4.87 1.44
C PRO B 21 -13.27 -5.67 2.10
N GLY B 22 -12.09 -5.01 2.21
CA GLY B 22 -10.93 -5.55 2.95
C GLY B 22 -9.94 -6.33 2.09
N VAL B 23 -9.88 -6.04 0.78
CA VAL B 23 -8.90 -6.69 -0.14
C VAL B 23 -7.45 -6.23 0.13
N MET B 24 -7.32 -5.00 0.65
CA MET B 24 -6.02 -4.46 1.10
C MET B 24 -5.46 -5.34 2.24
N THR B 25 -6.38 -5.79 3.11
CA THR B 25 -6.08 -6.63 4.29
C THR B 25 -5.69 -8.06 3.86
N HIS B 26 -6.25 -8.53 2.71
CA HIS B 26 -5.92 -9.83 2.10
C HIS B 26 -4.41 -9.89 1.77
N VAL B 27 -3.99 -8.97 0.87
CA VAL B 27 -2.62 -8.97 0.33
C VAL B 27 -1.58 -8.75 1.46
N CYS B 28 -1.85 -7.75 2.32
CA CYS B 28 -0.96 -7.39 3.44
C CYS B 28 -0.87 -8.53 4.48
N GLY B 29 -2.00 -9.24 4.66
CA GLY B 29 -2.07 -10.39 5.55
C GLY B 29 -1.28 -11.59 5.03
N LEU B 30 -1.29 -11.77 3.70
CA LEU B 30 -0.64 -12.89 3.01
C LEU B 30 0.89 -12.71 2.96
N PHE B 31 1.37 -11.45 2.92
CA PHE B 31 2.82 -11.16 3.00
C PHE B 31 3.32 -11.20 4.45
N ALA B 32 2.45 -10.81 5.40
CA ALA B 32 2.75 -10.89 6.83
C ALA B 32 2.94 -12.35 7.28
N ARG B 33 1.96 -13.21 6.93
CA ARG B 33 1.96 -14.64 7.32
C ARG B 33 2.92 -15.48 6.45
N ARG B 34 3.46 -14.87 5.38
CA ARG B 34 4.45 -15.53 4.49
C ARG B 34 5.73 -15.82 5.30
N ALA B 35 6.38 -14.74 5.77
CA ALA B 35 7.61 -14.82 6.57
C ALA B 35 8.01 -13.40 7.01
N PHE B 36 8.23 -12.52 6.02
CA PHE B 36 8.74 -11.16 6.23
C PHE B 36 7.77 -10.13 5.61
N ASN B 37 7.86 -8.88 6.09
CA ASN B 37 7.01 -7.76 5.64
C ASN B 37 7.34 -7.32 4.20
N VAL B 38 6.62 -6.29 3.73
CA VAL B 38 6.93 -5.59 2.46
C VAL B 38 7.70 -4.31 2.79
N GLU B 39 8.64 -3.93 1.92
CA GLU B 39 9.45 -2.71 2.08
C GLU B 39 8.69 -1.51 1.49
N GLY B 40 8.26 -1.64 0.21
CA GLY B 40 7.60 -0.55 -0.51
C GLY B 40 6.32 -1.01 -1.19
N ILE B 41 5.25 -0.21 -1.09
CA ILE B 41 3.92 -0.54 -1.66
C ILE B 41 3.46 0.63 -2.56
N LEU B 42 2.71 0.31 -3.62
CA LEU B 42 2.09 1.32 -4.49
C LEU B 42 0.79 0.76 -5.09
N CYS B 43 -0.34 1.17 -4.52
CA CYS B 43 -1.67 0.89 -5.09
C CYS B 43 -2.05 2.02 -6.03
N LEU B 44 -1.93 1.74 -7.34
CA LEU B 44 -2.31 2.67 -8.41
C LEU B 44 -3.79 2.45 -8.74
N PRO B 45 -4.71 3.36 -8.32
CA PRO B 45 -6.15 3.17 -8.52
C PRO B 45 -6.52 3.26 -10.02
N ILE B 46 -7.02 2.14 -10.58
CA ILE B 46 -7.33 1.99 -12.00
C ILE B 46 -8.62 2.76 -12.36
N GLN B 47 -8.44 3.83 -13.17
CA GLN B 47 -9.54 4.72 -13.64
C GLN B 47 -10.55 4.00 -14.55
N ASP B 48 -10.10 2.89 -15.17
CA ASP B 48 -10.87 2.13 -16.16
C ASP B 48 -12.11 1.44 -15.54
N SER B 49 -11.96 0.86 -14.34
CA SER B 49 -13.04 0.12 -13.65
C SER B 49 -12.72 -0.07 -12.15
N ASP B 50 -13.61 -0.78 -11.42
CA ASP B 50 -13.49 -0.98 -9.96
C ASP B 50 -12.35 -1.96 -9.60
N LYS B 51 -11.12 -1.44 -9.66
CA LYS B 51 -9.90 -2.17 -9.29
C LYS B 51 -8.73 -1.22 -9.10
N SER B 52 -7.66 -1.73 -8.47
CA SER B 52 -6.43 -1.01 -8.20
C SER B 52 -5.26 -2.00 -8.36
N HIS B 53 -4.15 -1.53 -8.95
CA HIS B 53 -2.98 -2.36 -9.26
C HIS B 53 -1.86 -2.05 -8.25
N ILE B 54 -1.58 -2.99 -7.33
CA ILE B 54 -0.61 -2.79 -6.24
C ILE B 54 0.73 -3.46 -6.60
N TRP B 55 1.85 -2.76 -6.29
CA TRP B 55 3.21 -3.33 -6.42
C TRP B 55 3.81 -3.50 -5.03
N LEU B 56 4.29 -4.72 -4.73
CA LEU B 56 4.91 -5.07 -3.45
C LEU B 56 6.40 -5.32 -3.67
N LEU B 57 7.20 -4.39 -3.18
CA LEU B 57 8.67 -4.45 -3.22
C LEU B 57 9.14 -5.22 -1.98
N VAL B 58 9.40 -6.51 -2.18
CA VAL B 58 9.94 -7.40 -1.15
C VAL B 58 10.99 -8.28 -1.81
N ASN B 59 12.04 -8.67 -1.08
CA ASN B 59 13.00 -9.65 -1.59
C ASN B 59 12.30 -10.99 -1.88
N ASP B 60 12.78 -11.68 -2.92
CA ASP B 60 12.27 -12.98 -3.35
C ASP B 60 12.53 -14.06 -2.29
N ASP B 61 11.64 -15.05 -2.26
CA ASP B 61 11.58 -16.11 -1.25
C ASP B 61 11.49 -17.47 -1.95
N GLN B 62 11.91 -18.54 -1.28
CA GLN B 62 11.71 -19.93 -1.75
C GLN B 62 10.21 -20.26 -1.79
N ARG B 63 9.45 -19.61 -0.90
CA ARG B 63 7.98 -19.72 -0.81
C ARG B 63 7.28 -18.83 -1.86
N LEU B 64 7.96 -17.74 -2.28
CA LEU B 64 7.38 -16.57 -3.03
C LEU B 64 6.37 -16.98 -4.12
N GLU B 65 6.81 -17.83 -5.08
CA GLU B 65 5.98 -18.28 -6.23
C GLU B 65 4.78 -19.15 -5.79
N GLN B 66 5.01 -19.96 -4.75
CA GLN B 66 3.97 -20.86 -4.18
C GLN B 66 2.91 -20.03 -3.43
N MET B 67 3.38 -18.94 -2.80
CA MET B 67 2.52 -18.00 -2.07
C MET B 67 1.75 -17.12 -3.06
N ILE B 68 2.39 -16.86 -4.23
CA ILE B 68 1.78 -16.17 -5.38
C ILE B 68 0.62 -16.99 -5.93
N SER B 69 0.84 -18.31 -6.05
CA SER B 69 -0.19 -19.25 -6.55
C SER B 69 -1.38 -19.33 -5.57
N GLN B 70 -1.08 -19.17 -4.27
CA GLN B 70 -2.06 -19.20 -3.19
C GLN B 70 -2.96 -17.95 -3.25
N ILE B 71 -2.36 -16.76 -3.46
CA ILE B 71 -3.10 -15.49 -3.53
C ILE B 71 -3.75 -15.28 -4.92
N ASP B 72 -3.14 -15.89 -5.95
CA ASP B 72 -3.63 -15.86 -7.35
C ASP B 72 -5.06 -16.38 -7.46
N LYS B 73 -5.33 -17.48 -6.75
CA LYS B 73 -6.63 -18.18 -6.82
C LYS B 73 -7.72 -17.48 -5.97
N LEU B 74 -7.45 -16.24 -5.50
CA LEU B 74 -8.44 -15.37 -4.84
C LEU B 74 -9.23 -14.58 -5.90
N GLU B 75 -10.50 -14.28 -5.58
CA GLU B 75 -11.44 -13.58 -6.48
C GLU B 75 -11.25 -12.06 -6.45
N ASP B 76 -10.56 -11.56 -5.43
CA ASP B 76 -10.13 -10.14 -5.35
C ASP B 76 -9.00 -9.89 -6.35
N VAL B 77 -7.95 -10.73 -6.30
CA VAL B 77 -6.85 -10.68 -7.26
C VAL B 77 -7.36 -11.02 -8.67
N VAL B 78 -7.49 -9.97 -9.50
CA VAL B 78 -7.82 -10.10 -10.93
C VAL B 78 -6.59 -10.64 -11.68
N LYS B 79 -5.43 -10.03 -11.39
CA LYS B 79 -4.14 -10.36 -12.02
C LYS B 79 -3.05 -10.45 -10.95
N VAL B 80 -2.15 -11.45 -11.07
CA VAL B 80 -0.93 -11.54 -10.26
C VAL B 80 0.27 -11.69 -11.22
N GLN B 81 1.34 -10.96 -10.94
CA GLN B 81 2.53 -10.80 -11.80
C GLN B 81 3.75 -10.53 -10.88
N ARG B 82 4.95 -10.86 -11.35
CA ARG B 82 6.19 -10.60 -10.59
C ARG B 82 7.36 -10.38 -11.56
N ASN B 83 8.19 -9.37 -11.27
CA ASN B 83 9.33 -8.98 -12.11
C ASN B 83 10.48 -8.52 -11.21
N GLN B 84 11.70 -9.06 -11.45
CA GLN B 84 12.88 -8.72 -10.64
C GLN B 84 13.55 -7.47 -11.23
N SER B 85 13.13 -6.31 -10.72
CA SER B 85 13.61 -4.99 -11.17
C SER B 85 13.97 -4.13 -9.95
N ASP B 86 14.67 -3.02 -10.23
CA ASP B 86 15.14 -2.06 -9.21
C ASP B 86 13.96 -1.22 -8.69
N PRO B 87 14.02 -0.72 -7.40
CA PRO B 87 12.86 -0.09 -6.69
C PRO B 87 12.18 1.08 -7.44
N THR B 88 12.94 1.82 -8.30
CA THR B 88 12.44 3.05 -8.97
C THR B 88 11.32 2.76 -9.99
N MET B 89 11.05 1.46 -10.24
CA MET B 89 9.87 0.96 -10.98
C MET B 89 8.58 1.64 -10.49
N PHE B 90 8.46 1.78 -9.14
CA PHE B 90 7.27 2.37 -8.49
C PHE B 90 7.09 3.84 -8.95
N ASN B 91 8.21 4.56 -9.09
CA ASN B 91 8.23 5.96 -9.51
C ASN B 91 7.90 6.07 -11.01
N LYS B 92 8.46 5.15 -11.81
CA LYS B 92 8.34 5.15 -13.26
C LYS B 92 6.87 4.99 -13.73
N ILE B 93 6.11 4.11 -13.05
CA ILE B 93 4.67 3.88 -13.35
C ILE B 93 3.78 4.99 -12.73
N ALA B 94 4.25 5.57 -11.60
CA ALA B 94 3.50 6.60 -10.86
C ALA B 94 3.31 7.89 -11.69
N VAL B 95 4.30 8.19 -12.57
CA VAL B 95 4.26 9.40 -13.42
C VAL B 95 3.25 9.24 -14.59
N PHE B 96 2.97 7.98 -14.96
CA PHE B 96 2.01 7.68 -16.04
C PHE B 96 0.58 7.54 -15.48
N PHE B 97 0.48 7.01 -14.23
CA PHE B 97 -0.81 6.75 -13.53
C PHE B 97 -1.67 5.68 -14.26
N GLN B 98 -1.04 5.01 -15.24
CA GLN B 98 -1.70 4.07 -16.15
C GLN B 98 -0.79 2.83 -16.33
N GLY A 1 -18.08 11.87 1.23
CA GLY A 1 -18.37 10.42 1.28
C GLY A 1 -18.72 9.85 -0.10
N SER A 2 -17.68 9.56 -0.89
CA SER A 2 -17.82 9.01 -2.24
C SER A 2 -17.28 7.57 -2.25
N MET A 3 -18.07 6.64 -2.81
CA MET A 3 -17.69 5.23 -2.94
C MET A 3 -16.74 5.04 -4.15
N GLN A 4 -16.92 5.90 -5.18
CA GLN A 4 -16.08 5.87 -6.39
C GLN A 4 -14.79 6.68 -6.20
N ASN A 5 -13.82 6.46 -7.12
CA ASN A 5 -12.53 7.17 -7.14
C ASN A 5 -12.75 8.68 -7.38
N THR A 6 -12.47 9.48 -6.36
CA THR A 6 -12.75 10.92 -6.35
C THR A 6 -11.57 11.66 -5.68
N THR A 7 -10.68 12.26 -6.52
CA THR A 7 -9.42 12.88 -6.05
C THR A 7 -9.66 14.30 -5.44
N HIS A 8 -10.32 14.29 -4.26
CA HIS A 8 -10.56 15.48 -3.41
C HIS A 8 -11.39 15.04 -2.18
N ASP A 9 -12.33 14.10 -2.42
CA ASP A 9 -13.22 13.53 -1.37
C ASP A 9 -12.46 12.47 -0.57
N ASN A 10 -11.49 11.83 -1.24
CA ASN A 10 -10.50 10.97 -0.59
C ASN A 10 -9.45 11.88 0.09
N VAL A 11 -8.83 11.37 1.14
CA VAL A 11 -7.82 12.08 1.93
C VAL A 11 -6.54 11.26 1.96
N ILE A 12 -5.41 11.95 1.95
CA ILE A 12 -4.09 11.34 1.96
C ILE A 12 -3.67 11.17 3.44
N LEU A 13 -3.87 9.97 3.99
CA LEU A 13 -3.54 9.70 5.41
C LEU A 13 -2.08 9.29 5.51
N GLU A 14 -1.22 10.26 5.86
CA GLU A 14 0.22 10.06 5.99
C GLU A 14 0.49 9.56 7.40
N LEU A 15 0.59 8.25 7.54
CA LEU A 15 0.97 7.63 8.81
C LEU A 15 2.36 6.98 8.64
N THR A 16 3.32 7.46 9.45
CA THR A 16 4.67 6.92 9.45
C THR A 16 4.67 5.71 10.38
N VAL A 17 4.87 4.52 9.83
CA VAL A 17 5.00 3.29 10.61
C VAL A 17 6.39 2.70 10.37
N ARG A 18 6.93 2.04 11.38
CA ARG A 18 8.20 1.31 11.29
C ARG A 18 7.92 -0.17 11.03
N ASN A 19 8.78 -0.80 10.20
CA ASN A 19 8.55 -2.14 9.63
C ASN A 19 8.64 -3.24 10.73
N HIS A 20 7.48 -3.44 11.38
CA HIS A 20 7.23 -4.53 12.36
C HIS A 20 6.24 -5.55 11.73
N PRO A 21 6.08 -6.80 12.29
CA PRO A 21 5.16 -7.86 11.74
C PRO A 21 3.73 -7.37 11.37
N GLY A 22 3.49 -7.24 10.04
CA GLY A 22 2.17 -6.97 9.46
C GLY A 22 1.57 -5.62 9.86
N VAL A 23 2.42 -4.59 9.99
CA VAL A 23 1.98 -3.24 10.36
C VAL A 23 1.29 -2.52 9.18
N MET A 24 1.67 -2.89 7.95
CA MET A 24 0.97 -2.43 6.74
C MET A 24 -0.46 -3.05 6.69
N THR A 25 -0.58 -4.29 7.24
CA THR A 25 -1.86 -4.99 7.39
C THR A 25 -2.73 -4.31 8.49
N HIS A 26 -2.05 -3.74 9.53
CA HIS A 26 -2.73 -3.00 10.62
C HIS A 26 -3.44 -1.76 10.05
N VAL A 27 -2.67 -0.93 9.34
CA VAL A 27 -3.14 0.39 8.86
C VAL A 27 -4.27 0.25 7.83
N CYS A 28 -4.08 -0.69 6.87
CA CYS A 28 -5.05 -0.94 5.80
C CYS A 28 -6.34 -1.52 6.39
N GLY A 29 -6.18 -2.48 7.32
CA GLY A 29 -7.31 -3.14 7.98
C GLY A 29 -8.07 -2.23 8.92
N LEU A 30 -7.37 -1.23 9.49
CA LEU A 30 -7.91 -0.28 10.48
C LEU A 30 -8.98 0.61 9.83
N PHE A 31 -8.65 1.18 8.66
CA PHE A 31 -9.59 2.06 7.92
C PHE A 31 -10.60 1.27 7.07
N ALA A 32 -10.22 0.06 6.65
CA ALA A 32 -11.12 -0.86 5.90
C ALA A 32 -12.32 -1.31 6.76
N ARG A 33 -12.05 -1.57 8.06
CA ARG A 33 -13.07 -2.07 9.02
C ARG A 33 -14.04 -0.96 9.47
N ARG A 34 -13.78 0.30 9.06
CA ARG A 34 -14.66 1.45 9.35
C ARG A 34 -16.00 1.23 8.62
N ALA A 35 -15.94 1.26 7.28
CA ALA A 35 -17.13 1.19 6.40
C ALA A 35 -16.69 1.12 4.94
N PHE A 36 -15.81 2.06 4.56
CA PHE A 36 -15.27 2.17 3.19
C PHE A 36 -13.83 1.65 3.15
N ASN A 37 -13.44 1.07 2.01
CA ASN A 37 -12.08 0.56 1.76
C ASN A 37 -11.12 1.69 1.39
N VAL A 38 -9.85 1.36 1.19
CA VAL A 38 -8.83 2.32 0.76
C VAL A 38 -8.82 2.38 -0.78
N GLU A 39 -9.12 3.58 -1.33
CA GLU A 39 -9.06 3.87 -2.78
C GLU A 39 -7.66 3.59 -3.34
N GLY A 40 -6.62 4.14 -2.67
CA GLY A 40 -5.23 4.03 -3.15
C GLY A 40 -4.22 4.05 -2.01
N ILE A 41 -3.07 3.40 -2.19
CA ILE A 41 -2.01 3.27 -1.14
C ILE A 41 -0.65 3.64 -1.74
N LEU A 42 0.26 4.16 -0.89
CA LEU A 42 1.69 4.30 -1.24
C LEU A 42 2.52 4.21 0.05
N CYS A 43 3.19 3.08 0.24
CA CYS A 43 4.19 2.88 1.32
C CYS A 43 5.59 3.17 0.75
N LEU A 44 6.16 4.32 1.13
CA LEU A 44 7.49 4.76 0.71
C LEU A 44 8.47 4.50 1.87
N PRO A 45 9.30 3.40 1.80
CA PRO A 45 10.23 3.05 2.89
C PRO A 45 11.45 3.98 2.95
N ILE A 46 11.59 4.71 4.08
CA ILE A 46 12.75 5.57 4.31
C ILE A 46 13.95 4.66 4.65
N GLN A 47 14.89 4.56 3.70
CA GLN A 47 16.10 3.71 3.81
C GLN A 47 17.01 4.09 4.99
N ASP A 48 16.88 5.34 5.46
CA ASP A 48 17.74 5.94 6.49
C ASP A 48 17.54 5.30 7.88
N SER A 49 16.27 5.05 8.27
CA SER A 49 15.92 4.62 9.64
C SER A 49 14.64 3.75 9.65
N ASP A 50 14.23 3.32 10.87
CA ASP A 50 12.99 2.55 11.10
C ASP A 50 11.76 3.46 10.94
N LYS A 51 11.38 3.70 9.69
CA LYS A 51 10.22 4.54 9.34
C LYS A 51 9.85 4.32 7.85
N SER A 52 8.55 4.41 7.58
CA SER A 52 7.97 4.29 6.24
C SER A 52 6.66 5.08 6.23
N HIS A 53 6.47 5.98 5.26
CA HIS A 53 5.23 6.78 5.16
C HIS A 53 4.22 6.06 4.25
N ILE A 54 3.10 5.61 4.82
CA ILE A 54 2.02 4.95 4.07
C ILE A 54 0.88 5.97 3.90
N TRP A 55 0.68 6.47 2.67
CA TRP A 55 -0.40 7.39 2.34
C TRP A 55 -1.65 6.58 1.92
N LEU A 56 -2.66 6.57 2.80
CA LEU A 56 -3.92 5.85 2.57
C LEU A 56 -5.01 6.82 2.08
N LEU A 57 -5.42 6.63 0.82
CA LEU A 57 -6.46 7.42 0.16
C LEU A 57 -7.81 6.77 0.45
N VAL A 58 -8.60 7.46 1.28
CA VAL A 58 -9.95 7.00 1.71
C VAL A 58 -10.81 8.24 1.99
N ASN A 59 -12.13 8.16 1.80
CA ASN A 59 -13.01 9.31 2.14
C ASN A 59 -13.01 9.55 3.66
N ASP A 60 -12.83 10.82 4.08
CA ASP A 60 -12.84 11.19 5.50
C ASP A 60 -14.26 11.06 6.07
N ASP A 61 -14.35 10.46 7.25
CA ASP A 61 -15.62 10.11 7.89
C ASP A 61 -15.49 10.41 9.39
N GLN A 62 -16.63 10.66 10.06
CA GLN A 62 -16.68 10.98 11.50
C GLN A 62 -15.96 9.90 12.36
N ARG A 63 -16.24 8.64 12.03
CA ARG A 63 -15.68 7.47 12.73
C ARG A 63 -14.26 7.17 12.23
N LEU A 64 -13.96 7.53 10.97
CA LEU A 64 -12.60 7.39 10.39
C LEU A 64 -11.60 8.21 11.22
N GLU A 65 -11.99 9.46 11.56
CA GLU A 65 -11.17 10.40 12.37
C GLU A 65 -10.81 9.80 13.74
N GLN A 66 -11.83 9.17 14.36
CA GLN A 66 -11.71 8.50 15.67
C GLN A 66 -10.70 7.33 15.58
N MET A 67 -10.74 6.65 14.43
CA MET A 67 -9.87 5.50 14.12
C MET A 67 -8.43 5.97 13.76
N ILE A 68 -8.29 7.18 13.19
CA ILE A 68 -6.97 7.82 12.93
C ILE A 68 -6.29 8.12 14.28
N SER A 69 -7.11 8.61 15.24
CA SER A 69 -6.66 8.94 16.59
C SER A 69 -6.30 7.67 17.39
N GLN A 70 -7.04 6.58 17.14
CA GLN A 70 -6.88 5.29 17.84
C GLN A 70 -5.57 4.61 17.41
N ILE A 71 -5.38 4.49 16.08
CA ILE A 71 -4.20 3.83 15.50
C ILE A 71 -2.92 4.63 15.79
N ASP A 72 -3.08 5.95 15.95
CA ASP A 72 -2.00 6.87 16.32
C ASP A 72 -1.36 6.47 17.68
N LYS A 73 -2.17 5.95 18.59
CA LYS A 73 -1.72 5.60 19.95
C LYS A 73 -0.84 4.31 19.96
N LEU A 74 -0.79 3.60 18.81
CA LEU A 74 0.02 2.38 18.65
C LEU A 74 1.50 2.72 18.44
N GLU A 75 2.39 1.84 18.92
CA GLU A 75 3.86 2.05 18.93
C GLU A 75 4.51 1.78 17.55
N ASP A 76 3.88 0.88 16.75
CA ASP A 76 4.30 0.62 15.37
C ASP A 76 4.10 1.87 14.50
N VAL A 77 2.98 2.57 14.75
CA VAL A 77 2.76 3.93 14.26
C VAL A 77 3.72 4.89 15.01
N VAL A 78 4.66 5.45 14.24
CA VAL A 78 5.58 6.51 14.71
C VAL A 78 4.87 7.89 14.62
N LYS A 79 4.09 8.09 13.53
CA LYS A 79 3.36 9.35 13.22
C LYS A 79 2.05 9.02 12.47
N VAL A 80 1.07 9.93 12.57
CA VAL A 80 -0.13 9.98 11.69
C VAL A 80 -0.35 11.44 11.24
N GLN A 81 -0.93 11.64 10.05
CA GLN A 81 -1.19 12.97 9.48
C GLN A 81 -2.39 12.88 8.52
N ARG A 82 -3.18 13.96 8.43
CA ARG A 82 -4.42 14.00 7.64
C ARG A 82 -4.30 15.08 6.56
N ASN A 83 -3.79 14.69 5.38
CA ASN A 83 -3.60 15.59 4.22
C ASN A 83 -4.80 15.47 3.28
N GLN A 84 -5.08 16.54 2.51
CA GLN A 84 -6.11 16.51 1.44
C GLN A 84 -5.46 16.05 0.13
N SER A 85 -6.26 15.42 -0.75
CA SER A 85 -5.74 14.72 -1.94
C SER A 85 -5.40 15.67 -3.09
N ASP A 86 -4.47 15.22 -3.95
CA ASP A 86 -3.84 16.04 -5.00
C ASP A 86 -3.49 15.13 -6.20
N PRO A 87 -3.71 15.57 -7.48
CA PRO A 87 -3.37 14.76 -8.70
C PRO A 87 -1.86 14.42 -8.82
N THR A 88 -1.00 15.39 -8.47
CA THR A 88 0.48 15.26 -8.60
C THR A 88 1.11 14.59 -7.36
N MET A 89 0.27 14.26 -6.34
CA MET A 89 0.72 13.81 -5.01
C MET A 89 1.67 12.60 -5.10
N PHE A 90 1.23 11.50 -5.78
CA PHE A 90 2.00 10.24 -5.93
C PHE A 90 3.42 10.49 -6.48
N ASN A 91 3.51 11.30 -7.56
CA ASN A 91 4.78 11.63 -8.22
C ASN A 91 5.66 12.52 -7.29
N LYS A 92 4.98 13.46 -6.60
CA LYS A 92 5.60 14.46 -5.70
C LYS A 92 6.57 13.81 -4.69
N ILE A 93 6.06 12.87 -3.88
CA ILE A 93 6.88 12.22 -2.85
C ILE A 93 7.73 11.06 -3.40
N ALA A 94 7.28 10.43 -4.50
CA ALA A 94 8.00 9.30 -5.15
C ALA A 94 9.44 9.68 -5.53
N VAL A 95 9.61 10.92 -6.03
CA VAL A 95 10.94 11.45 -6.40
C VAL A 95 11.78 11.83 -5.15
N PHE A 96 11.09 12.12 -4.02
CA PHE A 96 11.74 12.45 -2.73
C PHE A 96 12.30 11.18 -2.04
N PHE A 97 11.70 10.01 -2.38
CA PHE A 97 12.11 8.64 -1.94
C PHE A 97 12.24 8.43 -0.41
N GLN A 98 11.88 9.45 0.41
CA GLN A 98 11.91 9.38 1.88
C GLN A 98 10.67 10.15 2.42
N GLY B 1 17.19 -12.58 0.15
CA GLY B 1 16.73 -12.59 1.54
C GLY B 1 17.61 -11.77 2.47
N SER B 2 17.56 -10.44 2.30
CA SER B 2 18.15 -9.48 3.23
C SER B 2 17.03 -8.79 4.02
N MET B 3 17.15 -8.80 5.36
CA MET B 3 16.25 -8.04 6.26
C MET B 3 16.40 -6.53 5.99
N GLN B 4 17.64 -6.14 5.61
CA GLN B 4 17.94 -4.80 5.11
C GLN B 4 17.16 -4.52 3.82
N ASN B 5 16.46 -3.37 3.75
CA ASN B 5 15.72 -2.94 2.56
C ASN B 5 16.72 -2.62 1.42
N THR B 6 16.56 -3.30 0.27
CA THR B 6 17.55 -3.23 -0.84
C THR B 6 16.83 -3.41 -2.19
N THR B 7 16.97 -2.42 -3.10
CA THR B 7 16.27 -2.38 -4.40
C THR B 7 16.92 -3.32 -5.45
N HIS B 8 16.75 -4.64 -5.22
CA HIS B 8 17.22 -5.73 -6.11
C HIS B 8 16.82 -7.08 -5.45
N ASP B 9 16.89 -7.10 -4.10
CA ASP B 9 16.60 -8.30 -3.28
C ASP B 9 15.09 -8.44 -3.13
N ASN B 10 14.43 -7.29 -3.05
CA ASN B 10 12.97 -7.19 -3.06
C ASN B 10 12.46 -7.35 -4.51
N VAL B 11 11.19 -7.78 -4.64
CA VAL B 11 10.54 -8.01 -5.94
C VAL B 11 9.26 -7.19 -5.99
N ILE B 12 8.93 -6.68 -7.18
CA ILE B 12 7.75 -5.87 -7.41
C ILE B 12 6.58 -6.80 -7.78
N LEU B 13 5.75 -7.16 -6.79
CA LEU B 13 4.63 -8.09 -7.01
C LEU B 13 3.41 -7.30 -7.50
N GLU B 14 3.22 -7.29 -8.82
CA GLU B 14 2.12 -6.57 -9.47
C GLU B 14 0.90 -7.49 -9.47
N LEU B 15 0.04 -7.31 -8.49
CA LEU B 15 -1.22 -8.03 -8.44
C LEU B 15 -2.37 -7.02 -8.64
N THR B 16 -3.16 -7.23 -9.70
CA THR B 16 -4.31 -6.40 -10.00
C THR B 16 -5.48 -6.93 -9.19
N VAL B 17 -5.97 -6.15 -8.24
CA VAL B 17 -7.16 -6.51 -7.45
C VAL B 17 -8.23 -5.44 -7.69
N ARG B 18 -9.49 -5.86 -7.63
CA ARG B 18 -10.64 -4.94 -7.72
C ARG B 18 -11.14 -4.62 -6.31
N ASN B 19 -11.58 -3.36 -6.11
CA ASN B 19 -11.86 -2.78 -4.78
C ASN B 19 -13.10 -3.43 -4.14
N HIS B 20 -12.85 -4.56 -3.47
CA HIS B 20 -13.82 -5.30 -2.63
C HIS B 20 -13.41 -5.13 -1.15
N PRO B 21 -14.31 -5.45 -0.14
CA PRO B 21 -14.01 -5.31 1.33
C PRO B 21 -12.63 -5.88 1.76
N GLY B 22 -11.69 -4.95 2.07
CA GLY B 22 -10.40 -5.27 2.69
C GLY B 22 -9.49 -6.16 1.84
N VAL B 23 -9.52 -5.99 0.52
CA VAL B 23 -8.69 -6.77 -0.41
C VAL B 23 -7.22 -6.31 -0.40
N MET B 24 -7.00 -5.04 -0.07
CA MET B 24 -5.65 -4.50 0.17
C MET B 24 -5.07 -5.13 1.46
N THR B 25 -5.96 -5.43 2.43
CA THR B 25 -5.61 -6.13 3.68
C THR B 25 -5.30 -7.63 3.40
N HIS B 26 -5.97 -8.21 2.37
CA HIS B 26 -5.73 -9.60 1.93
C HIS B 26 -4.29 -9.75 1.41
N VAL B 27 -3.94 -8.89 0.44
CA VAL B 27 -2.68 -8.99 -0.30
C VAL B 27 -1.46 -8.70 0.60
N CYS B 28 -1.59 -7.69 1.48
CA CYS B 28 -0.53 -7.30 2.41
C CYS B 28 -0.33 -8.40 3.47
N GLY B 29 -1.47 -8.90 4.00
CA GLY B 29 -1.47 -9.93 5.03
C GLY B 29 -0.98 -11.29 4.53
N LEU B 30 -1.18 -11.55 3.22
CA LEU B 30 -0.86 -12.83 2.57
C LEU B 30 0.66 -13.07 2.57
N PHE B 31 1.41 -12.04 2.16
CA PHE B 31 2.89 -12.11 2.08
C PHE B 31 3.56 -11.80 3.43
N ALA B 32 2.86 -11.02 4.28
CA ALA B 32 3.32 -10.74 5.66
C ALA B 32 3.36 -12.03 6.52
N ARG B 33 2.33 -12.89 6.34
CA ARG B 33 2.18 -14.13 7.13
C ARG B 33 3.16 -15.24 6.67
N ARG B 34 3.92 -14.98 5.58
CA ARG B 34 4.95 -15.91 5.09
C ARG B 34 6.08 -16.00 6.13
N ALA B 35 6.78 -14.87 6.32
CA ALA B 35 7.96 -14.79 7.21
C ALA B 35 8.43 -13.33 7.29
N PHE B 36 8.61 -12.72 6.11
CA PHE B 36 9.09 -11.33 5.99
C PHE B 36 7.91 -10.41 5.62
N ASN B 37 7.98 -9.15 6.08
CA ASN B 37 6.97 -8.12 5.81
C ASN B 37 7.20 -7.50 4.43
N VAL B 38 6.30 -6.58 4.04
CA VAL B 38 6.44 -5.84 2.78
C VAL B 38 7.30 -4.59 3.01
N GLU B 39 8.43 -4.51 2.30
CA GLU B 39 9.35 -3.36 2.29
C GLU B 39 8.60 -2.06 1.88
N GLY B 40 7.90 -2.12 0.74
CA GLY B 40 7.21 -0.95 0.16
C GLY B 40 5.98 -1.35 -0.64
N ILE B 41 4.98 -0.47 -0.71
CA ILE B 41 3.67 -0.74 -1.38
C ILE B 41 3.34 0.43 -2.32
N LEU B 42 2.60 0.15 -3.40
CA LEU B 42 1.97 1.18 -4.24
C LEU B 42 0.68 0.60 -4.87
N CYS B 43 -0.48 1.02 -4.34
CA CYS B 43 -1.80 0.72 -4.92
C CYS B 43 -2.22 1.90 -5.82
N LEU B 44 -2.15 1.69 -7.14
CA LEU B 44 -2.52 2.68 -8.16
C LEU B 44 -3.92 2.31 -8.68
N PRO B 45 -5.00 3.03 -8.24
CA PRO B 45 -6.38 2.71 -8.66
C PRO B 45 -6.66 3.16 -10.11
N ILE B 46 -6.97 2.19 -10.99
CA ILE B 46 -7.36 2.48 -12.37
C ILE B 46 -8.81 3.03 -12.35
N GLN B 47 -8.94 4.33 -12.61
CA GLN B 47 -10.24 5.06 -12.61
C GLN B 47 -11.24 4.51 -13.65
N ASP B 48 -10.71 3.84 -14.68
CA ASP B 48 -11.48 3.36 -15.83
C ASP B 48 -12.46 2.22 -15.47
N SER B 49 -12.02 1.26 -14.62
CA SER B 49 -12.80 0.02 -14.33
C SER B 49 -12.47 -0.53 -12.94
N ASP B 50 -13.11 -1.67 -12.58
CA ASP B 50 -12.87 -2.41 -11.32
C ASP B 50 -11.50 -3.11 -11.37
N LYS B 51 -10.44 -2.32 -11.13
CA LYS B 51 -9.05 -2.83 -11.10
C LYS B 51 -8.13 -1.79 -10.45
N SER B 52 -7.11 -2.28 -9.74
CA SER B 52 -6.09 -1.49 -9.08
C SER B 52 -4.83 -2.35 -8.99
N HIS B 53 -3.67 -1.82 -9.44
CA HIS B 53 -2.40 -2.55 -9.39
C HIS B 53 -1.68 -2.23 -8.09
N ILE B 54 -1.52 -3.23 -7.21
CA ILE B 54 -0.78 -3.08 -5.94
C ILE B 54 0.59 -3.76 -6.11
N TRP B 55 1.66 -2.95 -6.18
CA TRP B 55 3.04 -3.44 -6.27
C TRP B 55 3.61 -3.64 -4.86
N LEU B 56 3.76 -4.90 -4.45
CA LEU B 56 4.27 -5.28 -3.13
C LEU B 56 5.76 -5.65 -3.22
N LEU B 57 6.61 -4.82 -2.60
CA LEU B 57 8.07 -5.01 -2.55
C LEU B 57 8.40 -5.89 -1.35
N VAL B 58 8.84 -7.11 -1.63
CA VAL B 58 9.20 -8.12 -0.60
C VAL B 58 10.28 -9.03 -1.18
N ASN B 59 11.17 -9.58 -0.36
CA ASN B 59 12.18 -10.54 -0.87
C ASN B 59 11.46 -11.82 -1.35
N ASP B 60 11.80 -12.28 -2.57
CA ASP B 60 11.24 -13.50 -3.15
C ASP B 60 11.77 -14.72 -2.38
N ASP B 61 10.86 -15.64 -2.05
CA ASP B 61 11.13 -16.82 -1.20
C ASP B 61 10.38 -18.01 -1.79
N GLN B 62 10.87 -19.23 -1.49
CA GLN B 62 10.29 -20.49 -1.98
C GLN B 62 8.79 -20.60 -1.66
N ARG B 63 8.43 -20.25 -0.41
CA ARG B 63 7.06 -20.31 0.10
C ARG B 63 6.27 -19.07 -0.34
N LEU B 64 6.97 -17.95 -0.58
CA LEU B 64 6.35 -16.71 -1.08
C LEU B 64 5.71 -16.98 -2.45
N GLU B 65 6.46 -17.70 -3.32
CA GLU B 65 6.02 -18.09 -4.69
C GLU B 65 4.72 -18.91 -4.65
N GLN B 66 4.68 -19.86 -3.70
CA GLN B 66 3.51 -20.74 -3.45
C GLN B 66 2.29 -19.90 -3.06
N MET B 67 2.57 -18.85 -2.25
CA MET B 67 1.56 -17.91 -1.76
C MET B 67 1.10 -16.92 -2.85
N ILE B 68 1.99 -16.59 -3.81
CA ILE B 68 1.66 -15.77 -5.00
C ILE B 68 0.66 -16.55 -5.89
N SER B 69 0.91 -17.86 -6.00
CA SER B 69 0.07 -18.79 -6.78
C SER B 69 -1.30 -19.00 -6.09
N GLN B 70 -1.30 -19.01 -4.74
CA GLN B 70 -2.50 -19.26 -3.91
C GLN B 70 -3.46 -18.07 -4.00
N ILE B 71 -2.92 -16.86 -3.74
CA ILE B 71 -3.71 -15.62 -3.75
C ILE B 71 -4.25 -15.31 -5.16
N ASP B 72 -3.49 -15.77 -6.17
CA ASP B 72 -3.88 -15.65 -7.59
C ASP B 72 -5.22 -16.35 -7.89
N LYS B 73 -5.50 -17.45 -7.17
CA LYS B 73 -6.73 -18.25 -7.37
C LYS B 73 -7.98 -17.55 -6.79
N LEU B 74 -7.77 -16.43 -6.07
CA LEU B 74 -8.87 -15.63 -5.48
C LEU B 74 -9.52 -14.72 -6.55
N GLU B 75 -10.83 -14.46 -6.39
CA GLU B 75 -11.65 -13.71 -7.37
C GLU B 75 -11.46 -12.19 -7.24
N ASP B 76 -11.11 -11.72 -6.02
CA ASP B 76 -10.77 -10.31 -5.77
C ASP B 76 -9.49 -9.94 -6.51
N VAL B 77 -8.53 -10.88 -6.53
CA VAL B 77 -7.38 -10.85 -7.43
C VAL B 77 -7.86 -11.10 -8.88
N VAL B 78 -7.74 -10.05 -9.70
CA VAL B 78 -7.99 -10.11 -11.15
C VAL B 78 -6.74 -10.68 -11.88
N LYS B 79 -5.53 -10.25 -11.41
CA LYS B 79 -4.21 -10.61 -11.97
C LYS B 79 -3.15 -10.68 -10.85
N VAL B 80 -2.08 -11.46 -11.08
CA VAL B 80 -0.82 -11.40 -10.29
C VAL B 80 0.37 -11.43 -11.28
N GLN B 81 1.49 -10.81 -10.90
CA GLN B 81 2.70 -10.73 -11.73
C GLN B 81 3.93 -10.59 -10.81
N ARG B 82 5.08 -11.14 -11.24
CA ARG B 82 6.31 -11.16 -10.45
C ARG B 82 7.42 -10.41 -11.21
N ASN B 83 7.54 -9.10 -10.94
CA ASN B 83 8.54 -8.21 -11.56
C ASN B 83 9.75 -8.08 -10.63
N GLN B 84 10.93 -7.80 -11.20
CA GLN B 84 12.15 -7.49 -10.42
C GLN B 84 12.20 -5.96 -10.16
N SER B 85 12.84 -5.57 -9.04
CA SER B 85 12.77 -4.19 -8.52
C SER B 85 13.72 -3.24 -9.26
N ASP B 86 13.35 -1.94 -9.25
CA ASP B 86 13.97 -0.90 -10.07
C ASP B 86 13.90 0.45 -9.31
N PRO B 87 15.00 1.27 -9.29
CA PRO B 87 15.01 2.60 -8.60
C PRO B 87 13.94 3.59 -9.12
N THR B 88 13.72 3.60 -10.46
CA THR B 88 12.80 4.54 -11.12
C THR B 88 11.35 4.02 -11.13
N MET B 89 11.15 2.78 -10.59
CA MET B 89 9.89 2.03 -10.73
C MET B 89 8.67 2.83 -10.25
N PHE B 90 8.73 3.34 -8.99
CA PHE B 90 7.61 4.11 -8.35
C PHE B 90 7.15 5.30 -9.23
N ASN B 91 8.12 6.06 -9.75
CA ASN B 91 7.86 7.24 -10.61
C ASN B 91 7.27 6.82 -11.97
N LYS B 92 7.80 5.68 -12.48
CA LYS B 92 7.49 5.13 -13.82
C LYS B 92 5.97 4.95 -14.03
N ILE B 93 5.33 4.19 -13.14
CA ILE B 93 3.88 3.90 -13.25
C ILE B 93 3.01 5.03 -12.67
N ALA B 94 3.56 5.80 -11.71
CA ALA B 94 2.84 6.92 -11.05
C ALA B 94 2.34 7.96 -12.08
N VAL B 95 3.20 8.24 -13.08
CA VAL B 95 2.86 9.18 -14.18
C VAL B 95 1.86 8.55 -15.19
N PHE B 96 1.83 7.19 -15.23
CA PHE B 96 0.91 6.43 -16.11
C PHE B 96 -0.51 6.40 -15.51
N PHE B 97 -0.60 6.49 -14.16
CA PHE B 97 -1.86 6.54 -13.35
C PHE B 97 -2.89 5.41 -13.69
N GLN B 98 -2.41 4.38 -14.41
CA GLN B 98 -3.24 3.24 -14.88
C GLN B 98 -2.43 1.94 -14.68
N GLY A 1 -18.43 1.44 -6.32
CA GLY A 1 -18.62 2.72 -7.04
C GLY A 1 -17.40 3.64 -6.92
N SER A 2 -16.22 3.12 -7.31
CA SER A 2 -14.99 3.91 -7.41
C SER A 2 -15.07 4.80 -8.65
N MET A 3 -15.30 6.10 -8.43
CA MET A 3 -15.48 7.09 -9.50
C MET A 3 -14.17 7.86 -9.72
N GLN A 4 -14.26 9.07 -10.33
CA GLN A 4 -13.12 9.98 -10.56
C GLN A 4 -12.22 10.14 -9.29
N ASN A 5 -11.10 9.39 -9.28
CA ASN A 5 -10.15 9.35 -8.14
C ASN A 5 -9.26 10.61 -8.10
N THR A 6 -9.28 11.37 -9.21
CA THR A 6 -8.47 12.59 -9.42
C THR A 6 -8.96 13.80 -8.59
N THR A 7 -10.09 13.61 -7.88
CA THR A 7 -10.63 14.60 -6.94
C THR A 7 -9.79 14.66 -5.64
N HIS A 8 -10.16 15.60 -4.75
CA HIS A 8 -9.62 15.68 -3.37
C HIS A 8 -10.70 15.27 -2.34
N ASP A 9 -11.75 14.57 -2.81
CA ASP A 9 -12.79 13.96 -1.95
C ASP A 9 -12.15 12.86 -1.09
N ASN A 10 -11.19 12.15 -1.70
CA ASN A 10 -10.28 11.27 -0.97
C ASN A 10 -9.15 12.10 -0.32
N VAL A 11 -8.58 11.57 0.76
CA VAL A 11 -7.53 12.23 1.53
C VAL A 11 -6.32 11.33 1.56
N ILE A 12 -5.14 11.94 1.62
CA ILE A 12 -3.85 11.25 1.57
C ILE A 12 -3.29 11.20 3.00
N LEU A 13 -3.65 10.14 3.75
CA LEU A 13 -3.32 10.02 5.18
C LEU A 13 -1.95 9.38 5.35
N GLU A 14 -0.92 10.21 5.55
CA GLU A 14 0.45 9.73 5.72
C GLU A 14 0.72 9.40 7.19
N LEU A 15 1.06 8.16 7.45
CA LEU A 15 1.57 7.73 8.74
C LEU A 15 2.95 7.11 8.55
N THR A 16 3.95 7.71 9.21
CA THR A 16 5.30 7.20 9.23
C THR A 16 5.36 6.16 10.32
N VAL A 17 5.35 4.91 9.91
CA VAL A 17 5.42 3.76 10.81
C VAL A 17 6.83 3.19 10.77
N ARG A 18 7.22 2.54 11.85
CA ARG A 18 8.38 1.63 11.85
C ARG A 18 7.90 0.23 11.47
N ASN A 19 8.77 -0.58 10.83
CA ASN A 19 8.39 -1.93 10.31
C ASN A 19 8.17 -2.93 11.47
N HIS A 20 7.02 -2.76 12.14
CA HIS A 20 6.53 -3.57 13.26
C HIS A 20 5.86 -4.85 12.68
N PRO A 21 5.89 -6.01 13.41
CA PRO A 21 5.18 -7.27 12.99
C PRO A 21 3.77 -7.03 12.39
N GLY A 22 3.73 -7.07 11.03
CA GLY A 22 2.49 -6.94 10.25
C GLY A 22 1.75 -5.63 10.47
N VAL A 23 2.42 -4.48 10.22
CA VAL A 23 1.78 -3.13 10.34
C VAL A 23 0.55 -3.03 9.43
N MET A 24 0.69 -3.56 8.22
CA MET A 24 -0.30 -3.38 7.14
C MET A 24 -1.66 -4.02 7.46
N THR A 25 -1.67 -5.11 8.25
CA THR A 25 -2.93 -5.72 8.71
C THR A 25 -3.61 -4.85 9.78
N HIS A 26 -2.79 -4.11 10.55
CA HIS A 26 -3.27 -3.16 11.57
C HIS A 26 -3.96 -1.97 10.90
N VAL A 27 -3.25 -1.35 9.93
CA VAL A 27 -3.73 -0.14 9.24
C VAL A 27 -5.01 -0.47 8.44
N CYS A 28 -4.95 -1.54 7.63
CA CYS A 28 -6.06 -2.00 6.78
C CYS A 28 -7.27 -2.43 7.64
N GLY A 29 -6.98 -2.88 8.88
CA GLY A 29 -8.02 -3.15 9.88
C GLY A 29 -8.87 -1.92 10.19
N LEU A 30 -8.20 -0.77 10.48
CA LEU A 30 -8.88 0.51 10.82
C LEU A 30 -9.74 1.05 9.66
N PHE A 31 -9.24 0.96 8.43
CA PHE A 31 -9.94 1.51 7.23
C PHE A 31 -11.07 0.58 6.76
N ALA A 32 -10.93 -0.73 7.00
CA ALA A 32 -11.96 -1.74 6.62
C ALA A 32 -13.17 -1.69 7.58
N ARG A 33 -12.91 -1.41 8.86
CA ARG A 33 -13.96 -1.41 9.93
C ARG A 33 -14.77 -0.10 9.95
N ARG A 34 -14.38 0.89 9.12
CA ARG A 34 -15.14 2.13 8.94
C ARG A 34 -16.49 1.78 8.28
N ALA A 35 -16.41 1.45 6.98
CA ALA A 35 -17.56 1.13 6.11
C ALA A 35 -17.04 0.90 4.70
N PHE A 36 -16.34 1.93 4.20
CA PHE A 36 -15.70 1.91 2.87
C PHE A 36 -14.22 1.60 3.05
N ASN A 37 -13.68 0.74 2.16
CA ASN A 37 -12.28 0.29 2.19
C ASN A 37 -11.35 1.40 1.67
N VAL A 38 -10.07 1.03 1.48
CA VAL A 38 -9.06 1.95 0.94
C VAL A 38 -9.16 1.99 -0.60
N GLU A 39 -9.02 3.19 -1.16
CA GLU A 39 -8.98 3.43 -2.60
C GLU A 39 -7.56 3.15 -3.13
N GLY A 40 -6.56 3.73 -2.45
CA GLY A 40 -5.15 3.64 -2.87
C GLY A 40 -4.17 3.71 -1.69
N ILE A 41 -2.99 3.10 -1.82
CA ILE A 41 -1.94 3.05 -0.77
C ILE A 41 -0.58 3.37 -1.40
N LEU A 42 0.33 3.93 -0.61
CA LEU A 42 1.73 4.10 -0.98
C LEU A 42 2.61 3.99 0.27
N CYS A 43 3.06 2.77 0.56
CA CYS A 43 3.99 2.47 1.64
C CYS A 43 5.43 2.65 1.08
N LEU A 44 5.98 3.85 1.31
CA LEU A 44 7.30 4.25 0.78
C LEU A 44 8.38 3.90 1.82
N PRO A 45 9.20 2.83 1.59
CA PRO A 45 10.19 2.37 2.59
C PRO A 45 11.30 3.42 2.82
N ILE A 46 11.38 3.93 4.07
CA ILE A 46 12.37 4.92 4.48
C ILE A 46 13.76 4.26 4.53
N GLN A 47 14.65 4.70 3.62
CA GLN A 47 16.05 4.24 3.52
C GLN A 47 16.82 4.43 4.85
N ASP A 48 16.58 5.59 5.47
CA ASP A 48 17.27 6.06 6.69
C ASP A 48 17.33 5.00 7.82
N SER A 49 16.23 4.26 8.02
CA SER A 49 16.09 3.31 9.17
C SER A 49 14.98 2.28 8.88
N ASP A 50 14.63 1.47 9.91
CA ASP A 50 13.48 0.55 9.87
C ASP A 50 12.17 1.34 10.03
N LYS A 51 11.77 1.98 8.94
CA LYS A 51 10.56 2.81 8.85
C LYS A 51 10.00 2.74 7.43
N SER A 52 8.78 3.26 7.29
CA SER A 52 8.08 3.39 6.03
C SER A 52 7.02 4.50 6.20
N HIS A 53 6.67 5.17 5.10
CA HIS A 53 5.75 6.31 5.12
C HIS A 53 4.56 5.97 4.22
N ILE A 54 3.42 5.61 4.81
CA ILE A 54 2.27 5.05 4.09
C ILE A 54 1.19 6.12 3.91
N TRP A 55 0.91 6.48 2.65
CA TRP A 55 -0.19 7.39 2.28
C TRP A 55 -1.45 6.56 1.96
N LEU A 56 -2.50 6.73 2.78
CA LEU A 56 -3.78 6.02 2.62
C LEU A 56 -4.80 6.95 1.95
N LEU A 57 -5.18 6.60 0.72
CA LEU A 57 -6.21 7.29 -0.07
C LEU A 57 -7.57 6.70 0.30
N VAL A 58 -8.36 7.49 1.00
CA VAL A 58 -9.71 7.11 1.43
C VAL A 58 -10.54 8.39 1.55
N ASN A 59 -11.84 8.36 1.23
CA ASN A 59 -12.67 9.54 1.41
C ASN A 59 -12.93 9.77 2.92
N ASP A 60 -12.35 10.87 3.44
CA ASP A 60 -12.50 11.31 4.85
C ASP A 60 -13.96 11.26 5.32
N ASP A 61 -14.15 10.66 6.50
CA ASP A 61 -15.46 10.29 7.03
C ASP A 61 -15.46 10.52 8.55
N GLN A 62 -16.64 10.78 9.11
CA GLN A 62 -16.81 11.12 10.54
C GLN A 62 -16.35 9.95 11.45
N ARG A 63 -16.59 8.71 11.00
CA ARG A 63 -16.18 7.48 11.72
C ARG A 63 -14.70 7.17 11.44
N LEU A 64 -14.25 7.53 10.22
CA LEU A 64 -12.86 7.35 9.79
C LEU A 64 -11.89 8.12 10.69
N GLU A 65 -12.28 9.34 11.09
CA GLU A 65 -11.47 10.22 11.96
C GLU A 65 -11.22 9.58 13.34
N GLN A 66 -12.20 8.81 13.82
CA GLN A 66 -12.07 8.01 15.04
C GLN A 66 -11.03 6.90 14.85
N MET A 67 -11.02 6.32 13.63
CA MET A 67 -10.07 5.26 13.24
C MET A 67 -8.64 5.84 13.08
N ILE A 68 -8.55 7.12 12.65
CA ILE A 68 -7.27 7.86 12.51
C ILE A 68 -6.67 8.13 13.91
N SER A 69 -7.55 8.52 14.85
CA SER A 69 -7.18 8.79 16.24
C SER A 69 -6.72 7.49 16.93
N GLN A 70 -7.44 6.39 16.63
CA GLN A 70 -7.19 5.08 17.21
C GLN A 70 -5.84 4.53 16.72
N ILE A 71 -5.62 4.59 15.39
CA ILE A 71 -4.43 3.99 14.74
C ILE A 71 -3.13 4.72 15.14
N ASP A 72 -3.24 6.04 15.37
CA ASP A 72 -2.09 6.89 15.71
C ASP A 72 -1.40 6.43 17.01
N LYS A 73 -2.21 6.01 17.99
CA LYS A 73 -1.71 5.59 19.32
C LYS A 73 -1.32 4.09 19.37
N LEU A 74 -1.17 3.46 18.19
CA LEU A 74 -0.53 2.13 18.03
C LEU A 74 0.99 2.31 17.96
N GLU A 75 1.72 1.27 18.43
CA GLU A 75 3.21 1.25 18.43
C GLU A 75 3.81 1.27 17.00
N ASP A 76 2.95 0.95 16.03
CA ASP A 76 3.30 0.97 14.60
C ASP A 76 3.55 2.42 14.14
N VAL A 77 2.52 3.27 14.35
CA VAL A 77 2.51 4.66 13.86
C VAL A 77 3.39 5.54 14.77
N VAL A 78 4.49 6.01 14.19
CA VAL A 78 5.40 6.97 14.85
C VAL A 78 4.77 8.37 14.81
N LYS A 79 4.27 8.75 13.61
CA LYS A 79 3.55 10.04 13.38
C LYS A 79 2.46 9.83 12.31
N VAL A 80 1.37 10.62 12.37
CA VAL A 80 0.31 10.64 11.34
C VAL A 80 0.03 12.11 10.92
N GLN A 81 -0.37 12.32 9.66
CA GLN A 81 -0.69 13.64 9.10
C GLN A 81 -1.74 13.47 7.98
N ARG A 82 -2.60 14.48 7.82
CA ARG A 82 -3.77 14.43 6.92
C ARG A 82 -3.55 15.40 5.73
N ASN A 83 -3.14 14.84 4.58
CA ASN A 83 -2.80 15.59 3.34
C ASN A 83 -4.01 15.61 2.38
N GLN A 84 -4.02 16.61 1.48
CA GLN A 84 -5.04 16.75 0.42
C GLN A 84 -4.61 15.92 -0.81
N SER A 85 -5.59 15.41 -1.59
CA SER A 85 -5.32 14.62 -2.80
C SER A 85 -5.06 15.50 -4.01
N ASP A 86 -3.83 15.38 -4.54
CA ASP A 86 -3.33 16.14 -5.70
C ASP A 86 -2.61 15.17 -6.66
N PRO A 87 -2.88 15.22 -8.01
CA PRO A 87 -2.26 14.31 -9.01
C PRO A 87 -0.70 14.31 -9.02
N THR A 88 -0.10 15.51 -8.90
CA THR A 88 1.37 15.66 -8.93
C THR A 88 2.03 15.20 -7.61
N MET A 89 1.23 15.08 -6.54
CA MET A 89 1.71 14.66 -5.21
C MET A 89 2.30 13.24 -5.29
N PHE A 90 1.57 12.33 -5.98
CA PHE A 90 1.99 10.93 -6.25
C PHE A 90 3.42 10.87 -6.82
N ASN A 91 3.65 11.65 -7.88
CA ASN A 91 4.93 11.65 -8.61
C ASN A 91 6.05 12.29 -7.75
N LYS A 92 5.64 13.26 -6.91
CA LYS A 92 6.52 14.03 -6.00
C LYS A 92 7.31 13.11 -5.05
N ILE A 93 6.58 12.35 -4.20
CA ILE A 93 7.24 11.52 -3.17
C ILE A 93 7.82 10.23 -3.77
N ALA A 94 7.24 9.77 -4.91
CA ALA A 94 7.76 8.61 -5.65
C ALA A 94 9.23 8.79 -6.08
N VAL A 95 9.59 10.01 -6.56
CA VAL A 95 10.97 10.33 -6.97
C VAL A 95 11.82 10.78 -5.76
N PHE A 96 11.17 11.34 -4.72
CA PHE A 96 11.86 11.89 -3.54
C PHE A 96 12.35 10.77 -2.60
N PHE A 97 11.57 9.66 -2.55
CA PHE A 97 11.85 8.46 -1.70
C PHE A 97 11.96 8.80 -0.20
N GLN A 98 11.02 9.64 0.25
CA GLN A 98 10.88 10.04 1.66
C GLN A 98 9.47 10.62 1.87
N GLY B 1 13.87 -5.35 9.32
CA GLY B 1 15.34 -5.54 9.38
C GLY B 1 15.98 -5.14 8.07
N SER B 2 15.98 -3.82 7.76
CA SER B 2 16.45 -3.30 6.47
C SER B 2 17.42 -2.12 6.66
N MET B 3 18.40 -2.03 5.75
CA MET B 3 19.34 -0.89 5.62
C MET B 3 19.42 -0.44 4.15
N GLN B 4 18.71 -1.16 3.26
CA GLN B 4 18.70 -0.93 1.82
C GLN B 4 17.41 -1.55 1.24
N ASN B 5 16.42 -0.70 1.02
CA ASN B 5 15.04 -1.10 0.70
C ASN B 5 14.90 -1.34 -0.82
N THR B 6 15.20 -0.30 -1.60
CA THR B 6 15.16 -0.34 -3.08
C THR B 6 16.46 -0.95 -3.64
N THR B 7 16.50 -2.28 -3.66
CA THR B 7 17.58 -3.07 -4.27
C THR B 7 17.04 -3.68 -5.58
N HIS B 8 17.64 -4.76 -6.09
CA HIS B 8 16.98 -5.65 -7.09
C HIS B 8 16.68 -7.01 -6.44
N ASP B 9 17.06 -7.15 -5.15
CA ASP B 9 16.80 -8.33 -4.32
C ASP B 9 15.30 -8.39 -3.95
N ASN B 10 14.70 -7.19 -3.73
CA ASN B 10 13.24 -7.05 -3.60
C ASN B 10 12.61 -7.10 -5.01
N VAL B 11 11.36 -7.53 -5.06
CA VAL B 11 10.60 -7.69 -6.31
C VAL B 11 9.33 -6.85 -6.21
N ILE B 12 8.88 -6.36 -7.35
CA ILE B 12 7.72 -5.48 -7.45
C ILE B 12 6.53 -6.31 -7.97
N LEU B 13 5.78 -6.92 -7.05
CA LEU B 13 4.71 -7.88 -7.39
C LEU B 13 3.41 -7.13 -7.63
N GLU B 14 3.08 -6.86 -8.91
CA GLU B 14 1.86 -6.15 -9.27
C GLU B 14 0.70 -7.13 -9.42
N LEU B 15 -0.34 -6.92 -8.62
CA LEU B 15 -1.60 -7.61 -8.78
C LEU B 15 -2.70 -6.57 -8.97
N THR B 16 -3.38 -6.65 -10.12
CA THR B 16 -4.52 -5.81 -10.43
C THR B 16 -5.73 -6.48 -9.80
N VAL B 17 -6.16 -5.93 -8.68
CA VAL B 17 -7.33 -6.41 -7.95
C VAL B 17 -8.51 -5.49 -8.23
N ARG B 18 -9.70 -6.02 -8.09
CA ARG B 18 -10.91 -5.21 -7.96
C ARG B 18 -11.15 -4.92 -6.48
N ASN B 19 -11.78 -3.78 -6.15
CA ASN B 19 -12.00 -3.34 -4.76
C ASN B 19 -13.05 -4.24 -4.06
N HIS B 20 -12.56 -5.43 -3.67
CA HIS B 20 -13.31 -6.46 -2.94
C HIS B 20 -13.26 -6.15 -1.43
N PRO B 21 -14.32 -6.51 -0.63
CA PRO B 21 -14.31 -6.36 0.85
C PRO B 21 -12.95 -6.70 1.54
N GLY B 22 -12.19 -5.63 1.85
CA GLY B 22 -10.91 -5.72 2.55
C GLY B 22 -9.85 -6.54 1.81
N VAL B 23 -9.52 -6.16 0.56
CA VAL B 23 -8.46 -6.84 -0.23
C VAL B 23 -7.11 -6.81 0.51
N MET B 24 -6.81 -5.66 1.10
CA MET B 24 -5.49 -5.37 1.67
C MET B 24 -5.14 -6.27 2.87
N THR B 25 -6.16 -6.72 3.63
CA THR B 25 -5.95 -7.67 4.72
C THR B 25 -5.65 -9.09 4.17
N HIS B 26 -6.20 -9.39 2.97
CA HIS B 26 -5.97 -10.67 2.27
C HIS B 26 -4.52 -10.71 1.77
N VAL B 27 -4.09 -9.64 1.06
CA VAL B 27 -2.75 -9.58 0.45
C VAL B 27 -1.66 -9.58 1.55
N CYS B 28 -1.83 -8.70 2.55
CA CYS B 28 -0.89 -8.55 3.68
C CYS B 28 -0.83 -9.86 4.51
N GLY B 29 -1.94 -10.63 4.51
CA GLY B 29 -1.98 -11.96 5.09
C GLY B 29 -0.95 -12.92 4.48
N LEU B 30 -0.91 -12.97 3.12
CA LEU B 30 0.01 -13.86 2.36
C LEU B 30 1.50 -13.51 2.59
N PHE B 31 1.82 -12.21 2.63
CA PHE B 31 3.21 -11.72 2.77
C PHE B 31 3.71 -11.82 4.22
N ALA B 32 2.78 -11.68 5.19
CA ALA B 32 3.10 -11.78 6.63
C ALA B 32 3.36 -13.24 7.06
N ARG B 33 2.60 -14.19 6.46
CA ARG B 33 2.67 -15.63 6.82
C ARG B 33 3.88 -16.35 6.17
N ARG B 34 4.63 -15.64 5.30
CA ARG B 34 5.87 -16.14 4.72
C ARG B 34 6.91 -16.30 5.85
N ALA B 35 7.40 -15.15 6.32
CA ALA B 35 8.44 -15.04 7.38
C ALA B 35 8.78 -13.56 7.55
N PHE B 36 9.17 -12.94 6.42
CA PHE B 36 9.50 -11.51 6.35
C PHE B 36 8.29 -10.76 5.79
N ASN B 37 7.99 -9.59 6.38
CA ASN B 37 6.85 -8.74 5.98
C ASN B 37 7.14 -7.99 4.67
N VAL B 38 6.25 -7.04 4.33
CA VAL B 38 6.41 -6.20 3.14
C VAL B 38 7.34 -5.02 3.45
N GLU B 39 8.20 -4.70 2.47
CA GLU B 39 9.11 -3.55 2.53
C GLU B 39 8.36 -2.26 2.10
N GLY B 40 7.65 -2.35 0.97
CA GLY B 40 6.94 -1.21 0.37
C GLY B 40 5.71 -1.63 -0.43
N ILE B 41 4.70 -0.76 -0.52
CA ILE B 41 3.43 -1.03 -1.25
C ILE B 41 3.07 0.19 -2.12
N LEU B 42 2.36 -0.05 -3.23
CA LEU B 42 1.77 1.01 -4.05
C LEU B 42 0.47 0.48 -4.67
N CYS B 43 -0.63 0.72 -3.96
CA CYS B 43 -1.99 0.43 -4.43
C CYS B 43 -2.47 1.64 -5.23
N LEU B 44 -2.34 1.56 -6.55
CA LEU B 44 -2.66 2.66 -7.48
C LEU B 44 -4.12 2.49 -7.97
N PRO B 45 -5.08 3.34 -7.49
CA PRO B 45 -6.51 3.18 -7.83
C PRO B 45 -6.78 3.42 -9.33
N ILE B 46 -7.25 2.36 -10.00
CA ILE B 46 -7.57 2.40 -11.43
C ILE B 46 -8.84 3.26 -11.65
N GLN B 47 -8.65 4.42 -12.29
CA GLN B 47 -9.72 5.37 -12.66
C GLN B 47 -10.84 4.69 -13.50
N ASP B 48 -10.40 3.83 -14.41
CA ASP B 48 -11.26 3.15 -15.40
C ASP B 48 -12.51 2.45 -14.78
N SER B 49 -12.33 1.81 -13.61
CA SER B 49 -13.39 0.98 -12.97
C SER B 49 -13.10 0.76 -11.47
N ASP B 50 -13.91 -0.11 -10.80
CA ASP B 50 -13.64 -0.56 -9.41
C ASP B 50 -12.47 -1.56 -9.40
N LYS B 51 -11.26 -1.01 -9.51
CA LYS B 51 -10.01 -1.78 -9.53
C LYS B 51 -8.89 -0.93 -8.91
N SER B 52 -7.76 -1.59 -8.66
CA SER B 52 -6.54 -0.99 -8.17
C SER B 52 -5.37 -1.91 -8.54
N HIS B 53 -4.18 -1.35 -8.71
CA HIS B 53 -3.00 -2.08 -9.17
C HIS B 53 -1.92 -1.95 -8.08
N ILE B 54 -1.73 -3.02 -7.28
CA ILE B 54 -0.90 -2.98 -6.08
C ILE B 54 0.47 -3.62 -6.35
N TRP B 55 1.54 -2.83 -6.26
CA TRP B 55 2.93 -3.30 -6.35
C TRP B 55 3.48 -3.60 -4.94
N LEU B 56 3.77 -4.89 -4.67
CA LEU B 56 4.29 -5.35 -3.37
C LEU B 56 5.81 -5.54 -3.46
N LEU B 57 6.54 -4.71 -2.73
CA LEU B 57 8.00 -4.76 -2.61
C LEU B 57 8.35 -5.71 -1.47
N VAL B 58 8.88 -6.87 -1.83
CA VAL B 58 9.29 -7.91 -0.88
C VAL B 58 10.43 -8.70 -1.52
N ASN B 59 11.42 -9.15 -0.75
CA ASN B 59 12.48 -10.00 -1.32
C ASN B 59 11.92 -11.39 -1.64
N ASP B 60 11.85 -11.68 -2.96
CA ASP B 60 11.39 -12.98 -3.52
C ASP B 60 12.01 -14.17 -2.79
N ASP B 61 11.17 -15.13 -2.42
CA ASP B 61 11.50 -16.22 -1.52
C ASP B 61 10.78 -17.50 -1.97
N GLN B 62 11.37 -18.65 -1.66
CA GLN B 62 10.85 -19.97 -2.10
C GLN B 62 9.42 -20.24 -1.57
N ARG B 63 9.17 -19.78 -0.33
CA ARG B 63 7.85 -19.92 0.32
C ARG B 63 6.90 -18.81 -0.16
N LEU B 64 7.49 -17.64 -0.46
CA LEU B 64 6.75 -16.46 -0.97
C LEU B 64 6.04 -16.80 -2.30
N GLU B 65 6.72 -17.56 -3.17
CA GLU B 65 6.20 -17.96 -4.49
C GLU B 65 4.93 -18.83 -4.35
N GLN B 66 4.87 -19.62 -3.27
CA GLN B 66 3.69 -20.40 -2.92
C GLN B 66 2.54 -19.46 -2.51
N MET B 67 2.90 -18.36 -1.82
CA MET B 67 1.94 -17.33 -1.38
C MET B 67 1.44 -16.49 -2.58
N ILE B 68 2.31 -16.33 -3.62
CA ILE B 68 1.97 -15.64 -4.89
C ILE B 68 0.96 -16.48 -5.69
N SER B 69 1.20 -17.80 -5.72
CA SER B 69 0.33 -18.76 -6.41
C SER B 69 -1.04 -18.83 -5.71
N GLN B 70 -1.01 -18.79 -4.36
CA GLN B 70 -2.21 -18.90 -3.51
C GLN B 70 -3.07 -17.63 -3.69
N ILE B 71 -2.44 -16.45 -3.61
CA ILE B 71 -3.15 -15.15 -3.63
C ILE B 71 -3.79 -14.87 -5.01
N ASP B 72 -3.16 -15.37 -6.08
CA ASP B 72 -3.60 -15.15 -7.46
C ASP B 72 -5.02 -15.73 -7.69
N LYS B 73 -5.28 -16.89 -7.08
CA LYS B 73 -6.57 -17.61 -7.24
C LYS B 73 -7.64 -17.16 -6.22
N LEU B 74 -7.42 -16.00 -5.56
CA LEU B 74 -8.46 -15.29 -4.76
C LEU B 74 -9.29 -14.40 -5.70
N GLU B 75 -10.57 -14.18 -5.33
CA GLU B 75 -11.53 -13.36 -6.11
C GLU B 75 -11.10 -11.87 -6.17
N ASP B 76 -10.17 -11.50 -5.28
CA ASP B 76 -9.58 -10.15 -5.22
C ASP B 76 -8.71 -9.91 -6.45
N VAL B 77 -7.71 -10.80 -6.65
CA VAL B 77 -6.70 -10.67 -7.70
C VAL B 77 -7.30 -11.06 -9.06
N VAL B 78 -7.39 -10.08 -9.95
CA VAL B 78 -7.83 -10.27 -11.34
C VAL B 78 -6.65 -10.85 -12.16
N LYS B 79 -5.46 -10.23 -11.99
CA LYS B 79 -4.19 -10.66 -12.61
C LYS B 79 -3.03 -10.36 -11.67
N VAL B 80 -1.95 -11.18 -11.73
CA VAL B 80 -0.68 -10.94 -11.00
C VAL B 80 0.49 -11.00 -12.00
N GLN B 81 1.58 -10.26 -11.71
CA GLN B 81 2.81 -10.22 -12.53
C GLN B 81 4.00 -9.88 -11.60
N ARG B 82 5.18 -10.41 -11.94
CA ARG B 82 6.39 -10.32 -11.11
C ARG B 82 7.42 -9.42 -11.81
N ASN B 83 7.51 -8.16 -11.34
CA ASN B 83 8.39 -7.11 -11.92
C ASN B 83 9.70 -6.98 -11.12
N GLN B 84 10.75 -6.45 -11.79
CA GLN B 84 12.06 -6.18 -11.16
C GLN B 84 12.05 -4.79 -10.49
N SER B 85 12.80 -4.64 -9.38
CA SER B 85 12.87 -3.38 -8.63
C SER B 85 13.87 -2.41 -9.29
N ASP B 86 13.32 -1.27 -9.75
CA ASP B 86 14.06 -0.19 -10.41
C ASP B 86 13.62 1.17 -9.81
N PRO B 87 14.57 2.10 -9.47
CA PRO B 87 14.24 3.42 -8.85
C PRO B 87 13.27 4.29 -9.68
N THR B 88 13.47 4.32 -11.00
CA THR B 88 12.66 5.14 -11.91
C THR B 88 11.25 4.55 -12.14
N MET B 89 11.09 3.25 -11.81
CA MET B 89 9.81 2.52 -11.97
C MET B 89 8.73 3.17 -11.09
N PHE B 90 9.09 3.47 -9.83
CA PHE B 90 8.22 4.18 -8.85
C PHE B 90 7.60 5.47 -9.43
N ASN B 91 8.46 6.31 -10.02
CA ASN B 91 8.06 7.62 -10.55
C ASN B 91 7.22 7.44 -11.84
N LYS B 92 7.50 6.34 -12.58
CA LYS B 92 6.86 6.00 -13.85
C LYS B 92 5.34 5.81 -13.70
N ILE B 93 4.91 4.86 -12.85
CA ILE B 93 3.47 4.53 -12.69
C ILE B 93 2.74 5.58 -11.84
N ALA B 94 3.50 6.27 -10.97
CA ALA B 94 2.96 7.36 -10.13
C ALA B 94 2.36 8.50 -10.97
N VAL B 95 3.04 8.85 -12.08
CA VAL B 95 2.59 9.90 -13.02
C VAL B 95 1.61 9.33 -14.07
N PHE B 96 1.75 8.02 -14.37
CA PHE B 96 0.94 7.34 -15.40
C PHE B 96 -0.50 7.05 -14.88
N PHE B 97 -0.59 6.81 -13.55
CA PHE B 97 -1.85 6.62 -12.79
C PHE B 97 -2.74 5.47 -13.35
N GLN B 98 -2.10 4.32 -13.64
CA GLN B 98 -2.76 3.06 -14.02
C GLN B 98 -1.72 1.92 -14.05
N GLY A 1 -17.73 3.01 -5.07
CA GLY A 1 -16.94 2.87 -6.32
C GLY A 1 -15.45 3.07 -6.09
N SER A 2 -14.67 3.04 -7.18
CA SER A 2 -13.21 3.24 -7.15
C SER A 2 -12.71 3.57 -8.57
N MET A 3 -12.74 4.86 -8.90
CA MET A 3 -12.20 5.42 -10.16
C MET A 3 -11.54 6.75 -9.79
N GLN A 4 -10.20 6.83 -9.93
CA GLN A 4 -9.39 7.96 -9.42
C GLN A 4 -9.73 9.31 -10.11
N ASN A 5 -10.75 9.99 -9.58
CA ASN A 5 -11.04 11.38 -9.93
C ASN A 5 -10.22 12.28 -9.00
N THR A 6 -9.09 12.79 -9.55
CA THR A 6 -8.10 13.57 -8.79
C THR A 6 -8.71 14.89 -8.26
N THR A 7 -9.21 14.82 -7.01
CA THR A 7 -9.94 15.92 -6.34
C THR A 7 -9.40 16.13 -4.92
N HIS A 8 -10.01 17.08 -4.18
CA HIS A 8 -9.68 17.37 -2.78
C HIS A 8 -10.59 16.53 -1.82
N ASP A 9 -11.40 15.62 -2.42
CA ASP A 9 -12.31 14.71 -1.67
C ASP A 9 -11.51 13.65 -0.92
N ASN A 10 -10.41 13.17 -1.54
CA ASN A 10 -9.52 12.22 -0.89
C ASN A 10 -8.62 12.97 0.10
N VAL A 11 -8.64 12.50 1.35
CA VAL A 11 -7.70 12.93 2.39
C VAL A 11 -6.45 12.03 2.31
N ILE A 12 -5.33 12.64 2.69
CA ILE A 12 -4.00 12.02 2.69
C ILE A 12 -3.72 11.52 4.12
N LEU A 13 -3.98 10.24 4.39
CA LEU A 13 -3.79 9.68 5.74
C LEU A 13 -2.33 9.25 5.89
N GLU A 14 -1.49 10.20 6.32
CA GLU A 14 -0.05 9.99 6.44
C GLU A 14 0.23 9.41 7.82
N LEU A 15 0.46 8.11 7.86
CA LEU A 15 0.90 7.40 9.05
C LEU A 15 2.27 6.78 8.80
N THR A 16 3.24 7.17 9.63
CA THR A 16 4.60 6.68 9.53
C THR A 16 4.69 5.43 10.38
N VAL A 17 4.92 4.28 9.75
CA VAL A 17 5.11 3.01 10.45
C VAL A 17 6.59 2.67 10.50
N ARG A 18 7.02 1.99 11.55
CA ARG A 18 8.34 1.35 11.62
C ARG A 18 8.14 -0.10 11.19
N ASN A 19 8.78 -0.46 10.05
CA ASN A 19 8.52 -1.70 9.29
C ASN A 19 8.71 -2.96 10.14
N HIS A 20 7.63 -3.32 10.81
CA HIS A 20 7.50 -4.54 11.62
C HIS A 20 6.59 -5.53 10.86
N PRO A 21 6.82 -6.89 10.94
CA PRO A 21 5.95 -7.88 10.26
C PRO A 21 4.47 -7.72 10.63
N GLY A 22 3.69 -7.09 9.73
CA GLY A 22 2.24 -6.96 9.88
C GLY A 22 1.74 -5.51 9.92
N VAL A 23 2.66 -4.51 9.95
CA VAL A 23 2.26 -3.06 10.01
C VAL A 23 1.26 -2.67 8.90
N MET A 24 1.53 -3.16 7.69
CA MET A 24 0.70 -2.94 6.50
C MET A 24 -0.71 -3.57 6.67
N THR A 25 -0.78 -4.73 7.33
CA THR A 25 -2.03 -5.46 7.54
C THR A 25 -2.91 -4.73 8.59
N HIS A 26 -2.23 -4.11 9.58
CA HIS A 26 -2.88 -3.33 10.65
C HIS A 26 -3.59 -2.11 10.05
N VAL A 27 -2.86 -1.31 9.24
CA VAL A 27 -3.39 -0.05 8.65
C VAL A 27 -4.59 -0.33 7.72
N CYS A 28 -4.40 -1.34 6.85
CA CYS A 28 -5.42 -1.80 5.90
C CYS A 28 -6.67 -2.34 6.64
N GLY A 29 -6.45 -2.89 7.85
CA GLY A 29 -7.53 -3.39 8.69
C GLY A 29 -8.50 -2.30 9.10
N LEU A 30 -7.96 -1.18 9.63
CA LEU A 30 -8.78 -0.06 10.15
C LEU A 30 -9.61 0.65 9.05
N PHE A 31 -9.02 0.83 7.87
CA PHE A 31 -9.69 1.58 6.77
C PHE A 31 -10.71 0.70 6.01
N ALA A 32 -10.47 -0.63 6.00
CA ALA A 32 -11.38 -1.61 5.37
C ALA A 32 -12.67 -1.80 6.17
N ARG A 33 -12.52 -1.87 7.51
CA ARG A 33 -13.62 -2.21 8.44
C ARG A 33 -14.65 -1.08 8.57
N ARG A 34 -14.35 0.10 7.98
CA ARG A 34 -15.25 1.25 7.98
C ARG A 34 -16.53 0.91 7.20
N ALA A 35 -16.39 0.90 5.85
CA ALA A 35 -17.50 0.75 4.90
C ALA A 35 -16.96 0.86 3.48
N PHE A 36 -16.30 2.00 3.22
CA PHE A 36 -15.82 2.39 1.89
C PHE A 36 -14.34 1.99 1.71
N ASN A 37 -13.94 1.82 0.44
CA ASN A 37 -12.60 1.39 0.03
C ASN A 37 -11.57 2.52 0.16
N VAL A 38 -10.30 2.17 -0.08
CA VAL A 38 -9.23 3.13 -0.36
C VAL A 38 -9.04 3.18 -1.88
N GLU A 39 -8.89 4.40 -2.43
CA GLU A 39 -8.71 4.61 -3.87
C GLU A 39 -7.31 4.13 -4.27
N GLY A 40 -6.30 4.69 -3.59
CA GLY A 40 -4.88 4.39 -3.87
C GLY A 40 -4.07 4.29 -2.59
N ILE A 41 -3.01 3.47 -2.60
CA ILE A 41 -2.13 3.27 -1.43
C ILE A 41 -0.70 3.61 -1.83
N LEU A 42 0.03 4.33 -0.96
CA LEU A 42 1.41 4.72 -1.25
C LEU A 42 2.26 4.72 0.03
N CYS A 43 3.07 3.65 0.16
CA CYS A 43 4.08 3.49 1.21
C CYS A 43 5.45 3.80 0.63
N LEU A 44 5.97 4.98 0.96
CA LEU A 44 7.32 5.42 0.60
C LEU A 44 8.27 5.07 1.77
N PRO A 45 9.20 4.07 1.62
CA PRO A 45 10.18 3.73 2.67
C PRO A 45 11.23 4.84 2.84
N ILE A 46 11.72 5.02 4.07
CA ILE A 46 12.79 5.99 4.39
C ILE A 46 14.10 5.20 4.54
N GLN A 47 15.15 5.60 3.79
CA GLN A 47 16.48 4.92 3.80
C GLN A 47 17.28 5.27 5.06
N ASP A 48 16.93 6.39 5.70
CA ASP A 48 17.66 6.94 6.85
C ASP A 48 17.47 6.06 8.11
N SER A 49 16.23 5.59 8.32
CA SER A 49 15.84 4.80 9.50
C SER A 49 14.72 3.83 9.12
N ASP A 50 14.43 2.85 10.02
CA ASP A 50 13.34 1.89 9.83
C ASP A 50 11.98 2.58 10.03
N LYS A 51 11.55 3.29 8.98
CA LYS A 51 10.29 4.04 8.91
C LYS A 51 9.80 4.04 7.46
N SER A 52 8.49 4.20 7.29
CA SER A 52 7.83 4.31 5.98
C SER A 52 6.59 5.17 6.15
N HIS A 53 6.40 6.16 5.26
CA HIS A 53 5.17 6.97 5.25
C HIS A 53 4.16 6.29 4.32
N ILE A 54 3.12 5.69 4.90
CA ILE A 54 2.01 5.12 4.15
C ILE A 54 0.88 6.15 4.18
N TRP A 55 0.69 6.87 3.07
CA TRP A 55 -0.47 7.74 2.94
C TRP A 55 -1.52 7.09 2.05
N LEU A 56 -2.73 7.02 2.60
CA LEU A 56 -3.88 6.40 1.97
C LEU A 56 -4.70 7.50 1.28
N LEU A 57 -4.95 7.30 -0.01
CA LEU A 57 -5.78 8.18 -0.81
C LEU A 57 -7.21 7.68 -0.67
N VAL A 58 -7.90 8.23 0.33
CA VAL A 58 -9.22 7.77 0.76
C VAL A 58 -10.03 8.97 1.21
N ASN A 59 -11.36 8.94 1.12
CA ASN A 59 -12.19 10.03 1.70
C ASN A 59 -12.37 9.80 3.21
N ASP A 60 -12.36 10.89 3.99
CA ASP A 60 -12.53 10.86 5.45
C ASP A 60 -13.99 10.60 5.83
N ASP A 61 -14.18 9.98 7.01
CA ASP A 61 -15.49 9.59 7.52
C ASP A 61 -15.51 9.82 9.05
N GLN A 62 -16.72 9.88 9.61
CA GLN A 62 -16.96 10.09 11.06
C GLN A 62 -16.36 8.93 11.89
N ARG A 63 -16.46 7.71 11.33
CA ARG A 63 -15.93 6.49 11.97
C ARG A 63 -14.42 6.37 11.73
N LEU A 64 -13.96 6.95 10.60
CA LEU A 64 -12.55 6.85 10.17
C LEU A 64 -11.62 7.44 11.25
N GLU A 65 -11.94 8.68 11.71
CA GLU A 65 -11.17 9.41 12.75
C GLU A 65 -11.01 8.60 14.05
N GLN A 66 -12.07 7.87 14.42
CA GLN A 66 -12.12 7.07 15.65
C GLN A 66 -11.12 5.90 15.58
N MET A 67 -11.12 5.23 14.43
CA MET A 67 -10.22 4.10 14.14
C MET A 67 -8.77 4.58 13.91
N ILE A 68 -8.63 5.83 13.45
CA ILE A 68 -7.33 6.51 13.28
C ILE A 68 -6.69 6.79 14.68
N SER A 69 -7.53 7.16 15.66
CA SER A 69 -7.10 7.39 17.04
C SER A 69 -6.70 6.06 17.73
N GLN A 70 -7.39 4.97 17.32
CA GLN A 70 -7.17 3.64 17.88
C GLN A 70 -5.89 3.00 17.28
N ILE A 71 -5.67 3.17 15.96
CA ILE A 71 -4.50 2.59 15.28
C ILE A 71 -3.20 3.28 15.75
N ASP A 72 -3.33 4.57 16.13
CA ASP A 72 -2.24 5.37 16.73
C ASP A 72 -1.65 4.67 17.98
N LYS A 73 -2.52 3.95 18.72
CA LYS A 73 -2.18 3.27 19.98
C LYS A 73 -1.26 2.05 19.75
N LEU A 74 -1.17 1.60 18.48
CA LEU A 74 -0.30 0.49 18.07
C LEU A 74 1.17 0.93 17.99
N GLU A 75 2.06 -0.03 18.29
CA GLU A 75 3.54 0.15 18.21
C GLU A 75 4.00 0.31 16.76
N ASP A 76 3.14 -0.17 15.84
CA ASP A 76 3.30 -0.04 14.38
C ASP A 76 3.42 1.44 13.99
N VAL A 77 2.46 2.24 14.49
CA VAL A 77 2.31 3.66 14.15
C VAL A 77 3.24 4.55 15.00
N VAL A 78 4.25 5.13 14.33
CA VAL A 78 5.14 6.17 14.88
C VAL A 78 4.45 7.55 14.82
N LYS A 79 3.90 7.86 13.63
CA LYS A 79 3.11 9.09 13.36
C LYS A 79 1.75 8.72 12.77
N VAL A 80 0.74 9.56 13.01
CA VAL A 80 -0.56 9.48 12.32
C VAL A 80 -1.12 10.92 12.16
N GLN A 81 -1.45 11.30 10.93
CA GLN A 81 -1.97 12.65 10.61
C GLN A 81 -2.88 12.59 9.38
N ARG A 82 -4.04 13.28 9.47
CA ARG A 82 -5.02 13.36 8.38
C ARG A 82 -4.86 14.70 7.64
N ASN A 83 -4.02 14.70 6.61
CA ASN A 83 -3.74 15.89 5.80
C ASN A 83 -4.75 15.95 4.66
N GLN A 84 -5.72 16.87 4.70
CA GLN A 84 -6.76 16.96 3.66
C GLN A 84 -6.21 17.78 2.49
N SER A 85 -5.67 17.06 1.50
CA SER A 85 -4.98 17.63 0.34
C SER A 85 -5.27 16.79 -0.91
N ASP A 86 -4.85 17.31 -2.06
CA ASP A 86 -5.02 16.65 -3.37
C ASP A 86 -4.04 15.45 -3.50
N PRO A 87 -4.35 14.43 -4.39
CA PRO A 87 -3.50 13.22 -4.57
C PRO A 87 -2.20 13.46 -5.40
N THR A 88 -1.77 14.73 -5.47
CA THR A 88 -0.51 15.14 -6.15
C THR A 88 0.74 14.67 -5.37
N MET A 89 0.52 14.05 -4.19
CA MET A 89 1.57 13.49 -3.32
C MET A 89 2.45 12.43 -4.05
N PHE A 90 1.86 11.73 -5.05
CA PHE A 90 2.60 10.78 -5.92
C PHE A 90 3.75 11.52 -6.66
N ASN A 91 3.39 12.61 -7.36
CA ASN A 91 4.34 13.42 -8.14
C ASN A 91 5.30 14.20 -7.21
N LYS A 92 4.72 14.66 -6.07
CA LYS A 92 5.44 15.46 -5.07
C LYS A 92 6.71 14.74 -4.56
N ILE A 93 6.58 13.45 -4.26
CA ILE A 93 7.72 12.63 -3.83
C ILE A 93 8.56 12.15 -5.02
N ALA A 94 7.90 11.91 -6.18
CA ALA A 94 8.52 11.26 -7.35
C ALA A 94 9.72 12.05 -7.90
N VAL A 95 9.63 13.39 -7.82
CA VAL A 95 10.74 14.29 -8.24
C VAL A 95 11.97 14.12 -7.32
N PHE A 96 11.73 13.85 -6.03
CA PHE A 96 12.80 13.53 -5.05
C PHE A 96 13.15 12.03 -5.09
N PHE A 97 12.16 11.22 -5.56
CA PHE A 97 12.13 9.74 -5.51
C PHE A 97 11.83 9.22 -4.09
N GLN A 98 12.43 9.83 -3.06
CA GLN A 98 12.22 9.47 -1.66
C GLN A 98 12.44 10.74 -0.77
N GLY B 1 15.08 -3.80 9.72
CA GLY B 1 14.37 -4.72 8.80
C GLY B 1 13.83 -4.03 7.54
N SER B 2 14.41 -2.85 7.19
CA SER B 2 14.03 -2.13 5.95
C SER B 2 15.24 -1.31 5.44
N MET B 3 15.85 -1.77 4.33
CA MET B 3 16.97 -1.13 3.64
C MET B 3 16.71 -1.20 2.12
N GLN B 4 16.19 -0.09 1.56
CA GLN B 4 15.80 0.00 0.15
C GLN B 4 17.01 -0.13 -0.80
N ASN B 5 17.25 -1.37 -1.25
CA ASN B 5 18.19 -1.68 -2.35
C ASN B 5 17.51 -1.42 -3.69
N THR B 6 18.03 -0.46 -4.45
CA THR B 6 17.48 -0.05 -5.75
C THR B 6 18.11 -0.88 -6.89
N THR B 7 18.09 -2.20 -6.70
CA THR B 7 18.69 -3.18 -7.62
C THR B 7 17.81 -4.44 -7.72
N HIS B 8 18.27 -5.43 -8.52
CA HIS B 8 17.63 -6.75 -8.61
C HIS B 8 17.78 -7.51 -7.27
N ASP B 9 16.82 -7.28 -6.37
CA ASP B 9 16.79 -7.88 -5.03
C ASP B 9 15.33 -7.92 -4.58
N ASN B 10 14.66 -6.78 -4.72
CA ASN B 10 13.21 -6.68 -4.56
C ASN B 10 12.52 -7.15 -5.84
N VAL B 11 11.58 -8.09 -5.69
CA VAL B 11 10.66 -8.49 -6.76
C VAL B 11 9.42 -7.59 -6.72
N ILE B 12 8.85 -7.38 -7.90
CA ILE B 12 7.66 -6.55 -8.11
C ILE B 12 6.43 -7.47 -8.14
N LEU B 13 5.73 -7.59 -6.99
CA LEU B 13 4.57 -8.50 -6.90
C LEU B 13 3.33 -7.75 -7.39
N GLU B 14 3.09 -7.80 -8.70
CA GLU B 14 2.00 -7.07 -9.33
C GLU B 14 0.76 -7.96 -9.27
N LEU B 15 -0.14 -7.62 -8.34
CA LEU B 15 -1.45 -8.24 -8.23
C LEU B 15 -2.52 -7.16 -8.43
N THR B 16 -3.36 -7.37 -9.44
CA THR B 16 -4.45 -6.46 -9.76
C THR B 16 -5.65 -6.87 -8.95
N VAL B 17 -6.08 -6.03 -8.02
CA VAL B 17 -7.29 -6.27 -7.23
C VAL B 17 -8.44 -5.44 -7.78
N ARG B 18 -9.65 -5.96 -7.67
CA ARG B 18 -10.88 -5.17 -7.87
C ARG B 18 -11.31 -4.66 -6.50
N ASN B 19 -11.31 -3.32 -6.34
CA ASN B 19 -11.41 -2.63 -5.04
C ASN B 19 -12.71 -3.00 -4.31
N HIS B 20 -12.60 -4.07 -3.53
CA HIS B 20 -13.63 -4.57 -2.63
C HIS B 20 -13.17 -4.27 -1.18
N PRO B 21 -14.10 -3.97 -0.22
CA PRO B 21 -13.74 -3.72 1.20
C PRO B 21 -12.91 -4.88 1.83
N GLY B 22 -11.58 -4.67 1.91
CA GLY B 22 -10.67 -5.62 2.57
C GLY B 22 -9.57 -6.18 1.66
N VAL B 23 -9.62 -5.88 0.34
CA VAL B 23 -8.61 -6.40 -0.64
C VAL B 23 -7.16 -6.11 -0.20
N MET B 24 -6.94 -4.89 0.29
CA MET B 24 -5.64 -4.41 0.79
C MET B 24 -5.20 -5.21 2.05
N THR B 25 -6.17 -5.57 2.91
CA THR B 25 -5.91 -6.33 4.15
C THR B 25 -5.53 -7.79 3.83
N HIS B 26 -6.15 -8.32 2.76
CA HIS B 26 -5.89 -9.69 2.26
C HIS B 26 -4.44 -9.80 1.75
N VAL B 27 -4.02 -8.87 0.88
CA VAL B 27 -2.68 -8.92 0.25
C VAL B 27 -1.57 -8.75 1.30
N CYS B 28 -1.76 -7.77 2.20
CA CYS B 28 -0.84 -7.49 3.30
C CYS B 28 -0.73 -8.69 4.27
N GLY B 29 -1.82 -9.46 4.39
CA GLY B 29 -1.87 -10.66 5.24
C GLY B 29 -0.86 -11.73 4.81
N LEU B 30 -0.85 -12.04 3.49
CA LEU B 30 -0.02 -13.13 2.94
C LEU B 30 1.50 -12.83 3.02
N PHE B 31 1.88 -11.58 2.79
CA PHE B 31 3.31 -11.18 2.75
C PHE B 31 3.87 -10.94 4.17
N ALA B 32 2.99 -10.56 5.11
CA ALA B 32 3.36 -10.35 6.53
C ALA B 32 3.63 -11.69 7.24
N ARG B 33 2.74 -12.69 6.97
CA ARG B 33 2.75 -13.99 7.67
C ARG B 33 3.96 -14.87 7.28
N ARG B 34 4.74 -14.41 6.27
CA ARG B 34 5.95 -15.11 5.83
C ARG B 34 7.00 -15.10 6.94
N ALA B 35 7.63 -13.92 7.13
CA ALA B 35 8.77 -13.73 8.05
C ALA B 35 9.28 -12.30 7.92
N PHE B 36 9.62 -11.94 6.68
CA PHE B 36 10.27 -10.66 6.35
C PHE B 36 9.21 -9.63 5.90
N ASN B 37 9.55 -8.35 6.06
CA ASN B 37 8.68 -7.20 5.76
C ASN B 37 8.58 -6.94 4.25
N VAL B 38 7.72 -5.98 3.90
CA VAL B 38 7.72 -5.34 2.57
C VAL B 38 8.44 -4.00 2.72
N GLU B 39 9.31 -3.67 1.76
CA GLU B 39 10.11 -2.43 1.77
C GLU B 39 9.18 -1.24 1.47
N GLY B 40 8.46 -1.34 0.33
CA GLY B 40 7.57 -0.28 -0.14
C GLY B 40 6.31 -0.87 -0.77
N ILE B 41 5.19 -0.14 -0.68
CA ILE B 41 3.89 -0.58 -1.22
C ILE B 41 3.40 0.48 -2.20
N LEU B 42 2.83 0.04 -3.33
CA LEU B 42 2.35 0.95 -4.37
C LEU B 42 1.11 0.37 -5.08
N CYS B 43 -0.06 0.90 -4.68
CA CYS B 43 -1.35 0.63 -5.30
C CYS B 43 -1.74 1.80 -6.19
N LEU B 44 -1.59 1.60 -7.51
CA LEU B 44 -2.02 2.55 -8.53
C LEU B 44 -3.44 2.19 -8.99
N PRO B 45 -4.49 3.00 -8.65
CA PRO B 45 -5.87 2.75 -9.11
C PRO B 45 -6.05 3.03 -10.62
N ILE B 46 -6.86 2.20 -11.27
CA ILE B 46 -7.20 2.36 -12.70
C ILE B 46 -8.54 3.08 -12.80
N GLN B 47 -8.56 4.20 -13.55
CA GLN B 47 -9.78 5.03 -13.71
C GLN B 47 -10.78 4.39 -14.68
N ASP B 48 -10.30 3.50 -15.54
CA ASP B 48 -11.10 2.85 -16.60
C ASP B 48 -12.15 1.88 -16.01
N SER B 49 -11.74 1.10 -15.01
CA SER B 49 -12.59 0.08 -14.36
C SER B 49 -12.20 -0.05 -12.89
N ASP B 50 -13.04 -0.77 -12.10
CA ASP B 50 -12.76 -1.04 -10.67
C ASP B 50 -11.64 -2.09 -10.55
N LYS B 51 -10.41 -1.60 -10.70
CA LYS B 51 -9.15 -2.37 -10.61
C LYS B 51 -8.07 -1.45 -10.07
N SER B 52 -7.05 -2.05 -9.45
CA SER B 52 -5.87 -1.36 -8.93
C SER B 52 -4.70 -2.34 -8.98
N HIS B 53 -3.55 -1.90 -9.51
CA HIS B 53 -2.32 -2.70 -9.50
C HIS B 53 -1.54 -2.37 -8.21
N ILE B 54 -1.54 -3.32 -7.27
CA ILE B 54 -0.73 -3.21 -6.04
C ILE B 54 0.52 -4.03 -6.28
N TRP B 55 1.66 -3.37 -6.55
CA TRP B 55 2.94 -4.06 -6.61
C TRP B 55 3.75 -3.79 -5.34
N LEU B 56 4.16 -4.90 -4.71
CA LEU B 56 4.88 -4.89 -3.46
C LEU B 56 6.37 -4.98 -3.77
N LEU B 57 7.12 -4.02 -3.22
CA LEU B 57 8.57 -3.98 -3.33
C LEU B 57 9.13 -4.79 -2.17
N VAL B 58 9.32 -6.08 -2.42
CA VAL B 58 9.66 -7.08 -1.40
C VAL B 58 10.59 -8.11 -2.04
N ASN B 59 11.46 -8.76 -1.27
CA ASN B 59 12.27 -9.87 -1.81
C ASN B 59 11.42 -11.17 -1.81
N ASP B 60 11.59 -11.99 -2.86
CA ASP B 60 10.90 -13.28 -3.01
C ASP B 60 11.47 -14.32 -2.06
N ASP B 61 10.62 -15.28 -1.69
CA ASP B 61 10.97 -16.37 -0.76
C ASP B 61 10.28 -17.66 -1.23
N GLN B 62 10.76 -18.80 -0.71
CA GLN B 62 10.23 -20.15 -1.04
C GLN B 62 8.77 -20.29 -0.60
N ARG B 63 8.45 -19.69 0.56
CA ARG B 63 7.10 -19.71 1.14
C ARG B 63 6.21 -18.66 0.47
N LEU B 64 6.85 -17.57 -0.04
CA LEU B 64 6.14 -16.43 -0.64
C LEU B 64 5.28 -16.89 -1.83
N GLU B 65 5.91 -17.67 -2.75
CA GLU B 65 5.27 -18.21 -3.98
C GLU B 65 4.02 -19.05 -3.65
N GLN B 66 4.10 -19.80 -2.55
CA GLN B 66 3.02 -20.71 -2.09
C GLN B 66 1.79 -19.91 -1.67
N MET B 67 2.04 -18.83 -0.92
CA MET B 67 1.00 -17.91 -0.43
C MET B 67 0.46 -17.02 -1.58
N ILE B 68 1.33 -16.77 -2.58
CA ILE B 68 0.95 -16.04 -3.81
C ILE B 68 -0.03 -16.89 -4.66
N SER B 69 0.16 -18.22 -4.66
CA SER B 69 -0.73 -19.16 -5.36
C SER B 69 -2.09 -19.26 -4.64
N GLN B 70 -2.05 -19.10 -3.31
CA GLN B 70 -3.23 -19.19 -2.43
C GLN B 70 -4.06 -17.90 -2.50
N ILE B 71 -3.39 -16.73 -2.51
CA ILE B 71 -4.08 -15.42 -2.56
C ILE B 71 -4.78 -15.21 -3.92
N ASP B 72 -4.21 -15.83 -4.97
CA ASP B 72 -4.78 -15.85 -6.32
C ASP B 72 -6.22 -16.41 -6.33
N LYS B 73 -6.46 -17.39 -5.42
CA LYS B 73 -7.76 -18.10 -5.28
C LYS B 73 -8.87 -17.18 -4.75
N LEU B 74 -8.47 -16.03 -4.17
CA LEU B 74 -9.40 -15.03 -3.63
C LEU B 74 -10.05 -14.23 -4.78
N GLU B 75 -11.31 -13.82 -4.55
CA GLU B 75 -12.10 -12.98 -5.49
C GLU B 75 -11.51 -11.56 -5.59
N ASP B 76 -10.74 -11.19 -4.56
CA ASP B 76 -9.97 -9.94 -4.48
C ASP B 76 -9.03 -9.80 -5.68
N VAL B 77 -8.25 -10.88 -5.91
CA VAL B 77 -7.20 -10.93 -6.92
C VAL B 77 -7.79 -11.27 -8.31
N VAL B 78 -7.69 -10.30 -9.23
CA VAL B 78 -7.99 -10.46 -10.67
C VAL B 78 -6.74 -11.03 -11.39
N LYS B 79 -5.57 -10.40 -11.14
CA LYS B 79 -4.25 -10.84 -11.66
C LYS B 79 -3.29 -11.04 -10.49
N VAL B 80 -2.31 -11.94 -10.66
CA VAL B 80 -1.15 -12.06 -9.75
C VAL B 80 0.08 -12.49 -10.59
N GLN B 81 1.18 -11.74 -10.48
CA GLN B 81 2.41 -12.00 -11.24
C GLN B 81 3.64 -11.50 -10.46
N ARG B 82 4.70 -12.33 -10.40
CA ARG B 82 5.96 -12.00 -9.73
C ARG B 82 6.97 -11.55 -10.77
N ASN B 83 7.01 -10.24 -11.03
CA ASN B 83 7.92 -9.63 -12.00
C ASN B 83 9.22 -9.26 -11.26
N GLN B 84 10.32 -9.98 -11.50
CA GLN B 84 11.58 -9.72 -10.79
C GLN B 84 12.32 -8.61 -11.56
N SER B 85 12.15 -7.38 -11.06
CA SER B 85 12.67 -6.16 -11.69
C SER B 85 13.06 -5.15 -10.60
N ASP B 86 13.72 -4.07 -11.03
CA ASP B 86 14.15 -2.96 -10.17
C ASP B 86 12.94 -2.13 -9.69
N PRO B 87 13.04 -1.39 -8.53
CA PRO B 87 11.94 -0.56 -7.98
C PRO B 87 11.70 0.77 -8.73
N THR B 88 12.18 0.85 -9.98
CA THR B 88 11.98 2.02 -10.87
C THR B 88 10.50 2.18 -11.31
N MET B 89 9.66 1.20 -10.92
CA MET B 89 8.21 1.18 -11.21
C MET B 89 7.47 2.44 -10.69
N PHE B 90 8.00 3.05 -9.60
CA PHE B 90 7.48 4.35 -9.07
C PHE B 90 7.56 5.44 -10.16
N ASN B 91 8.77 5.63 -10.72
CA ASN B 91 9.05 6.62 -11.77
C ASN B 91 8.37 6.25 -13.10
N LYS B 92 8.32 4.92 -13.36
CA LYS B 92 7.79 4.36 -14.61
C LYS B 92 6.32 4.78 -14.82
N ILE B 93 5.52 4.70 -13.75
CA ILE B 93 4.12 5.12 -13.79
C ILE B 93 3.96 6.64 -13.62
N ALA B 94 4.89 7.27 -12.86
CA ALA B 94 4.78 8.69 -12.43
C ALA B 94 4.76 9.65 -13.62
N VAL B 95 5.49 9.29 -14.69
CA VAL B 95 5.51 10.08 -15.93
C VAL B 95 4.12 10.05 -16.64
N PHE B 96 3.42 8.90 -16.54
CA PHE B 96 2.05 8.73 -17.09
C PHE B 96 0.98 9.21 -16.09
N PHE B 97 1.34 9.18 -14.78
CA PHE B 97 0.45 9.42 -13.62
C PHE B 97 -0.46 8.20 -13.32
N GLN B 98 -0.87 7.44 -14.37
CA GLN B 98 -1.68 6.21 -14.24
C GLN B 98 -1.41 5.30 -15.46
N GLY A 1 -19.37 9.95 5.79
CA GLY A 1 -18.59 11.00 5.10
C GLY A 1 -18.93 11.10 3.62
N SER A 2 -18.22 12.00 2.91
CA SER A 2 -18.40 12.23 1.47
C SER A 2 -17.79 11.08 0.64
N MET A 3 -18.52 9.96 0.57
CA MET A 3 -18.06 8.72 -0.10
C MET A 3 -17.98 8.91 -1.63
N GLN A 4 -16.87 9.51 -2.09
CA GLN A 4 -16.62 9.84 -3.52
C GLN A 4 -15.12 10.12 -3.73
N ASN A 5 -14.76 10.53 -4.97
CA ASN A 5 -13.38 10.87 -5.36
C ASN A 5 -13.32 12.28 -5.95
N THR A 6 -12.61 13.19 -5.25
CA THR A 6 -12.44 14.59 -5.65
C THR A 6 -11.16 15.13 -4.98
N THR A 7 -10.58 16.22 -5.54
CA THR A 7 -9.25 16.76 -5.11
C THR A 7 -9.27 17.52 -3.76
N HIS A 8 -10.20 17.15 -2.86
CA HIS A 8 -10.29 17.70 -1.49
C HIS A 8 -11.17 16.79 -0.62
N ASP A 9 -12.16 16.14 -1.27
CA ASP A 9 -13.02 15.13 -0.60
C ASP A 9 -12.20 13.93 -0.16
N ASN A 10 -11.20 13.52 -0.99
CA ASN A 10 -10.21 12.53 -0.55
C ASN A 10 -9.18 13.25 0.33
N VAL A 11 -8.53 12.48 1.19
CA VAL A 11 -7.55 12.96 2.14
C VAL A 11 -6.30 12.11 2.05
N ILE A 12 -5.18 12.77 2.24
CA ILE A 12 -3.88 12.14 2.33
C ILE A 12 -3.65 11.77 3.80
N LEU A 13 -3.79 10.49 4.11
CA LEU A 13 -3.45 9.97 5.44
C LEU A 13 -1.97 9.61 5.42
N GLU A 14 -1.11 10.52 5.87
CA GLU A 14 0.35 10.28 5.89
C GLU A 14 0.69 9.61 7.22
N LEU A 15 0.73 8.28 7.15
CA LEU A 15 0.93 7.41 8.30
C LEU A 15 2.43 7.18 8.49
N THR A 16 2.90 7.33 9.71
CA THR A 16 4.29 6.99 10.06
C THR A 16 4.26 5.67 10.83
N VAL A 17 4.55 4.57 10.14
CA VAL A 17 4.69 3.26 10.76
C VAL A 17 6.15 2.84 10.67
N ARG A 18 6.64 2.02 11.59
CA ARG A 18 8.00 1.44 11.45
C ARG A 18 7.92 0.10 10.71
N ASN A 19 9.00 -0.20 9.96
CA ASN A 19 9.03 -1.30 9.00
C ASN A 19 9.06 -2.66 9.73
N HIS A 20 7.86 -3.18 9.96
CA HIS A 20 7.61 -4.50 10.56
C HIS A 20 6.58 -5.25 9.69
N PRO A 21 6.75 -6.59 9.44
CA PRO A 21 5.79 -7.35 8.61
C PRO A 21 4.41 -7.51 9.29
N GLY A 22 3.41 -6.77 8.77
CA GLY A 22 2.02 -6.85 9.27
C GLY A 22 1.43 -5.49 9.64
N VAL A 23 2.25 -4.43 9.60
CA VAL A 23 1.82 -3.07 10.00
C VAL A 23 1.11 -2.34 8.84
N MET A 24 1.50 -2.66 7.60
CA MET A 24 0.82 -2.18 6.39
C MET A 24 -0.54 -2.88 6.23
N THR A 25 -0.60 -4.16 6.67
CA THR A 25 -1.86 -4.91 6.83
C THR A 25 -2.77 -4.23 7.86
N HIS A 26 -2.13 -3.80 8.96
CA HIS A 26 -2.80 -3.21 10.13
C HIS A 26 -3.53 -1.91 9.73
N VAL A 27 -2.80 -1.00 9.06
CA VAL A 27 -3.34 0.31 8.66
C VAL A 27 -4.50 0.15 7.67
N CYS A 28 -4.27 -0.67 6.63
CA CYS A 28 -5.29 -0.96 5.60
C CYS A 28 -6.53 -1.62 6.22
N GLY A 29 -6.32 -2.40 7.31
CA GLY A 29 -7.39 -3.10 8.01
C GLY A 29 -8.40 -2.17 8.66
N LEU A 30 -7.90 -1.09 9.30
CA LEU A 30 -8.76 -0.08 9.95
C LEU A 30 -9.57 0.72 8.91
N PHE A 31 -8.91 1.17 7.84
CA PHE A 31 -9.57 2.04 6.82
C PHE A 31 -10.58 1.25 5.96
N ALA A 32 -10.34 -0.07 5.85
CA ALA A 32 -11.29 -1.02 5.21
C ALA A 32 -12.61 -1.11 5.98
N ARG A 33 -12.50 -1.30 7.32
CA ARG A 33 -13.64 -1.59 8.20
C ARG A 33 -14.41 -0.31 8.60
N ARG A 34 -13.95 0.87 8.10
CA ARG A 34 -14.60 2.14 8.36
C ARG A 34 -15.97 2.18 7.66
N ALA A 35 -15.93 2.04 6.31
CA ALA A 35 -17.13 2.04 5.45
C ALA A 35 -16.70 1.90 3.98
N PHE A 36 -15.96 2.89 3.50
CA PHE A 36 -15.60 3.05 2.08
C PHE A 36 -14.27 2.31 1.77
N ASN A 37 -14.00 2.14 0.47
CA ASN A 37 -12.77 1.52 -0.09
C ASN A 37 -11.54 2.43 0.14
N VAL A 38 -10.36 1.96 -0.26
CA VAL A 38 -9.16 2.81 -0.38
C VAL A 38 -8.93 3.14 -1.86
N GLU A 39 -8.68 4.42 -2.14
CA GLU A 39 -8.40 4.93 -3.49
C GLU A 39 -6.95 4.59 -3.90
N GLY A 40 -5.97 5.05 -3.10
CA GLY A 40 -4.55 4.90 -3.41
C GLY A 40 -3.71 4.63 -2.18
N ILE A 41 -2.58 3.91 -2.34
CA ILE A 41 -1.59 3.66 -1.26
C ILE A 41 -0.18 3.92 -1.81
N LEU A 42 0.69 4.52 -0.97
CA LEU A 42 2.12 4.65 -1.27
C LEU A 42 2.95 4.42 0.01
N CYS A 43 3.47 3.20 0.17
CA CYS A 43 4.37 2.86 1.28
C CYS A 43 5.81 3.14 0.83
N LEU A 44 6.30 4.36 1.15
CA LEU A 44 7.65 4.83 0.79
C LEU A 44 8.61 4.49 1.94
N PRO A 45 9.62 3.59 1.73
CA PRO A 45 10.56 3.17 2.81
C PRO A 45 11.62 4.24 3.14
N ILE A 46 11.98 4.32 4.44
CA ILE A 46 12.99 5.24 4.97
C ILE A 46 14.29 4.45 5.23
N GLN A 47 15.41 4.92 4.67
CA GLN A 47 16.73 4.25 4.83
C GLN A 47 17.41 4.69 6.13
N ASP A 48 17.08 5.92 6.58
CA ASP A 48 17.70 6.56 7.75
C ASP A 48 17.45 5.75 9.05
N SER A 49 16.23 5.24 9.17
CA SER A 49 15.77 4.41 10.30
C SER A 49 14.72 3.42 9.79
N ASP A 50 14.47 2.32 10.55
CA ASP A 50 13.48 1.28 10.14
C ASP A 50 12.03 1.84 10.24
N LYS A 51 11.63 2.59 9.22
CA LYS A 51 10.31 3.25 9.12
C LYS A 51 9.86 3.26 7.65
N SER A 52 8.58 3.56 7.47
CA SER A 52 7.95 3.72 6.16
C SER A 52 6.70 4.60 6.33
N HIS A 53 6.55 5.62 5.47
CA HIS A 53 5.34 6.47 5.46
C HIS A 53 4.38 5.93 4.40
N ILE A 54 3.10 5.74 4.78
CA ILE A 54 2.05 5.30 3.84
C ILE A 54 1.17 6.52 3.51
N TRP A 55 1.10 6.90 2.21
CA TRP A 55 0.14 7.90 1.72
C TRP A 55 -1.16 7.16 1.35
N LEU A 56 -2.09 7.15 2.30
CA LEU A 56 -3.37 6.44 2.18
C LEU A 56 -4.43 7.45 1.70
N LEU A 57 -4.81 7.34 0.42
CA LEU A 57 -5.83 8.19 -0.22
C LEU A 57 -7.20 7.56 -0.01
N VAL A 58 -8.05 8.24 0.76
CA VAL A 58 -9.45 7.83 1.02
C VAL A 58 -10.27 9.09 1.33
N ASN A 59 -11.58 9.10 1.06
CA ASN A 59 -12.43 10.20 1.57
C ASN A 59 -12.56 10.10 3.10
N ASP A 60 -12.31 11.21 3.81
CA ASP A 60 -12.44 11.29 5.27
C ASP A 60 -13.91 11.15 5.68
N ASP A 61 -14.09 10.68 6.90
CA ASP A 61 -15.39 10.41 7.50
C ASP A 61 -15.30 10.80 8.98
N GLN A 62 -16.44 11.14 9.58
CA GLN A 62 -16.52 11.42 11.03
C GLN A 62 -16.13 10.17 11.84
N ARG A 63 -16.45 9.01 11.27
CA ARG A 63 -16.09 7.69 11.80
C ARG A 63 -14.63 7.33 11.47
N LEU A 64 -14.11 7.85 10.33
CA LEU A 64 -12.69 7.63 9.93
C LEU A 64 -11.74 8.29 10.94
N GLU A 65 -12.14 9.48 11.46
CA GLU A 65 -11.41 10.22 12.50
C GLU A 65 -11.17 9.35 13.75
N GLN A 66 -12.27 8.71 14.21
CA GLN A 66 -12.28 7.77 15.35
C GLN A 66 -11.37 6.56 15.07
N MET A 67 -11.44 6.07 13.82
CA MET A 67 -10.69 4.91 13.34
C MET A 67 -9.16 5.18 13.34
N ILE A 68 -8.82 6.43 12.92
CA ILE A 68 -7.45 6.97 12.92
C ILE A 68 -6.93 7.10 14.38
N SER A 69 -7.82 7.56 15.26
CA SER A 69 -7.53 7.76 16.69
C SER A 69 -7.28 6.43 17.42
N GLN A 70 -7.92 5.34 16.95
CA GLN A 70 -7.82 4.02 17.57
C GLN A 70 -6.45 3.42 17.25
N ILE A 71 -6.12 3.41 15.95
CA ILE A 71 -4.89 2.79 15.43
C ILE A 71 -3.62 3.56 15.87
N ASP A 72 -3.80 4.89 16.07
CA ASP A 72 -2.76 5.81 16.59
C ASP A 72 -2.17 5.30 17.91
N LYS A 73 -3.04 4.73 18.75
CA LYS A 73 -2.69 4.27 20.11
C LYS A 73 -1.88 2.96 20.10
N LEU A 74 -1.71 2.34 18.91
CA LEU A 74 -0.90 1.14 18.73
C LEU A 74 0.55 1.53 18.38
N GLU A 75 1.48 0.64 18.75
CA GLU A 75 2.93 0.88 18.67
C GLU A 75 3.48 0.72 17.23
N ASP A 76 2.64 0.15 16.32
CA ASP A 76 3.03 0.00 14.91
C ASP A 76 3.03 1.38 14.23
N VAL A 77 1.96 2.14 14.49
CA VAL A 77 1.83 3.53 14.04
C VAL A 77 2.62 4.42 15.01
N VAL A 78 3.84 4.77 14.61
CA VAL A 78 4.76 5.61 15.40
C VAL A 78 4.18 7.04 15.52
N LYS A 79 3.65 7.54 14.39
CA LYS A 79 2.92 8.83 14.28
C LYS A 79 1.82 8.68 13.24
N VAL A 80 0.72 9.44 13.37
CA VAL A 80 -0.36 9.46 12.36
C VAL A 80 -0.74 10.92 12.04
N GLN A 81 -0.96 11.23 10.75
CA GLN A 81 -1.52 12.53 10.33
C GLN A 81 -2.56 12.33 9.22
N ARG A 82 -3.55 13.23 9.19
CA ARG A 82 -4.53 13.34 8.11
C ARG A 82 -4.50 14.78 7.58
N ASN A 83 -4.12 14.94 6.31
CA ASN A 83 -4.14 16.24 5.60
C ASN A 83 -5.00 16.10 4.36
N GLN A 84 -6.00 16.98 4.22
CA GLN A 84 -6.91 16.98 3.06
C GLN A 84 -6.25 17.83 1.97
N SER A 85 -5.89 17.18 0.86
CA SER A 85 -5.07 17.78 -0.18
C SER A 85 -5.29 17.05 -1.52
N ASP A 86 -4.62 17.58 -2.57
CA ASP A 86 -4.73 17.08 -3.94
C ASP A 86 -4.09 15.66 -4.05
N PRO A 87 -4.77 14.69 -4.77
CA PRO A 87 -4.27 13.30 -4.97
C PRO A 87 -2.80 13.22 -5.43
N THR A 88 -2.35 14.14 -6.31
CA THR A 88 -1.00 14.10 -6.93
C THR A 88 0.16 14.25 -5.92
N MET A 89 -0.17 14.45 -4.63
CA MET A 89 0.81 14.42 -3.53
C MET A 89 1.62 13.09 -3.54
N PHE A 90 0.91 11.93 -3.74
CA PHE A 90 1.55 10.60 -3.75
C PHE A 90 2.59 10.53 -4.90
N ASN A 91 2.21 11.11 -6.06
CA ASN A 91 3.07 11.19 -7.25
C ASN A 91 4.31 12.07 -6.96
N LYS A 92 4.06 13.19 -6.23
CA LYS A 92 5.07 14.24 -5.97
C LYS A 92 6.30 13.67 -5.26
N ILE A 93 6.09 12.99 -4.10
CA ILE A 93 7.23 12.43 -3.34
C ILE A 93 7.77 11.15 -3.99
N ALA A 94 6.90 10.40 -4.73
CA ALA A 94 7.32 9.20 -5.47
C ALA A 94 8.45 9.52 -6.47
N VAL A 95 8.22 10.55 -7.31
CA VAL A 95 9.20 11.00 -8.31
C VAL A 95 10.38 11.73 -7.64
N PHE A 96 10.10 12.42 -6.52
CA PHE A 96 11.13 13.17 -5.74
C PHE A 96 12.12 12.19 -5.06
N PHE A 97 11.62 11.01 -4.70
CA PHE A 97 12.41 9.95 -4.06
C PHE A 97 13.43 9.40 -5.07
N GLN A 98 12.96 9.19 -6.33
CA GLN A 98 13.75 8.69 -7.45
C GLN A 98 14.10 7.18 -7.24
N GLY B 1 14.56 -17.09 1.16
CA GLY B 1 15.04 -15.97 0.33
C GLY B 1 16.11 -15.15 1.02
N SER B 2 16.26 -13.89 0.59
CA SER B 2 17.21 -12.95 1.19
C SER B 2 16.53 -12.10 2.28
N MET B 3 17.31 -11.22 2.91
CA MET B 3 16.84 -10.28 3.94
C MET B 3 17.41 -8.88 3.63
N GLN B 4 17.39 -8.50 2.34
CA GLN B 4 18.02 -7.27 1.85
C GLN B 4 17.40 -6.81 0.53
N ASN B 5 18.09 -5.85 -0.12
CA ASN B 5 17.89 -5.48 -1.53
C ASN B 5 19.08 -4.64 -2.02
N THR B 6 19.36 -4.69 -3.32
CA THR B 6 20.38 -3.85 -3.97
C THR B 6 19.86 -3.39 -5.34
N THR B 7 19.58 -4.37 -6.24
CA THR B 7 19.21 -4.10 -7.65
C THR B 7 18.00 -4.96 -8.07
N HIS B 8 18.18 -6.29 -8.08
CA HIS B 8 17.14 -7.26 -8.51
C HIS B 8 16.89 -8.30 -7.41
N ASP B 9 17.34 -8.00 -6.18
CA ASP B 9 17.12 -8.88 -5.02
C ASP B 9 15.64 -8.84 -4.62
N ASN B 10 15.07 -7.63 -4.71
CA ASN B 10 13.62 -7.42 -4.54
C ASN B 10 12.89 -7.76 -5.85
N VAL B 11 11.58 -7.91 -5.75
CA VAL B 11 10.70 -8.24 -6.87
C VAL B 11 9.50 -7.32 -6.84
N ILE B 12 9.04 -6.96 -8.03
CA ILE B 12 7.83 -6.22 -8.23
C ILE B 12 6.68 -7.21 -8.33
N LEU B 13 5.89 -7.32 -7.27
CA LEU B 13 4.67 -8.12 -7.29
C LEU B 13 3.54 -7.23 -7.78
N GLU B 14 3.24 -7.26 -9.09
CA GLU B 14 2.19 -6.43 -9.67
C GLU B 14 0.87 -7.20 -9.57
N LEU B 15 0.16 -6.90 -8.50
CA LEU B 15 -1.08 -7.57 -8.12
C LEU B 15 -2.25 -6.87 -8.79
N THR B 16 -3.14 -7.63 -9.40
CA THR B 16 -4.39 -7.10 -9.93
C THR B 16 -5.52 -7.51 -9.00
N VAL B 17 -5.93 -6.60 -8.13
CA VAL B 17 -7.08 -6.79 -7.24
C VAL B 17 -8.18 -5.83 -7.69
N ARG B 18 -9.45 -6.17 -7.45
CA ARG B 18 -10.54 -5.21 -7.69
C ARG B 18 -10.82 -4.40 -6.42
N ASN B 19 -11.25 -3.15 -6.62
CA ASN B 19 -11.34 -2.14 -5.56
C ASN B 19 -12.49 -2.46 -4.61
N HIS B 20 -12.16 -3.24 -3.58
CA HIS B 20 -13.08 -3.63 -2.48
C HIS B 20 -12.36 -3.35 -1.13
N PRO B 21 -13.07 -2.82 -0.08
CA PRO B 21 -12.42 -2.52 1.23
C PRO B 21 -12.00 -3.82 1.99
N GLY B 22 -10.67 -4.08 2.03
CA GLY B 22 -10.10 -5.22 2.76
C GLY B 22 -9.20 -6.10 1.90
N VAL B 23 -9.11 -5.81 0.59
CA VAL B 23 -8.31 -6.62 -0.36
C VAL B 23 -6.83 -6.19 -0.35
N MET B 24 -6.59 -4.91 -0.07
CA MET B 24 -5.23 -4.37 0.13
C MET B 24 -4.66 -4.85 1.49
N THR B 25 -5.58 -5.04 2.47
CA THR B 25 -5.28 -5.72 3.74
C THR B 25 -4.88 -7.18 3.48
N HIS B 26 -5.66 -7.81 2.57
CA HIS B 26 -5.57 -9.22 2.24
C HIS B 26 -4.19 -9.55 1.64
N VAL B 27 -3.76 -8.75 0.63
CA VAL B 27 -2.49 -8.96 -0.07
C VAL B 27 -1.30 -8.77 0.88
N CYS B 28 -1.31 -7.66 1.63
CA CYS B 28 -0.26 -7.33 2.60
C CYS B 28 -0.16 -8.41 3.71
N GLY B 29 -1.31 -9.03 4.02
CA GLY B 29 -1.42 -10.07 5.05
C GLY B 29 -0.61 -11.32 4.72
N LEU B 30 -0.65 -11.75 3.44
CA LEU B 30 0.07 -12.95 2.98
C LEU B 30 1.60 -12.71 2.96
N PHE B 31 2.02 -11.56 2.45
CA PHE B 31 3.45 -11.23 2.29
C PHE B 31 4.12 -10.94 3.64
N ALA B 32 3.31 -10.48 4.61
CA ALA B 32 3.71 -10.31 6.01
C ALA B 32 4.08 -11.65 6.66
N ARG B 33 3.17 -12.64 6.50
CA ARG B 33 3.27 -13.94 7.19
C ARG B 33 4.24 -14.90 6.50
N ARG B 34 4.85 -14.46 5.37
CA ARG B 34 5.83 -15.26 4.63
C ARG B 34 7.09 -15.43 5.49
N ALA B 35 7.73 -14.30 5.83
CA ALA B 35 8.96 -14.25 6.65
C ALA B 35 9.42 -12.80 6.82
N PHE B 36 9.75 -12.17 5.69
CA PHE B 36 10.38 -10.85 5.64
C PHE B 36 9.30 -9.73 5.57
N ASN B 37 9.75 -8.48 5.80
CA ASN B 37 8.94 -7.25 5.74
C ASN B 37 8.54 -6.93 4.28
N VAL B 38 7.75 -5.85 4.10
CA VAL B 38 7.52 -5.25 2.77
C VAL B 38 8.36 -3.97 2.67
N GLU B 39 9.06 -3.82 1.54
CA GLU B 39 9.91 -2.66 1.24
C GLU B 39 9.04 -1.46 0.81
N GLY B 40 8.23 -1.67 -0.26
CA GLY B 40 7.42 -0.60 -0.85
C GLY B 40 6.07 -1.10 -1.33
N ILE B 41 5.04 -0.21 -1.33
CA ILE B 41 3.70 -0.50 -1.87
C ILE B 41 3.25 0.67 -2.76
N LEU B 42 2.56 0.36 -3.86
CA LEU B 42 1.89 1.36 -4.70
C LEU B 42 0.55 0.81 -5.21
N CYS B 43 -0.54 1.18 -4.53
CA CYS B 43 -1.90 0.84 -4.95
C CYS B 43 -2.42 1.94 -5.89
N LEU B 44 -2.23 1.73 -7.20
CA LEU B 44 -2.62 2.68 -8.25
C LEU B 44 -4.06 2.33 -8.72
N PRO B 45 -5.08 3.23 -8.48
CA PRO B 45 -6.49 2.94 -8.86
C PRO B 45 -6.75 3.05 -10.38
N ILE B 46 -7.64 2.18 -10.88
CA ILE B 46 -8.06 2.15 -12.29
C ILE B 46 -9.47 2.78 -12.38
N GLN B 47 -9.62 3.79 -13.26
CA GLN B 47 -10.89 4.51 -13.47
C GLN B 47 -11.80 3.75 -14.47
N ASP B 48 -11.16 2.98 -15.37
CA ASP B 48 -11.83 2.26 -16.47
C ASP B 48 -12.83 1.21 -15.92
N SER B 49 -12.41 0.53 -14.86
CA SER B 49 -13.19 -0.51 -14.16
C SER B 49 -12.78 -0.51 -12.67
N ASP B 50 -13.63 -1.05 -11.78
CA ASP B 50 -13.38 -1.08 -10.32
C ASP B 50 -12.22 -2.05 -9.98
N LYS B 51 -10.99 -1.58 -10.19
CA LYS B 51 -9.74 -2.34 -9.97
C LYS B 51 -8.65 -1.41 -9.45
N SER B 52 -7.57 -2.01 -8.98
CA SER B 52 -6.37 -1.33 -8.52
C SER B 52 -5.19 -2.31 -8.59
N HIS B 53 -4.05 -1.87 -9.18
CA HIS B 53 -2.83 -2.67 -9.20
C HIS B 53 -1.93 -2.24 -8.04
N ILE B 54 -1.43 -3.22 -7.26
CA ILE B 54 -0.49 -2.96 -6.16
C ILE B 54 0.92 -3.39 -6.61
N TRP B 55 1.88 -2.44 -6.64
CA TRP B 55 3.30 -2.75 -6.85
C TRP B 55 3.93 -3.04 -5.48
N LEU B 56 3.98 -4.32 -5.13
CA LEU B 56 4.46 -4.80 -3.83
C LEU B 56 5.96 -5.17 -3.98
N LEU B 57 6.83 -4.33 -3.43
CA LEU B 57 8.30 -4.53 -3.46
C LEU B 57 8.71 -5.34 -2.22
N VAL B 58 9.20 -6.56 -2.47
CA VAL B 58 9.72 -7.47 -1.42
C VAL B 58 10.76 -8.40 -2.06
N ASN B 59 11.76 -8.89 -1.33
CA ASN B 59 12.63 -9.97 -1.86
C ASN B 59 11.82 -11.27 -1.99
N ASP B 60 11.86 -11.90 -3.17
CA ASP B 60 11.19 -13.18 -3.44
C ASP B 60 11.82 -14.32 -2.62
N ASP B 61 10.99 -15.31 -2.35
CA ASP B 61 11.33 -16.48 -1.53
C ASP B 61 10.67 -17.69 -2.19
N GLN B 62 11.24 -18.88 -1.98
CA GLN B 62 10.65 -20.15 -2.44
C GLN B 62 9.27 -20.36 -1.77
N ARG B 63 9.16 -19.87 -0.53
CA ARG B 63 7.93 -19.88 0.26
C ARG B 63 6.98 -18.73 -0.17
N LEU B 64 7.56 -17.61 -0.67
CA LEU B 64 6.76 -16.46 -1.18
C LEU B 64 5.97 -16.89 -2.43
N GLU B 65 6.60 -17.74 -3.27
CA GLU B 65 5.97 -18.32 -4.48
C GLU B 65 4.66 -19.05 -4.13
N GLN B 66 4.75 -19.91 -3.09
CA GLN B 66 3.61 -20.68 -2.55
C GLN B 66 2.53 -19.73 -1.99
N MET B 67 3.00 -18.66 -1.33
CA MET B 67 2.14 -17.65 -0.68
C MET B 67 1.34 -16.86 -1.74
N ILE B 68 2.02 -16.55 -2.87
CA ILE B 68 1.45 -15.89 -4.06
C ILE B 68 0.40 -16.81 -4.71
N SER B 69 0.72 -18.11 -4.77
CA SER B 69 -0.13 -19.14 -5.37
C SER B 69 -1.42 -19.38 -4.57
N GLN B 70 -1.35 -19.15 -3.23
CA GLN B 70 -2.47 -19.37 -2.32
C GLN B 70 -3.49 -18.25 -2.51
N ILE B 71 -3.00 -17.00 -2.44
CA ILE B 71 -3.84 -15.79 -2.51
C ILE B 71 -4.45 -15.59 -3.93
N ASP B 72 -3.72 -16.09 -4.94
CA ASP B 72 -4.15 -16.09 -6.35
C ASP B 72 -5.52 -16.77 -6.53
N LYS B 73 -5.75 -17.81 -5.73
CA LYS B 73 -6.96 -18.64 -5.81
C LYS B 73 -8.20 -17.96 -5.18
N LEU B 74 -7.99 -16.78 -4.54
CA LEU B 74 -9.07 -15.97 -3.95
C LEU B 74 -9.57 -14.94 -4.97
N GLU B 75 -10.86 -14.61 -4.86
CA GLU B 75 -11.59 -13.77 -5.83
C GLU B 75 -11.24 -12.28 -5.72
N ASP B 76 -10.53 -11.89 -4.64
CA ASP B 76 -10.08 -10.50 -4.47
C ASP B 76 -8.95 -10.20 -5.46
N VAL B 77 -8.00 -11.15 -5.56
CA VAL B 77 -6.92 -11.11 -6.54
C VAL B 77 -7.47 -11.63 -7.88
N VAL B 78 -7.81 -10.68 -8.76
CA VAL B 78 -8.37 -10.96 -10.10
C VAL B 78 -7.28 -11.61 -10.98
N LYS B 79 -6.05 -11.08 -10.87
CA LYS B 79 -4.83 -11.63 -11.50
C LYS B 79 -3.64 -11.36 -10.57
N VAL B 80 -2.61 -12.22 -10.61
CA VAL B 80 -1.36 -12.00 -9.85
C VAL B 80 -0.14 -12.22 -10.77
N GLN B 81 0.89 -11.37 -10.65
CA GLN B 81 2.18 -11.56 -11.35
C GLN B 81 3.32 -11.17 -10.40
N ARG B 82 4.48 -11.83 -10.60
CA ARG B 82 5.74 -11.50 -9.94
C ARG B 82 6.81 -11.30 -11.03
N ASN B 83 7.35 -10.09 -11.12
CA ASN B 83 8.46 -9.76 -12.04
C ASN B 83 9.62 -9.20 -11.22
N GLN B 84 10.81 -9.79 -11.38
CA GLN B 84 12.02 -9.36 -10.68
C GLN B 84 12.70 -8.26 -11.51
N SER B 85 12.67 -7.04 -10.98
CA SER B 85 13.05 -5.83 -11.73
C SER B 85 13.49 -4.73 -10.76
N ASP B 86 13.95 -3.60 -11.35
CA ASP B 86 14.51 -2.46 -10.62
C ASP B 86 13.39 -1.77 -9.78
N PRO B 87 13.70 -1.39 -8.49
CA PRO B 87 12.74 -0.70 -7.59
C PRO B 87 11.99 0.50 -8.22
N THR B 88 12.70 1.29 -9.06
CA THR B 88 12.17 2.56 -9.63
C THR B 88 10.94 2.33 -10.57
N MET B 89 10.54 1.07 -10.79
CA MET B 89 9.31 0.73 -11.52
C MET B 89 8.09 1.40 -10.87
N PHE B 90 8.01 1.40 -9.50
CA PHE B 90 6.87 2.00 -8.76
C PHE B 90 6.82 3.52 -9.05
N ASN B 91 8.01 4.14 -9.13
CA ASN B 91 8.15 5.58 -9.42
C ASN B 91 7.70 5.87 -10.88
N LYS B 92 8.05 4.93 -11.80
CA LYS B 92 7.86 5.09 -13.25
C LYS B 92 6.37 5.31 -13.61
N ILE B 93 5.50 4.38 -13.16
CA ILE B 93 4.05 4.48 -13.46
C ILE B 93 3.36 5.54 -12.58
N ALA B 94 3.92 5.78 -11.37
CA ALA B 94 3.40 6.83 -10.46
C ALA B 94 3.41 8.21 -11.13
N VAL B 95 4.58 8.58 -11.69
CA VAL B 95 4.76 9.86 -12.40
C VAL B 95 4.05 9.83 -13.77
N PHE B 96 3.98 8.64 -14.41
CA PHE B 96 3.32 8.45 -15.70
C PHE B 96 1.79 8.63 -15.58
N PHE B 97 1.26 8.29 -14.40
CA PHE B 97 -0.17 8.42 -14.05
C PHE B 97 -0.56 9.90 -14.01
N GLN B 98 0.30 10.70 -13.34
CA GLN B 98 0.10 12.16 -13.15
C GLN B 98 -1.20 12.42 -12.34
N GLY A 1 -15.56 9.18 -2.36
CA GLY A 1 -16.76 8.54 -2.92
C GLY A 1 -17.30 9.24 -4.15
N SER A 2 -16.55 10.21 -4.70
CA SER A 2 -16.93 10.93 -5.91
C SER A 2 -16.51 10.12 -7.15
N MET A 3 -17.38 10.12 -8.16
CA MET A 3 -17.10 9.51 -9.49
C MET A 3 -16.17 10.41 -10.32
N GLN A 4 -15.96 11.66 -9.83
CA GLN A 4 -15.08 12.65 -10.45
C GLN A 4 -13.61 12.36 -10.10
N ASN A 5 -12.71 13.16 -10.68
CA ASN A 5 -11.26 13.08 -10.38
C ASN A 5 -10.99 13.36 -8.88
N THR A 6 -10.33 12.41 -8.20
CA THR A 6 -10.02 12.51 -6.76
C THR A 6 -8.91 13.55 -6.51
N THR A 7 -9.32 14.82 -6.42
CA THR A 7 -8.44 15.95 -6.11
C THR A 7 -8.50 16.22 -4.61
N HIS A 8 -9.74 16.33 -4.09
CA HIS A 8 -10.02 16.42 -2.65
C HIS A 8 -11.35 15.69 -2.36
N ASP A 9 -11.27 14.37 -2.38
CA ASP A 9 -12.40 13.46 -2.16
C ASP A 9 -11.90 12.31 -1.31
N ASN A 10 -10.79 11.74 -1.76
CA ASN A 10 -9.92 10.92 -0.94
C ASN A 10 -9.09 11.87 -0.05
N VAL A 11 -8.52 11.33 1.02
CA VAL A 11 -7.66 12.06 1.95
C VAL A 11 -6.38 11.27 2.12
N ILE A 12 -5.27 11.98 2.32
CA ILE A 12 -3.95 11.38 2.38
C ILE A 12 -3.58 11.14 3.85
N LEU A 13 -3.99 9.98 4.38
CA LEU A 13 -3.71 9.62 5.77
C LEU A 13 -2.35 8.93 5.83
N GLU A 14 -1.30 9.72 6.02
CA GLU A 14 0.05 9.16 6.08
C GLU A 14 0.37 8.82 7.52
N LEU A 15 1.02 7.70 7.71
CA LEU A 15 1.49 7.29 9.02
C LEU A 15 2.92 6.77 8.85
N THR A 16 3.79 7.34 9.68
CA THR A 16 5.19 6.99 9.73
C THR A 16 5.33 5.82 10.67
N VAL A 17 5.70 4.65 10.13
CA VAL A 17 5.80 3.42 10.89
C VAL A 17 7.20 2.84 10.75
N ARG A 18 7.66 2.14 11.78
CA ARG A 18 8.85 1.28 11.70
C ARG A 18 8.37 -0.16 11.47
N ASN A 19 9.11 -0.92 10.64
CA ASN A 19 8.63 -2.17 10.04
C ASN A 19 8.50 -3.29 11.10
N HIS A 20 7.33 -3.30 11.74
CA HIS A 20 6.83 -4.37 12.62
C HIS A 20 6.00 -5.38 11.79
N PRO A 21 5.77 -6.64 12.31
CA PRO A 21 4.95 -7.68 11.63
C PRO A 21 3.61 -7.15 11.05
N GLY A 22 3.63 -6.90 9.71
CA GLY A 22 2.46 -6.47 8.94
C GLY A 22 1.79 -5.21 9.49
N VAL A 23 2.54 -4.09 9.57
CA VAL A 23 1.97 -2.81 10.02
C VAL A 23 0.90 -2.32 9.03
N MET A 24 1.24 -2.43 7.74
CA MET A 24 0.35 -2.08 6.62
C MET A 24 -0.96 -2.93 6.64
N THR A 25 -0.91 -4.15 7.22
CA THR A 25 -2.12 -4.97 7.50
C THR A 25 -3.03 -4.23 8.52
N HIS A 26 -2.40 -3.65 9.57
CA HIS A 26 -3.10 -2.91 10.65
C HIS A 26 -3.81 -1.68 10.07
N VAL A 27 -3.08 -0.92 9.21
CA VAL A 27 -3.54 0.38 8.71
C VAL A 27 -4.80 0.22 7.82
N CYS A 28 -4.75 -0.76 6.91
CA CYS A 28 -5.89 -1.07 6.04
C CYS A 28 -7.03 -1.69 6.85
N GLY A 29 -6.68 -2.42 7.93
CA GLY A 29 -7.66 -3.04 8.82
C GLY A 29 -8.64 -2.03 9.41
N LEU A 30 -8.09 -0.90 9.89
CA LEU A 30 -8.88 0.21 10.47
C LEU A 30 -9.75 0.89 9.39
N PHE A 31 -9.11 1.37 8.31
CA PHE A 31 -9.77 2.22 7.29
C PHE A 31 -10.86 1.44 6.50
N ALA A 32 -10.67 0.11 6.37
CA ALA A 32 -11.66 -0.79 5.71
C ALA A 32 -12.89 -1.03 6.61
N ARG A 33 -12.64 -1.38 7.90
CA ARG A 33 -13.73 -1.74 8.86
C ARG A 33 -14.59 -0.52 9.24
N ARG A 34 -14.13 0.67 8.85
CA ARG A 34 -14.84 1.93 9.06
C ARG A 34 -16.17 1.90 8.30
N ALA A 35 -16.09 1.72 6.96
CA ALA A 35 -17.26 1.67 6.07
C ALA A 35 -16.81 1.38 4.65
N PHE A 36 -16.00 2.29 4.10
CA PHE A 36 -15.48 2.21 2.72
C PHE A 36 -14.02 1.78 2.77
N ASN A 37 -13.60 1.02 1.75
CA ASN A 37 -12.24 0.46 1.64
C ASN A 37 -11.23 1.54 1.21
N VAL A 38 -9.96 1.16 1.12
CA VAL A 38 -8.89 2.05 0.62
C VAL A 38 -8.93 2.10 -0.92
N GLU A 39 -8.77 3.31 -1.48
CA GLU A 39 -8.77 3.56 -2.94
C GLU A 39 -7.35 3.41 -3.50
N GLY A 40 -6.38 4.01 -2.79
CA GLY A 40 -4.98 4.03 -3.21
C GLY A 40 -4.04 3.99 -2.02
N ILE A 41 -2.83 3.45 -2.23
CA ILE A 41 -1.79 3.36 -1.18
C ILE A 41 -0.46 3.76 -1.78
N LEU A 42 0.38 4.41 -0.98
CA LEU A 42 1.78 4.63 -1.30
C LEU A 42 2.59 4.35 -0.04
N CYS A 43 3.67 3.59 -0.19
CA CYS A 43 4.54 3.19 0.92
C CYS A 43 5.95 3.08 0.38
N LEU A 44 6.88 3.82 1.00
CA LEU A 44 8.29 3.79 0.63
C LEU A 44 9.15 4.06 1.87
N PRO A 45 10.32 3.37 2.01
CA PRO A 45 11.17 3.48 3.20
C PRO A 45 11.97 4.80 3.22
N ILE A 46 12.32 5.21 4.43
CA ILE A 46 13.14 6.38 4.69
C ILE A 46 14.60 5.95 4.65
N GLN A 47 15.43 6.60 3.80
CA GLN A 47 16.83 6.23 3.63
C GLN A 47 17.66 6.55 4.89
N ASP A 48 17.33 7.67 5.53
CA ASP A 48 18.13 8.21 6.65
C ASP A 48 17.84 7.47 7.97
N SER A 49 16.62 6.94 8.12
CA SER A 49 16.15 6.37 9.40
C SER A 49 15.34 5.08 9.15
N ASP A 50 15.36 4.15 10.12
CA ASP A 50 14.67 2.84 10.01
C ASP A 50 13.16 3.01 10.24
N LYS A 51 12.47 3.46 9.18
CA LYS A 51 11.03 3.69 9.17
C LYS A 51 10.53 3.84 7.72
N SER A 52 9.24 4.11 7.55
CA SER A 52 8.57 4.22 6.25
C SER A 52 7.35 5.13 6.40
N HIS A 53 6.97 5.84 5.33
CA HIS A 53 5.72 6.62 5.29
C HIS A 53 4.74 5.91 4.36
N ILE A 54 3.53 5.62 4.87
CA ILE A 54 2.46 4.97 4.10
C ILE A 54 1.28 5.96 4.00
N TRP A 55 1.09 6.53 2.80
CA TRP A 55 -0.03 7.44 2.50
C TRP A 55 -1.26 6.62 2.06
N LEU A 56 -2.28 6.56 2.93
CA LEU A 56 -3.54 5.85 2.63
C LEU A 56 -4.55 6.84 2.04
N LEU A 57 -4.87 6.62 0.76
CA LEU A 57 -5.87 7.39 0.01
C LEU A 57 -7.23 6.75 0.24
N VAL A 58 -8.03 7.34 1.11
CA VAL A 58 -9.35 6.84 1.48
C VAL A 58 -10.27 8.04 1.71
N ASN A 59 -11.58 7.92 1.46
CA ASN A 59 -12.49 9.08 1.66
C ASN A 59 -12.76 9.28 3.16
N ASP A 60 -12.71 10.55 3.61
CA ASP A 60 -12.91 10.90 5.03
C ASP A 60 -14.36 10.71 5.45
N ASP A 61 -14.54 10.23 6.68
CA ASP A 61 -15.85 9.95 7.28
C ASP A 61 -15.79 10.33 8.76
N GLN A 62 -16.97 10.50 9.39
CA GLN A 62 -17.08 10.80 10.83
C GLN A 62 -16.38 9.71 11.67
N ARG A 63 -16.63 8.44 11.31
CA ARG A 63 -16.08 7.27 12.04
C ARG A 63 -14.59 7.08 11.72
N LEU A 64 -14.16 7.51 10.51
CA LEU A 64 -12.76 7.36 10.06
C LEU A 64 -11.77 7.99 11.06
N GLU A 65 -12.19 9.10 11.68
CA GLU A 65 -11.40 9.83 12.70
C GLU A 65 -11.13 8.97 13.93
N GLN A 66 -12.11 8.12 14.30
CA GLN A 66 -11.99 7.15 15.41
C GLN A 66 -10.92 6.09 15.07
N MET A 67 -10.94 5.61 13.81
CA MET A 67 -9.96 4.64 13.29
C MET A 67 -8.53 5.23 13.35
N ILE A 68 -8.39 6.52 12.97
CA ILE A 68 -7.12 7.28 12.98
C ILE A 68 -6.58 7.40 14.42
N SER A 69 -7.50 7.71 15.37
CA SER A 69 -7.15 7.91 16.78
C SER A 69 -6.76 6.57 17.46
N GLN A 70 -7.41 5.47 17.03
CA GLN A 70 -7.19 4.13 17.60
C GLN A 70 -5.81 3.61 17.16
N ILE A 71 -5.55 3.68 15.85
CA ILE A 71 -4.30 3.17 15.25
C ILE A 71 -3.08 3.99 15.71
N ASP A 72 -3.33 5.28 16.03
CA ASP A 72 -2.31 6.19 16.59
C ASP A 72 -1.74 5.64 17.92
N LYS A 73 -2.56 4.89 18.67
CA LYS A 73 -2.18 4.32 19.97
C LYS A 73 -1.24 3.11 19.79
N LEU A 74 -1.24 2.53 18.58
CA LEU A 74 -0.38 1.37 18.23
C LEU A 74 1.08 1.85 18.05
N GLU A 75 2.01 1.06 18.60
CA GLU A 75 3.45 1.41 18.70
C GLU A 75 4.19 1.25 17.36
N ASP A 76 3.67 0.35 16.50
CA ASP A 76 4.16 0.15 15.13
C ASP A 76 4.07 1.46 14.32
N VAL A 77 2.93 2.14 14.45
CA VAL A 77 2.75 3.51 13.95
C VAL A 77 3.48 4.48 14.89
N VAL A 78 4.63 5.00 14.43
CA VAL A 78 5.44 5.98 15.16
C VAL A 78 4.65 7.30 15.30
N LYS A 79 4.09 7.75 14.16
CA LYS A 79 3.22 8.95 14.08
C LYS A 79 2.14 8.72 13.02
N VAL A 80 0.96 9.31 13.23
CA VAL A 80 -0.13 9.36 12.21
C VAL A 80 -0.37 10.84 11.83
N GLN A 81 -0.79 11.07 10.58
CA GLN A 81 -1.04 12.41 10.03
C GLN A 81 -2.24 12.38 9.08
N ARG A 82 -3.10 13.39 9.20
CA ARG A 82 -4.19 13.66 8.26
C ARG A 82 -3.73 14.77 7.31
N ASN A 83 -3.38 14.40 6.07
CA ASN A 83 -2.92 15.34 5.04
C ASN A 83 -4.04 15.59 4.02
N GLN A 84 -3.97 16.77 3.40
CA GLN A 84 -4.93 17.18 2.36
C GLN A 84 -4.46 16.64 0.99
N SER A 85 -5.42 16.16 0.18
CA SER A 85 -5.13 15.42 -1.05
C SER A 85 -4.79 16.38 -2.21
N ASP A 86 -3.74 16.02 -2.95
CA ASP A 86 -3.25 16.77 -4.11
C ASP A 86 -2.58 15.78 -5.11
N PRO A 87 -2.91 15.86 -6.45
CA PRO A 87 -2.30 14.98 -7.49
C PRO A 87 -0.76 15.00 -7.53
N THR A 88 -0.15 16.21 -7.57
CA THR A 88 1.31 16.36 -7.74
C THR A 88 2.05 16.02 -6.45
N MET A 89 1.37 16.17 -5.29
CA MET A 89 1.93 15.80 -3.96
C MET A 89 2.33 14.31 -3.94
N PHE A 90 1.47 13.48 -4.55
CA PHE A 90 1.68 12.02 -4.67
C PHE A 90 2.97 11.71 -5.46
N ASN A 91 3.20 12.50 -6.53
CA ASN A 91 4.39 12.36 -7.40
C ASN A 91 5.66 12.82 -6.66
N LYS A 92 5.53 13.92 -5.87
CA LYS A 92 6.66 14.51 -5.11
C LYS A 92 7.25 13.52 -4.11
N ILE A 93 6.38 12.97 -3.25
CA ILE A 93 6.77 12.02 -2.18
C ILE A 93 7.25 10.69 -2.78
N ALA A 94 6.72 10.32 -3.97
CA ALA A 94 7.15 9.12 -4.72
C ALA A 94 8.61 9.23 -5.22
N VAL A 95 8.96 10.40 -5.80
CA VAL A 95 10.28 10.62 -6.43
C VAL A 95 11.33 11.10 -5.41
N PHE A 96 10.88 11.72 -4.31
CA PHE A 96 11.77 12.24 -3.26
C PHE A 96 12.09 11.11 -2.27
N PHE A 97 11.05 10.26 -2.00
CA PHE A 97 11.09 9.09 -1.10
C PHE A 97 11.85 9.33 0.24
N GLN A 98 11.50 10.45 0.91
CA GLN A 98 12.10 10.86 2.19
C GLN A 98 11.15 11.86 2.91
N GLY B 1 18.92 -8.41 1.75
CA GLY B 1 20.11 -9.23 1.46
C GLY B 1 21.34 -8.78 2.24
N SER B 2 21.69 -7.49 2.12
CA SER B 2 22.88 -6.91 2.78
C SER B 2 22.75 -5.36 2.84
N MET B 3 23.80 -4.70 3.38
CA MET B 3 23.87 -3.22 3.51
C MET B 3 23.97 -2.58 2.12
N GLN B 4 22.81 -2.29 1.53
CA GLN B 4 22.71 -1.61 0.22
C GLN B 4 21.59 -0.56 0.27
N ASN B 5 21.57 0.35 -0.72
CA ASN B 5 20.46 1.33 -0.92
C ASN B 5 19.21 0.61 -1.48
N THR B 6 18.22 1.37 -2.01
CA THR B 6 16.99 0.76 -2.59
C THR B 6 17.33 -0.01 -3.90
N THR B 7 17.79 -1.25 -3.69
CA THR B 7 18.24 -2.17 -4.75
C THR B 7 17.13 -3.18 -5.07
N HIS B 8 17.35 -4.04 -6.08
CA HIS B 8 16.34 -5.03 -6.54
C HIS B 8 16.34 -6.32 -5.67
N ASP B 9 16.71 -6.19 -4.37
CA ASP B 9 16.57 -7.26 -3.35
C ASP B 9 15.07 -7.56 -3.14
N ASN B 10 14.27 -6.51 -3.27
CA ASN B 10 12.81 -6.59 -3.28
C ASN B 10 12.32 -7.05 -4.68
N VAL B 11 11.07 -7.51 -4.74
CA VAL B 11 10.42 -7.93 -6.01
C VAL B 11 9.08 -7.22 -6.08
N ILE B 12 8.65 -6.92 -7.31
CA ILE B 12 7.46 -6.12 -7.55
C ILE B 12 6.30 -7.08 -7.85
N LEU B 13 5.62 -7.53 -6.78
CA LEU B 13 4.49 -8.45 -6.90
C LEU B 13 3.22 -7.63 -7.10
N GLU B 14 2.88 -7.33 -8.36
CA GLU B 14 1.68 -6.57 -8.65
C GLU B 14 0.52 -7.52 -8.82
N LEU B 15 -0.62 -7.10 -8.31
CA LEU B 15 -1.86 -7.85 -8.48
C LEU B 15 -2.96 -6.86 -8.82
N THR B 16 -3.66 -7.15 -9.91
CA THR B 16 -4.75 -6.35 -10.41
C THR B 16 -6.00 -6.85 -9.72
N VAL B 17 -6.58 -6.00 -8.87
CA VAL B 17 -7.74 -6.35 -8.06
C VAL B 17 -8.87 -5.36 -8.34
N ARG B 18 -10.11 -5.83 -8.20
CA ARG B 18 -11.29 -4.96 -8.16
C ARG B 18 -11.64 -4.77 -6.67
N ASN B 19 -12.08 -3.54 -6.31
CA ASN B 19 -12.15 -3.08 -4.91
C ASN B 19 -13.26 -3.83 -4.12
N HIS B 20 -12.87 -5.00 -3.60
CA HIS B 20 -13.63 -5.79 -2.62
C HIS B 20 -13.21 -5.38 -1.17
N PRO B 21 -14.06 -5.71 -0.12
CA PRO B 21 -13.73 -5.40 1.29
C PRO B 21 -12.29 -5.76 1.73
N GLY B 22 -11.44 -4.71 1.75
CA GLY B 22 -10.05 -4.80 2.19
C GLY B 22 -9.22 -5.83 1.43
N VAL B 23 -9.12 -5.69 0.11
CA VAL B 23 -8.28 -6.61 -0.73
C VAL B 23 -6.80 -6.46 -0.34
N MET B 24 -6.38 -5.20 -0.20
CA MET B 24 -5.03 -4.83 0.22
C MET B 24 -4.67 -5.40 1.63
N THR B 25 -5.70 -5.64 2.48
CA THR B 25 -5.52 -6.38 3.75
C THR B 25 -5.11 -7.85 3.46
N HIS B 26 -5.76 -8.46 2.45
CA HIS B 26 -5.49 -9.87 2.03
C HIS B 26 -4.03 -10.00 1.53
N VAL B 27 -3.62 -9.03 0.67
CA VAL B 27 -2.34 -9.09 -0.04
C VAL B 27 -1.16 -9.03 0.93
N CYS B 28 -1.23 -8.09 1.90
CA CYS B 28 -0.21 -7.94 2.94
C CYS B 28 -0.25 -9.13 3.91
N GLY B 29 -1.47 -9.69 4.12
CA GLY B 29 -1.69 -10.83 4.99
C GLY B 29 -0.83 -12.04 4.61
N LEU B 30 -0.80 -12.34 3.28
CA LEU B 30 0.00 -13.43 2.72
C LEU B 30 1.52 -13.16 2.84
N PHE B 31 1.96 -12.02 2.30
CA PHE B 31 3.40 -11.70 2.17
C PHE B 31 4.09 -11.50 3.54
N ALA B 32 3.31 -11.04 4.54
CA ALA B 32 3.79 -10.87 5.93
C ALA B 32 3.94 -12.23 6.65
N ARG B 33 2.89 -13.09 6.55
CA ARG B 33 2.85 -14.42 7.24
C ARG B 33 3.85 -15.42 6.64
N ARG B 34 4.46 -15.04 5.50
CA ARG B 34 5.48 -15.83 4.82
C ARG B 34 6.73 -15.95 5.72
N ALA B 35 7.29 -14.78 6.09
CA ALA B 35 8.50 -14.68 6.94
C ALA B 35 8.82 -13.21 7.21
N PHE B 36 9.10 -12.48 6.13
CA PHE B 36 9.48 -11.06 6.18
C PHE B 36 8.27 -10.22 5.71
N ASN B 37 8.15 -9.02 6.28
CA ASN B 37 7.04 -8.10 6.01
C ASN B 37 7.24 -7.38 4.66
N VAL B 38 6.27 -6.54 4.29
CA VAL B 38 6.37 -5.72 3.07
C VAL B 38 7.25 -4.49 3.34
N GLU B 39 8.12 -4.17 2.38
CA GLU B 39 9.05 -3.02 2.45
C GLU B 39 8.37 -1.75 1.90
N GLY B 40 7.70 -1.91 0.74
CA GLY B 40 7.07 -0.81 0.02
C GLY B 40 5.81 -1.25 -0.68
N ILE B 41 4.86 -0.34 -0.87
CA ILE B 41 3.58 -0.61 -1.56
C ILE B 41 3.28 0.54 -2.51
N LEU B 42 2.66 0.23 -3.64
CA LEU B 42 2.09 1.22 -4.55
C LEU B 42 0.73 0.68 -4.99
N CYS B 43 -0.28 1.54 -4.95
CA CYS B 43 -1.66 1.18 -5.30
C CYS B 43 -2.32 2.43 -5.88
N LEU B 44 -2.83 2.31 -7.10
CA LEU B 44 -3.54 3.39 -7.80
C LEU B 44 -4.60 2.77 -8.73
N PRO B 45 -5.80 3.41 -8.83
CA PRO B 45 -6.92 2.86 -9.61
C PRO B 45 -6.68 3.01 -11.12
N ILE B 46 -7.37 2.16 -11.88
CA ILE B 46 -7.37 2.20 -13.34
C ILE B 46 -8.52 3.11 -13.78
N GLN B 47 -8.21 4.12 -14.59
CA GLN B 47 -9.21 5.11 -15.03
C GLN B 47 -10.24 4.48 -15.98
N ASP B 48 -9.76 3.58 -16.85
CA ASP B 48 -10.58 3.00 -17.93
C ASP B 48 -11.53 1.91 -17.42
N SER B 49 -11.13 1.20 -16.35
CA SER B 49 -11.83 0.00 -15.85
C SER B 49 -11.90 -0.02 -14.31
N ASP B 50 -12.96 -0.63 -13.76
CA ASP B 50 -13.19 -0.70 -12.29
C ASP B 50 -12.25 -1.74 -11.64
N LYS B 51 -11.00 -1.32 -11.43
CA LYS B 51 -9.94 -2.14 -10.83
C LYS B 51 -8.76 -1.25 -10.40
N SER B 52 -7.70 -1.87 -9.89
CA SER B 52 -6.50 -1.19 -9.37
C SER B 52 -5.31 -2.15 -9.46
N HIS B 53 -4.11 -1.62 -9.63
CA HIS B 53 -2.86 -2.42 -9.59
C HIS B 53 -2.12 -2.06 -8.29
N ILE B 54 -1.83 -3.08 -7.48
CA ILE B 54 -1.09 -2.90 -6.21
C ILE B 54 0.26 -3.63 -6.35
N TRP B 55 1.35 -2.86 -6.47
CA TRP B 55 2.72 -3.38 -6.55
C TRP B 55 3.29 -3.54 -5.12
N LEU B 56 3.42 -4.81 -4.66
CA LEU B 56 3.99 -5.12 -3.35
C LEU B 56 5.50 -5.36 -3.48
N LEU B 57 6.27 -4.46 -2.89
CA LEU B 57 7.74 -4.53 -2.83
C LEU B 57 8.11 -5.33 -1.58
N VAL B 58 8.49 -6.59 -1.81
CA VAL B 58 8.84 -7.52 -0.74
C VAL B 58 9.96 -8.42 -1.26
N ASN B 59 10.86 -8.91 -0.39
CA ASN B 59 11.96 -9.77 -0.86
C ASN B 59 11.43 -11.19 -1.15
N ASP B 60 11.85 -11.75 -2.30
CA ASP B 60 11.40 -13.08 -2.74
C ASP B 60 11.98 -14.19 -1.86
N ASP B 61 11.16 -15.21 -1.63
CA ASP B 61 11.51 -16.38 -0.80
C ASP B 61 10.88 -17.63 -1.43
N GLN B 62 11.37 -18.82 -1.02
CA GLN B 62 10.83 -20.11 -1.46
C GLN B 62 9.32 -20.21 -1.13
N ARG B 63 8.97 -19.84 0.11
CA ARG B 63 7.59 -19.92 0.63
C ARG B 63 6.71 -18.81 0.03
N LEU B 64 7.33 -17.66 -0.35
CA LEU B 64 6.62 -16.50 -0.91
C LEU B 64 5.79 -16.90 -2.15
N GLU B 65 6.34 -17.85 -2.92
CA GLU B 65 5.70 -18.38 -4.15
C GLU B 65 4.37 -19.08 -3.83
N GLN B 66 4.33 -19.75 -2.67
CA GLN B 66 3.11 -20.43 -2.16
C GLN B 66 2.03 -19.39 -1.82
N MET B 67 2.46 -18.29 -1.19
CA MET B 67 1.58 -17.14 -0.85
C MET B 67 0.98 -16.51 -2.11
N ILE B 68 1.82 -16.35 -3.16
CA ILE B 68 1.42 -15.81 -4.48
C ILE B 68 0.38 -16.72 -5.15
N SER B 69 0.63 -18.04 -5.07
CA SER B 69 -0.25 -19.06 -5.67
C SER B 69 -1.61 -19.13 -4.94
N GLN B 70 -1.59 -18.93 -3.61
CA GLN B 70 -2.78 -19.04 -2.75
C GLN B 70 -3.70 -17.84 -3.00
N ILE B 71 -3.12 -16.63 -2.97
CA ILE B 71 -3.87 -15.38 -3.10
C ILE B 71 -4.44 -15.23 -4.54
N ASP B 72 -3.75 -15.85 -5.51
CA ASP B 72 -4.19 -15.92 -6.91
C ASP B 72 -5.59 -16.60 -7.02
N LYS B 73 -5.87 -17.55 -6.11
CA LYS B 73 -7.13 -18.31 -6.11
C LYS B 73 -8.30 -17.44 -5.60
N LEU B 74 -7.97 -16.33 -4.90
CA LEU B 74 -8.97 -15.37 -4.38
C LEU B 74 -9.54 -14.52 -5.54
N GLU B 75 -10.87 -14.31 -5.51
CA GLU B 75 -11.63 -13.68 -6.60
C GLU B 75 -11.46 -12.14 -6.62
N ASP B 76 -11.15 -11.56 -5.46
CA ASP B 76 -10.83 -10.13 -5.29
C ASP B 76 -9.61 -9.75 -6.16
N VAL B 77 -8.57 -10.60 -6.12
CA VAL B 77 -7.44 -10.53 -7.04
C VAL B 77 -7.87 -11.09 -8.41
N VAL B 78 -8.05 -10.16 -9.37
CA VAL B 78 -8.41 -10.48 -10.77
C VAL B 78 -7.26 -11.27 -11.43
N LYS B 79 -6.04 -10.74 -11.27
CA LYS B 79 -4.77 -11.35 -11.74
C LYS B 79 -3.65 -11.03 -10.75
N VAL B 80 -2.69 -11.95 -10.61
CA VAL B 80 -1.44 -11.70 -9.86
C VAL B 80 -0.25 -11.79 -10.86
N GLN B 81 0.83 -11.05 -10.57
CA GLN B 81 2.02 -10.99 -11.43
C GLN B 81 3.27 -10.89 -10.55
N ARG B 82 4.33 -11.60 -10.97
CA ARG B 82 5.66 -11.47 -10.39
C ARG B 82 6.52 -10.64 -11.36
N ASN B 83 6.75 -9.37 -11.02
CA ASN B 83 7.54 -8.44 -11.85
C ASN B 83 8.94 -8.28 -11.25
N GLN B 84 9.91 -7.95 -12.12
CA GLN B 84 11.31 -7.70 -11.73
C GLN B 84 11.45 -6.23 -11.29
N SER B 85 12.22 -6.00 -10.22
CA SER B 85 12.29 -4.69 -9.55
C SER B 85 13.24 -3.75 -10.28
N ASP B 86 12.78 -2.49 -10.44
CA ASP B 86 13.54 -1.41 -11.09
C ASP B 86 13.09 -0.05 -10.48
N PRO B 87 14.06 0.86 -10.11
CA PRO B 87 13.75 2.20 -9.53
C PRO B 87 12.80 3.07 -10.40
N THR B 88 13.13 3.22 -11.70
CA THR B 88 12.37 4.12 -12.60
C THR B 88 11.01 3.53 -12.97
N MET B 89 10.91 2.18 -12.95
CA MET B 89 9.62 1.46 -13.20
C MET B 89 8.54 1.93 -12.21
N PHE B 90 8.96 2.11 -10.94
CA PHE B 90 8.09 2.58 -9.85
C PHE B 90 7.54 4.00 -10.15
N ASN B 91 8.40 4.86 -10.74
CA ASN B 91 8.03 6.24 -11.12
C ASN B 91 7.07 6.24 -12.32
N LYS B 92 7.32 5.33 -13.30
CA LYS B 92 6.53 5.22 -14.54
C LYS B 92 5.06 4.89 -14.24
N ILE B 93 4.84 3.82 -13.48
CA ILE B 93 3.50 3.33 -13.12
C ILE B 93 2.77 4.33 -12.20
N ALA B 94 3.55 5.09 -11.40
CA ALA B 94 3.02 6.14 -10.50
C ALA B 94 2.44 7.33 -11.29
N VAL B 95 3.16 7.78 -12.33
CA VAL B 95 2.80 8.97 -13.11
C VAL B 95 1.83 8.62 -14.26
N PHE B 96 1.88 7.36 -14.74
CA PHE B 96 1.04 6.90 -15.87
C PHE B 96 -0.33 6.45 -15.37
N PHE B 97 -0.34 5.77 -14.19
CA PHE B 97 -1.56 5.33 -13.44
C PHE B 97 -2.64 4.61 -14.30
N GLN B 98 -2.22 3.91 -15.37
CA GLN B 98 -3.12 3.14 -16.25
C GLN B 98 -2.37 1.86 -16.71
N GLY A 1 -14.70 2.54 -4.91
CA GLY A 1 -14.16 1.60 -5.91
C GLY A 1 -13.54 2.35 -7.08
N SER A 2 -12.53 1.73 -7.70
CA SER A 2 -11.80 2.28 -8.86
C SER A 2 -12.74 2.41 -10.07
N MET A 3 -13.46 3.55 -10.12
CA MET A 3 -14.45 3.86 -11.18
C MET A 3 -14.91 5.34 -11.06
N GLN A 4 -14.12 6.17 -10.35
CA GLN A 4 -14.51 7.56 -9.98
C GLN A 4 -13.43 8.58 -10.40
N ASN A 5 -13.88 9.83 -10.59
CA ASN A 5 -13.00 11.00 -10.77
C ASN A 5 -12.88 11.74 -9.42
N THR A 6 -11.69 11.74 -8.83
CA THR A 6 -11.44 12.30 -7.49
C THR A 6 -10.24 13.26 -7.51
N THR A 7 -10.20 14.20 -6.55
CA THR A 7 -9.13 15.21 -6.43
C THR A 7 -8.94 15.62 -4.96
N HIS A 8 -10.04 15.67 -4.18
CA HIS A 8 -9.99 15.97 -2.72
C HIS A 8 -11.01 15.12 -1.93
N ASP A 9 -11.86 14.34 -2.67
CA ASP A 9 -12.86 13.42 -2.07
C ASP A 9 -12.15 12.35 -1.23
N ASN A 10 -11.05 11.83 -1.78
CA ASN A 10 -10.11 11.00 -1.05
C ASN A 10 -9.20 11.91 -0.19
N VAL A 11 -8.79 11.40 0.97
CA VAL A 11 -7.91 12.12 1.90
C VAL A 11 -6.60 11.35 1.98
N ILE A 12 -5.51 12.08 2.17
CA ILE A 12 -4.15 11.53 2.19
C ILE A 12 -3.69 11.38 3.64
N LEU A 13 -3.86 10.18 4.21
CA LEU A 13 -3.46 9.91 5.59
C LEU A 13 -1.99 9.50 5.62
N GLU A 14 -1.17 10.49 5.90
CA GLU A 14 0.28 10.38 5.92
C GLU A 14 0.75 9.92 7.30
N LEU A 15 0.85 8.60 7.47
CA LEU A 15 1.33 8.01 8.73
C LEU A 15 2.70 7.36 8.52
N THR A 16 3.63 7.69 9.40
CA THR A 16 4.99 7.15 9.44
C THR A 16 4.97 5.90 10.31
N VAL A 17 5.20 4.73 9.72
CA VAL A 17 5.32 3.47 10.46
C VAL A 17 6.76 2.96 10.38
N ARG A 18 7.23 2.31 11.42
CA ARG A 18 8.45 1.50 11.34
C ARG A 18 8.04 0.09 10.94
N ASN A 19 8.94 -0.70 10.32
CA ASN A 19 8.60 -2.06 9.85
C ASN A 19 8.50 -3.06 11.03
N HIS A 20 7.36 -2.95 11.75
CA HIS A 20 6.91 -3.90 12.77
C HIS A 20 6.13 -5.00 12.05
N PRO A 21 6.19 -6.29 12.53
CA PRO A 21 5.38 -7.40 11.97
C PRO A 21 3.89 -7.03 11.74
N GLY A 22 3.56 -6.74 10.46
CA GLY A 22 2.19 -6.58 10.01
C GLY A 22 1.63 -5.16 10.06
N VAL A 23 2.51 -4.13 9.99
CA VAL A 23 2.05 -2.69 9.99
C VAL A 23 1.07 -2.40 8.83
N MET A 24 1.33 -3.03 7.68
CA MET A 24 0.47 -2.92 6.50
C MET A 24 -0.89 -3.62 6.73
N THR A 25 -0.87 -4.72 7.49
CA THR A 25 -2.09 -5.49 7.82
C THR A 25 -2.93 -4.73 8.88
N HIS A 26 -2.24 -3.95 9.73
CA HIS A 26 -2.87 -3.15 10.79
C HIS A 26 -3.61 -1.93 10.21
N VAL A 27 -2.94 -1.17 9.30
CA VAL A 27 -3.56 0.01 8.65
C VAL A 27 -4.81 -0.45 7.85
N CYS A 28 -4.62 -1.48 7.02
CA CYS A 28 -5.68 -2.06 6.18
C CYS A 28 -6.82 -2.64 7.04
N GLY A 29 -6.48 -3.11 8.25
CA GLY A 29 -7.46 -3.61 9.21
C GLY A 29 -8.45 -2.55 9.67
N LEU A 30 -7.92 -1.36 10.05
CA LEU A 30 -8.74 -0.24 10.55
C LEU A 30 -9.72 0.28 9.48
N PHE A 31 -9.25 0.36 8.21
CA PHE A 31 -10.08 0.84 7.08
C PHE A 31 -11.10 -0.22 6.64
N ALA A 32 -10.74 -1.50 6.81
CA ALA A 32 -11.63 -2.63 6.49
C ALA A 32 -12.86 -2.65 7.43
N ARG A 33 -12.61 -2.40 8.72
CA ARG A 33 -13.67 -2.42 9.77
C ARG A 33 -14.34 -1.04 9.92
N ARG A 34 -13.88 -0.03 9.16
CA ARG A 34 -14.39 1.34 9.22
C ARG A 34 -15.81 1.38 8.62
N ALA A 35 -15.89 1.12 7.31
CA ALA A 35 -17.15 1.16 6.53
C ALA A 35 -16.84 0.83 5.08
N PHE A 36 -15.91 1.62 4.52
CA PHE A 36 -15.35 1.41 3.19
C PHE A 36 -13.83 1.34 3.32
N ASN A 37 -13.21 0.56 2.44
CA ASN A 37 -11.75 0.30 2.45
C ASN A 37 -10.98 1.47 1.83
N VAL A 38 -9.67 1.26 1.60
CA VAL A 38 -8.80 2.25 0.95
C VAL A 38 -8.97 2.19 -0.58
N GLU A 39 -8.96 3.35 -1.23
CA GLU A 39 -9.03 3.47 -2.69
C GLU A 39 -7.62 3.24 -3.30
N GLY A 40 -6.61 3.93 -2.72
CA GLY A 40 -5.21 3.84 -3.20
C GLY A 40 -4.21 3.96 -2.05
N ILE A 41 -3.05 3.29 -2.17
CA ILE A 41 -2.03 3.23 -1.10
C ILE A 41 -0.65 3.59 -1.70
N LEU A 42 0.21 4.21 -0.89
CA LEU A 42 1.61 4.45 -1.28
C LEU A 42 2.52 4.42 -0.03
N CYS A 43 3.11 3.24 0.21
CA CYS A 43 4.11 3.03 1.26
C CYS A 43 5.52 3.26 0.70
N LEU A 44 6.16 4.36 1.11
CA LEU A 44 7.52 4.74 0.69
C LEU A 44 8.51 4.37 1.82
N PRO A 45 9.26 3.22 1.71
CA PRO A 45 10.22 2.79 2.74
C PRO A 45 11.48 3.70 2.75
N ILE A 46 11.79 4.28 3.91
CA ILE A 46 12.89 5.25 4.05
C ILE A 46 14.21 4.51 4.28
N GLN A 47 15.23 4.89 3.52
CA GLN A 47 16.49 4.14 3.35
C GLN A 47 17.29 3.96 4.66
N ASP A 48 17.50 5.04 5.39
CA ASP A 48 18.51 5.10 6.49
C ASP A 48 17.88 5.32 7.87
N SER A 49 16.57 5.16 7.96
CA SER A 49 15.81 5.40 9.21
C SER A 49 14.66 4.40 9.30
N ASP A 50 14.47 3.79 10.49
CA ASP A 50 13.38 2.80 10.74
C ASP A 50 12.01 3.50 10.68
N LYS A 51 11.57 3.73 9.44
CA LYS A 51 10.34 4.42 9.13
C LYS A 51 9.97 4.17 7.66
N SER A 52 8.70 4.36 7.36
CA SER A 52 8.11 4.20 6.05
C SER A 52 6.86 5.08 6.02
N HIS A 53 6.73 5.91 5.00
CA HIS A 53 5.64 6.91 4.92
C HIS A 53 4.53 6.38 4.01
N ILE A 54 3.41 5.94 4.61
CA ILE A 54 2.27 5.40 3.86
C ILE A 54 1.20 6.49 3.76
N TRP A 55 0.84 6.84 2.53
CA TRP A 55 -0.26 7.75 2.23
C TRP A 55 -1.49 6.90 1.86
N LEU A 56 -2.49 6.88 2.77
CA LEU A 56 -3.75 6.13 2.56
C LEU A 56 -4.79 7.07 1.93
N LEU A 57 -5.16 6.78 0.68
CA LEU A 57 -6.19 7.50 -0.06
C LEU A 57 -7.53 6.85 0.24
N VAL A 58 -8.24 7.40 1.21
CA VAL A 58 -9.54 6.89 1.64
C VAL A 58 -10.50 8.07 1.79
N ASN A 59 -11.79 7.90 1.48
CA ASN A 59 -12.76 8.99 1.65
C ASN A 59 -13.10 9.14 3.16
N ASP A 60 -13.05 10.39 3.66
CA ASP A 60 -13.23 10.70 5.09
C ASP A 60 -14.61 10.26 5.61
N ASP A 61 -14.65 9.92 6.89
CA ASP A 61 -15.83 9.42 7.59
C ASP A 61 -15.79 9.95 9.03
N GLN A 62 -16.90 9.86 9.75
CA GLN A 62 -16.96 10.24 11.17
C GLN A 62 -16.23 9.20 12.04
N ARG A 63 -16.29 7.94 11.58
CA ARG A 63 -15.61 6.79 12.20
C ARG A 63 -14.13 6.73 11.78
N LEU A 64 -13.82 7.28 10.58
CA LEU A 64 -12.45 7.35 10.01
C LEU A 64 -11.46 7.92 11.05
N GLU A 65 -11.87 9.04 11.67
CA GLU A 65 -11.07 9.79 12.64
C GLU A 65 -10.80 8.95 13.91
N GLN A 66 -11.80 8.15 14.30
CA GLN A 66 -11.69 7.24 15.45
C GLN A 66 -10.67 6.12 15.14
N MET A 67 -10.70 5.63 13.89
CA MET A 67 -9.77 4.58 13.40
C MET A 67 -8.32 5.12 13.37
N ILE A 68 -8.17 6.41 13.01
CA ILE A 68 -6.87 7.13 13.00
C ILE A 68 -6.28 7.19 14.42
N SER A 69 -7.10 7.70 15.37
CA SER A 69 -6.70 7.90 16.77
C SER A 69 -6.38 6.58 17.48
N GLN A 70 -7.11 5.51 17.08
CA GLN A 70 -6.94 4.17 17.65
C GLN A 70 -5.59 3.59 17.24
N ILE A 71 -5.36 3.54 15.91
CA ILE A 71 -4.14 2.92 15.34
C ILE A 71 -2.87 3.72 15.71
N ASP A 72 -3.05 5.03 15.92
CA ASP A 72 -1.97 5.95 16.33
C ASP A 72 -1.33 5.51 17.67
N LYS A 73 -2.16 4.91 18.55
CA LYS A 73 -1.73 4.42 19.87
C LYS A 73 -0.80 3.20 19.77
N LEU A 74 -0.89 2.47 18.64
CA LEU A 74 -0.10 1.25 18.39
C LEU A 74 1.34 1.60 18.01
N GLU A 75 2.27 0.69 18.35
CA GLU A 75 3.71 0.82 18.10
C GLU A 75 4.04 0.77 16.59
N ASP A 76 3.05 0.36 15.79
CA ASP A 76 3.10 0.39 14.32
C ASP A 76 3.26 1.85 13.83
N VAL A 77 2.32 2.70 14.25
CA VAL A 77 2.27 4.12 13.86
C VAL A 77 3.21 4.95 14.77
N VAL A 78 4.34 5.36 14.19
CA VAL A 78 5.33 6.25 14.85
C VAL A 78 4.80 7.70 14.85
N LYS A 79 4.26 8.11 13.68
CA LYS A 79 3.66 9.44 13.45
C LYS A 79 2.39 9.28 12.61
N VAL A 80 1.43 10.20 12.77
CA VAL A 80 0.24 10.29 11.90
C VAL A 80 0.00 11.75 11.48
N GLN A 81 -0.53 11.94 10.26
CA GLN A 81 -0.84 13.27 9.71
C GLN A 81 -2.03 13.15 8.74
N ARG A 82 -2.93 14.14 8.78
CA ARG A 82 -4.12 14.20 7.92
C ARG A 82 -3.96 15.30 6.85
N ASN A 83 -3.62 14.87 5.63
CA ASN A 83 -3.38 15.77 4.47
C ASN A 83 -4.55 15.69 3.47
N GLN A 84 -4.75 16.77 2.70
CA GLN A 84 -5.73 16.82 1.59
C GLN A 84 -5.06 16.32 0.29
N SER A 85 -5.86 15.77 -0.63
CA SER A 85 -5.36 15.10 -1.85
C SER A 85 -4.91 16.09 -2.94
N ASP A 86 -3.98 15.59 -3.79
CA ASP A 86 -3.31 16.36 -4.84
C ASP A 86 -2.98 15.42 -6.03
N PRO A 87 -3.35 15.80 -7.30
CA PRO A 87 -3.11 14.96 -8.52
C PRO A 87 -1.63 14.59 -8.76
N THR A 88 -0.71 15.56 -8.51
CA THR A 88 0.73 15.39 -8.78
C THR A 88 1.50 14.84 -7.57
N MET A 89 0.79 14.61 -6.43
CA MET A 89 1.38 14.10 -5.17
C MET A 89 2.20 12.81 -5.39
N PHE A 90 1.65 11.90 -6.23
CA PHE A 90 2.27 10.60 -6.53
C PHE A 90 3.68 10.80 -7.11
N ASN A 91 3.74 11.53 -8.24
CA ASN A 91 4.98 11.86 -8.95
C ASN A 91 5.92 12.69 -8.07
N LYS A 92 5.31 13.53 -7.22
CA LYS A 92 6.01 14.49 -6.35
C LYS A 92 7.07 13.81 -5.47
N ILE A 93 6.67 12.83 -4.62
CA ILE A 93 7.65 12.13 -3.77
C ILE A 93 8.38 11.02 -4.55
N ALA A 94 7.69 10.44 -5.56
CA ALA A 94 8.19 9.29 -6.33
C ALA A 94 9.40 9.65 -7.22
N VAL A 95 9.48 10.93 -7.66
CA VAL A 95 10.58 11.39 -8.53
C VAL A 95 11.92 11.32 -7.79
N PHE A 96 11.91 11.66 -6.50
CA PHE A 96 13.10 11.60 -5.64
C PHE A 96 13.20 10.23 -4.95
N PHE A 97 12.03 9.54 -4.82
CA PHE A 97 11.85 8.22 -4.14
C PHE A 97 12.69 8.08 -2.84
N GLN A 98 12.56 9.10 -1.98
CA GLN A 98 13.28 9.17 -0.70
C GLN A 98 12.51 10.16 0.22
N GLY B 1 13.46 -3.58 8.25
CA GLY B 1 14.89 -3.23 8.33
C GLY B 1 15.22 -2.08 7.41
N SER B 2 14.61 -0.91 7.69
CA SER B 2 14.73 0.28 6.85
C SER B 2 16.00 1.09 7.21
N MET B 3 17.17 0.42 7.15
CA MET B 3 18.48 1.01 7.54
C MET B 3 19.53 0.78 6.43
N GLN B 4 19.11 0.16 5.31
CA GLN B 4 20.00 -0.20 4.18
C GLN B 4 19.70 0.69 2.96
N ASN B 5 20.68 0.75 2.02
CA ASN B 5 20.51 1.46 0.72
C ASN B 5 19.41 0.79 -0.13
N THR B 6 19.00 1.46 -1.22
CA THR B 6 17.98 0.95 -2.14
C THR B 6 18.51 -0.29 -2.90
N THR B 7 18.34 -1.47 -2.26
CA THR B 7 18.82 -2.76 -2.77
C THR B 7 17.77 -3.37 -3.73
N HIS B 8 18.25 -4.19 -4.68
CA HIS B 8 17.39 -4.88 -5.68
C HIS B 8 16.97 -6.28 -5.17
N ASP B 9 17.04 -6.45 -3.83
CA ASP B 9 16.69 -7.68 -3.11
C ASP B 9 15.15 -7.83 -2.99
N ASN B 10 14.45 -6.69 -3.15
CA ASN B 10 12.99 -6.64 -3.20
C ASN B 10 12.50 -7.06 -4.61
N VAL B 11 11.30 -7.64 -4.66
CA VAL B 11 10.63 -8.04 -5.91
C VAL B 11 9.34 -7.24 -6.02
N ILE B 12 8.95 -6.94 -7.25
CA ILE B 12 7.78 -6.11 -7.54
C ILE B 12 6.61 -7.02 -7.94
N LEU B 13 5.74 -7.35 -6.98
CA LEU B 13 4.59 -8.23 -7.24
C LEU B 13 3.42 -7.38 -7.71
N GLU B 14 3.30 -7.33 -9.04
CA GLU B 14 2.32 -6.53 -9.73
C GLU B 14 1.02 -7.33 -9.87
N LEU B 15 0.11 -7.16 -8.91
CA LEU B 15 -1.20 -7.82 -8.94
C LEU B 15 -2.32 -6.79 -9.12
N THR B 16 -3.20 -7.07 -10.07
CA THR B 16 -4.37 -6.27 -10.36
C THR B 16 -5.53 -6.77 -9.51
N VAL B 17 -6.01 -5.94 -8.56
CA VAL B 17 -7.17 -6.25 -7.74
C VAL B 17 -8.31 -5.31 -8.11
N ARG B 18 -9.54 -5.79 -8.04
CA ARG B 18 -10.73 -4.93 -8.04
C ARG B 18 -11.03 -4.57 -6.59
N ASN B 19 -11.69 -3.42 -6.32
CA ASN B 19 -11.96 -2.98 -4.94
C ASN B 19 -13.10 -3.83 -4.30
N HIS B 20 -12.71 -5.05 -3.90
CA HIS B 20 -13.51 -5.96 -3.08
C HIS B 20 -13.22 -5.60 -1.60
N PRO B 21 -14.23 -5.73 -0.68
CA PRO B 21 -14.03 -5.50 0.77
C PRO B 21 -12.76 -6.19 1.34
N GLY B 22 -11.70 -5.37 1.52
CA GLY B 22 -10.48 -5.77 2.23
C GLY B 22 -9.39 -6.39 1.36
N VAL B 23 -9.34 -6.05 0.06
CA VAL B 23 -8.26 -6.55 -0.85
C VAL B 23 -6.85 -6.19 -0.33
N MET B 24 -6.73 -5.00 0.26
CA MET B 24 -5.49 -4.51 0.86
C MET B 24 -5.15 -5.32 2.14
N THR B 25 -6.19 -5.74 2.88
CA THR B 25 -6.03 -6.54 4.11
C THR B 25 -5.66 -8.00 3.76
N HIS B 26 -6.12 -8.46 2.57
CA HIS B 26 -5.86 -9.81 2.07
C HIS B 26 -4.39 -9.95 1.60
N VAL B 27 -3.91 -8.98 0.78
CA VAL B 27 -2.51 -8.99 0.28
C VAL B 27 -1.53 -8.95 1.47
N CYS B 28 -1.77 -7.98 2.39
CA CYS B 28 -0.96 -7.77 3.59
C CYS B 28 -1.01 -9.00 4.53
N GLY B 29 -2.15 -9.72 4.50
CA GLY B 29 -2.33 -10.94 5.28
C GLY B 29 -1.37 -12.06 4.88
N LEU B 30 -1.24 -12.29 3.55
CA LEU B 30 -0.38 -13.35 3.00
C LEU B 30 1.11 -13.11 3.30
N PHE B 31 1.54 -11.84 3.24
CA PHE B 31 2.95 -11.45 3.51
C PHE B 31 3.25 -11.44 5.02
N ALA B 32 2.22 -11.15 5.83
CA ALA B 32 2.34 -11.17 7.30
C ALA B 32 2.59 -12.61 7.82
N ARG B 33 1.86 -13.58 7.23
CA ARG B 33 1.96 -15.00 7.61
C ARG B 33 3.05 -15.76 6.82
N ARG B 34 3.74 -15.04 5.90
CA ARG B 34 4.79 -15.62 5.05
C ARG B 34 6.03 -15.92 5.91
N ALA B 35 6.65 -14.85 6.42
CA ALA B 35 7.89 -14.91 7.22
C ALA B 35 8.26 -13.47 7.59
N PHE B 36 8.46 -12.66 6.54
CA PHE B 36 8.72 -11.23 6.65
C PHE B 36 7.63 -10.49 5.85
N ASN B 37 7.30 -9.29 6.30
CA ASN B 37 6.23 -8.45 5.71
C ASN B 37 6.72 -7.73 4.45
N VAL B 38 5.90 -6.79 3.94
CA VAL B 38 6.25 -5.97 2.78
C VAL B 38 7.15 -4.80 3.23
N GLU B 39 8.16 -4.47 2.40
CA GLU B 39 9.05 -3.31 2.63
C GLU B 39 8.35 -2.02 2.14
N GLY B 40 7.79 -2.06 0.92
CA GLY B 40 7.10 -0.90 0.32
C GLY B 40 5.93 -1.32 -0.56
N ILE B 41 4.88 -0.47 -0.63
CA ILE B 41 3.62 -0.77 -1.34
C ILE B 41 3.28 0.41 -2.27
N LEU B 42 2.61 0.12 -3.40
CA LEU B 42 2.08 1.16 -4.29
C LEU B 42 0.82 0.64 -5.00
N CYS B 43 -0.33 0.97 -4.43
CA CYS B 43 -1.65 0.69 -4.99
C CYS B 43 -2.12 1.89 -5.85
N LEU B 44 -2.14 1.69 -7.18
CA LEU B 44 -2.57 2.70 -8.16
C LEU B 44 -4.01 2.38 -8.61
N PRO B 45 -5.06 3.09 -8.06
CA PRO B 45 -6.47 2.84 -8.44
C PRO B 45 -6.77 3.36 -9.86
N ILE B 46 -7.30 2.48 -10.72
CA ILE B 46 -7.52 2.79 -12.14
C ILE B 46 -8.91 3.45 -12.33
N GLN B 47 -8.92 4.57 -13.06
CA GLN B 47 -10.02 5.55 -13.10
C GLN B 47 -11.35 4.98 -13.65
N ASP B 48 -11.29 4.25 -14.76
CA ASP B 48 -12.49 3.91 -15.57
C ASP B 48 -12.76 2.40 -15.64
N SER B 49 -12.00 1.62 -14.88
CA SER B 49 -12.08 0.15 -14.87
C SER B 49 -11.96 -0.36 -13.43
N ASP B 50 -12.80 -1.35 -13.05
CA ASP B 50 -12.78 -1.96 -11.71
C ASP B 50 -11.50 -2.79 -11.51
N LYS B 51 -10.42 -2.07 -11.23
CA LYS B 51 -9.07 -2.62 -11.07
C LYS B 51 -8.16 -1.57 -10.40
N SER B 52 -7.12 -2.06 -9.76
CA SER B 52 -6.13 -1.27 -9.06
C SER B 52 -4.84 -2.09 -9.09
N HIS B 53 -3.73 -1.48 -9.51
CA HIS B 53 -2.46 -2.19 -9.69
C HIS B 53 -1.56 -1.95 -8.48
N ILE B 54 -1.43 -2.96 -7.61
CA ILE B 54 -0.58 -2.87 -6.41
C ILE B 54 0.75 -3.57 -6.68
N TRP B 55 1.84 -2.82 -6.54
CA TRP B 55 3.20 -3.34 -6.62
C TRP B 55 3.73 -3.57 -5.19
N LEU B 56 3.83 -4.85 -4.79
CA LEU B 56 4.33 -5.24 -3.44
C LEU B 56 5.84 -5.45 -3.51
N LEU B 57 6.59 -4.57 -2.85
CA LEU B 57 8.05 -4.66 -2.73
C LEU B 57 8.38 -5.53 -1.52
N VAL B 58 8.59 -6.82 -1.75
CA VAL B 58 8.91 -7.79 -0.69
C VAL B 58 10.08 -8.64 -1.16
N ASN B 59 10.95 -9.07 -0.26
CA ASN B 59 12.08 -9.94 -0.63
C ASN B 59 11.56 -11.38 -0.86
N ASP B 60 11.99 -11.98 -1.98
CA ASP B 60 11.52 -13.30 -2.43
C ASP B 60 11.85 -14.41 -1.41
N ASP B 61 10.98 -15.41 -1.35
CA ASP B 61 11.04 -16.53 -0.41
C ASP B 61 10.53 -17.79 -1.16
N GLN B 62 10.78 -18.96 -0.60
CA GLN B 62 10.26 -20.23 -1.15
C GLN B 62 8.75 -20.35 -0.85
N ARG B 63 8.35 -19.78 0.29
CA ARG B 63 6.95 -19.72 0.73
C ARG B 63 6.21 -18.55 0.04
N LEU B 64 6.98 -17.50 -0.35
CA LEU B 64 6.46 -16.29 -1.06
C LEU B 64 5.57 -16.71 -2.25
N GLU B 65 6.13 -17.64 -3.07
CA GLU B 65 5.51 -18.13 -4.31
C GLU B 65 4.19 -18.88 -4.02
N GLN B 66 4.15 -19.59 -2.88
CA GLN B 66 2.95 -20.30 -2.41
C GLN B 66 1.85 -19.30 -2.01
N MET B 67 2.28 -18.19 -1.35
CA MET B 67 1.39 -17.11 -0.92
C MET B 67 0.78 -16.38 -2.15
N ILE B 68 1.60 -16.23 -3.21
CA ILE B 68 1.18 -15.65 -4.50
C ILE B 68 0.07 -16.50 -5.14
N SER B 69 0.35 -17.81 -5.29
CA SER B 69 -0.56 -18.75 -5.94
C SER B 69 -1.87 -18.93 -5.16
N GLN B 70 -1.78 -18.82 -3.82
CA GLN B 70 -2.94 -18.98 -2.92
C GLN B 70 -3.89 -17.79 -3.11
N ILE B 71 -3.35 -16.56 -2.96
CA ILE B 71 -4.15 -15.33 -3.01
C ILE B 71 -4.71 -15.07 -4.42
N ASP B 72 -3.97 -15.57 -5.44
CA ASP B 72 -4.36 -15.48 -6.84
C ASP B 72 -5.74 -16.13 -7.10
N LYS B 73 -6.02 -17.22 -6.33
CA LYS B 73 -7.29 -17.98 -6.42
C LYS B 73 -8.50 -17.16 -5.91
N LEU B 74 -8.22 -16.16 -5.06
CA LEU B 74 -9.27 -15.31 -4.45
C LEU B 74 -9.78 -14.28 -5.46
N GLU B 75 -11.05 -13.88 -5.28
CA GLU B 75 -11.76 -12.91 -6.14
C GLU B 75 -11.16 -11.49 -6.02
N ASP B 76 -10.33 -11.30 -4.98
CA ASP B 76 -9.56 -10.07 -4.76
C ASP B 76 -8.59 -9.85 -5.93
N VAL B 77 -7.75 -10.87 -6.19
CA VAL B 77 -6.73 -10.82 -7.24
C VAL B 77 -7.35 -11.21 -8.60
N VAL B 78 -7.54 -10.20 -9.45
CA VAL B 78 -8.02 -10.36 -10.84
C VAL B 78 -6.89 -10.90 -11.73
N LYS B 79 -5.70 -10.32 -11.54
CA LYS B 79 -4.45 -10.69 -12.26
C LYS B 79 -3.28 -10.67 -11.27
N VAL B 80 -2.24 -11.47 -11.54
CA VAL B 80 -0.97 -11.44 -10.77
C VAL B 80 0.22 -11.49 -11.75
N GLN B 81 1.33 -10.82 -11.40
CA GLN B 81 2.55 -10.76 -12.21
C GLN B 81 3.76 -10.60 -11.27
N ARG B 82 4.86 -11.29 -11.60
CA ARG B 82 6.11 -11.26 -10.80
C ARG B 82 7.18 -10.49 -11.59
N ASN B 83 7.41 -9.22 -11.20
CA ASN B 83 8.38 -8.32 -11.84
C ASN B 83 9.62 -8.12 -10.94
N GLN B 84 10.75 -7.80 -11.56
CA GLN B 84 12.00 -7.44 -10.85
C GLN B 84 12.02 -5.93 -10.57
N SER B 85 12.73 -5.52 -9.50
CA SER B 85 12.72 -4.13 -9.01
C SER B 85 13.54 -3.17 -9.87
N ASP B 86 13.16 -1.88 -9.81
CA ASP B 86 13.72 -0.79 -10.61
C ASP B 86 13.64 0.54 -9.80
N PRO B 87 14.77 1.31 -9.67
CA PRO B 87 14.81 2.57 -8.88
C PRO B 87 13.79 3.65 -9.34
N THR B 88 13.64 3.79 -10.67
CA THR B 88 12.79 4.84 -11.27
C THR B 88 11.34 4.37 -11.48
N MET B 89 11.04 3.08 -11.12
CA MET B 89 9.71 2.46 -11.29
C MET B 89 8.60 3.30 -10.63
N PHE B 90 8.90 3.88 -9.45
CA PHE B 90 7.95 4.69 -8.67
C PHE B 90 7.48 5.89 -9.50
N ASN B 91 8.45 6.73 -9.92
CA ASN B 91 8.22 7.92 -10.75
C ASN B 91 7.60 7.57 -12.12
N LYS B 92 7.94 6.37 -12.60
CA LYS B 92 7.58 5.89 -13.95
C LYS B 92 6.07 5.85 -14.18
N ILE B 93 5.31 5.15 -13.30
CA ILE B 93 3.84 5.11 -13.43
C ILE B 93 3.21 6.35 -12.78
N ALA B 94 3.87 6.90 -11.74
CA ALA B 94 3.35 8.02 -10.94
C ALA B 94 3.28 9.34 -11.72
N VAL B 95 4.17 9.51 -12.71
CA VAL B 95 4.21 10.74 -13.53
C VAL B 95 2.91 10.88 -14.36
N PHE B 96 2.42 9.75 -14.87
CA PHE B 96 1.15 9.70 -15.62
C PHE B 96 -0.01 9.45 -14.64
N PHE B 97 0.33 8.90 -13.45
CA PHE B 97 -0.55 8.62 -12.27
C PHE B 97 -1.87 7.88 -12.61
N GLN B 98 -1.93 7.30 -13.81
CA GLN B 98 -3.15 6.64 -14.34
C GLN B 98 -2.81 5.96 -15.70
N GLY A 1 -18.12 8.41 -0.51
CA GLY A 1 -18.08 9.85 -0.82
C GLY A 1 -19.13 10.62 -0.04
N SER A 2 -18.69 11.53 0.85
CA SER A 2 -19.58 12.41 1.63
C SER A 2 -20.04 13.58 0.76
N MET A 3 -19.10 14.12 -0.02
CA MET A 3 -19.26 15.36 -0.80
C MET A 3 -18.81 15.14 -2.26
N GLN A 4 -18.60 16.25 -3.00
CA GLN A 4 -18.14 16.24 -4.41
C GLN A 4 -16.79 15.52 -4.54
N ASN A 5 -16.85 14.29 -5.09
CA ASN A 5 -15.69 13.38 -5.23
C ASN A 5 -14.95 13.58 -6.58
N THR A 6 -14.79 14.86 -6.99
CA THR A 6 -13.93 15.22 -8.11
C THR A 6 -12.44 15.04 -7.71
N THR A 7 -12.11 15.49 -6.49
CA THR A 7 -10.77 15.33 -5.89
C THR A 7 -10.88 15.34 -4.35
N HIS A 8 -11.16 16.54 -3.76
CA HIS A 8 -10.88 16.84 -2.31
C HIS A 8 -11.57 15.89 -1.30
N ASP A 9 -12.58 15.17 -1.77
CA ASP A 9 -13.37 14.21 -0.97
C ASP A 9 -12.47 13.10 -0.40
N ASN A 10 -11.47 12.67 -1.20
CA ASN A 10 -10.43 11.71 -0.75
C ASN A 10 -9.34 12.48 0.04
N VAL A 11 -8.66 11.77 0.94
CA VAL A 11 -7.63 12.37 1.81
C VAL A 11 -6.33 11.59 1.70
N ILE A 12 -5.23 12.34 1.73
CA ILE A 12 -3.87 11.81 1.75
C ILE A 12 -3.49 11.58 3.24
N LEU A 13 -3.77 10.36 3.72
CA LEU A 13 -3.47 10.00 5.12
C LEU A 13 -2.07 9.39 5.16
N GLU A 14 -1.08 10.20 5.56
CA GLU A 14 0.30 9.75 5.72
C GLU A 14 0.54 9.31 7.16
N LEU A 15 0.62 8.00 7.39
CA LEU A 15 1.07 7.45 8.67
C LEU A 15 2.51 6.94 8.53
N THR A 16 3.41 7.51 9.32
CA THR A 16 4.78 7.08 9.42
C THR A 16 4.86 5.96 10.44
N VAL A 17 5.03 4.73 9.96
CA VAL A 17 5.16 3.57 10.82
C VAL A 17 6.57 3.03 10.72
N ARG A 18 7.04 2.40 11.80
CA ARG A 18 8.25 1.59 11.75
C ARG A 18 7.83 0.13 11.52
N ASN A 19 8.69 -0.65 10.85
CA ASN A 19 8.30 -1.96 10.26
C ASN A 19 8.20 -3.05 11.36
N HIS A 20 7.04 -3.06 12.05
CA HIS A 20 6.61 -4.13 12.97
C HIS A 20 6.04 -5.31 12.15
N PRO A 21 5.91 -6.54 12.76
CA PRO A 21 5.25 -7.70 12.11
C PRO A 21 3.83 -7.37 11.58
N GLY A 22 3.74 -7.15 10.27
CA GLY A 22 2.48 -7.00 9.56
C GLY A 22 1.75 -5.70 9.86
N VAL A 23 2.47 -4.55 9.84
CA VAL A 23 1.83 -3.22 10.03
C VAL A 23 0.81 -2.96 8.92
N MET A 24 1.12 -3.48 7.72
CA MET A 24 0.27 -3.35 6.53
C MET A 24 -1.14 -3.92 6.82
N THR A 25 -1.18 -5.01 7.63
CA THR A 25 -2.42 -5.67 8.05
C THR A 25 -3.16 -4.85 9.12
N HIS A 26 -2.40 -4.11 9.95
CA HIS A 26 -2.95 -3.27 11.02
C HIS A 26 -3.66 -2.04 10.42
N VAL A 27 -2.95 -1.35 9.51
CA VAL A 27 -3.41 -0.09 8.90
C VAL A 27 -4.66 -0.35 8.02
N CYS A 28 -4.61 -1.43 7.22
CA CYS A 28 -5.73 -1.82 6.35
C CYS A 28 -6.92 -2.29 7.20
N GLY A 29 -6.60 -2.88 8.38
CA GLY A 29 -7.60 -3.31 9.36
C GLY A 29 -8.54 -2.17 9.77
N LEU A 30 -7.96 -1.01 10.10
CA LEU A 30 -8.74 0.20 10.47
C LEU A 30 -9.57 0.71 9.27
N PHE A 31 -8.89 1.07 8.18
CA PHE A 31 -9.51 1.79 7.03
C PHE A 31 -10.62 0.96 6.34
N ALA A 32 -10.45 -0.38 6.32
CA ALA A 32 -11.42 -1.30 5.70
C ALA A 32 -12.69 -1.45 6.55
N ARG A 33 -12.52 -1.55 7.89
CA ARG A 33 -13.62 -1.87 8.82
C ARG A 33 -14.60 -0.70 9.00
N ARG A 34 -14.25 0.50 8.46
CA ARG A 34 -15.08 1.69 8.56
C ARG A 34 -16.45 1.47 7.89
N ALA A 35 -16.39 1.30 6.56
CA ALA A 35 -17.56 1.12 5.68
C ALA A 35 -17.06 0.99 4.24
N PHE A 36 -16.21 1.94 3.85
CA PHE A 36 -15.55 1.98 2.54
C PHE A 36 -14.09 1.53 2.70
N ASN A 37 -13.55 0.92 1.65
CA ASN A 37 -12.15 0.46 1.58
C ASN A 37 -11.22 1.65 1.22
N VAL A 38 -9.97 1.35 0.84
CA VAL A 38 -9.03 2.38 0.39
C VAL A 38 -9.06 2.47 -1.15
N GLU A 39 -8.95 3.70 -1.67
CA GLU A 39 -8.91 4.01 -3.10
C GLU A 39 -7.49 3.73 -3.62
N GLY A 40 -6.50 4.40 -3.02
CA GLY A 40 -5.10 4.32 -3.46
C GLY A 40 -4.14 4.27 -2.29
N ILE A 41 -2.96 3.65 -2.48
CA ILE A 41 -1.95 3.47 -1.40
C ILE A 41 -0.56 3.78 -1.98
N LEU A 42 0.34 4.26 -1.13
CA LEU A 42 1.77 4.39 -1.43
C LEU A 42 2.54 4.20 -0.12
N CYS A 43 3.75 3.65 -0.20
CA CYS A 43 4.58 3.33 0.96
C CYS A 43 6.04 3.45 0.54
N LEU A 44 6.68 4.57 0.95
CA LEU A 44 8.12 4.83 0.73
C LEU A 44 8.92 4.34 1.96
N PRO A 45 9.69 3.21 1.82
CA PRO A 45 10.56 2.70 2.89
C PRO A 45 11.73 3.67 3.16
N ILE A 46 11.76 4.22 4.38
CA ILE A 46 12.82 5.12 4.82
C ILE A 46 14.13 4.33 4.96
N GLN A 47 15.11 4.65 4.12
CA GLN A 47 16.44 4.00 4.10
C GLN A 47 17.34 4.52 5.23
N ASP A 48 16.94 5.66 5.82
CA ASP A 48 17.67 6.31 6.91
C ASP A 48 17.64 5.45 8.20
N SER A 49 16.46 4.88 8.47
CA SER A 49 16.18 4.07 9.68
C SER A 49 14.99 3.15 9.41
N ASP A 50 14.71 2.19 10.33
CA ASP A 50 13.58 1.25 10.19
C ASP A 50 12.24 1.99 10.34
N LYS A 51 11.82 2.66 9.24
CA LYS A 51 10.56 3.41 9.13
C LYS A 51 10.03 3.32 7.69
N SER A 52 8.79 3.75 7.52
CA SER A 52 8.13 3.84 6.21
C SER A 52 6.92 4.79 6.34
N HIS A 53 6.70 5.64 5.36
CA HIS A 53 5.51 6.52 5.32
C HIS A 53 4.51 5.92 4.34
N ILE A 54 3.26 5.69 4.77
CA ILE A 54 2.21 5.09 3.92
C ILE A 54 1.08 6.11 3.73
N TRP A 55 0.86 6.52 2.47
CA TRP A 55 -0.21 7.45 2.07
C TRP A 55 -1.44 6.66 1.60
N LEU A 56 -2.49 6.63 2.44
CA LEU A 56 -3.76 5.99 2.11
C LEU A 56 -4.76 7.07 1.64
N LEU A 57 -5.17 6.95 0.38
CA LEU A 57 -6.22 7.79 -0.23
C LEU A 57 -7.56 7.14 0.04
N VAL A 58 -8.33 7.79 0.91
CA VAL A 58 -9.66 7.33 1.32
C VAL A 58 -10.53 8.56 1.59
N ASN A 59 -11.83 8.46 1.37
CA ASN A 59 -12.74 9.59 1.61
C ASN A 59 -12.95 9.81 3.14
N ASP A 60 -12.74 11.05 3.57
CA ASP A 60 -12.87 11.48 4.99
C ASP A 60 -14.29 11.24 5.54
N ASP A 61 -14.35 10.59 6.72
CA ASP A 61 -15.59 10.22 7.40
C ASP A 61 -15.42 10.41 8.91
N GLN A 62 -16.58 10.52 9.61
CA GLN A 62 -16.66 10.72 11.08
C GLN A 62 -15.87 9.64 11.85
N ARG A 63 -16.06 8.38 11.41
CA ARG A 63 -15.47 7.20 12.08
C ARG A 63 -14.03 7.02 11.62
N LEU A 64 -13.72 7.48 10.39
CA LEU A 64 -12.36 7.44 9.84
C LEU A 64 -11.38 8.16 10.78
N GLU A 65 -11.76 9.39 11.16
CA GLU A 65 -10.97 10.28 12.06
C GLU A 65 -10.79 9.63 13.44
N GLN A 66 -11.84 8.96 13.92
CA GLN A 66 -11.85 8.23 15.20
C GLN A 66 -10.86 7.04 15.16
N MET A 67 -10.79 6.37 14.00
CA MET A 67 -9.87 5.25 13.77
C MET A 67 -8.42 5.73 13.63
N ILE A 68 -8.24 6.96 13.09
CA ILE A 68 -6.94 7.63 13.02
C ILE A 68 -6.41 7.89 14.45
N SER A 69 -7.35 8.28 15.34
CA SER A 69 -7.06 8.51 16.76
C SER A 69 -6.65 7.18 17.46
N GLN A 70 -7.30 6.08 17.05
CA GLN A 70 -7.10 4.74 17.64
C GLN A 70 -5.72 4.18 17.20
N ILE A 71 -5.50 4.14 15.89
CA ILE A 71 -4.31 3.51 15.27
C ILE A 71 -3.01 4.27 15.66
N ASP A 72 -3.14 5.59 15.88
CA ASP A 72 -2.02 6.46 16.27
C ASP A 72 -1.40 6.01 17.62
N LYS A 73 -2.25 5.43 18.49
CA LYS A 73 -1.86 4.98 19.86
C LYS A 73 -0.90 3.78 19.80
N LEU A 74 -0.99 3.01 18.70
CA LEU A 74 -0.14 1.83 18.47
C LEU A 74 1.31 2.27 18.23
N GLU A 75 2.24 1.43 18.74
CA GLU A 75 3.69 1.63 18.60
C GLU A 75 4.17 1.39 17.15
N ASP A 76 3.24 0.94 16.29
CA ASP A 76 3.45 0.88 14.83
C ASP A 76 3.61 2.30 14.30
N VAL A 77 2.59 3.13 14.58
CA VAL A 77 2.49 4.49 14.07
C VAL A 77 3.41 5.41 14.91
N VAL A 78 4.56 5.76 14.33
CA VAL A 78 5.51 6.73 14.91
C VAL A 78 4.90 8.14 14.83
N LYS A 79 4.36 8.47 13.65
CA LYS A 79 3.68 9.75 13.35
C LYS A 79 2.43 9.48 12.49
N VAL A 80 1.41 10.33 12.63
CA VAL A 80 0.23 10.30 11.72
C VAL A 80 -0.07 11.73 11.27
N GLN A 81 -0.36 11.89 9.98
CA GLN A 81 -0.62 13.19 9.34
C GLN A 81 -1.83 13.07 8.41
N ARG A 82 -2.96 13.68 8.80
CA ARG A 82 -4.15 13.75 7.94
C ARG A 82 -4.06 15.02 7.08
N ASN A 83 -4.21 14.84 5.76
CA ASN A 83 -4.26 15.93 4.77
C ASN A 83 -5.28 15.54 3.69
N GLN A 84 -5.93 16.53 3.05
CA GLN A 84 -6.75 16.31 1.84
C GLN A 84 -6.11 17.10 0.68
N SER A 85 -5.77 16.42 -0.42
CA SER A 85 -5.00 17.03 -1.51
C SER A 85 -5.15 16.19 -2.80
N ASP A 86 -4.53 16.70 -3.88
CA ASP A 86 -4.46 16.04 -5.19
C ASP A 86 -3.57 14.79 -5.12
N PRO A 87 -3.82 13.76 -6.01
CA PRO A 87 -2.96 12.55 -6.11
C PRO A 87 -1.59 12.84 -6.75
N THR A 88 -1.32 14.12 -7.09
CA THR A 88 -0.01 14.59 -7.57
C THR A 88 1.08 14.37 -6.50
N MET A 89 0.64 14.20 -5.24
CA MET A 89 1.51 13.78 -4.13
C MET A 89 2.30 12.51 -4.47
N PHE A 90 1.65 11.54 -5.17
CA PHE A 90 2.30 10.29 -5.65
C PHE A 90 3.61 10.59 -6.41
N ASN A 91 3.47 11.37 -7.49
CA ASN A 91 4.59 11.69 -8.41
C ASN A 91 5.66 12.55 -7.70
N LYS A 92 5.17 13.52 -6.90
CA LYS A 92 5.99 14.49 -6.17
C LYS A 92 7.07 13.80 -5.32
N ILE A 93 6.63 12.87 -4.46
CA ILE A 93 7.51 12.14 -3.52
C ILE A 93 8.25 10.98 -4.22
N ALA A 94 7.64 10.44 -5.30
CA ALA A 94 8.23 9.35 -6.12
C ALA A 94 9.55 9.80 -6.79
N VAL A 95 9.66 11.11 -7.08
CA VAL A 95 10.92 11.71 -7.61
C VAL A 95 12.07 11.51 -6.60
N PHE A 96 11.76 11.68 -5.31
CA PHE A 96 12.73 11.62 -4.20
C PHE A 96 12.92 10.19 -3.67
N PHE A 97 11.87 9.34 -3.84
CA PHE A 97 11.84 7.91 -3.40
C PHE A 97 11.91 7.77 -1.86
N GLN A 98 11.72 8.89 -1.15
CA GLN A 98 11.74 8.96 0.32
C GLN A 98 11.21 10.34 0.72
N GLY B 1 15.61 -12.88 -0.94
CA GLY B 1 15.85 -13.88 0.12
C GLY B 1 17.25 -13.79 0.68
N SER B 2 18.04 -14.87 0.58
CA SER B 2 19.38 -14.98 1.20
C SER B 2 20.47 -14.40 0.27
N MET B 3 20.38 -13.08 0.01
CA MET B 3 21.38 -12.32 -0.77
C MET B 3 21.68 -11.02 -0.03
N GLN B 4 22.66 -10.25 -0.55
CA GLN B 4 22.94 -8.89 -0.08
C GLN B 4 21.72 -8.00 -0.37
N ASN B 5 21.35 -7.14 0.61
CA ASN B 5 20.16 -6.27 0.52
C ASN B 5 20.36 -5.17 -0.55
N THR B 6 20.19 -5.56 -1.82
CA THR B 6 20.44 -4.71 -3.00
C THR B 6 19.22 -4.71 -3.92
N THR B 7 19.24 -3.81 -4.92
CA THR B 7 18.14 -3.61 -5.87
C THR B 7 18.12 -4.73 -6.94
N HIS B 8 17.56 -5.88 -6.53
CA HIS B 8 17.24 -7.04 -7.39
C HIS B 8 16.68 -8.16 -6.51
N ASP B 9 17.13 -8.17 -5.23
CA ASP B 9 16.69 -9.16 -4.23
C ASP B 9 15.22 -8.91 -3.85
N ASN B 10 14.83 -7.62 -3.83
CA ASN B 10 13.42 -7.22 -3.71
C ASN B 10 12.72 -7.37 -5.07
N VAL B 11 11.40 -7.61 -5.05
CA VAL B 11 10.62 -7.86 -6.26
C VAL B 11 9.43 -6.92 -6.33
N ILE B 12 9.13 -6.48 -7.55
CA ILE B 12 7.97 -5.65 -7.85
C ILE B 12 6.78 -6.60 -8.15
N LEU B 13 6.04 -6.96 -7.09
CA LEU B 13 4.89 -7.86 -7.20
C LEU B 13 3.64 -7.04 -7.49
N GLU B 14 3.25 -6.96 -8.76
CA GLU B 14 2.04 -6.25 -9.18
C GLU B 14 0.86 -7.22 -9.22
N LEU B 15 -0.05 -7.11 -8.25
CA LEU B 15 -1.33 -7.82 -8.30
C LEU B 15 -2.45 -6.81 -8.64
N THR B 16 -3.13 -7.07 -9.76
CA THR B 16 -4.30 -6.32 -10.17
C THR B 16 -5.52 -6.92 -9.49
N VAL B 17 -6.03 -6.22 -8.50
CA VAL B 17 -7.23 -6.64 -7.77
C VAL B 17 -8.37 -5.69 -8.09
N ARG B 18 -9.60 -6.20 -8.04
CA ARG B 18 -10.79 -5.36 -8.03
C ARG B 18 -11.20 -5.13 -6.58
N ASN B 19 -11.80 -3.97 -6.28
CA ASN B 19 -11.94 -3.48 -4.88
C ASN B 19 -13.08 -4.24 -4.12
N HIS B 20 -12.72 -5.43 -3.62
CA HIS B 20 -13.55 -6.23 -2.68
C HIS B 20 -13.40 -5.67 -1.25
N PRO B 21 -14.33 -6.03 -0.29
CA PRO B 21 -14.19 -5.65 1.13
C PRO B 21 -12.82 -6.04 1.75
N GLY B 22 -11.93 -5.04 1.84
CA GLY B 22 -10.66 -5.17 2.52
C GLY B 22 -9.66 -6.08 1.81
N VAL B 23 -9.45 -5.86 0.49
CA VAL B 23 -8.42 -6.62 -0.27
C VAL B 23 -7.03 -6.30 0.29
N MET B 24 -6.86 -5.06 0.77
CA MET B 24 -5.61 -4.58 1.36
C MET B 24 -5.19 -5.48 2.55
N THR B 25 -6.22 -6.00 3.28
CA THR B 25 -6.02 -6.90 4.44
C THR B 25 -5.68 -8.33 3.96
N HIS B 26 -6.20 -8.70 2.78
CA HIS B 26 -5.98 -10.05 2.19
C HIS B 26 -4.53 -10.16 1.69
N VAL B 27 -4.10 -9.14 0.91
CA VAL B 27 -2.78 -9.14 0.25
C VAL B 27 -1.65 -9.05 1.30
N CYS B 28 -1.85 -8.18 2.31
CA CYS B 28 -0.87 -8.02 3.41
C CYS B 28 -0.83 -9.28 4.28
N GLY B 29 -1.98 -9.97 4.35
CA GLY B 29 -2.11 -11.23 5.09
C GLY B 29 -1.13 -12.30 4.61
N LEU B 30 -1.03 -12.46 3.27
CA LEU B 30 -0.08 -13.40 2.64
C LEU B 30 1.38 -12.97 2.90
N PHE B 31 1.74 -11.77 2.44
CA PHE B 31 3.14 -11.29 2.43
C PHE B 31 3.76 -11.18 3.84
N ALA B 32 2.92 -10.85 4.84
CA ALA B 32 3.35 -10.70 6.24
C ALA B 32 3.61 -12.07 6.89
N ARG B 33 2.72 -13.05 6.61
CA ARG B 33 2.73 -14.35 7.31
C ARG B 33 3.90 -15.24 6.86
N ARG B 34 4.63 -14.84 5.78
CA ARG B 34 5.75 -15.60 5.25
C ARG B 34 6.85 -15.75 6.32
N ALA B 35 7.45 -14.61 6.66
CA ALA B 35 8.56 -14.51 7.63
C ALA B 35 8.98 -13.03 7.73
N PHE B 36 9.18 -12.42 6.56
CA PHE B 36 9.51 -10.99 6.42
C PHE B 36 8.25 -10.24 5.94
N ASN B 37 8.16 -8.96 6.34
CA ASN B 37 7.06 -8.05 5.95
C ASN B 37 7.31 -7.46 4.54
N VAL B 38 6.57 -6.41 4.18
CA VAL B 38 6.78 -5.71 2.91
C VAL B 38 7.69 -4.49 3.15
N GLU B 39 8.58 -4.22 2.19
CA GLU B 39 9.51 -3.08 2.20
C GLU B 39 8.75 -1.81 1.75
N GLY B 40 8.15 -1.88 0.55
CA GLY B 40 7.48 -0.73 -0.08
C GLY B 40 6.20 -1.15 -0.79
N ILE B 41 5.21 -0.26 -0.88
CA ILE B 41 3.89 -0.55 -1.49
C ILE B 41 3.50 0.63 -2.40
N LEU B 42 2.72 0.34 -3.44
CA LEU B 42 2.05 1.35 -4.26
C LEU B 42 0.74 0.74 -4.78
N CYS B 43 -0.27 1.57 -4.98
CA CYS B 43 -1.61 1.13 -5.40
C CYS B 43 -2.24 2.26 -6.23
N LEU B 44 -2.26 2.07 -7.55
CA LEU B 44 -2.90 2.99 -8.52
C LEU B 44 -4.35 2.52 -8.78
N PRO B 45 -5.38 3.26 -8.25
CA PRO B 45 -6.80 2.95 -8.51
C PRO B 45 -7.15 3.20 -9.98
N ILE B 46 -7.51 2.13 -10.69
CA ILE B 46 -7.91 2.20 -12.09
C ILE B 46 -9.26 2.93 -12.19
N GLN B 47 -9.25 4.11 -12.83
CA GLN B 47 -10.45 4.96 -13.00
C GLN B 47 -11.35 4.45 -14.14
N ASP B 48 -10.80 3.53 -14.95
CA ASP B 48 -11.51 2.92 -16.08
C ASP B 48 -12.67 2.01 -15.60
N SER B 49 -12.37 1.22 -14.56
CA SER B 49 -13.31 0.23 -13.98
C SER B 49 -12.93 -0.03 -12.52
N ASP B 50 -13.77 -0.78 -11.76
CA ASP B 50 -13.48 -1.10 -10.35
C ASP B 50 -12.29 -2.08 -10.25
N LYS B 51 -11.07 -1.52 -10.37
CA LYS B 51 -9.80 -2.27 -10.27
C LYS B 51 -8.73 -1.36 -9.65
N SER B 52 -7.61 -1.98 -9.27
CA SER B 52 -6.44 -1.30 -8.74
C SER B 52 -5.22 -2.23 -8.88
N HIS B 53 -4.07 -1.70 -9.27
CA HIS B 53 -2.81 -2.49 -9.33
C HIS B 53 -1.98 -2.12 -8.10
N ILE B 54 -1.55 -3.12 -7.31
CA ILE B 54 -0.77 -2.90 -6.09
C ILE B 54 0.62 -3.54 -6.27
N TRP B 55 1.68 -2.71 -6.25
CA TRP B 55 3.09 -3.15 -6.35
C TRP B 55 3.68 -3.30 -4.94
N LEU B 56 3.87 -4.55 -4.50
CA LEU B 56 4.51 -4.86 -3.21
C LEU B 56 5.98 -5.23 -3.45
N LEU B 57 6.88 -4.40 -2.90
CA LEU B 57 8.33 -4.63 -2.90
C LEU B 57 8.68 -5.48 -1.69
N VAL B 58 9.04 -6.72 -1.95
CA VAL B 58 9.41 -7.71 -0.93
C VAL B 58 10.49 -8.62 -1.50
N ASN B 59 11.39 -9.12 -0.66
CA ASN B 59 12.45 -10.02 -1.14
C ASN B 59 11.87 -11.40 -1.48
N ASP B 60 12.17 -11.86 -2.71
CA ASP B 60 11.72 -13.17 -3.24
C ASP B 60 12.18 -14.35 -2.36
N ASP B 61 11.23 -15.24 -2.06
CA ASP B 61 11.44 -16.42 -1.22
C ASP B 61 10.61 -17.61 -1.77
N GLN B 62 11.01 -18.82 -1.35
CA GLN B 62 10.36 -20.11 -1.73
C GLN B 62 8.85 -20.08 -1.42
N ARG B 63 8.52 -19.63 -0.21
CA ARG B 63 7.14 -19.63 0.32
C ARG B 63 6.38 -18.45 -0.24
N LEU B 64 7.10 -17.36 -0.57
CA LEU B 64 6.51 -16.15 -1.17
C LEU B 64 5.78 -16.51 -2.49
N GLU B 65 6.49 -17.25 -3.35
CA GLU B 65 5.97 -17.71 -4.67
C GLU B 65 4.76 -18.63 -4.52
N GLN B 66 4.80 -19.47 -3.47
CA GLN B 66 3.70 -20.39 -3.12
C GLN B 66 2.45 -19.60 -2.67
N MET B 67 2.67 -18.50 -1.95
CA MET B 67 1.58 -17.61 -1.49
C MET B 67 1.02 -16.78 -2.67
N ILE B 68 1.88 -16.46 -3.65
CA ILE B 68 1.48 -15.79 -4.91
C ILE B 68 0.51 -16.72 -5.69
N SER B 69 0.80 -18.03 -5.65
CA SER B 69 -0.04 -19.07 -6.27
C SER B 69 -1.40 -19.18 -5.54
N GLN B 70 -1.37 -19.01 -4.20
CA GLN B 70 -2.55 -19.15 -3.32
C GLN B 70 -3.50 -17.95 -3.53
N ILE B 71 -2.94 -16.73 -3.36
CA ILE B 71 -3.70 -15.47 -3.39
C ILE B 71 -4.32 -15.21 -4.78
N ASP B 72 -3.63 -15.70 -5.83
CA ASP B 72 -4.08 -15.56 -7.23
C ASP B 72 -5.44 -16.25 -7.45
N LYS B 73 -5.70 -17.33 -6.69
CA LYS B 73 -6.93 -18.13 -6.82
C LYS B 73 -8.16 -17.35 -6.35
N LEU B 74 -7.94 -16.36 -5.46
CA LEU B 74 -9.00 -15.51 -4.92
C LEU B 74 -9.55 -14.58 -6.02
N GLU B 75 -10.87 -14.33 -5.94
CA GLU B 75 -11.59 -13.44 -6.88
C GLU B 75 -11.22 -11.95 -6.68
N ASP B 76 -10.44 -11.67 -5.62
CA ASP B 76 -9.80 -10.38 -5.42
C ASP B 76 -8.82 -10.10 -6.55
N VAL B 77 -7.88 -11.04 -6.72
CA VAL B 77 -6.80 -10.93 -7.69
C VAL B 77 -7.32 -11.29 -9.10
N VAL B 78 -7.55 -10.24 -9.90
CA VAL B 78 -7.93 -10.36 -11.31
C VAL B 78 -6.73 -10.89 -12.11
N LYS B 79 -5.56 -10.25 -11.86
CA LYS B 79 -4.26 -10.60 -12.47
C LYS B 79 -3.15 -10.54 -11.41
N VAL B 80 -2.11 -11.36 -11.58
CA VAL B 80 -0.90 -11.28 -10.76
C VAL B 80 0.34 -11.34 -11.68
N GLN B 81 1.32 -10.48 -11.39
CA GLN B 81 2.54 -10.32 -12.18
C GLN B 81 3.74 -10.21 -11.24
N ARG B 82 4.57 -11.26 -11.19
CA ARG B 82 5.84 -11.23 -10.46
C ARG B 82 6.95 -10.71 -11.36
N ASN B 83 7.68 -9.71 -10.87
CA ASN B 83 8.83 -9.09 -11.55
C ASN B 83 9.85 -8.69 -10.48
N GLN B 84 11.15 -8.69 -10.82
CA GLN B 84 12.21 -8.11 -9.95
C GLN B 84 12.88 -6.97 -10.72
N SER B 85 12.90 -5.76 -10.15
CA SER B 85 13.35 -4.56 -10.86
C SER B 85 13.67 -3.43 -9.87
N ASP B 86 14.14 -2.30 -10.43
CA ASP B 86 14.43 -1.06 -9.70
C ASP B 86 13.15 -0.41 -9.15
N PRO B 87 13.24 0.36 -8.01
CA PRO B 87 12.08 1.13 -7.46
C PRO B 87 11.72 2.35 -8.33
N THR B 88 12.46 2.55 -9.45
CA THR B 88 12.14 3.56 -10.47
C THR B 88 10.75 3.34 -11.08
N MET B 89 10.25 2.10 -10.94
CA MET B 89 8.85 1.73 -11.28
C MET B 89 7.85 2.68 -10.61
N PHE B 90 8.10 3.06 -9.32
CA PHE B 90 7.26 4.03 -8.56
C PHE B 90 7.02 5.31 -9.39
N ASN B 91 8.12 5.99 -9.76
CA ASN B 91 8.09 7.29 -10.46
C ASN B 91 7.49 7.14 -11.86
N LYS B 92 7.90 6.05 -12.53
CA LYS B 92 7.51 5.74 -13.92
C LYS B 92 6.00 5.75 -14.12
N ILE B 93 5.29 4.98 -13.28
CA ILE B 93 3.82 4.83 -13.34
C ILE B 93 3.11 6.01 -12.66
N ALA B 94 3.78 6.65 -11.69
CA ALA B 94 3.26 7.84 -10.97
C ALA B 94 3.05 9.04 -11.91
N VAL B 95 3.85 9.11 -12.99
CA VAL B 95 3.67 10.12 -14.06
C VAL B 95 2.29 9.97 -14.72
N PHE B 96 1.90 8.72 -14.96
CA PHE B 96 0.63 8.37 -15.65
C PHE B 96 -0.54 8.29 -14.66
N PHE B 97 -0.23 8.03 -13.38
CA PHE B 97 -1.22 7.85 -12.28
C PHE B 97 -2.16 6.64 -12.53
N GLN B 98 -1.81 5.82 -13.52
CA GLN B 98 -2.56 4.64 -13.95
C GLN B 98 -1.68 3.90 -14.99
N GLY A 1 -17.46 10.04 0.48
CA GLY A 1 -18.15 8.80 0.92
C GLY A 1 -18.68 8.00 -0.26
N SER A 2 -19.57 7.04 0.04
CA SER A 2 -20.34 6.32 -1.00
C SER A 2 -21.42 7.25 -1.56
N MET A 3 -20.97 8.13 -2.47
CA MET A 3 -21.78 9.21 -3.07
C MET A 3 -21.00 9.76 -4.29
N GLN A 4 -21.32 11.00 -4.71
CA GLN A 4 -20.54 11.72 -5.73
C GLN A 4 -19.06 11.82 -5.28
N ASN A 5 -18.17 11.06 -5.95
CA ASN A 5 -16.72 11.05 -5.65
C ASN A 5 -16.02 12.15 -6.45
N THR A 6 -15.37 13.07 -5.73
CA THR A 6 -14.54 14.14 -6.29
C THR A 6 -13.10 13.98 -5.80
N THR A 7 -12.18 14.78 -6.35
CA THR A 7 -10.76 14.76 -5.94
C THR A 7 -10.54 15.49 -4.58
N HIS A 8 -11.61 16.05 -3.99
CA HIS A 8 -11.58 16.55 -2.59
C HIS A 8 -12.33 15.58 -1.64
N ASP A 9 -13.06 14.60 -2.21
CA ASP A 9 -13.84 13.61 -1.42
C ASP A 9 -12.91 12.63 -0.68
N ASN A 10 -11.78 12.29 -1.31
CA ASN A 10 -10.74 11.44 -0.69
C ASN A 10 -9.81 12.28 0.20
N VAL A 11 -9.01 11.59 1.05
CA VAL A 11 -8.03 12.23 1.94
C VAL A 11 -6.68 11.55 1.76
N ILE A 12 -5.63 12.33 1.99
CA ILE A 12 -4.25 11.88 1.97
C ILE A 12 -3.81 11.58 3.42
N LEU A 13 -3.98 10.33 3.85
CA LEU A 13 -3.68 9.90 5.21
C LEU A 13 -2.20 9.43 5.27
N GLU A 14 -1.29 10.34 5.62
CA GLU A 14 0.15 10.04 5.72
C GLU A 14 0.51 9.57 7.14
N LEU A 15 0.59 8.25 7.34
CA LEU A 15 1.08 7.69 8.61
C LEU A 15 2.55 7.28 8.47
N THR A 16 3.39 7.89 9.31
CA THR A 16 4.82 7.62 9.38
C THR A 16 5.04 6.46 10.35
N VAL A 17 5.30 5.29 9.79
CA VAL A 17 5.50 4.05 10.57
C VAL A 17 6.95 3.57 10.39
N ARG A 18 7.47 2.86 11.40
CA ARG A 18 8.71 2.11 11.23
C ARG A 18 8.37 0.62 11.04
N ASN A 19 9.25 -0.11 10.32
CA ASN A 19 8.96 -1.47 9.81
C ASN A 19 8.87 -2.48 10.98
N HIS A 20 7.64 -2.61 11.49
CA HIS A 20 7.22 -3.60 12.52
C HIS A 20 6.46 -4.78 11.85
N PRO A 21 6.33 -5.95 12.56
CA PRO A 21 5.53 -7.11 12.06
C PRO A 21 4.08 -6.73 11.67
N GLY A 22 3.84 -6.63 10.35
CA GLY A 22 2.51 -6.51 9.77
C GLY A 22 1.86 -5.14 9.94
N VAL A 23 2.65 -4.05 9.78
CA VAL A 23 2.12 -2.67 9.90
C VAL A 23 1.07 -2.39 8.79
N MET A 24 1.40 -2.82 7.57
CA MET A 24 0.51 -2.71 6.40
C MET A 24 -0.82 -3.46 6.64
N THR A 25 -0.77 -4.52 7.47
CA THR A 25 -1.95 -5.31 7.88
C THR A 25 -2.79 -4.52 8.93
N HIS A 26 -2.11 -3.72 9.78
CA HIS A 26 -2.76 -2.85 10.78
C HIS A 26 -3.57 -1.75 10.08
N VAL A 27 -2.87 -0.99 9.21
CA VAL A 27 -3.42 0.21 8.55
C VAL A 27 -4.64 -0.16 7.66
N CYS A 28 -4.52 -1.28 6.91
CA CYS A 28 -5.59 -1.75 6.03
C CYS A 28 -6.82 -2.19 6.85
N GLY A 29 -6.55 -2.79 8.02
CA GLY A 29 -7.59 -3.16 8.98
C GLY A 29 -8.36 -1.96 9.54
N LEU A 30 -7.65 -0.82 9.70
CA LEU A 30 -8.23 0.44 10.24
C LEU A 30 -9.27 1.06 9.27
N PHE A 31 -8.95 1.07 7.97
CA PHE A 31 -9.85 1.65 6.94
C PHE A 31 -10.97 0.65 6.56
N ALA A 32 -10.64 -0.65 6.58
CA ALA A 32 -11.57 -1.74 6.21
C ALA A 32 -12.70 -1.92 7.24
N ARG A 33 -12.38 -1.68 8.53
CA ARG A 33 -13.31 -1.91 9.67
C ARG A 33 -14.44 -0.88 9.70
N ARG A 34 -14.26 0.24 8.96
CA ARG A 34 -15.28 1.28 8.85
C ARG A 34 -16.44 0.76 7.97
N ALA A 35 -16.19 0.61 6.67
CA ALA A 35 -17.23 0.29 5.67
C ALA A 35 -16.61 0.18 4.28
N PHE A 36 -15.94 1.26 3.84
CA PHE A 36 -15.37 1.36 2.49
C PHE A 36 -13.87 1.01 2.51
N ASN A 37 -13.34 0.67 1.32
CA ASN A 37 -11.95 0.24 1.12
C ASN A 37 -11.05 1.45 0.79
N VAL A 38 -9.79 1.19 0.42
CA VAL A 38 -8.84 2.25 0.01
C VAL A 38 -8.85 2.41 -1.53
N GLU A 39 -8.70 3.65 -1.98
CA GLU A 39 -8.65 4.03 -3.40
C GLU A 39 -7.21 3.86 -3.94
N GLY A 40 -6.25 4.47 -3.22
CA GLY A 40 -4.83 4.44 -3.63
C GLY A 40 -3.91 4.39 -2.41
N ILE A 41 -2.73 3.77 -2.56
CA ILE A 41 -1.74 3.59 -1.47
C ILE A 41 -0.35 3.93 -2.00
N LEU A 42 0.52 4.46 -1.13
CA LEU A 42 1.95 4.65 -1.44
C LEU A 42 2.78 4.50 -0.15
N CYS A 43 3.46 3.36 0.02
CA CYS A 43 4.48 3.18 1.08
C CYS A 43 5.85 3.52 0.51
N LEU A 44 6.39 4.69 0.90
CA LEU A 44 7.70 5.17 0.50
C LEU A 44 8.72 4.80 1.60
N PRO A 45 9.63 3.81 1.35
CA PRO A 45 10.64 3.40 2.35
C PRO A 45 11.80 4.43 2.48
N ILE A 46 12.30 4.57 3.72
CA ILE A 46 13.43 5.44 4.05
C ILE A 46 14.69 4.56 4.12
N GLN A 47 15.76 5.03 3.47
CA GLN A 47 17.06 4.34 3.42
C GLN A 47 17.81 4.43 4.77
N ASP A 48 17.87 5.66 5.30
CA ASP A 48 18.69 6.02 6.47
C ASP A 48 18.32 5.18 7.73
N SER A 49 17.02 4.90 7.89
CA SER A 49 16.48 4.15 9.04
C SER A 49 15.31 3.25 8.58
N ASP A 50 14.94 2.22 9.40
CA ASP A 50 13.79 1.34 9.10
C ASP A 50 12.47 2.11 9.28
N LYS A 51 12.14 2.93 8.29
CA LYS A 51 10.99 3.86 8.35
C LYS A 51 10.28 3.83 6.99
N SER A 52 8.99 4.19 7.00
CA SER A 52 8.12 4.17 5.83
C SER A 52 6.95 5.14 6.08
N HIS A 53 6.80 6.16 5.21
CA HIS A 53 5.58 7.01 5.21
C HIS A 53 4.60 6.39 4.21
N ILE A 54 3.33 6.16 4.62
CA ILE A 54 2.31 5.57 3.72
C ILE A 54 1.16 6.58 3.57
N TRP A 55 0.87 6.98 2.31
CA TRP A 55 -0.25 7.86 1.96
C TRP A 55 -1.45 7.01 1.52
N LEU A 56 -2.47 6.94 2.38
CA LEU A 56 -3.73 6.22 2.12
C LEU A 56 -4.77 7.21 1.57
N LEU A 57 -5.11 7.05 0.29
CA LEU A 57 -6.14 7.83 -0.39
C LEU A 57 -7.47 7.11 -0.17
N VAL A 58 -8.33 7.70 0.67
CA VAL A 58 -9.64 7.11 1.02
C VAL A 58 -10.63 8.24 1.36
N ASN A 59 -11.91 8.07 1.01
CA ASN A 59 -12.95 8.98 1.47
C ASN A 59 -13.22 8.72 2.97
N ASP A 60 -12.83 9.69 3.82
CA ASP A 60 -12.82 9.54 5.29
C ASP A 60 -14.24 9.55 5.86
N ASP A 61 -14.33 9.37 7.18
CA ASP A 61 -15.61 9.33 7.91
C ASP A 61 -15.43 10.01 9.28
N GLN A 62 -16.56 10.37 9.91
CA GLN A 62 -16.60 10.95 11.27
C GLN A 62 -15.99 9.98 12.28
N ARG A 63 -16.29 8.69 12.09
CA ARG A 63 -15.81 7.58 12.92
C ARG A 63 -14.37 7.22 12.55
N LEU A 64 -13.99 7.46 11.27
CA LEU A 64 -12.63 7.17 10.77
C LEU A 64 -11.61 8.06 11.48
N GLU A 65 -12.02 9.29 11.83
CA GLU A 65 -11.20 10.26 12.61
C GLU A 65 -10.80 9.66 13.98
N GLN A 66 -11.75 8.94 14.60
CA GLN A 66 -11.54 8.25 15.89
C GLN A 66 -10.62 7.02 15.70
N MET A 67 -10.70 6.40 14.51
CA MET A 67 -9.85 5.27 14.10
C MET A 67 -8.39 5.75 13.84
N ILE A 68 -8.26 7.00 13.36
CA ILE A 68 -6.95 7.68 13.16
C ILE A 68 -6.33 8.00 14.54
N SER A 69 -7.18 8.41 15.49
CA SER A 69 -6.80 8.68 16.88
C SER A 69 -6.34 7.38 17.59
N GLN A 70 -6.94 6.23 17.19
CA GLN A 70 -6.65 4.92 17.79
C GLN A 70 -5.32 4.37 17.25
N ILE A 71 -5.16 4.42 15.91
CA ILE A 71 -3.97 3.86 15.20
C ILE A 71 -2.69 4.64 15.57
N ASP A 72 -2.88 5.93 15.90
CA ASP A 72 -1.81 6.83 16.35
C ASP A 72 -1.08 6.29 17.59
N LYS A 73 -1.82 5.53 18.43
CA LYS A 73 -1.32 5.02 19.72
C LYS A 73 -0.58 3.68 19.56
N LEU A 74 -0.60 3.10 18.34
CA LEU A 74 0.17 1.89 18.01
C LEU A 74 1.67 2.23 17.84
N GLU A 75 2.54 1.32 18.34
CA GLU A 75 4.00 1.53 18.41
C GLU A 75 4.68 1.40 17.03
N ASP A 76 3.94 0.87 16.05
CA ASP A 76 4.37 0.87 14.65
C ASP A 76 4.21 2.28 14.05
N VAL A 77 3.02 2.86 14.23
CA VAL A 77 2.75 4.25 13.82
C VAL A 77 3.50 5.23 14.74
N VAL A 78 4.63 5.73 14.22
CA VAL A 78 5.48 6.71 14.91
C VAL A 78 4.78 8.09 14.93
N LYS A 79 4.16 8.41 13.78
CA LYS A 79 3.38 9.65 13.56
C LYS A 79 2.20 9.33 12.64
N VAL A 80 1.09 10.08 12.77
CA VAL A 80 -0.05 10.00 11.83
C VAL A 80 -0.42 11.43 11.39
N GLN A 81 -0.81 11.57 10.12
CA GLN A 81 -1.17 12.87 9.50
C GLN A 81 -2.44 12.68 8.66
N ARG A 82 -3.46 13.48 8.97
CA ARG A 82 -4.73 13.51 8.25
C ARG A 82 -4.78 14.80 7.42
N ASN A 83 -4.41 14.68 6.14
CA ASN A 83 -4.33 15.81 5.21
C ASN A 83 -5.43 15.67 4.14
N GLN A 84 -6.40 16.58 4.13
CA GLN A 84 -7.42 16.62 3.07
C GLN A 84 -6.87 17.50 1.92
N SER A 85 -6.40 16.82 0.85
CA SER A 85 -5.68 17.49 -0.24
C SER A 85 -5.93 16.77 -1.57
N ASP A 86 -5.38 17.36 -2.65
CA ASP A 86 -5.51 16.84 -4.02
C ASP A 86 -4.72 15.50 -4.16
N PRO A 87 -5.32 14.45 -4.83
CA PRO A 87 -4.68 13.12 -5.04
C PRO A 87 -3.21 13.15 -5.49
N THR A 88 -2.83 14.15 -6.34
CA THR A 88 -1.48 14.25 -6.96
C THR A 88 -0.33 14.40 -5.92
N MET A 89 -0.67 14.53 -4.63
CA MET A 89 0.28 14.45 -3.51
C MET A 89 1.13 13.15 -3.60
N PHE A 90 0.48 11.99 -3.92
CA PHE A 90 1.18 10.67 -3.99
C PHE A 90 2.24 10.71 -5.10
N ASN A 91 1.88 11.30 -6.27
CA ASN A 91 2.78 11.44 -7.44
C ASN A 91 3.98 12.35 -7.08
N LYS A 92 3.66 13.42 -6.30
CA LYS A 92 4.63 14.46 -5.89
C LYS A 92 5.85 13.83 -5.20
N ILE A 93 5.64 13.08 -4.11
CA ILE A 93 6.78 12.50 -3.35
C ILE A 93 7.36 11.25 -4.04
N ALA A 94 6.51 10.53 -4.82
CA ALA A 94 6.89 9.27 -5.49
C ALA A 94 8.06 9.47 -6.48
N VAL A 95 8.05 10.62 -7.20
CA VAL A 95 9.13 10.98 -8.14
C VAL A 95 10.45 11.29 -7.39
N PHE A 96 10.33 11.86 -6.17
CA PHE A 96 11.50 12.15 -5.30
C PHE A 96 12.03 10.85 -4.64
N PHE A 97 11.16 9.81 -4.62
CA PHE A 97 11.43 8.41 -4.17
C PHE A 97 12.02 8.31 -2.74
N GLN A 98 11.97 9.42 -1.98
CA GLN A 98 12.55 9.49 -0.63
C GLN A 98 11.91 10.68 0.13
N GLY B 1 16.47 -11.08 1.36
CA GLY B 1 16.35 -11.40 2.80
C GLY B 1 17.14 -10.43 3.65
N SER B 2 17.22 -10.71 4.97
CA SER B 2 18.02 -9.93 5.92
C SER B 2 19.51 -10.26 5.71
N MET B 3 20.13 -9.50 4.78
CA MET B 3 21.52 -9.71 4.32
C MET B 3 21.91 -8.49 3.46
N GLN B 4 22.89 -8.65 2.54
CA GLN B 4 23.17 -7.67 1.49
C GLN B 4 21.91 -7.45 0.60
N ASN B 5 21.05 -6.49 1.01
CA ASN B 5 19.80 -6.16 0.31
C ASN B 5 20.12 -5.37 -0.98
N THR B 6 20.32 -6.13 -2.07
CA THR B 6 20.59 -5.58 -3.41
C THR B 6 19.28 -5.11 -4.09
N THR B 7 19.41 -4.57 -5.30
CA THR B 7 18.25 -4.12 -6.12
C THR B 7 17.51 -5.33 -6.77
N HIS B 8 18.07 -6.55 -6.61
CA HIS B 8 17.41 -7.81 -7.04
C HIS B 8 16.96 -8.66 -5.82
N ASP B 9 17.29 -8.17 -4.60
CA ASP B 9 16.92 -8.84 -3.34
C ASP B 9 15.40 -8.81 -3.16
N ASN B 10 14.85 -7.59 -3.32
CA ASN B 10 13.41 -7.37 -3.30
C ASN B 10 12.80 -7.71 -4.68
N VAL B 11 11.47 -7.87 -4.71
CA VAL B 11 10.71 -8.17 -5.93
C VAL B 11 9.59 -7.16 -6.09
N ILE B 12 9.23 -6.91 -7.34
CA ILE B 12 8.12 -6.05 -7.72
C ILE B 12 6.89 -6.94 -7.99
N LEU B 13 6.08 -7.16 -6.94
CA LEU B 13 4.91 -8.04 -7.02
C LEU B 13 3.69 -7.20 -7.45
N GLU B 14 3.42 -7.15 -8.77
CA GLU B 14 2.29 -6.39 -9.32
C GLU B 14 1.03 -7.27 -9.41
N LEU B 15 0.14 -7.14 -8.43
CA LEU B 15 -1.16 -7.83 -8.49
C LEU B 15 -2.25 -6.83 -8.94
N THR B 16 -2.90 -7.18 -10.05
CA THR B 16 -3.99 -6.40 -10.63
C THR B 16 -5.30 -6.86 -10.00
N VAL B 17 -5.81 -6.07 -9.07
CA VAL B 17 -7.03 -6.36 -8.33
C VAL B 17 -8.11 -5.34 -8.68
N ARG B 18 -9.38 -5.74 -8.59
CA ARG B 18 -10.50 -4.79 -8.62
C ARG B 18 -10.99 -4.56 -7.19
N ASN B 19 -11.57 -3.36 -6.93
CA ASN B 19 -11.86 -2.86 -5.57
C ASN B 19 -13.00 -3.68 -4.91
N HIS B 20 -12.57 -4.76 -4.25
CA HIS B 20 -13.40 -5.66 -3.40
C HIS B 20 -13.20 -5.31 -1.90
N PRO B 21 -14.16 -5.74 -1.00
CA PRO B 21 -14.03 -5.57 0.47
C PRO B 21 -12.69 -6.12 1.06
N GLY B 22 -11.76 -5.18 1.34
CA GLY B 22 -10.54 -5.47 2.08
C GLY B 22 -9.47 -6.21 1.28
N VAL B 23 -9.28 -5.84 -0.01
CA VAL B 23 -8.24 -6.47 -0.86
C VAL B 23 -6.83 -6.19 -0.31
N MET B 24 -6.62 -4.93 0.09
CA MET B 24 -5.36 -4.49 0.70
C MET B 24 -5.06 -5.27 2.01
N THR B 25 -6.14 -5.73 2.68
CA THR B 25 -6.05 -6.57 3.89
C THR B 25 -5.67 -8.04 3.51
N HIS B 26 -6.11 -8.50 2.32
CA HIS B 26 -5.75 -9.84 1.79
C HIS B 26 -4.24 -9.90 1.47
N VAL B 27 -3.79 -8.93 0.64
CA VAL B 27 -2.44 -8.92 0.09
C VAL B 27 -1.38 -8.79 1.21
N CYS B 28 -1.67 -7.92 2.20
CA CYS B 28 -0.76 -7.69 3.33
C CYS B 28 -0.65 -8.95 4.20
N GLY B 29 -1.79 -9.67 4.32
CA GLY B 29 -1.84 -10.95 5.03
C GLY B 29 -1.01 -12.04 4.37
N LEU B 30 -0.92 -12.00 3.01
CA LEU B 30 -0.16 -12.99 2.21
C LEU B 30 1.37 -12.88 2.45
N PHE B 31 1.89 -11.63 2.52
CA PHE B 31 3.33 -11.39 2.75
C PHE B 31 3.69 -11.51 4.24
N ALA B 32 2.75 -11.09 5.10
CA ALA B 32 2.93 -11.09 6.57
C ALA B 32 2.98 -12.52 7.14
N ARG B 33 2.21 -13.45 6.53
CA ARG B 33 2.05 -14.84 7.02
C ARG B 33 3.33 -15.67 6.81
N ARG B 34 4.22 -15.17 5.93
CA ARG B 34 5.51 -15.82 5.67
C ARG B 34 6.43 -15.66 6.89
N ALA B 35 6.90 -14.44 7.12
CA ALA B 35 7.92 -14.14 8.15
C ALA B 35 8.20 -12.64 8.16
N PHE B 36 8.63 -12.12 6.98
CA PHE B 36 9.06 -10.71 6.84
C PHE B 36 7.89 -9.85 6.29
N ASN B 37 8.01 -8.53 6.51
CA ASN B 37 7.01 -7.52 6.14
C ASN B 37 7.30 -6.97 4.73
N VAL B 38 6.56 -5.93 4.33
CA VAL B 38 6.76 -5.27 3.02
C VAL B 38 7.69 -4.03 3.20
N GLU B 39 8.53 -3.80 2.18
CA GLU B 39 9.49 -2.68 2.13
C GLU B 39 8.78 -1.42 1.57
N GLY B 40 8.11 -1.59 0.42
CA GLY B 40 7.42 -0.48 -0.26
C GLY B 40 6.16 -0.96 -0.97
N ILE B 41 5.15 -0.08 -1.08
CA ILE B 41 3.82 -0.40 -1.68
C ILE B 41 3.42 0.75 -2.63
N LEU B 42 2.67 0.42 -3.68
CA LEU B 42 2.06 1.41 -4.57
C LEU B 42 0.75 0.84 -5.16
N CYS B 43 -0.41 1.28 -4.64
CA CYS B 43 -1.71 1.00 -5.24
C CYS B 43 -2.09 2.17 -6.16
N LEU B 44 -2.00 1.91 -7.48
CA LEU B 44 -2.33 2.89 -8.52
C LEU B 44 -3.78 2.63 -8.99
N PRO B 45 -4.77 3.50 -8.63
CA PRO B 45 -6.18 3.31 -9.03
C PRO B 45 -6.42 3.66 -10.52
N ILE B 46 -7.29 2.88 -11.17
CA ILE B 46 -7.69 3.08 -12.56
C ILE B 46 -9.03 3.86 -12.56
N GLN B 47 -9.10 4.89 -13.39
CA GLN B 47 -10.29 5.76 -13.51
C GLN B 47 -11.45 5.06 -14.25
N ASP B 48 -11.11 4.44 -15.39
CA ASP B 48 -12.06 3.85 -16.35
C ASP B 48 -12.96 2.78 -15.71
N SER B 49 -12.38 1.97 -14.82
CA SER B 49 -13.09 0.86 -14.13
C SER B 49 -12.58 0.76 -12.68
N ASP B 50 -13.36 0.08 -11.79
CA ASP B 50 -12.96 -0.13 -10.38
C ASP B 50 -11.80 -1.15 -10.32
N LYS B 51 -10.60 -0.67 -10.61
CA LYS B 51 -9.40 -1.50 -10.74
C LYS B 51 -8.22 -0.78 -10.07
N SER B 52 -7.22 -1.56 -9.67
CA SER B 52 -6.04 -1.07 -8.94
C SER B 52 -4.90 -2.10 -9.14
N HIS B 53 -3.78 -1.67 -9.74
CA HIS B 53 -2.54 -2.49 -9.74
C HIS B 53 -1.71 -2.09 -8.52
N ILE B 54 -1.26 -3.06 -7.71
CA ILE B 54 -0.46 -2.78 -6.51
C ILE B 54 0.92 -3.45 -6.67
N TRP B 55 2.01 -2.66 -6.58
CA TRP B 55 3.39 -3.15 -6.64
C TRP B 55 3.92 -3.30 -5.20
N LEU B 56 4.05 -4.56 -4.74
CA LEU B 56 4.59 -4.89 -3.41
C LEU B 56 6.09 -5.20 -3.55
N LEU B 57 6.90 -4.30 -2.99
CA LEU B 57 8.36 -4.45 -2.91
C LEU B 57 8.68 -5.23 -1.64
N VAL B 58 9.10 -6.48 -1.80
CA VAL B 58 9.41 -7.39 -0.68
C VAL B 58 10.47 -8.40 -1.12
N ASN B 59 11.38 -8.78 -0.22
CA ASN B 59 12.29 -9.90 -0.47
C ASN B 59 11.50 -11.22 -0.40
N ASP B 60 11.36 -11.89 -1.56
CA ASP B 60 10.49 -13.06 -1.74
C ASP B 60 11.09 -14.32 -1.10
N ASP B 61 10.32 -15.40 -1.13
CA ASP B 61 10.68 -16.68 -0.52
C ASP B 61 10.20 -17.83 -1.42
N GLN B 62 10.76 -19.03 -1.22
CA GLN B 62 10.38 -20.27 -1.93
C GLN B 62 8.88 -20.59 -1.68
N ARG B 63 8.46 -20.36 -0.43
CA ARG B 63 7.09 -20.57 0.04
C ARG B 63 6.18 -19.41 -0.39
N LEU B 64 6.77 -18.20 -0.53
CA LEU B 64 6.04 -17.00 -0.95
C LEU B 64 5.48 -17.18 -2.38
N GLU B 65 6.25 -17.91 -3.22
CA GLU B 65 5.84 -18.27 -4.61
C GLU B 65 4.52 -19.07 -4.60
N GLN B 66 4.40 -19.97 -3.61
CA GLN B 66 3.19 -20.79 -3.41
C GLN B 66 2.02 -19.92 -2.89
N MET B 67 2.37 -18.88 -2.10
CA MET B 67 1.42 -17.88 -1.58
C MET B 67 0.89 -16.96 -2.71
N ILE B 68 1.77 -16.70 -3.70
CA ILE B 68 1.43 -15.94 -4.94
C ILE B 68 0.46 -16.77 -5.81
N SER B 69 0.73 -18.10 -5.85
CA SER B 69 -0.12 -19.06 -6.56
C SER B 69 -1.52 -19.18 -5.89
N GLN B 70 -1.55 -18.97 -4.55
CA GLN B 70 -2.79 -19.08 -3.75
C GLN B 70 -3.64 -17.80 -3.93
N ILE B 71 -2.98 -16.63 -3.80
CA ILE B 71 -3.67 -15.31 -3.85
C ILE B 71 -4.25 -15.04 -5.26
N ASP B 72 -3.59 -15.63 -6.26
CA ASP B 72 -4.01 -15.57 -7.68
C ASP B 72 -5.45 -16.10 -7.88
N LYS B 73 -5.86 -17.04 -7.01
CA LYS B 73 -7.16 -17.74 -7.12
C LYS B 73 -8.29 -16.96 -6.39
N LEU B 74 -7.93 -15.86 -5.71
CA LEU B 74 -8.90 -14.96 -5.04
C LEU B 74 -9.56 -14.05 -6.09
N GLU B 75 -10.89 -13.86 -5.96
CA GLU B 75 -11.73 -13.15 -6.97
C GLU B 75 -11.46 -11.63 -6.98
N ASP B 76 -10.78 -11.13 -5.94
CA ASP B 76 -10.29 -9.75 -5.89
C ASP B 76 -9.09 -9.59 -6.83
N VAL B 77 -8.09 -10.49 -6.69
CA VAL B 77 -6.93 -10.56 -7.60
C VAL B 77 -7.36 -11.08 -8.97
N VAL B 78 -7.53 -10.13 -9.91
CA VAL B 78 -7.92 -10.42 -11.30
C VAL B 78 -6.72 -11.05 -12.04
N LYS B 79 -5.53 -10.52 -11.74
CA LYS B 79 -4.23 -10.97 -12.28
C LYS B 79 -3.16 -10.79 -11.20
N VAL B 80 -2.11 -11.63 -11.23
CA VAL B 80 -0.92 -11.46 -10.36
C VAL B 80 0.34 -11.54 -11.24
N GLN B 81 1.36 -10.75 -10.89
CA GLN B 81 2.64 -10.69 -11.65
C GLN B 81 3.79 -10.66 -10.64
N ARG B 82 4.70 -11.63 -10.77
CA ARG B 82 5.92 -11.73 -9.95
C ARG B 82 7.11 -11.31 -10.81
N ASN B 83 7.51 -10.05 -10.68
CA ASN B 83 8.60 -9.46 -11.47
C ASN B 83 9.79 -9.16 -10.54
N GLN B 84 10.92 -9.85 -10.75
CA GLN B 84 12.17 -9.53 -10.02
C GLN B 84 12.91 -8.45 -10.82
N SER B 85 12.83 -7.20 -10.34
CA SER B 85 13.36 -6.03 -11.07
C SER B 85 13.81 -4.96 -10.09
N ASP B 86 14.39 -3.89 -10.66
CA ASP B 86 14.93 -2.75 -9.91
C ASP B 86 13.79 -1.96 -9.23
N PRO B 87 13.96 -1.54 -7.92
CA PRO B 87 12.93 -0.80 -7.13
C PRO B 87 12.24 0.37 -7.87
N THR B 88 13.02 1.11 -8.72
CA THR B 88 12.55 2.33 -9.44
C THR B 88 11.33 2.11 -10.36
N MET B 89 10.93 0.83 -10.53
CA MET B 89 9.67 0.45 -11.20
C MET B 89 8.46 1.20 -10.61
N PHE B 90 8.41 1.32 -9.24
CA PHE B 90 7.28 1.99 -8.55
C PHE B 90 7.23 3.49 -8.96
N ASN B 91 8.41 4.13 -9.02
CA ASN B 91 8.56 5.56 -9.40
C ASN B 91 8.12 5.77 -10.87
N LYS B 92 8.45 4.77 -11.71
CA LYS B 92 8.19 4.79 -13.16
C LYS B 92 6.71 5.01 -13.46
N ILE B 93 5.82 4.13 -12.95
CA ILE B 93 4.38 4.24 -13.25
C ILE B 93 3.70 5.33 -12.41
N ALA B 94 4.26 5.62 -11.21
CA ALA B 94 3.68 6.61 -10.26
C ALA B 94 3.57 8.01 -10.87
N VAL B 95 4.59 8.40 -11.67
CA VAL B 95 4.62 9.69 -12.37
C VAL B 95 3.53 9.75 -13.47
N PHE B 96 3.24 8.59 -14.11
CA PHE B 96 2.24 8.49 -15.19
C PHE B 96 0.79 8.47 -14.63
N PHE B 97 0.59 7.72 -13.53
CA PHE B 97 -0.73 7.44 -12.87
C PHE B 97 -1.88 7.07 -13.85
N GLN B 98 -1.53 6.55 -15.03
CA GLN B 98 -2.47 6.31 -16.14
C GLN B 98 -1.97 5.14 -17.01
N GLY A 1 -18.92 1.13 0.81
CA GLY A 1 -19.74 2.26 1.29
C GLY A 1 -20.02 3.26 0.19
N SER A 2 -19.94 4.57 0.52
CA SER A 2 -20.07 5.64 -0.46
C SER A 2 -18.89 5.58 -1.44
N MET A 3 -19.18 5.19 -2.69
CA MET A 3 -18.17 4.96 -3.73
C MET A 3 -17.58 6.31 -4.22
N GLN A 4 -16.63 6.83 -3.43
CA GLN A 4 -15.99 8.14 -3.67
C GLN A 4 -14.55 7.93 -4.16
N ASN A 5 -14.37 7.04 -5.16
CA ASN A 5 -13.06 6.81 -5.81
C ASN A 5 -12.75 7.98 -6.76
N THR A 6 -12.45 9.13 -6.14
CA THR A 6 -12.29 10.43 -6.81
C THR A 6 -11.29 11.26 -5.97
N THR A 7 -10.16 11.64 -6.59
CA THR A 7 -9.06 12.32 -5.88
C THR A 7 -9.39 13.81 -5.60
N HIS A 8 -10.18 14.01 -4.51
CA HIS A 8 -10.58 15.34 -3.99
C HIS A 8 -11.40 15.14 -2.70
N ASP A 9 -12.29 14.11 -2.71
CA ASP A 9 -13.18 13.78 -1.58
C ASP A 9 -12.44 12.89 -0.57
N ASN A 10 -11.42 12.20 -1.09
CA ASN A 10 -10.51 11.37 -0.29
C ASN A 10 -9.50 12.26 0.45
N VAL A 11 -8.83 11.67 1.44
CA VAL A 11 -7.88 12.37 2.32
C VAL A 11 -6.62 11.52 2.42
N ILE A 12 -5.48 12.20 2.56
CA ILE A 12 -4.16 11.60 2.67
C ILE A 12 -3.86 11.32 4.17
N LEU A 13 -4.26 10.15 4.63
CA LEU A 13 -3.97 9.71 6.00
C LEU A 13 -2.64 8.98 6.01
N GLU A 14 -1.55 9.75 6.19
CA GLU A 14 -0.20 9.22 6.12
C GLU A 14 0.30 8.73 7.49
N LEU A 15 0.35 7.40 7.61
CA LEU A 15 0.89 6.71 8.78
C LEU A 15 2.35 6.35 8.50
N THR A 16 3.27 6.97 9.24
CA THR A 16 4.68 6.58 9.22
C THR A 16 4.86 5.47 10.25
N VAL A 17 4.86 4.22 9.79
CA VAL A 17 5.02 3.06 10.66
C VAL A 17 6.40 2.43 10.38
N ARG A 18 7.06 1.90 11.41
CA ARG A 18 8.31 1.15 11.22
C ARG A 18 7.99 -0.35 11.19
N ASN A 19 8.48 -1.04 10.11
CA ASN A 19 8.06 -2.41 9.76
C ASN A 19 8.42 -3.46 10.83
N HIS A 20 7.47 -3.64 11.74
CA HIS A 20 7.40 -4.79 12.65
C HIS A 20 6.53 -5.89 11.94
N PRO A 21 6.62 -7.20 12.35
CA PRO A 21 5.84 -8.31 11.72
C PRO A 21 4.32 -8.01 11.50
N GLY A 22 3.97 -7.68 10.24
CA GLY A 22 2.59 -7.49 9.80
C GLY A 22 1.93 -6.21 10.31
N VAL A 23 2.62 -5.07 10.16
CA VAL A 23 2.08 -3.74 10.55
C VAL A 23 1.26 -3.07 9.43
N MET A 24 1.57 -3.41 8.18
CA MET A 24 0.83 -2.92 6.99
C MET A 24 -0.67 -3.34 7.02
N THR A 25 -0.96 -4.46 7.71
CA THR A 25 -2.33 -4.94 7.94
C THR A 25 -3.17 -3.92 8.76
N HIS A 26 -2.49 -3.13 9.62
CA HIS A 26 -3.14 -2.14 10.50
C HIS A 26 -3.79 -1.02 9.67
N VAL A 27 -3.02 -0.41 8.75
CA VAL A 27 -3.51 0.69 7.90
C VAL A 27 -4.67 0.19 7.00
N CYS A 28 -4.46 -1.01 6.43
CA CYS A 28 -5.43 -1.66 5.55
C CYS A 28 -6.73 -2.01 6.32
N GLY A 29 -6.57 -2.52 7.55
CA GLY A 29 -7.69 -3.00 8.36
C GLY A 29 -8.60 -1.87 8.82
N LEU A 30 -7.99 -0.80 9.39
CA LEU A 30 -8.72 0.30 10.01
C LEU A 30 -9.54 1.11 9.00
N PHE A 31 -8.95 1.46 7.85
CA PHE A 31 -9.64 2.34 6.87
C PHE A 31 -10.63 1.58 5.98
N ALA A 32 -10.38 0.27 5.74
CA ALA A 32 -11.31 -0.59 4.97
C ALA A 32 -12.63 -0.84 5.73
N ARG A 33 -12.50 -1.12 7.06
CA ARG A 33 -13.64 -1.55 7.90
C ARG A 33 -14.69 -0.44 8.13
N ARG A 34 -14.31 0.83 7.82
CA ARG A 34 -15.19 1.99 8.04
C ARG A 34 -16.48 1.84 7.21
N ALA A 35 -16.31 1.81 5.88
CA ALA A 35 -17.41 1.69 4.93
C ALA A 35 -16.82 1.62 3.52
N PHE A 36 -16.08 2.68 3.16
CA PHE A 36 -15.42 2.81 1.86
C PHE A 36 -14.02 2.18 1.95
N ASN A 37 -13.65 1.42 0.90
CA ASN A 37 -12.31 0.83 0.77
C ASN A 37 -11.29 1.92 0.44
N VAL A 38 -10.03 1.68 0.79
CA VAL A 38 -8.96 2.63 0.51
C VAL A 38 -8.77 2.80 -1.02
N GLU A 39 -9.05 4.02 -1.50
CA GLU A 39 -8.94 4.39 -2.93
C GLU A 39 -7.53 4.15 -3.45
N GLY A 40 -6.52 4.62 -2.68
CA GLY A 40 -5.11 4.50 -3.07
C GLY A 40 -4.19 4.38 -1.89
N ILE A 41 -3.06 3.68 -2.07
CA ILE A 41 -2.05 3.45 -1.02
C ILE A 41 -0.66 3.73 -1.62
N LEU A 42 0.28 4.22 -0.81
CA LEU A 42 1.70 4.31 -1.21
C LEU A 42 2.58 4.18 0.04
N CYS A 43 3.26 3.04 0.16
CA CYS A 43 4.26 2.78 1.19
C CYS A 43 5.66 3.07 0.62
N LEU A 44 6.24 4.18 1.05
CA LEU A 44 7.59 4.61 0.65
C LEU A 44 8.56 4.25 1.80
N PRO A 45 9.47 3.24 1.60
CA PRO A 45 10.49 2.90 2.61
C PRO A 45 11.50 4.05 2.80
N ILE A 46 11.50 4.66 4.00
CA ILE A 46 12.34 5.83 4.33
C ILE A 46 13.82 5.44 4.26
N GLN A 47 14.60 6.20 3.47
CA GLN A 47 16.04 5.91 3.20
C GLN A 47 16.94 6.15 4.43
N ASP A 48 16.46 6.99 5.36
CA ASP A 48 17.25 7.46 6.51
C ASP A 48 17.27 6.42 7.65
N SER A 49 16.11 5.80 7.91
CA SER A 49 15.93 4.86 9.03
C SER A 49 15.00 3.71 8.62
N ASP A 50 14.90 2.67 9.48
CA ASP A 50 13.98 1.54 9.25
C ASP A 50 12.53 1.99 9.50
N LYS A 51 11.96 2.69 8.50
CA LYS A 51 10.61 3.25 8.56
C LYS A 51 9.91 3.02 7.22
N SER A 52 8.60 3.18 7.24
CA SER A 52 7.72 2.89 6.13
C SER A 52 6.57 3.87 6.18
N HIS A 53 6.54 4.84 5.27
CA HIS A 53 5.55 5.92 5.29
C HIS A 53 4.44 5.62 4.28
N ILE A 54 3.29 5.17 4.79
CA ILE A 54 2.14 4.78 3.95
C ILE A 54 1.12 5.95 3.90
N TRP A 55 0.86 6.48 2.68
CA TRP A 55 -0.23 7.46 2.44
C TRP A 55 -1.53 6.69 2.10
N LEU A 56 -2.56 6.79 2.96
CA LEU A 56 -3.85 6.10 2.76
C LEU A 56 -4.91 7.09 2.27
N LEU A 57 -5.30 6.95 1.00
CA LEU A 57 -6.35 7.75 0.36
C LEU A 57 -7.70 7.08 0.58
N VAL A 58 -8.50 7.65 1.49
CA VAL A 58 -9.89 7.19 1.79
C VAL A 58 -10.78 8.42 1.97
N ASN A 59 -12.08 8.35 1.65
CA ASN A 59 -12.95 9.52 1.81
C ASN A 59 -13.18 9.82 3.30
N ASP A 60 -13.05 11.10 3.64
CA ASP A 60 -13.21 11.58 5.02
C ASP A 60 -14.64 11.32 5.54
N ASP A 61 -14.71 10.87 6.79
CA ASP A 61 -15.97 10.52 7.45
C ASP A 61 -15.86 10.94 8.93
N GLN A 62 -17.01 11.21 9.56
CA GLN A 62 -17.06 11.68 10.98
C GLN A 62 -16.49 10.62 11.94
N ARG A 63 -16.80 9.35 11.64
CA ARG A 63 -16.39 8.19 12.45
C ARG A 63 -14.94 7.79 12.10
N LEU A 64 -14.50 8.10 10.86
CA LEU A 64 -13.14 7.78 10.34
C LEU A 64 -12.02 8.23 11.32
N GLU A 65 -12.25 9.36 12.02
CA GLU A 65 -11.29 9.93 12.99
C GLU A 65 -10.98 8.97 14.16
N GLN A 66 -11.96 8.13 14.51
CA GLN A 66 -11.82 7.12 15.57
C GLN A 66 -10.89 5.97 15.13
N MET A 67 -10.90 5.66 13.80
CA MET A 67 -9.97 4.67 13.21
C MET A 67 -8.54 5.23 13.18
N ILE A 68 -8.43 6.54 12.87
CA ILE A 68 -7.16 7.29 12.88
C ILE A 68 -6.56 7.32 14.30
N SER A 69 -7.43 7.55 15.29
CA SER A 69 -7.06 7.61 16.71
C SER A 69 -6.68 6.21 17.24
N GLN A 70 -7.39 5.18 16.75
CA GLN A 70 -7.17 3.77 17.15
C GLN A 70 -5.77 3.32 16.74
N ILE A 71 -5.47 3.50 15.44
CA ILE A 71 -4.22 3.04 14.83
C ILE A 71 -3.01 3.83 15.38
N ASP A 72 -3.25 5.10 15.75
CA ASP A 72 -2.22 5.98 16.35
C ASP A 72 -1.66 5.39 17.66
N LYS A 73 -2.50 4.63 18.39
CA LYS A 73 -2.12 4.03 19.69
C LYS A 73 -1.15 2.84 19.51
N LEU A 74 -1.05 2.32 18.27
CA LEU A 74 -0.14 1.20 17.91
C LEU A 74 1.32 1.68 17.90
N GLU A 75 2.22 0.79 18.32
CA GLU A 75 3.65 1.09 18.58
C GLU A 75 4.45 1.26 17.27
N ASP A 76 3.96 0.64 16.18
CA ASP A 76 4.55 0.79 14.85
C ASP A 76 4.37 2.21 14.32
N VAL A 77 3.17 2.78 14.51
CA VAL A 77 2.85 4.15 14.10
C VAL A 77 3.75 5.15 14.84
N VAL A 78 4.87 5.50 14.17
CA VAL A 78 5.83 6.51 14.64
C VAL A 78 5.20 7.92 14.52
N LYS A 79 4.40 8.11 13.44
CA LYS A 79 3.67 9.35 13.15
C LYS A 79 2.31 9.05 12.50
N VAL A 80 1.30 9.86 12.82
CA VAL A 80 0.00 9.89 12.13
C VAL A 80 -0.26 11.34 11.68
N GLN A 81 -0.61 11.54 10.40
CA GLN A 81 -0.91 12.89 9.86
C GLN A 81 -2.12 12.83 8.93
N ARG A 82 -2.97 13.86 9.03
CA ARG A 82 -4.22 13.97 8.29
C ARG A 82 -4.10 15.14 7.31
N ASN A 83 -3.85 14.81 6.04
CA ASN A 83 -3.62 15.79 4.95
C ASN A 83 -4.74 15.69 3.91
N GLN A 84 -4.93 16.78 3.16
CA GLN A 84 -5.93 16.85 2.07
C GLN A 84 -5.33 16.32 0.77
N SER A 85 -6.15 15.60 -0.01
CA SER A 85 -5.69 14.89 -1.21
C SER A 85 -5.66 15.80 -2.45
N ASP A 86 -4.69 15.51 -3.33
CA ASP A 86 -4.43 16.28 -4.55
C ASP A 86 -4.07 15.30 -5.69
N PRO A 87 -4.55 15.52 -6.96
CA PRO A 87 -4.21 14.66 -8.13
C PRO A 87 -2.70 14.34 -8.31
N THR A 88 -1.82 15.30 -7.97
CA THR A 88 -0.37 15.18 -8.18
C THR A 88 0.34 14.42 -7.03
N MET A 89 -0.42 14.03 -5.98
CA MET A 89 0.12 13.44 -4.74
C MET A 89 1.11 12.28 -5.00
N PHE A 90 0.59 11.13 -5.56
CA PHE A 90 1.40 9.90 -5.82
C PHE A 90 2.71 10.21 -6.57
N ASN A 91 2.59 11.06 -7.60
CA ASN A 91 3.70 11.46 -8.46
C ASN A 91 4.74 12.24 -7.66
N LYS A 92 4.26 13.21 -6.85
CA LYS A 92 5.09 14.12 -6.06
C LYS A 92 6.09 13.39 -5.14
N ILE A 93 5.60 12.53 -4.22
CA ILE A 93 6.47 11.84 -3.25
C ILE A 93 7.29 10.72 -3.89
N ALA A 94 6.80 10.17 -5.02
CA ALA A 94 7.56 9.21 -5.84
C ALA A 94 8.80 9.87 -6.49
N VAL A 95 8.67 11.16 -6.85
CA VAL A 95 9.78 11.97 -7.39
C VAL A 95 10.70 12.45 -6.23
N PHE A 96 10.13 12.60 -5.05
CA PHE A 96 10.86 13.07 -3.86
C PHE A 96 11.62 11.91 -3.18
N PHE A 97 11.02 10.70 -3.26
CA PHE A 97 11.51 9.44 -2.62
C PHE A 97 12.20 9.65 -1.25
N GLN A 98 11.42 10.15 -0.28
CA GLN A 98 11.88 10.36 1.10
C GLN A 98 12.20 9.00 1.80
N GLY B 1 13.15 -11.17 12.28
CA GLY B 1 13.82 -12.45 11.92
C GLY B 1 14.51 -12.42 10.56
N SER B 2 14.23 -11.37 9.76
CA SER B 2 14.83 -11.19 8.43
C SER B 2 14.80 -9.70 8.06
N MET B 3 15.96 -9.03 8.13
CA MET B 3 16.12 -7.60 7.75
C MET B 3 17.08 -7.48 6.56
N GLN B 4 17.34 -8.62 5.88
CA GLN B 4 18.20 -8.68 4.69
C GLN B 4 17.36 -8.35 3.44
N ASN B 5 17.58 -7.15 2.89
CA ASN B 5 16.86 -6.66 1.71
C ASN B 5 17.64 -5.54 1.01
N THR B 6 17.43 -5.43 -0.30
CA THR B 6 17.96 -4.36 -1.16
C THR B 6 16.98 -4.20 -2.34
N THR B 7 17.01 -3.03 -3.02
CA THR B 7 16.13 -2.76 -4.18
C THR B 7 16.67 -3.45 -5.46
N HIS B 8 16.57 -4.80 -5.43
CA HIS B 8 16.94 -5.74 -6.52
C HIS B 8 16.72 -7.17 -6.01
N ASP B 9 16.97 -7.36 -4.70
CA ASP B 9 16.74 -8.63 -3.97
C ASP B 9 15.24 -8.80 -3.69
N ASN B 10 14.54 -7.66 -3.59
CA ASN B 10 13.08 -7.61 -3.53
C ASN B 10 12.49 -7.80 -4.95
N VAL B 11 11.21 -8.14 -5.02
CA VAL B 11 10.50 -8.44 -6.27
C VAL B 11 9.18 -7.67 -6.29
N ILE B 12 8.77 -7.29 -7.50
CA ILE B 12 7.53 -6.55 -7.74
C ILE B 12 6.38 -7.54 -7.95
N LEU B 13 5.73 -7.94 -6.85
CA LEU B 13 4.56 -8.81 -6.91
C LEU B 13 3.31 -7.95 -7.03
N GLU B 14 2.94 -7.65 -8.28
CA GLU B 14 1.84 -6.74 -8.57
C GLU B 14 0.52 -7.51 -8.69
N LEU B 15 -0.32 -7.33 -7.67
CA LEU B 15 -1.68 -7.85 -7.63
C LEU B 15 -2.65 -6.76 -8.08
N THR B 16 -3.30 -6.96 -9.23
CA THR B 16 -4.39 -6.10 -9.66
C THR B 16 -5.68 -6.64 -9.06
N VAL B 17 -6.11 -6.05 -7.94
CA VAL B 17 -7.33 -6.46 -7.24
C VAL B 17 -8.38 -5.36 -7.43
N ARG B 18 -9.66 -5.74 -7.55
CA ARG B 18 -10.75 -4.76 -7.59
C ARG B 18 -11.35 -4.63 -6.17
N ASN B 19 -11.43 -3.37 -5.67
CA ASN B 19 -11.74 -3.07 -4.27
C ASN B 19 -13.13 -3.56 -3.83
N HIS B 20 -13.11 -4.78 -3.31
CA HIS B 20 -14.22 -5.34 -2.50
C HIS B 20 -13.88 -5.05 -1.01
N PRO B 21 -14.88 -5.10 -0.06
CA PRO B 21 -14.65 -4.83 1.39
C PRO B 21 -13.40 -5.53 2.02
N GLY B 22 -12.31 -4.76 2.18
CA GLY B 22 -11.09 -5.20 2.86
C GLY B 22 -10.26 -6.22 2.08
N VAL B 23 -9.99 -5.91 0.79
CA VAL B 23 -9.13 -6.76 -0.07
C VAL B 23 -7.63 -6.42 0.04
N MET B 24 -7.34 -5.16 0.39
CA MET B 24 -5.97 -4.67 0.61
C MET B 24 -5.26 -5.44 1.76
N THR B 25 -6.06 -5.98 2.70
CA THR B 25 -5.56 -6.83 3.80
C THR B 25 -4.92 -8.14 3.28
N HIS B 26 -5.39 -8.62 2.10
CA HIS B 26 -4.91 -9.88 1.47
C HIS B 26 -3.42 -9.75 1.07
N VAL B 27 -3.09 -8.69 0.33
CA VAL B 27 -1.71 -8.45 -0.15
C VAL B 27 -0.76 -8.21 1.05
N CYS B 28 -1.26 -7.51 2.07
CA CYS B 28 -0.53 -7.20 3.28
C CYS B 28 -0.33 -8.45 4.16
N GLY B 29 -1.35 -9.32 4.20
CA GLY B 29 -1.34 -10.50 5.04
C GLY B 29 -0.39 -11.57 4.54
N LEU B 30 -0.50 -11.89 3.24
CA LEU B 30 0.22 -13.02 2.62
C LEU B 30 1.75 -12.81 2.60
N PHE B 31 2.21 -11.62 2.23
CA PHE B 31 3.65 -11.36 2.05
C PHE B 31 4.36 -11.03 3.39
N ALA B 32 3.62 -10.46 4.35
CA ALA B 32 4.15 -10.16 5.70
C ALA B 32 4.40 -11.45 6.50
N ARG B 33 3.45 -12.43 6.41
CA ARG B 33 3.47 -13.66 7.22
C ARG B 33 4.61 -14.62 6.83
N ARG B 34 5.25 -14.38 5.66
CA ARG B 34 6.31 -15.25 5.14
C ARG B 34 7.50 -15.25 6.11
N ALA B 35 8.11 -14.06 6.29
CA ALA B 35 9.27 -13.87 7.17
C ALA B 35 9.64 -12.39 7.18
N PHE B 36 9.93 -11.88 5.98
CA PHE B 36 10.29 -10.49 5.75
C PHE B 36 9.02 -9.67 5.49
N ASN B 37 8.94 -8.48 6.10
CA ASN B 37 7.83 -7.53 5.88
C ASN B 37 7.96 -6.90 4.50
N VAL B 38 6.84 -6.44 3.94
CA VAL B 38 6.83 -5.79 2.63
C VAL B 38 7.64 -4.48 2.68
N GLU B 39 8.75 -4.45 1.90
CA GLU B 39 9.68 -3.30 1.81
C GLU B 39 8.93 -2.04 1.35
N GLY B 40 8.13 -2.19 0.29
CA GLY B 40 7.40 -1.07 -0.31
C GLY B 40 6.11 -1.51 -0.96
N ILE B 41 5.10 -0.63 -0.96
CA ILE B 41 3.76 -0.89 -1.53
C ILE B 41 3.36 0.32 -2.39
N LEU B 42 2.59 0.09 -3.46
CA LEU B 42 1.95 1.18 -4.23
C LEU B 42 0.65 0.66 -4.84
N CYS B 43 -0.46 1.14 -4.31
CA CYS B 43 -1.80 0.90 -4.84
C CYS B 43 -2.22 2.08 -5.72
N LEU B 44 -2.20 1.85 -7.04
CA LEU B 44 -2.62 2.83 -8.05
C LEU B 44 -4.06 2.50 -8.48
N PRO B 45 -5.07 3.34 -8.12
CA PRO B 45 -6.46 3.14 -8.59
C PRO B 45 -6.55 3.34 -10.12
N ILE B 46 -6.88 2.25 -10.84
CA ILE B 46 -6.95 2.24 -12.31
C ILE B 46 -8.06 3.17 -12.79
N GLN B 47 -7.72 4.11 -13.69
CA GLN B 47 -8.62 5.17 -14.18
C GLN B 47 -9.72 4.61 -15.10
N ASP B 48 -9.48 3.43 -15.69
CA ASP B 48 -10.36 2.85 -16.71
C ASP B 48 -11.57 2.12 -16.09
N SER B 49 -11.32 1.39 -15.00
CA SER B 49 -12.35 0.54 -14.35
C SER B 49 -12.15 0.55 -12.83
N ASP B 50 -13.13 -0.01 -12.08
CA ASP B 50 -13.03 -0.10 -10.62
C ASP B 50 -12.00 -1.18 -10.24
N LYS B 51 -10.72 -0.82 -10.32
CA LYS B 51 -9.59 -1.71 -10.05
C LYS B 51 -8.54 -0.95 -9.24
N SER B 52 -7.64 -1.72 -8.65
CA SER B 52 -6.64 -1.24 -7.72
C SER B 52 -5.39 -2.11 -7.90
N HIS B 53 -4.35 -1.54 -8.52
CA HIS B 53 -3.14 -2.31 -8.87
C HIS B 53 -2.05 -2.05 -7.83
N ILE B 54 -1.86 -3.01 -6.91
CA ILE B 54 -0.88 -2.89 -5.82
C ILE B 54 0.43 -3.61 -6.20
N TRP B 55 1.56 -2.87 -6.26
CA TRP B 55 2.92 -3.45 -6.44
C TRP B 55 3.52 -3.74 -5.04
N LEU B 56 3.74 -5.03 -4.72
CA LEU B 56 4.28 -5.47 -3.41
C LEU B 56 5.77 -5.82 -3.55
N LEU B 57 6.62 -4.98 -2.98
CA LEU B 57 8.08 -5.19 -2.96
C LEU B 57 8.45 -5.99 -1.70
N VAL B 58 8.78 -7.28 -1.90
CA VAL B 58 9.23 -8.19 -0.82
C VAL B 58 10.37 -9.04 -1.38
N ASN B 59 11.32 -9.49 -0.55
CA ASN B 59 12.43 -10.31 -1.06
C ASN B 59 11.91 -11.70 -1.47
N ASP B 60 12.35 -12.15 -2.64
CA ASP B 60 11.97 -13.44 -3.21
C ASP B 60 12.42 -14.59 -2.30
N ASP B 61 11.54 -15.58 -2.13
CA ASP B 61 11.76 -16.75 -1.29
C ASP B 61 11.12 -17.96 -1.97
N GLN B 62 11.65 -19.17 -1.70
CA GLN B 62 11.17 -20.43 -2.33
C GLN B 62 9.71 -20.72 -1.95
N ARG B 63 9.38 -20.42 -0.69
CA ARG B 63 8.04 -20.64 -0.11
C ARG B 63 7.08 -19.48 -0.50
N LEU B 64 7.66 -18.28 -0.76
CA LEU B 64 6.91 -17.05 -1.14
C LEU B 64 5.90 -17.31 -2.30
N GLU B 65 6.28 -18.21 -3.24
CA GLU B 65 5.46 -18.59 -4.42
C GLU B 65 4.09 -19.18 -4.01
N GLN B 66 4.06 -19.84 -2.85
CA GLN B 66 2.85 -20.46 -2.30
C GLN B 66 1.88 -19.38 -1.77
N MET B 67 2.45 -18.25 -1.28
CA MET B 67 1.65 -17.07 -0.86
C MET B 67 1.05 -16.37 -2.09
N ILE B 68 1.87 -16.28 -3.16
CA ILE B 68 1.47 -15.72 -4.47
C ILE B 68 0.32 -16.56 -5.08
N SER B 69 0.47 -17.90 -4.97
CA SER B 69 -0.51 -18.86 -5.50
C SER B 69 -1.80 -18.83 -4.67
N GLN B 70 -1.66 -18.65 -3.34
CA GLN B 70 -2.79 -18.62 -2.40
C GLN B 70 -3.69 -17.42 -2.72
N ILE B 71 -3.06 -16.22 -2.77
CA ILE B 71 -3.79 -14.95 -2.96
C ILE B 71 -4.42 -14.86 -4.37
N ASP B 72 -3.79 -15.54 -5.35
CA ASP B 72 -4.29 -15.61 -6.73
C ASP B 72 -5.68 -16.28 -6.78
N LYS B 73 -5.95 -17.20 -5.84
CA LYS B 73 -7.23 -17.94 -5.79
C LYS B 73 -8.40 -17.04 -5.33
N LEU B 74 -8.07 -15.87 -4.75
CA LEU B 74 -9.07 -14.87 -4.29
C LEU B 74 -9.74 -14.16 -5.48
N GLU B 75 -11.03 -13.83 -5.30
CA GLU B 75 -11.91 -13.29 -6.37
C GLU B 75 -11.62 -11.82 -6.69
N ASP B 76 -11.00 -11.12 -5.73
CA ASP B 76 -10.56 -9.72 -5.93
C ASP B 76 -9.39 -9.64 -6.89
N VAL B 77 -8.43 -10.57 -6.73
CA VAL B 77 -7.24 -10.65 -7.59
C VAL B 77 -7.66 -10.94 -9.05
N VAL B 78 -7.82 -9.85 -9.81
CA VAL B 78 -8.12 -9.89 -11.25
C VAL B 78 -6.87 -10.40 -12.01
N LYS B 79 -5.67 -9.96 -11.55
CA LYS B 79 -4.37 -10.36 -12.12
C LYS B 79 -3.33 -10.51 -11.00
N VAL B 80 -2.42 -11.49 -11.19
CA VAL B 80 -1.21 -11.65 -10.37
C VAL B 80 0.00 -11.68 -11.33
N GLN B 81 1.03 -10.87 -11.06
CA GLN B 81 2.25 -10.84 -11.91
C GLN B 81 3.51 -10.73 -11.04
N ARG B 82 4.55 -11.51 -11.40
CA ARG B 82 5.81 -11.61 -10.67
C ARG B 82 6.92 -10.96 -11.50
N ASN B 83 7.24 -9.71 -11.15
CA ASN B 83 8.19 -8.86 -11.86
C ASN B 83 9.44 -8.60 -10.99
N GLN B 84 10.56 -8.28 -11.64
CA GLN B 84 11.84 -7.99 -10.96
C GLN B 84 11.89 -6.49 -10.58
N SER B 85 12.43 -6.19 -9.39
CA SER B 85 12.42 -4.82 -8.83
C SER B 85 13.56 -3.96 -9.38
N ASP B 86 13.29 -2.65 -9.48
CA ASP B 86 14.22 -1.66 -10.02
C ASP B 86 14.09 -0.35 -9.20
N PRO B 87 15.21 0.38 -8.91
CA PRO B 87 15.17 1.69 -8.17
C PRO B 87 14.15 2.72 -8.71
N THR B 88 13.94 2.76 -10.03
CA THR B 88 13.06 3.76 -10.67
C THR B 88 11.57 3.34 -10.67
N MET B 89 11.26 2.14 -10.10
CA MET B 89 9.91 1.53 -10.16
C MET B 89 8.80 2.49 -9.70
N PHE B 90 8.80 2.87 -8.38
CA PHE B 90 7.75 3.74 -7.77
C PHE B 90 7.50 5.01 -8.58
N ASN B 91 8.60 5.63 -9.04
CA ASN B 91 8.58 6.87 -9.80
C ASN B 91 7.89 6.66 -11.16
N LYS B 92 8.28 5.54 -11.83
CA LYS B 92 7.83 5.21 -13.19
C LYS B 92 6.29 5.15 -13.33
N ILE B 93 5.63 4.30 -12.53
CA ILE B 93 4.17 4.09 -12.63
C ILE B 93 3.38 5.27 -12.04
N ALA B 94 4.02 6.02 -11.12
CA ALA B 94 3.46 7.27 -10.57
C ALA B 94 3.39 8.37 -11.66
N VAL B 95 4.38 8.36 -12.56
CA VAL B 95 4.42 9.27 -13.73
C VAL B 95 3.47 8.76 -14.84
N PHE B 96 3.26 7.44 -14.89
CA PHE B 96 2.41 6.81 -15.90
C PHE B 96 0.91 6.92 -15.52
N PHE B 97 0.63 6.82 -14.19
CA PHE B 97 -0.72 6.89 -13.56
C PHE B 97 -1.88 6.28 -14.41
N GLN B 98 -1.65 5.06 -14.92
CA GLN B 98 -2.64 4.33 -15.73
C GLN B 98 -3.60 3.55 -14.82
N GLY A 1 -23.49 3.49 -5.19
CA GLY A 1 -23.71 4.87 -4.70
C GLY A 1 -22.81 5.20 -3.51
N SER A 2 -21.49 5.16 -3.74
CA SER A 2 -20.48 5.54 -2.74
C SER A 2 -20.26 7.07 -2.77
N MET A 3 -19.39 7.58 -1.88
CA MET A 3 -19.03 9.01 -1.81
C MET A 3 -18.45 9.49 -3.15
N GLN A 4 -19.03 10.59 -3.70
CA GLN A 4 -18.61 11.17 -4.98
C GLN A 4 -17.25 11.89 -4.82
N ASN A 5 -16.19 11.24 -5.29
CA ASN A 5 -14.84 11.83 -5.34
C ASN A 5 -14.50 12.24 -6.77
N THR A 6 -14.31 13.55 -6.97
CA THR A 6 -13.69 14.08 -8.18
C THR A 6 -12.16 14.00 -8.00
N THR A 7 -11.65 14.73 -7.00
CA THR A 7 -10.20 14.80 -6.69
C THR A 7 -9.97 15.53 -5.33
N HIS A 8 -10.99 15.52 -4.44
CA HIS A 8 -10.96 16.31 -3.18
C HIS A 8 -11.66 15.57 -2.01
N ASP A 9 -12.55 14.62 -2.34
CA ASP A 9 -13.36 13.89 -1.34
C ASP A 9 -12.53 12.82 -0.63
N ASN A 10 -11.51 12.29 -1.34
CA ASN A 10 -10.47 11.45 -0.74
C ASN A 10 -9.45 12.36 0.00
N VAL A 11 -8.68 11.77 0.93
CA VAL A 11 -7.70 12.48 1.78
C VAL A 11 -6.39 11.67 1.83
N ILE A 12 -5.26 12.37 2.00
CA ILE A 12 -3.93 11.76 2.07
C ILE A 12 -3.54 11.57 3.55
N LEU A 13 -3.81 10.38 4.10
CA LEU A 13 -3.47 10.05 5.50
C LEU A 13 -2.10 9.40 5.55
N GLU A 14 -1.03 10.18 5.83
CA GLU A 14 0.32 9.61 5.90
C GLU A 14 0.61 9.10 7.31
N LEU A 15 0.61 7.76 7.42
CA LEU A 15 1.03 7.06 8.62
C LEU A 15 2.48 6.66 8.44
N THR A 16 3.36 7.29 9.22
CA THR A 16 4.77 6.95 9.19
C THR A 16 4.98 5.81 10.15
N VAL A 17 5.08 4.60 9.60
CA VAL A 17 5.23 3.40 10.40
C VAL A 17 6.65 2.87 10.25
N ARG A 18 7.21 2.42 11.37
CA ARG A 18 8.45 1.63 11.37
C ARG A 18 8.05 0.15 11.24
N ASN A 19 8.83 -0.61 10.45
CA ASN A 19 8.45 -1.94 9.95
C ASN A 19 8.47 -3.03 11.07
N HIS A 20 7.40 -3.00 11.87
CA HIS A 20 7.05 -4.04 12.87
C HIS A 20 6.44 -5.26 12.16
N PRO A 21 6.31 -6.44 12.85
CA PRO A 21 5.62 -7.64 12.29
C PRO A 21 4.20 -7.34 11.75
N GLY A 22 4.10 -7.21 10.40
CA GLY A 22 2.83 -7.06 9.69
C GLY A 22 2.08 -5.76 10.00
N VAL A 23 2.73 -4.61 9.77
CA VAL A 23 2.10 -3.29 10.02
C VAL A 23 1.01 -2.99 8.97
N MET A 24 1.28 -3.39 7.73
CA MET A 24 0.34 -3.20 6.61
C MET A 24 -1.02 -3.89 6.88
N THR A 25 -0.98 -4.97 7.69
CA THR A 25 -2.18 -5.70 8.14
C THR A 25 -2.99 -4.84 9.17
N HIS A 26 -2.27 -4.02 9.95
CA HIS A 26 -2.86 -3.13 10.97
C HIS A 26 -3.59 -1.95 10.31
N VAL A 27 -2.89 -1.28 9.37
CA VAL A 27 -3.42 -0.09 8.69
C VAL A 27 -4.65 -0.43 7.82
N CYS A 28 -4.62 -1.63 7.19
CA CYS A 28 -5.72 -2.12 6.36
C CYS A 28 -6.93 -2.47 7.24
N GLY A 29 -6.65 -2.95 8.49
CA GLY A 29 -7.69 -3.24 9.47
C GLY A 29 -8.58 -2.04 9.78
N LEU A 30 -7.96 -0.91 10.19
CA LEU A 30 -8.69 0.32 10.60
C LEU A 30 -9.49 0.93 9.42
N PHE A 31 -8.89 0.89 8.23
CA PHE A 31 -9.49 1.47 7.01
C PHE A 31 -10.60 0.59 6.42
N ALA A 32 -10.56 -0.71 6.70
CA ALA A 32 -11.63 -1.66 6.31
C ALA A 32 -12.88 -1.53 7.21
N ARG A 33 -12.68 -1.10 8.48
CA ARG A 33 -13.74 -1.20 9.53
C ARG A 33 -14.44 0.15 9.77
N ARG A 34 -13.89 1.24 9.20
CA ARG A 34 -14.49 2.57 9.31
C ARG A 34 -15.85 2.62 8.57
N ALA A 35 -15.85 2.19 7.28
CA ALA A 35 -17.02 2.18 6.41
C ALA A 35 -16.62 1.67 5.01
N PHE A 36 -15.75 2.43 4.34
CA PHE A 36 -15.40 2.23 2.92
C PHE A 36 -13.91 1.85 2.80
N ASN A 37 -13.58 1.13 1.70
CA ASN A 37 -12.21 0.65 1.39
C ASN A 37 -11.25 1.82 1.04
N VAL A 38 -9.96 1.48 0.86
CA VAL A 38 -8.93 2.44 0.43
C VAL A 38 -8.93 2.54 -1.11
N GLU A 39 -8.81 3.77 -1.62
CA GLU A 39 -8.69 4.07 -3.06
C GLU A 39 -7.25 3.77 -3.55
N GLY A 40 -6.26 4.39 -2.88
CA GLY A 40 -4.84 4.31 -3.28
C GLY A 40 -3.90 4.25 -2.10
N ILE A 41 -2.74 3.59 -2.27
CA ILE A 41 -1.73 3.41 -1.19
C ILE A 41 -0.34 3.76 -1.73
N LEU A 42 0.49 4.41 -0.89
CA LEU A 42 1.90 4.68 -1.22
C LEU A 42 2.78 4.48 0.03
N CYS A 43 3.36 3.27 0.18
CA CYS A 43 4.38 3.00 1.21
C CYS A 43 5.77 3.27 0.63
N LEU A 44 6.38 4.38 1.06
CA LEU A 44 7.71 4.81 0.62
C LEU A 44 8.70 4.52 1.76
N PRO A 45 9.58 3.48 1.61
CA PRO A 45 10.59 3.14 2.65
C PRO A 45 11.67 4.24 2.77
N ILE A 46 11.81 4.75 4.00
CA ILE A 46 12.76 5.82 4.34
C ILE A 46 14.18 5.24 4.50
N GLN A 47 15.17 5.88 3.83
CA GLN A 47 16.57 5.43 3.78
C GLN A 47 17.26 5.61 5.15
N ASP A 48 17.24 6.85 5.63
CA ASP A 48 18.08 7.32 6.77
C ASP A 48 17.69 6.71 8.12
N SER A 49 16.47 6.17 8.21
CA SER A 49 15.92 5.64 9.47
C SER A 49 14.96 4.48 9.19
N ASP A 50 14.82 3.56 10.16
CA ASP A 50 13.92 2.40 10.06
C ASP A 50 12.46 2.86 10.20
N LYS A 51 11.89 3.32 9.08
CA LYS A 51 10.49 3.76 8.96
C LYS A 51 10.09 3.85 7.49
N SER A 52 8.81 4.12 7.28
CA SER A 52 8.19 4.25 5.96
C SER A 52 6.95 5.14 6.12
N HIS A 53 6.74 6.12 5.23
CA HIS A 53 5.49 6.91 5.25
C HIS A 53 4.51 6.24 4.28
N ILE A 54 3.28 5.96 4.73
CA ILE A 54 2.23 5.34 3.91
C ILE A 54 1.12 6.37 3.70
N TRP A 55 1.06 6.96 2.49
CA TRP A 55 0.03 7.94 2.12
C TRP A 55 -1.21 7.16 1.63
N LEU A 56 -2.20 7.05 2.53
CA LEU A 56 -3.46 6.32 2.31
C LEU A 56 -4.55 7.26 1.78
N LEU A 57 -4.96 7.04 0.53
CA LEU A 57 -6.03 7.79 -0.15
C LEU A 57 -7.35 7.11 0.17
N VAL A 58 -8.15 7.75 1.02
CA VAL A 58 -9.47 7.25 1.46
C VAL A 58 -10.39 8.45 1.68
N ASN A 59 -11.70 8.29 1.49
CA ASN A 59 -12.66 9.39 1.78
C ASN A 59 -12.93 9.43 3.30
N ASP A 60 -12.71 10.61 3.91
CA ASP A 60 -12.89 10.86 5.36
C ASP A 60 -14.28 10.41 5.84
N ASP A 61 -14.32 9.91 7.08
CA ASP A 61 -15.51 9.29 7.67
C ASP A 61 -15.63 9.73 9.13
N GLN A 62 -16.85 9.70 9.68
CA GLN A 62 -17.11 10.08 11.08
C GLN A 62 -16.36 9.14 12.04
N ARG A 63 -16.30 7.84 11.67
CA ARG A 63 -15.61 6.80 12.45
C ARG A 63 -14.09 6.81 12.19
N LEU A 64 -13.70 7.26 10.96
CA LEU A 64 -12.29 7.25 10.51
C LEU A 64 -11.34 7.92 11.51
N GLU A 65 -11.80 9.04 12.11
CA GLU A 65 -11.01 9.81 13.08
C GLU A 65 -10.72 9.01 14.37
N GLN A 66 -11.69 8.18 14.79
CA GLN A 66 -11.54 7.28 15.94
C GLN A 66 -10.59 6.11 15.58
N MET A 67 -10.64 5.67 14.31
CA MET A 67 -9.74 4.63 13.78
C MET A 67 -8.29 5.15 13.72
N ILE A 68 -8.18 6.43 13.35
CA ILE A 68 -6.91 7.17 13.23
C ILE A 68 -6.27 7.36 14.62
N SER A 69 -7.11 7.71 15.61
CA SER A 69 -6.68 7.89 17.01
C SER A 69 -6.21 6.54 17.58
N GLN A 70 -7.02 5.48 17.32
CA GLN A 70 -6.82 4.14 17.86
C GLN A 70 -5.47 3.57 17.38
N ILE A 71 -5.23 3.62 16.06
CA ILE A 71 -4.01 3.07 15.44
C ILE A 71 -2.77 3.90 15.83
N ASP A 72 -2.97 5.20 16.08
CA ASP A 72 -1.89 6.12 16.51
C ASP A 72 -1.32 5.71 17.88
N LYS A 73 -2.17 5.08 18.72
CA LYS A 73 -1.79 4.60 20.06
C LYS A 73 -0.81 3.40 19.96
N LEU A 74 -0.72 2.77 18.77
CA LEU A 74 0.22 1.66 18.49
C LEU A 74 1.63 2.22 18.22
N GLU A 75 2.63 1.39 18.54
CA GLU A 75 4.06 1.70 18.33
C GLU A 75 4.43 1.68 16.84
N ASP A 76 3.49 1.22 16.00
CA ASP A 76 3.61 1.26 14.55
C ASP A 76 3.67 2.71 14.06
N VAL A 77 2.64 3.47 14.44
CA VAL A 77 2.45 4.85 13.99
C VAL A 77 3.40 5.82 14.74
N VAL A 78 4.49 6.17 14.04
CA VAL A 78 5.47 7.21 14.45
C VAL A 78 4.92 8.62 14.12
N LYS A 79 4.19 8.74 13.00
CA LYS A 79 3.47 9.98 12.60
C LYS A 79 2.07 9.65 12.08
N VAL A 80 1.16 10.61 12.28
CA VAL A 80 -0.20 10.57 11.73
C VAL A 80 -0.59 12.00 11.31
N GLN A 81 -0.55 12.27 9.99
CA GLN A 81 -0.81 13.61 9.43
C GLN A 81 -1.93 13.52 8.39
N ARG A 82 -3.06 14.21 8.66
CA ARG A 82 -4.23 14.23 7.78
C ARG A 82 -4.09 15.38 6.76
N ASN A 83 -3.59 15.03 5.57
CA ASN A 83 -3.40 15.96 4.44
C ASN A 83 -4.62 15.86 3.52
N GLN A 84 -4.91 16.94 2.78
CA GLN A 84 -5.99 16.96 1.77
C GLN A 84 -5.43 16.45 0.43
N SER A 85 -6.24 15.70 -0.33
CA SER A 85 -5.76 14.93 -1.49
C SER A 85 -5.71 15.74 -2.78
N ASP A 86 -4.67 15.41 -3.55
CA ASP A 86 -4.39 15.93 -4.89
C ASP A 86 -3.64 14.81 -5.64
N PRO A 87 -3.91 14.55 -6.96
CA PRO A 87 -3.28 13.42 -7.70
C PRO A 87 -1.74 13.55 -7.78
N THR A 88 -1.22 14.79 -7.79
CA THR A 88 0.22 15.03 -7.92
C THR A 88 0.92 15.12 -6.54
N MET A 89 0.13 15.08 -5.44
CA MET A 89 0.68 15.10 -4.06
C MET A 89 1.50 13.82 -3.80
N PHE A 90 0.82 12.65 -3.91
CA PHE A 90 1.46 11.35 -3.67
C PHE A 90 2.57 11.09 -4.72
N ASN A 91 2.39 11.66 -5.93
CA ASN A 91 3.38 11.58 -7.02
C ASN A 91 4.66 12.37 -6.65
N LYS A 92 4.48 13.49 -5.92
CA LYS A 92 5.57 14.41 -5.53
C LYS A 92 6.62 13.73 -4.63
N ILE A 93 6.16 13.00 -3.60
CA ILE A 93 7.10 12.26 -2.72
C ILE A 93 7.61 10.97 -3.38
N ALA A 94 6.79 10.37 -4.26
CA ALA A 94 7.14 9.12 -4.98
C ALA A 94 8.38 9.32 -5.88
N VAL A 95 8.46 10.50 -6.53
CA VAL A 95 9.59 10.85 -7.41
C VAL A 95 10.82 11.31 -6.61
N PHE A 96 10.59 11.76 -5.37
CA PHE A 96 11.65 12.29 -4.50
C PHE A 96 12.35 11.14 -3.74
N PHE A 97 11.60 10.02 -3.56
CA PHE A 97 12.10 8.78 -2.90
C PHE A 97 12.57 9.03 -1.46
N GLN A 98 11.92 9.99 -0.79
CA GLN A 98 12.28 10.42 0.57
C GLN A 98 11.10 11.20 1.18
N GLY B 1 20.03 -9.71 10.41
CA GLY B 1 18.90 -10.53 10.91
C GLY B 1 17.79 -10.71 9.89
N SER B 2 18.16 -10.65 8.59
CA SER B 2 17.21 -10.72 7.46
C SER B 2 18.00 -10.96 6.15
N MET B 3 17.31 -10.87 5.00
CA MET B 3 17.97 -10.82 3.68
C MET B 3 18.65 -9.45 3.53
N GLN B 4 19.75 -9.41 2.76
CA GLN B 4 20.51 -8.17 2.53
C GLN B 4 19.67 -7.20 1.67
N ASN B 5 19.00 -6.27 2.37
CA ASN B 5 18.06 -5.28 1.76
C ASN B 5 18.79 -4.41 0.72
N THR B 6 18.62 -4.79 -0.55
CA THR B 6 19.16 -4.08 -1.71
C THR B 6 18.05 -4.04 -2.79
N THR B 7 18.10 -3.06 -3.71
CA THR B 7 17.06 -2.88 -4.74
C THR B 7 17.32 -3.84 -5.95
N HIS B 8 17.12 -5.14 -5.64
CA HIS B 8 17.24 -6.30 -6.55
C HIS B 8 16.95 -7.58 -5.75
N ASP B 9 17.24 -7.50 -4.42
CA ASP B 9 16.80 -8.51 -3.42
C ASP B 9 15.28 -8.54 -3.34
N ASN B 10 14.70 -7.34 -3.34
CA ASN B 10 13.24 -7.14 -3.39
C ASN B 10 12.73 -7.36 -4.83
N VAL B 11 11.41 -7.58 -4.97
CA VAL B 11 10.75 -7.88 -6.26
C VAL B 11 9.45 -7.06 -6.34
N ILE B 12 9.04 -6.70 -7.57
CA ILE B 12 7.82 -5.92 -7.81
C ILE B 12 6.65 -6.89 -8.15
N LEU B 13 5.88 -7.28 -7.13
CA LEU B 13 4.72 -8.17 -7.32
C LEU B 13 3.46 -7.34 -7.55
N GLU B 14 3.06 -7.14 -8.82
CA GLU B 14 1.87 -6.36 -9.13
C GLU B 14 0.64 -7.27 -9.13
N LEU B 15 -0.16 -7.13 -8.07
CA LEU B 15 -1.46 -7.77 -7.96
C LEU B 15 -2.51 -6.75 -8.41
N THR B 16 -3.15 -7.03 -9.54
CA THR B 16 -4.21 -6.16 -10.05
C THR B 16 -5.49 -6.61 -9.41
N VAL B 17 -5.92 -5.90 -8.37
CA VAL B 17 -7.11 -6.26 -7.63
C VAL B 17 -8.23 -5.27 -7.95
N ARG B 18 -9.44 -5.80 -8.13
CA ARG B 18 -10.65 -4.99 -8.17
C ARG B 18 -11.15 -4.84 -6.73
N ASN B 19 -11.64 -3.62 -6.39
CA ASN B 19 -11.89 -3.20 -5.00
C ASN B 19 -13.11 -3.92 -4.38
N HIS B 20 -12.84 -5.15 -3.92
CA HIS B 20 -13.73 -5.98 -3.09
C HIS B 20 -13.65 -5.50 -1.61
N PRO B 21 -14.61 -5.93 -0.71
CA PRO B 21 -14.53 -5.64 0.74
C PRO B 21 -13.16 -6.02 1.39
N GLY B 22 -12.31 -4.99 1.61
CA GLY B 22 -11.03 -5.14 2.32
C GLY B 22 -10.00 -6.03 1.63
N VAL B 23 -9.65 -5.70 0.37
CA VAL B 23 -8.66 -6.47 -0.41
C VAL B 23 -7.24 -6.26 0.13
N MET B 24 -6.95 -5.03 0.56
CA MET B 24 -5.65 -4.65 1.13
C MET B 24 -5.33 -5.48 2.40
N THR B 25 -6.39 -5.93 3.11
CA THR B 25 -6.29 -6.83 4.26
C THR B 25 -5.89 -8.27 3.83
N HIS B 26 -6.28 -8.65 2.60
CA HIS B 26 -5.96 -9.98 2.02
C HIS B 26 -4.48 -10.03 1.58
N VAL B 27 -4.05 -8.99 0.83
CA VAL B 27 -2.68 -8.94 0.27
C VAL B 27 -1.63 -8.82 1.38
N CYS B 28 -1.96 -8.10 2.47
CA CYS B 28 -1.08 -7.94 3.63
C CYS B 28 -0.97 -9.25 4.41
N GLY B 29 -2.06 -10.06 4.38
CA GLY B 29 -2.10 -11.36 5.04
C GLY B 29 -1.04 -12.33 4.50
N LEU B 30 -1.03 -12.52 3.16
CA LEU B 30 -0.12 -13.48 2.49
C LEU B 30 1.37 -13.08 2.64
N PHE B 31 1.61 -11.77 2.61
CA PHE B 31 2.96 -11.18 2.70
C PHE B 31 3.49 -11.13 4.14
N ALA B 32 2.57 -11.11 5.11
CA ALA B 32 2.93 -11.19 6.55
C ALA B 32 3.30 -12.64 6.96
N ARG B 33 2.73 -13.66 6.26
CA ARG B 33 2.77 -15.06 6.72
C ARG B 33 3.84 -15.88 5.98
N ARG B 34 4.38 -15.31 4.89
CA ARG B 34 5.46 -15.96 4.12
C ARG B 34 6.74 -16.10 4.98
N ALA B 35 7.19 -14.98 5.56
CA ALA B 35 8.42 -14.90 6.38
C ALA B 35 8.65 -13.45 6.85
N PHE B 36 8.87 -12.56 5.87
CA PHE B 36 9.31 -11.16 6.12
C PHE B 36 8.23 -10.18 5.62
N ASN B 37 8.22 -8.98 6.22
CA ASN B 37 7.25 -7.89 5.91
C ASN B 37 7.48 -7.30 4.51
N VAL B 38 6.56 -6.39 4.11
CA VAL B 38 6.68 -5.65 2.83
C VAL B 38 7.57 -4.39 3.05
N GLU B 39 8.45 -4.13 2.08
CA GLU B 39 9.31 -2.92 2.05
C GLU B 39 8.51 -1.69 1.60
N GLY B 40 7.87 -1.81 0.42
CA GLY B 40 7.15 -0.69 -0.21
C GLY B 40 5.88 -1.15 -0.93
N ILE B 41 4.88 -0.27 -1.01
CA ILE B 41 3.55 -0.57 -1.62
C ILE B 41 3.16 0.57 -2.57
N LEU B 42 2.52 0.23 -3.71
CA LEU B 42 1.96 1.21 -4.64
C LEU B 42 0.62 0.71 -5.20
N CYS B 43 -0.49 1.11 -4.56
CA CYS B 43 -1.84 0.87 -5.08
C CYS B 43 -2.26 2.06 -5.96
N LEU B 44 -2.27 1.83 -7.28
CA LEU B 44 -2.62 2.85 -8.28
C LEU B 44 -4.03 2.51 -8.82
N PRO B 45 -5.08 3.29 -8.43
CA PRO B 45 -6.47 3.05 -8.91
C PRO B 45 -6.61 3.34 -10.42
N ILE B 46 -7.06 2.31 -11.16
CA ILE B 46 -7.22 2.37 -12.63
C ILE B 46 -8.53 3.11 -12.98
N GLN B 47 -8.43 4.09 -13.90
CA GLN B 47 -9.55 4.96 -14.30
C GLN B 47 -10.64 4.19 -15.08
N ASP B 48 -10.20 3.55 -16.17
CA ASP B 48 -11.10 3.00 -17.23
C ASP B 48 -11.90 1.77 -16.78
N SER B 49 -11.49 1.14 -15.68
CA SER B 49 -12.10 -0.10 -15.19
C SER B 49 -11.99 -0.19 -13.65
N ASP B 50 -12.97 -0.89 -13.03
CA ASP B 50 -12.99 -1.10 -11.56
C ASP B 50 -11.88 -2.09 -11.16
N LYS B 51 -10.66 -1.54 -11.00
CA LYS B 51 -9.48 -2.30 -10.57
C LYS B 51 -8.37 -1.33 -10.13
N SER B 52 -7.28 -1.90 -9.61
CA SER B 52 -6.11 -1.18 -9.12
C SER B 52 -4.93 -2.15 -9.19
N HIS B 53 -3.78 -1.73 -9.72
CA HIS B 53 -2.54 -2.55 -9.66
C HIS B 53 -1.78 -2.16 -8.40
N ILE B 54 -1.40 -3.15 -7.58
CA ILE B 54 -0.64 -2.94 -6.34
C ILE B 54 0.76 -3.54 -6.52
N TRP B 55 1.78 -2.69 -6.73
CA TRP B 55 3.17 -3.14 -6.89
C TRP B 55 3.80 -3.27 -5.49
N LEU B 56 3.85 -4.53 -5.02
CA LEU B 56 4.36 -4.89 -3.68
C LEU B 56 5.86 -5.22 -3.75
N LEU B 57 6.68 -4.39 -3.10
CA LEU B 57 8.12 -4.55 -2.99
C LEU B 57 8.42 -5.43 -1.78
N VAL B 58 8.83 -6.67 -2.03
CA VAL B 58 9.15 -7.64 -0.97
C VAL B 58 10.28 -8.54 -1.47
N ASN B 59 11.12 -9.06 -0.58
CA ASN B 59 12.17 -10.03 -0.99
C ASN B 59 11.54 -11.42 -1.16
N ASP B 60 11.72 -12.02 -2.37
CA ASP B 60 11.21 -13.35 -2.73
C ASP B 60 11.57 -14.42 -1.70
N ASP B 61 10.66 -15.38 -1.51
CA ASP B 61 10.74 -16.40 -0.47
C ASP B 61 10.26 -17.73 -1.05
N GLN B 62 10.73 -18.83 -0.46
CA GLN B 62 10.35 -20.20 -0.88
C GLN B 62 8.83 -20.42 -0.72
N ARG B 63 8.27 -19.85 0.36
CA ARG B 63 6.83 -19.91 0.70
C ARG B 63 6.02 -18.88 -0.11
N LEU B 64 6.68 -17.74 -0.45
CA LEU B 64 6.03 -16.59 -1.13
C LEU B 64 5.26 -17.02 -2.39
N GLU B 65 5.84 -17.97 -3.16
CA GLU B 65 5.24 -18.48 -4.42
C GLU B 65 3.92 -19.23 -4.16
N GLN B 66 3.85 -19.94 -3.04
CA GLN B 66 2.61 -20.64 -2.61
C GLN B 66 1.57 -19.62 -2.12
N MET B 67 2.05 -18.53 -1.49
CA MET B 67 1.20 -17.41 -1.02
C MET B 67 0.60 -16.67 -2.23
N ILE B 68 1.44 -16.53 -3.28
CA ILE B 68 1.12 -15.88 -4.56
C ILE B 68 0.07 -16.71 -5.32
N SER B 69 0.26 -18.04 -5.34
CA SER B 69 -0.67 -18.98 -5.98
C SER B 69 -2.02 -18.96 -5.26
N GLN B 70 -1.95 -18.99 -3.91
CA GLN B 70 -3.13 -19.08 -3.03
C GLN B 70 -4.03 -17.84 -3.23
N ILE B 71 -3.43 -16.64 -3.14
CA ILE B 71 -4.19 -15.38 -3.25
C ILE B 71 -4.73 -15.16 -4.68
N ASP B 72 -4.01 -15.70 -5.68
CA ASP B 72 -4.41 -15.64 -7.09
C ASP B 72 -5.75 -16.38 -7.32
N LYS B 73 -6.01 -17.40 -6.50
CA LYS B 73 -7.25 -18.21 -6.57
C LYS B 73 -8.48 -17.39 -6.08
N LEU B 74 -8.24 -16.25 -5.43
CA LEU B 74 -9.30 -15.32 -4.98
C LEU B 74 -9.74 -14.42 -6.14
N GLU B 75 -11.01 -14.00 -6.10
CA GLU B 75 -11.62 -13.11 -7.12
C GLU B 75 -11.05 -11.68 -7.04
N ASP B 76 -10.26 -11.41 -5.98
CA ASP B 76 -9.53 -10.16 -5.80
C ASP B 76 -8.50 -9.99 -6.91
N VAL B 77 -7.62 -10.99 -7.04
CA VAL B 77 -6.49 -10.97 -7.97
C VAL B 77 -6.98 -11.24 -9.41
N VAL B 78 -7.06 -10.13 -10.17
CA VAL B 78 -7.34 -10.13 -11.62
C VAL B 78 -6.04 -10.44 -12.41
N LYS B 79 -4.89 -9.92 -11.90
CA LYS B 79 -3.55 -10.21 -12.46
C LYS B 79 -2.57 -10.50 -11.31
N VAL B 80 -1.57 -11.32 -11.62
CA VAL B 80 -0.43 -11.59 -10.74
C VAL B 80 0.84 -11.71 -11.61
N GLN B 81 1.68 -10.67 -11.58
CA GLN B 81 2.89 -10.59 -12.41
C GLN B 81 4.12 -10.34 -11.53
N ARG B 82 5.06 -11.30 -11.54
CA ARG B 82 6.30 -11.21 -10.74
C ARG B 82 7.40 -10.50 -11.54
N ASN B 83 7.54 -9.19 -11.30
CA ASN B 83 8.54 -8.33 -11.95
C ASN B 83 9.77 -8.22 -11.02
N GLN B 84 10.96 -7.97 -11.59
CA GLN B 84 12.20 -7.74 -10.81
C GLN B 84 12.29 -6.24 -10.46
N SER B 85 12.78 -5.93 -9.25
CA SER B 85 12.66 -4.58 -8.68
C SER B 85 13.77 -3.63 -9.10
N ASP B 86 13.35 -2.38 -9.29
CA ASP B 86 14.18 -1.24 -9.61
C ASP B 86 13.50 -0.01 -8.98
N PRO B 87 14.24 0.97 -8.37
CA PRO B 87 13.62 2.11 -7.66
C PRO B 87 12.78 3.02 -8.59
N THR B 88 13.14 3.08 -9.87
CA THR B 88 12.42 3.94 -10.85
C THR B 88 11.31 3.15 -11.58
N MET B 89 11.20 1.82 -11.30
CA MET B 89 10.13 0.97 -11.88
C MET B 89 8.76 1.42 -11.35
N PHE B 90 8.59 1.39 -10.00
CA PHE B 90 7.33 1.78 -9.35
C PHE B 90 7.04 3.28 -9.56
N ASN B 91 8.11 4.09 -9.70
CA ASN B 91 8.00 5.52 -9.98
C ASN B 91 7.40 5.77 -11.39
N LYS B 92 7.75 4.88 -12.33
CA LYS B 92 7.37 5.00 -13.76
C LYS B 92 5.84 4.98 -13.97
N ILE B 93 5.14 4.04 -13.31
CA ILE B 93 3.67 3.95 -13.40
C ILE B 93 2.98 4.99 -12.50
N ALA B 94 3.66 5.37 -11.39
CA ALA B 94 3.14 6.37 -10.43
C ALA B 94 2.94 7.74 -11.10
N VAL B 95 3.92 8.12 -11.96
CA VAL B 95 3.86 9.40 -12.71
C VAL B 95 2.89 9.32 -13.90
N PHE B 96 2.62 8.09 -14.38
CA PHE B 96 1.78 7.85 -15.57
C PHE B 96 0.29 7.76 -15.16
N PHE B 97 0.06 7.38 -13.88
CA PHE B 97 -1.29 7.25 -13.26
C PHE B 97 -2.17 6.17 -13.95
N GLN B 98 -1.49 5.20 -14.61
CA GLN B 98 -2.13 4.03 -15.26
C GLN B 98 -1.16 2.82 -15.21
N GLY A 1 -19.94 9.36 4.98
CA GLY A 1 -20.75 10.52 4.58
C GLY A 1 -20.87 10.65 3.07
N SER A 2 -21.52 11.73 2.62
CA SER A 2 -21.67 12.04 1.19
C SER A 2 -20.30 12.48 0.61
N MET A 3 -19.69 11.57 -0.15
CA MET A 3 -18.33 11.77 -0.72
C MET A 3 -18.43 12.25 -2.17
N GLN A 4 -17.39 12.98 -2.59
CA GLN A 4 -17.23 13.48 -3.97
C GLN A 4 -16.40 12.46 -4.78
N ASN A 5 -15.80 12.91 -5.91
CA ASN A 5 -14.86 12.11 -6.72
C ASN A 5 -14.15 13.01 -7.75
N THR A 6 -12.98 13.56 -7.35
CA THR A 6 -12.09 14.35 -8.23
C THR A 6 -10.62 14.09 -7.80
N THR A 7 -10.22 14.66 -6.65
CA THR A 7 -8.90 14.45 -6.02
C THR A 7 -9.00 14.89 -4.55
N HIS A 8 -9.33 16.18 -4.32
CA HIS A 8 -9.37 16.81 -2.97
C HIS A 8 -10.38 16.12 -2.00
N ASP A 9 -11.27 15.29 -2.59
CA ASP A 9 -12.22 14.45 -1.85
C ASP A 9 -11.50 13.50 -0.88
N ASN A 10 -10.54 12.72 -1.39
CA ASN A 10 -9.78 11.76 -0.59
C ASN A 10 -8.71 12.48 0.23
N VAL A 11 -8.29 11.83 1.32
CA VAL A 11 -7.29 12.34 2.25
C VAL A 11 -6.08 11.41 2.17
N ILE A 12 -4.89 12.02 2.19
CA ILE A 12 -3.61 11.32 2.05
C ILE A 12 -3.05 11.13 3.46
N LEU A 13 -3.42 10.01 4.09
CA LEU A 13 -3.11 9.77 5.49
C LEU A 13 -1.72 9.14 5.61
N GLU A 14 -0.76 9.96 6.04
CA GLU A 14 0.64 9.56 6.16
C GLU A 14 0.85 8.87 7.52
N LEU A 15 0.69 7.55 7.53
CA LEU A 15 1.00 6.69 8.67
C LEU A 15 2.47 6.28 8.57
N THR A 16 3.28 6.90 9.41
CA THR A 16 4.69 6.53 9.53
C THR A 16 4.76 5.36 10.50
N VAL A 17 4.85 4.15 9.94
CA VAL A 17 4.89 2.91 10.70
C VAL A 17 6.33 2.38 10.74
N ARG A 18 6.71 1.77 11.86
CA ARG A 18 8.00 1.06 11.96
C ARG A 18 7.77 -0.37 11.45
N ASN A 19 8.31 -0.62 10.24
CA ASN A 19 7.97 -1.79 9.41
C ASN A 19 8.42 -3.10 10.05
N HIS A 20 7.50 -3.66 10.84
CA HIS A 20 7.55 -5.05 11.32
C HIS A 20 6.42 -5.84 10.61
N PRO A 21 6.59 -7.18 10.33
CA PRO A 21 5.57 -7.98 9.60
C PRO A 21 4.22 -7.99 10.34
N GLY A 22 3.29 -7.15 9.86
CA GLY A 22 1.98 -6.98 10.49
C GLY A 22 1.41 -5.58 10.28
N VAL A 23 2.30 -4.54 10.30
CA VAL A 23 1.89 -3.10 10.25
C VAL A 23 0.89 -2.78 9.11
N MET A 24 1.07 -3.48 7.98
CA MET A 24 0.24 -3.34 6.78
C MET A 24 -1.19 -3.84 7.07
N THR A 25 -1.27 -5.06 7.64
CA THR A 25 -2.55 -5.73 7.97
C THR A 25 -3.36 -4.92 9.01
N HIS A 26 -2.64 -4.18 9.86
CA HIS A 26 -3.23 -3.30 10.91
C HIS A 26 -3.89 -2.07 10.28
N VAL A 27 -3.15 -1.34 9.40
CA VAL A 27 -3.67 -0.12 8.75
C VAL A 27 -4.88 -0.47 7.83
N CYS A 28 -4.68 -1.54 7.04
CA CYS A 28 -5.69 -2.05 6.10
C CYS A 28 -6.95 -2.51 6.83
N GLY A 29 -6.76 -3.00 8.08
CA GLY A 29 -7.86 -3.45 8.93
C GLY A 29 -8.81 -2.31 9.30
N LEU A 30 -8.24 -1.22 9.87
CA LEU A 30 -9.03 -0.06 10.37
C LEU A 30 -9.89 0.60 9.27
N PHE A 31 -9.28 0.83 8.10
CA PHE A 31 -9.96 1.54 6.98
C PHE A 31 -10.94 0.65 6.20
N ALA A 32 -10.66 -0.67 6.13
CA ALA A 32 -11.57 -1.64 5.46
C ALA A 32 -12.86 -1.84 6.27
N ARG A 33 -12.72 -1.89 7.61
CA ARG A 33 -13.86 -2.18 8.52
C ARG A 33 -14.72 -0.93 8.80
N ARG A 34 -14.29 0.26 8.29
CA ARG A 34 -15.08 1.47 8.37
C ARG A 34 -16.32 1.32 7.47
N ALA A 35 -16.11 1.48 6.16
CA ALA A 35 -17.19 1.58 5.17
C ALA A 35 -16.57 1.82 3.80
N PHE A 36 -15.80 2.92 3.74
CA PHE A 36 -15.20 3.41 2.50
C PHE A 36 -14.02 2.55 2.09
N ASN A 37 -13.96 2.27 0.77
CA ASN A 37 -12.86 1.55 0.15
C ASN A 37 -11.65 2.47 0.06
N VAL A 38 -10.47 1.97 0.42
CA VAL A 38 -9.22 2.67 0.20
C VAL A 38 -8.90 2.55 -1.30
N GLU A 39 -8.97 3.69 -1.99
CA GLU A 39 -8.89 3.69 -3.45
C GLU A 39 -7.42 3.59 -3.90
N GLY A 40 -6.51 4.19 -3.10
CA GLY A 40 -5.08 4.20 -3.42
C GLY A 40 -4.23 4.03 -2.18
N ILE A 41 -3.05 3.43 -2.34
CA ILE A 41 -2.06 3.24 -1.26
C ILE A 41 -0.68 3.61 -1.83
N LEU A 42 0.19 4.12 -0.97
CA LEU A 42 1.58 4.40 -1.30
C LEU A 42 2.39 4.18 -0.02
N CYS A 43 3.60 3.66 -0.16
CA CYS A 43 4.49 3.36 0.98
C CYS A 43 5.93 3.45 0.52
N LEU A 44 6.61 4.55 0.89
CA LEU A 44 8.06 4.71 0.68
C LEU A 44 8.79 4.43 2.01
N PRO A 45 9.66 3.38 2.04
CA PRO A 45 10.51 3.08 3.22
C PRO A 45 11.55 4.18 3.47
N ILE A 46 11.66 4.63 4.72
CA ILE A 46 12.73 5.54 5.12
C ILE A 46 14.02 4.71 5.23
N GLN A 47 14.85 4.79 4.19
CA GLN A 47 16.12 4.03 4.10
C GLN A 47 17.10 4.34 5.26
N ASP A 48 16.89 5.49 5.92
CA ASP A 48 17.79 5.97 6.98
C ASP A 48 17.59 5.21 8.31
N SER A 49 16.32 4.90 8.64
CA SER A 49 15.95 4.29 9.95
C SER A 49 14.75 3.34 9.80
N ASP A 50 14.45 2.58 10.89
CA ASP A 50 13.33 1.59 10.91
C ASP A 50 11.97 2.29 10.97
N LYS A 51 11.51 2.76 9.80
CA LYS A 51 10.18 3.35 9.59
C LYS A 51 9.88 3.44 8.08
N SER A 52 8.60 3.64 7.76
CA SER A 52 8.10 3.69 6.39
C SER A 52 6.80 4.50 6.39
N HIS A 53 6.66 5.45 5.45
CA HIS A 53 5.46 6.32 5.37
C HIS A 53 4.46 5.72 4.39
N ILE A 54 3.30 5.29 4.92
CA ILE A 54 2.17 4.79 4.13
C ILE A 54 1.20 5.96 3.92
N TRP A 55 1.09 6.46 2.67
CA TRP A 55 0.09 7.43 2.26
C TRP A 55 -1.18 6.67 1.85
N LEU A 56 -2.19 6.75 2.71
CA LEU A 56 -3.43 5.98 2.63
C LEU A 56 -4.52 6.89 2.04
N LEU A 57 -4.91 6.62 0.78
CA LEU A 57 -5.89 7.42 0.03
C LEU A 57 -7.29 6.85 0.24
N VAL A 58 -8.03 7.48 1.15
CA VAL A 58 -9.44 7.16 1.43
C VAL A 58 -10.18 8.49 1.63
N ASN A 59 -11.44 8.58 1.22
CA ASN A 59 -12.24 9.81 1.44
C ASN A 59 -12.76 9.82 2.89
N ASP A 60 -12.59 10.99 3.54
CA ASP A 60 -12.87 11.23 4.97
C ASP A 60 -14.35 11.00 5.32
N ASP A 61 -14.56 10.51 6.55
CA ASP A 61 -15.86 10.27 7.16
C ASP A 61 -15.76 10.64 8.65
N GLN A 62 -16.92 10.97 9.24
CA GLN A 62 -17.04 11.36 10.67
C GLN A 62 -16.47 10.24 11.59
N ARG A 63 -16.83 8.99 11.28
CA ARG A 63 -16.38 7.80 12.06
C ARG A 63 -14.97 7.37 11.64
N LEU A 64 -14.58 7.65 10.37
CA LEU A 64 -13.23 7.33 9.85
C LEU A 64 -12.14 7.93 10.78
N GLU A 65 -12.40 9.16 11.27
CA GLU A 65 -11.51 9.89 12.20
C GLU A 65 -11.35 9.16 13.54
N GLN A 66 -12.40 8.44 13.96
CA GLN A 66 -12.39 7.60 15.18
C GLN A 66 -11.48 6.37 14.97
N MET A 67 -11.48 5.84 13.73
CA MET A 67 -10.63 4.70 13.33
C MET A 67 -9.15 5.15 13.24
N ILE A 68 -8.97 6.43 12.85
CA ILE A 68 -7.66 7.11 12.79
C ILE A 68 -7.13 7.35 14.24
N SER A 69 -8.05 7.67 15.16
CA SER A 69 -7.74 7.87 16.58
C SER A 69 -7.33 6.53 17.23
N GLN A 70 -8.00 5.43 16.82
CA GLN A 70 -7.76 4.08 17.34
C GLN A 70 -6.38 3.58 16.86
N ILE A 71 -6.15 3.67 15.53
CA ILE A 71 -4.94 3.13 14.86
C ILE A 71 -3.66 3.81 15.37
N ASP A 72 -3.79 5.11 15.73
CA ASP A 72 -2.70 5.93 16.28
C ASP A 72 -2.12 5.30 17.56
N LYS A 73 -2.98 4.65 18.36
CA LYS A 73 -2.61 4.10 19.69
C LYS A 73 -1.88 2.75 19.57
N LEU A 74 -1.82 2.19 18.35
CA LEU A 74 -1.05 0.96 18.06
C LEU A 74 0.43 1.32 17.84
N GLU A 75 1.33 0.43 18.32
CA GLU A 75 2.80 0.64 18.28
C GLU A 75 3.35 0.57 16.84
N ASP A 76 2.50 0.10 15.91
CA ASP A 76 2.77 0.13 14.46
C ASP A 76 2.99 1.59 14.01
N VAL A 77 1.99 2.42 14.34
CA VAL A 77 1.94 3.83 13.95
C VAL A 77 2.83 4.67 14.89
N VAL A 78 3.99 5.06 14.37
CA VAL A 78 4.93 6.00 15.04
C VAL A 78 4.37 7.43 14.95
N LYS A 79 3.86 7.78 13.75
CA LYS A 79 3.25 9.09 13.44
C LYS A 79 1.98 8.88 12.63
N VAL A 80 0.96 9.70 12.91
CA VAL A 80 -0.24 9.82 12.07
C VAL A 80 -0.32 11.27 11.56
N GLN A 81 -0.50 11.44 10.24
CA GLN A 81 -0.55 12.77 9.61
C GLN A 81 -1.62 12.80 8.52
N ARG A 82 -2.29 13.95 8.38
CA ARG A 82 -3.36 14.14 7.40
C ARG A 82 -2.88 15.14 6.32
N ASN A 83 -2.37 14.60 5.21
CA ASN A 83 -1.88 15.39 4.07
C ASN A 83 -3.05 15.64 3.10
N GLN A 84 -2.99 16.75 2.35
CA GLN A 84 -4.06 17.15 1.40
C GLN A 84 -3.78 16.49 0.05
N SER A 85 -4.86 16.11 -0.66
CA SER A 85 -4.78 15.29 -1.88
C SER A 85 -4.28 16.10 -3.08
N ASP A 86 -2.95 16.17 -3.18
CA ASP A 86 -2.23 16.76 -4.30
C ASP A 86 -2.07 15.71 -5.42
N PRO A 87 -2.43 16.03 -6.71
CA PRO A 87 -2.30 15.06 -7.83
C PRO A 87 -0.85 14.60 -8.09
N THR A 88 0.09 15.52 -7.85
CA THR A 88 1.53 15.32 -8.07
C THR A 88 2.25 14.83 -6.79
N MET A 89 1.46 14.60 -5.69
CA MET A 89 1.98 14.10 -4.39
C MET A 89 2.87 12.86 -4.56
N PHE A 90 2.42 11.91 -5.43
CA PHE A 90 3.13 10.65 -5.71
C PHE A 90 4.58 10.92 -6.18
N ASN A 91 4.69 11.82 -7.16
CA ASN A 91 5.98 12.18 -7.76
C ASN A 91 6.80 13.05 -6.78
N LYS A 92 6.09 13.87 -5.96
CA LYS A 92 6.69 14.80 -4.98
C LYS A 92 7.71 14.09 -4.08
N ILE A 93 7.25 13.05 -3.37
CA ILE A 93 8.11 12.30 -2.42
C ILE A 93 8.99 11.27 -3.16
N ALA A 94 8.53 10.77 -4.34
CA ALA A 94 9.30 9.81 -5.16
C ALA A 94 10.68 10.38 -5.57
N VAL A 95 10.68 11.62 -6.09
CA VAL A 95 11.91 12.33 -6.51
C VAL A 95 12.73 12.82 -5.30
N PHE A 96 12.05 12.94 -4.14
CA PHE A 96 12.68 13.34 -2.88
C PHE A 96 13.45 12.15 -2.25
N PHE A 97 12.94 10.94 -2.48
CA PHE A 97 13.54 9.70 -1.97
C PHE A 97 14.87 9.40 -2.69
N GLN A 98 14.89 9.68 -4.00
CA GLN A 98 16.09 9.50 -4.82
C GLN A 98 17.14 10.57 -4.47
N GLY B 1 15.56 -16.43 4.61
CA GLY B 1 15.86 -16.83 3.20
C GLY B 1 17.10 -16.15 2.66
N SER B 2 17.27 -16.24 1.33
CA SER B 2 18.42 -15.67 0.62
C SER B 2 18.03 -14.29 0.03
N MET B 3 18.33 -13.22 0.78
CA MET B 3 18.05 -11.82 0.36
C MET B 3 19.34 -10.99 0.23
N GLN B 4 19.21 -9.85 -0.44
CA GLN B 4 20.31 -8.92 -0.78
C GLN B 4 19.86 -7.51 -0.34
N ASN B 5 20.47 -6.43 -0.91
CA ASN B 5 20.12 -5.03 -0.57
C ASN B 5 20.68 -4.01 -1.60
N THR B 6 20.03 -3.88 -2.78
CA THR B 6 20.31 -2.78 -3.73
C THR B 6 18.98 -2.23 -4.31
N THR B 7 18.34 -2.99 -5.22
CA THR B 7 17.10 -2.61 -5.92
C THR B 7 16.44 -3.91 -6.42
N HIS B 8 17.11 -4.57 -7.38
CA HIS B 8 16.61 -5.76 -8.11
C HIS B 8 16.37 -6.98 -7.19
N ASP B 9 16.87 -6.89 -5.94
CA ASP B 9 16.61 -7.87 -4.87
C ASP B 9 15.12 -8.06 -4.62
N ASN B 10 14.40 -6.95 -4.40
CA ASN B 10 12.94 -7.02 -4.15
C ASN B 10 12.21 -7.20 -5.49
N VAL B 11 11.00 -7.76 -5.39
CA VAL B 11 10.14 -8.07 -6.54
C VAL B 11 8.90 -7.17 -6.44
N ILE B 12 8.49 -6.63 -7.58
CA ILE B 12 7.37 -5.69 -7.68
C ILE B 12 6.14 -6.49 -8.09
N LEU B 13 5.42 -7.00 -7.09
CA LEU B 13 4.32 -7.93 -7.32
C LEU B 13 3.04 -7.15 -7.59
N GLU B 14 2.64 -7.13 -8.86
CA GLU B 14 1.47 -6.38 -9.31
C GLU B 14 0.21 -7.25 -9.13
N LEU B 15 -0.41 -7.12 -7.95
CA LEU B 15 -1.70 -7.73 -7.64
C LEU B 15 -2.79 -6.78 -8.09
N THR B 16 -3.44 -7.11 -9.21
CA THR B 16 -4.59 -6.36 -9.69
C THR B 16 -5.81 -6.91 -8.94
N VAL B 17 -6.22 -6.18 -7.91
CA VAL B 17 -7.35 -6.57 -7.06
C VAL B 17 -8.57 -5.72 -7.42
N ARG B 18 -9.77 -6.31 -7.34
CA ARG B 18 -11.02 -5.55 -7.49
C ARG B 18 -11.39 -5.01 -6.10
N ASN B 19 -11.20 -3.68 -5.96
CA ASN B 19 -11.17 -2.98 -4.67
C ASN B 19 -12.54 -3.03 -3.97
N HIS B 20 -12.68 -4.07 -3.15
CA HIS B 20 -13.73 -4.18 -2.12
C HIS B 20 -13.06 -4.08 -0.73
N PRO B 21 -13.76 -3.53 0.32
CA PRO B 21 -13.16 -3.34 1.66
C PRO B 21 -12.71 -4.68 2.29
N GLY B 22 -11.40 -4.96 2.19
CA GLY B 22 -10.83 -6.22 2.65
C GLY B 22 -9.58 -6.61 1.85
N VAL B 23 -9.59 -6.34 0.51
CA VAL B 23 -8.51 -6.78 -0.44
C VAL B 23 -7.08 -6.45 0.07
N MET B 24 -6.96 -5.30 0.75
CA MET B 24 -5.71 -4.81 1.33
C MET B 24 -5.24 -5.73 2.46
N THR B 25 -6.16 -6.02 3.40
CA THR B 25 -5.91 -6.88 4.58
C THR B 25 -5.51 -8.32 4.16
N HIS B 26 -6.04 -8.75 2.98
CA HIS B 26 -5.76 -10.08 2.40
C HIS B 26 -4.33 -10.15 1.86
N VAL B 27 -3.92 -9.14 1.04
CA VAL B 27 -2.57 -9.12 0.44
C VAL B 27 -1.50 -8.96 1.53
N CYS B 28 -1.77 -8.03 2.47
CA CYS B 28 -0.88 -7.74 3.60
C CYS B 28 -0.72 -8.96 4.53
N GLY B 29 -1.79 -9.77 4.60
CA GLY B 29 -1.79 -10.99 5.41
C GLY B 29 -0.76 -12.02 4.94
N LEU B 30 -0.82 -12.38 3.64
CA LEU B 30 0.03 -13.44 3.03
C LEU B 30 1.55 -13.14 3.17
N PHE B 31 1.93 -11.90 2.88
CA PHE B 31 3.35 -11.47 2.87
C PHE B 31 3.91 -11.21 4.29
N ALA B 32 3.04 -10.74 5.21
CA ALA B 32 3.42 -10.51 6.63
C ALA B 32 3.67 -11.84 7.36
N ARG B 33 2.85 -12.87 7.04
CA ARG B 33 2.90 -14.17 7.74
C ARG B 33 3.98 -15.09 7.14
N ARG B 34 4.64 -14.66 6.03
CA ARG B 34 5.76 -15.38 5.44
C ARG B 34 6.95 -15.31 6.42
N ALA B 35 7.63 -14.15 6.42
CA ALA B 35 8.91 -13.95 7.12
C ALA B 35 9.39 -12.55 6.83
N PHE B 36 9.54 -12.27 5.53
CA PHE B 36 10.11 -11.01 5.03
C PHE B 36 9.12 -9.86 5.19
N ASN B 37 9.65 -8.71 5.60
CA ASN B 37 8.89 -7.46 5.73
C ASN B 37 8.69 -6.88 4.33
N VAL B 38 7.46 -6.45 4.03
CA VAL B 38 7.18 -5.69 2.82
C VAL B 38 7.73 -4.28 3.01
N GLU B 39 8.78 -3.95 2.27
CA GLU B 39 9.53 -2.72 2.48
C GLU B 39 8.80 -1.52 1.87
N GLY B 40 8.09 -1.77 0.76
CA GLY B 40 7.37 -0.72 0.02
C GLY B 40 6.07 -1.24 -0.55
N ILE B 41 5.08 -0.37 -0.69
CA ILE B 41 3.77 -0.68 -1.28
C ILE B 41 3.40 0.48 -2.22
N LEU B 42 2.67 0.16 -3.27
CA LEU B 42 2.12 1.14 -4.20
C LEU B 42 0.79 0.58 -4.71
N CYS B 43 -0.19 1.46 -4.92
CA CYS B 43 -1.53 1.07 -5.38
C CYS B 43 -2.16 2.23 -6.14
N LEU B 44 -2.17 2.11 -7.48
CA LEU B 44 -2.88 3.05 -8.37
C LEU B 44 -4.22 2.41 -8.78
N PRO B 45 -5.38 3.04 -8.41
CA PRO B 45 -6.72 2.59 -8.84
C PRO B 45 -6.91 2.77 -10.34
N ILE B 46 -7.41 1.73 -11.02
CA ILE B 46 -7.81 1.84 -12.42
C ILE B 46 -9.13 2.59 -12.48
N GLN B 47 -9.05 3.89 -12.81
CA GLN B 47 -10.23 4.80 -12.86
C GLN B 47 -11.31 4.36 -13.86
N ASP B 48 -10.93 3.49 -14.81
CA ASP B 48 -11.80 3.03 -15.89
C ASP B 48 -12.81 1.98 -15.40
N SER B 49 -12.36 1.06 -14.51
CA SER B 49 -13.17 -0.10 -14.05
C SER B 49 -12.87 -0.47 -12.58
N ASP B 50 -13.70 -1.39 -12.00
CA ASP B 50 -13.54 -1.86 -10.60
C ASP B 50 -12.31 -2.78 -10.45
N LYS B 51 -11.13 -2.15 -10.37
CA LYS B 51 -9.85 -2.82 -10.10
C LYS B 51 -8.78 -1.78 -9.73
N SER B 52 -7.68 -2.25 -9.13
CA SER B 52 -6.59 -1.42 -8.64
C SER B 52 -5.32 -2.28 -8.57
N HIS B 53 -4.20 -1.76 -9.11
CA HIS B 53 -2.93 -2.51 -9.15
C HIS B 53 -2.07 -2.16 -7.93
N ILE B 54 -1.88 -3.15 -7.05
CA ILE B 54 -1.00 -3.04 -5.88
C ILE B 54 0.37 -3.60 -6.26
N TRP B 55 1.38 -2.74 -6.36
CA TRP B 55 2.78 -3.13 -6.54
C TRP B 55 3.40 -3.35 -5.14
N LEU B 56 3.60 -4.63 -4.83
CA LEU B 56 4.00 -5.11 -3.51
C LEU B 56 5.52 -5.39 -3.53
N LEU B 57 6.31 -4.53 -2.85
CA LEU B 57 7.79 -4.61 -2.84
C LEU B 57 8.24 -5.46 -1.65
N VAL B 58 8.54 -6.73 -1.93
CA VAL B 58 9.12 -7.67 -0.95
C VAL B 58 10.20 -8.46 -1.67
N ASN B 59 11.27 -8.83 -0.99
CA ASN B 59 12.32 -9.68 -1.60
C ASN B 59 11.88 -11.15 -1.62
N ASP B 60 12.04 -11.78 -2.80
CA ASP B 60 11.57 -13.14 -3.11
C ASP B 60 12.17 -14.20 -2.18
N ASP B 61 11.36 -15.23 -1.89
CA ASP B 61 11.73 -16.40 -1.09
C ASP B 61 11.07 -17.64 -1.71
N GLN B 62 11.65 -18.81 -1.43
CA GLN B 62 11.19 -20.12 -1.95
C GLN B 62 9.72 -20.38 -1.55
N ARG B 63 9.40 -20.07 -0.28
CA ARG B 63 8.05 -20.26 0.29
C ARG B 63 7.14 -19.05 -0.05
N LEU B 64 7.75 -17.86 -0.26
CA LEU B 64 6.99 -16.63 -0.65
C LEU B 64 6.12 -16.90 -1.88
N GLU B 65 6.70 -17.65 -2.84
CA GLU B 65 6.03 -18.06 -4.10
C GLU B 65 4.77 -18.92 -3.85
N GLN B 66 4.83 -19.73 -2.77
CA GLN B 66 3.70 -20.56 -2.31
C GLN B 66 2.56 -19.67 -1.77
N MET B 67 2.96 -18.56 -1.10
CA MET B 67 2.00 -17.56 -0.56
C MET B 67 1.38 -16.75 -1.71
N ILE B 68 2.18 -16.56 -2.78
CA ILE B 68 1.75 -15.92 -4.05
C ILE B 68 0.77 -16.84 -4.81
N SER B 69 1.00 -18.17 -4.72
CA SER B 69 0.13 -19.18 -5.33
C SER B 69 -1.22 -19.25 -4.58
N GLN B 70 -1.17 -19.09 -3.24
CA GLN B 70 -2.35 -19.15 -2.36
C GLN B 70 -3.23 -17.91 -2.62
N ILE B 71 -2.59 -16.71 -2.57
CA ILE B 71 -3.28 -15.40 -2.66
C ILE B 71 -4.00 -15.23 -4.02
N ASP B 72 -3.41 -15.83 -5.07
CA ASP B 72 -3.96 -15.81 -6.44
C ASP B 72 -5.37 -16.44 -6.49
N LYS B 73 -5.62 -17.44 -5.63
CA LYS B 73 -6.87 -18.22 -5.64
C LYS B 73 -8.02 -17.47 -4.93
N LEU B 74 -7.69 -16.36 -4.25
CA LEU B 74 -8.70 -15.48 -3.61
C LEU B 74 -9.32 -14.55 -4.67
N GLU B 75 -10.64 -14.31 -4.54
CA GLU B 75 -11.43 -13.50 -5.50
C GLU B 75 -11.00 -12.01 -5.49
N ASP B 76 -10.24 -11.63 -4.45
CA ASP B 76 -9.60 -10.30 -4.34
C ASP B 76 -8.68 -10.08 -5.55
N VAL B 77 -7.77 -11.04 -5.76
CA VAL B 77 -6.76 -11.01 -6.81
C VAL B 77 -7.38 -11.43 -8.16
N VAL B 78 -7.61 -10.43 -9.03
CA VAL B 78 -8.04 -10.62 -10.43
C VAL B 78 -6.86 -11.11 -11.28
N LYS B 79 -5.69 -10.46 -11.05
CA LYS B 79 -4.42 -10.79 -11.73
C LYS B 79 -3.30 -10.80 -10.71
N VAL B 80 -2.36 -11.73 -10.87
CA VAL B 80 -1.07 -11.73 -10.16
C VAL B 80 0.04 -11.60 -11.21
N GLN B 81 1.00 -10.70 -10.99
CA GLN B 81 2.10 -10.44 -11.94
C GLN B 81 3.39 -10.16 -11.17
N ARG B 82 4.53 -10.60 -11.72
CA ARG B 82 5.85 -10.42 -11.09
C ARG B 82 6.71 -9.49 -11.94
N ASN B 83 6.67 -8.19 -11.61
CA ASN B 83 7.43 -7.13 -12.30
C ASN B 83 8.83 -7.02 -11.68
N GLN B 84 9.81 -6.58 -12.48
CA GLN B 84 11.22 -6.45 -12.04
C GLN B 84 11.42 -5.06 -11.39
N SER B 85 12.28 -5.01 -10.36
CA SER B 85 12.46 -3.82 -9.53
C SER B 85 13.25 -2.73 -10.26
N ASP B 86 12.50 -1.90 -10.99
CA ASP B 86 12.97 -0.71 -11.66
C ASP B 86 12.91 0.48 -10.66
N PRO B 87 14.02 1.27 -10.49
CA PRO B 87 14.03 2.44 -9.57
C PRO B 87 12.99 3.52 -9.94
N THR B 88 12.76 3.68 -11.25
CA THR B 88 11.86 4.69 -11.81
C THR B 88 10.44 4.11 -12.07
N MET B 89 10.20 2.84 -11.60
CA MET B 89 8.90 2.14 -11.73
C MET B 89 7.75 2.98 -11.17
N PHE B 90 8.00 3.64 -10.01
CA PHE B 90 6.99 4.48 -9.30
C PHE B 90 6.49 5.61 -10.21
N ASN B 91 7.45 6.29 -10.85
CA ASN B 91 7.16 7.42 -11.75
C ASN B 91 6.57 6.92 -13.08
N LYS B 92 6.97 5.71 -13.50
CA LYS B 92 6.58 5.09 -14.79
C LYS B 92 5.06 5.04 -14.96
N ILE B 93 4.38 4.42 -13.98
CA ILE B 93 2.92 4.25 -14.02
C ILE B 93 2.19 5.51 -13.52
N ALA B 94 2.87 6.30 -12.64
CA ALA B 94 2.30 7.57 -12.11
C ALA B 94 1.99 8.57 -13.24
N VAL B 95 2.96 8.77 -14.15
CA VAL B 95 2.80 9.66 -15.33
C VAL B 95 1.90 9.02 -16.40
N PHE B 96 1.72 7.69 -16.32
CA PHE B 96 0.85 6.94 -17.24
C PHE B 96 -0.64 7.03 -16.81
N PHE B 97 -0.86 7.22 -15.50
CA PHE B 97 -2.23 7.23 -14.91
C PHE B 97 -3.02 8.50 -15.27
N GLN B 98 -2.32 9.63 -15.46
CA GLN B 98 -2.95 10.94 -15.70
C GLN B 98 -3.88 10.92 -16.96
N GLY A 1 -20.37 5.45 -5.15
CA GLY A 1 -20.04 6.60 -4.28
C GLY A 1 -19.37 7.74 -5.03
N SER A 2 -18.02 7.70 -5.11
CA SER A 2 -17.21 8.73 -5.78
C SER A 2 -17.45 8.70 -7.29
N MET A 3 -17.70 9.88 -7.91
CA MET A 3 -18.04 9.98 -9.36
C MET A 3 -17.01 9.25 -10.23
N GLN A 4 -15.75 9.73 -10.17
CA GLN A 4 -14.60 9.07 -10.81
C GLN A 4 -13.31 9.85 -10.54
N ASN A 5 -13.39 11.19 -10.70
CA ASN A 5 -12.24 12.10 -10.58
C ASN A 5 -11.88 12.32 -9.10
N THR A 6 -10.72 11.82 -8.70
CA THR A 6 -10.21 11.96 -7.32
C THR A 6 -9.37 13.26 -7.20
N THR A 7 -10.06 14.37 -6.94
CA THR A 7 -9.43 15.68 -6.72
C THR A 7 -9.03 15.83 -5.23
N HIS A 8 -10.05 15.85 -4.36
CA HIS A 8 -9.88 15.95 -2.90
C HIS A 8 -11.01 15.18 -2.20
N ASP A 9 -11.59 14.21 -2.93
CA ASP A 9 -12.63 13.31 -2.40
C ASP A 9 -12.02 12.40 -1.32
N ASN A 10 -10.81 11.88 -1.62
CA ASN A 10 -10.02 11.13 -0.64
C ASN A 10 -9.13 12.09 0.18
N VAL A 11 -8.52 11.55 1.23
CA VAL A 11 -7.61 12.28 2.12
C VAL A 11 -6.29 11.49 2.19
N ILE A 12 -5.18 12.23 2.28
CA ILE A 12 -3.82 11.69 2.16
C ILE A 12 -3.24 11.47 3.58
N LEU A 13 -3.42 10.26 4.12
CA LEU A 13 -3.03 9.93 5.51
C LEU A 13 -1.72 9.14 5.52
N GLU A 14 -0.60 9.80 5.87
CA GLU A 14 0.69 9.10 6.00
C GLU A 14 0.88 8.58 7.43
N LEU A 15 0.95 7.26 7.53
CA LEU A 15 1.32 6.57 8.75
C LEU A 15 2.81 6.27 8.69
N THR A 16 3.57 6.92 9.56
CA THR A 16 5.00 6.67 9.72
C THR A 16 5.14 5.50 10.69
N VAL A 17 5.52 4.33 10.16
CA VAL A 17 5.55 3.09 10.91
C VAL A 17 6.92 2.42 10.77
N ARG A 18 7.34 1.68 11.79
CA ARG A 18 8.50 0.78 11.70
C ARG A 18 7.97 -0.66 11.52
N ASN A 19 8.73 -1.49 10.79
CA ASN A 19 8.26 -2.81 10.29
C ASN A 19 8.11 -3.85 11.43
N HIS A 20 6.95 -3.77 12.09
CA HIS A 20 6.42 -4.79 13.01
C HIS A 20 5.74 -5.91 12.19
N PRO A 21 5.51 -7.14 12.78
CA PRO A 21 4.77 -8.23 12.10
C PRO A 21 3.33 -7.83 11.69
N GLY A 22 3.18 -7.48 10.41
CA GLY A 22 1.88 -7.15 9.80
C GLY A 22 1.37 -5.76 10.17
N VAL A 23 2.18 -4.72 9.93
CA VAL A 23 1.75 -3.31 10.17
C VAL A 23 0.74 -2.88 9.11
N MET A 24 1.07 -3.22 7.86
CA MET A 24 0.23 -2.95 6.70
C MET A 24 -1.16 -3.63 6.85
N THR A 25 -1.20 -4.76 7.59
CA THR A 25 -2.46 -5.44 7.93
C THR A 25 -3.34 -4.58 8.88
N HIS A 26 -2.67 -3.76 9.73
CA HIS A 26 -3.35 -2.85 10.68
C HIS A 26 -4.05 -1.70 9.95
N VAL A 27 -3.30 -0.99 9.05
CA VAL A 27 -3.85 0.17 8.31
C VAL A 27 -5.08 -0.27 7.47
N CYS A 28 -4.92 -1.45 6.84
CA CYS A 28 -5.96 -2.07 6.02
C CYS A 28 -7.18 -2.49 6.86
N GLY A 29 -6.91 -2.94 8.10
CA GLY A 29 -7.96 -3.32 9.04
C GLY A 29 -8.82 -2.14 9.47
N LEU A 30 -8.18 -0.98 9.73
CA LEU A 30 -8.84 0.25 10.22
C LEU A 30 -9.83 0.81 9.19
N PHE A 31 -9.40 0.90 7.93
CA PHE A 31 -10.23 1.51 6.86
C PHE A 31 -11.29 0.52 6.32
N ALA A 32 -11.00 -0.80 6.41
CA ALA A 32 -11.99 -1.85 6.05
C ALA A 32 -13.17 -1.84 7.05
N ARG A 33 -12.85 -1.79 8.36
CA ARG A 33 -13.88 -1.79 9.44
C ARG A 33 -14.57 -0.42 9.56
N ARG A 34 -14.06 0.59 8.85
CA ARG A 34 -14.57 1.97 8.89
C ARG A 34 -15.94 2.04 8.18
N ALA A 35 -15.96 1.71 6.88
CA ALA A 35 -17.16 1.73 6.03
C ALA A 35 -16.77 1.31 4.60
N PHE A 36 -15.90 2.13 4.00
CA PHE A 36 -15.43 1.96 2.62
C PHE A 36 -13.91 1.73 2.65
N ASN A 37 -13.40 0.94 1.70
CA ASN A 37 -11.97 0.59 1.62
C ASN A 37 -11.10 1.79 1.18
N VAL A 38 -9.79 1.52 1.08
CA VAL A 38 -8.82 2.49 0.57
C VAL A 38 -8.84 2.49 -0.96
N GLU A 39 -8.76 3.68 -1.56
CA GLU A 39 -8.72 3.86 -3.02
C GLU A 39 -7.28 3.64 -3.54
N GLY A 40 -6.31 4.32 -2.90
CA GLY A 40 -4.89 4.27 -3.33
C GLY A 40 -3.96 4.20 -2.13
N ILE A 41 -2.81 3.53 -2.28
CA ILE A 41 -1.82 3.35 -1.18
C ILE A 41 -0.41 3.67 -1.72
N LEU A 42 0.46 4.23 -0.86
CA LEU A 42 1.87 4.46 -1.20
C LEU A 42 2.74 4.31 0.07
N CYS A 43 3.27 3.09 0.28
CA CYS A 43 4.23 2.82 1.37
C CYS A 43 5.63 3.13 0.86
N LEU A 44 6.18 4.25 1.33
CA LEU A 44 7.51 4.72 0.97
C LEU A 44 8.50 4.29 2.05
N PRO A 45 9.42 3.31 1.77
CA PRO A 45 10.41 2.87 2.77
C PRO A 45 11.58 3.87 2.92
N ILE A 46 11.79 4.34 4.15
CA ILE A 46 12.88 5.27 4.50
C ILE A 46 14.14 4.46 4.84
N GLN A 47 15.31 4.91 4.36
CA GLN A 47 16.58 4.19 4.47
C GLN A 47 17.36 4.53 5.76
N ASP A 48 17.28 5.80 6.23
CA ASP A 48 18.17 6.29 7.33
C ASP A 48 17.84 5.61 8.68
N SER A 49 16.56 5.28 8.88
CA SER A 49 16.07 4.63 10.12
C SER A 49 14.88 3.73 9.79
N ASP A 50 14.51 2.87 10.76
CA ASP A 50 13.36 1.97 10.64
C ASP A 50 12.05 2.79 10.66
N LYS A 51 11.62 3.24 9.47
CA LYS A 51 10.33 3.90 9.28
C LYS A 51 9.92 3.88 7.80
N SER A 52 8.61 3.92 7.56
CA SER A 52 7.99 3.94 6.24
C SER A 52 6.74 4.81 6.31
N HIS A 53 6.56 5.74 5.36
CA HIS A 53 5.36 6.60 5.31
C HIS A 53 4.35 6.02 4.31
N ILE A 54 3.27 5.41 4.83
CA ILE A 54 2.20 4.81 4.01
C ILE A 54 1.09 5.84 3.83
N TRP A 55 0.93 6.39 2.61
CA TRP A 55 -0.14 7.34 2.28
C TRP A 55 -1.39 6.57 1.85
N LEU A 56 -2.37 6.51 2.76
CA LEU A 56 -3.69 5.92 2.48
C LEU A 56 -4.60 7.01 1.92
N LEU A 57 -4.94 6.87 0.63
CA LEU A 57 -5.93 7.68 -0.06
C LEU A 57 -7.30 7.06 0.18
N VAL A 58 -8.00 7.57 1.19
CA VAL A 58 -9.32 7.03 1.60
C VAL A 58 -10.30 8.20 1.71
N ASN A 59 -11.57 7.99 1.33
CA ASN A 59 -12.56 9.10 1.35
C ASN A 59 -12.97 9.44 2.80
N ASP A 60 -12.99 10.75 3.10
CA ASP A 60 -13.27 11.28 4.45
C ASP A 60 -14.66 10.87 4.94
N ASP A 61 -14.75 10.55 6.22
CA ASP A 61 -15.92 9.92 6.84
C ASP A 61 -16.07 10.45 8.28
N GLN A 62 -17.25 10.25 8.89
CA GLN A 62 -17.51 10.65 10.30
C GLN A 62 -16.63 9.85 11.27
N ARG A 63 -16.49 8.56 10.97
CA ARG A 63 -15.69 7.60 11.77
C ARG A 63 -14.20 7.71 11.43
N LEU A 64 -13.88 8.17 10.20
CA LEU A 64 -12.51 8.23 9.64
C LEU A 64 -11.49 8.78 10.66
N GLU A 65 -11.81 9.95 11.26
CA GLU A 65 -10.94 10.64 12.22
C GLU A 65 -10.73 9.83 13.51
N GLN A 66 -11.77 9.08 13.90
CA GLN A 66 -11.74 8.21 15.08
C GLN A 66 -10.83 6.99 14.82
N MET A 67 -10.85 6.50 13.56
CA MET A 67 -9.95 5.42 13.09
C MET A 67 -8.48 5.91 13.03
N ILE A 68 -8.31 7.21 12.67
CA ILE A 68 -6.98 7.88 12.68
C ILE A 68 -6.42 7.94 14.12
N SER A 69 -7.32 8.29 15.07
CA SER A 69 -7.00 8.39 16.51
C SER A 69 -6.66 7.01 17.09
N GLN A 70 -7.40 5.98 16.63
CA GLN A 70 -7.25 4.59 17.08
C GLN A 70 -5.87 4.08 16.65
N ILE A 71 -5.55 4.23 15.35
CA ILE A 71 -4.32 3.70 14.76
C ILE A 71 -3.07 4.50 15.22
N ASP A 72 -3.29 5.80 15.52
CA ASP A 72 -2.24 6.71 16.03
C ASP A 72 -1.56 6.12 17.29
N LYS A 73 -2.38 5.60 18.21
CA LYS A 73 -1.90 5.09 19.51
C LYS A 73 -1.46 3.61 19.45
N LEU A 74 -1.16 3.10 18.23
CA LEU A 74 -0.56 1.77 18.01
C LEU A 74 0.98 1.85 18.14
N GLU A 75 1.60 0.71 18.52
CA GLU A 75 3.05 0.61 18.78
C GLU A 75 3.86 0.64 17.49
N ASP A 76 3.30 0.04 16.45
CA ASP A 76 3.87 0.00 15.09
C ASP A 76 3.94 1.40 14.47
N VAL A 77 2.82 2.14 14.58
CA VAL A 77 2.73 3.53 14.15
C VAL A 77 3.61 4.42 15.07
N VAL A 78 4.74 4.84 14.52
CA VAL A 78 5.66 5.78 15.19
C VAL A 78 5.00 7.18 15.25
N LYS A 79 4.41 7.60 14.11
CA LYS A 79 3.74 8.90 13.96
C LYS A 79 2.60 8.78 12.93
N VAL A 80 1.55 9.60 13.08
CA VAL A 80 0.50 9.78 12.06
C VAL A 80 0.55 11.22 11.53
N GLN A 81 0.17 11.45 10.27
CA GLN A 81 0.05 12.81 9.72
C GLN A 81 -1.04 12.87 8.64
N ARG A 82 -1.99 13.80 8.82
CA ARG A 82 -3.12 14.00 7.91
C ARG A 82 -2.77 15.10 6.91
N ASN A 83 -3.07 14.86 5.62
CA ASN A 83 -2.78 15.80 4.51
C ASN A 83 -4.02 15.90 3.60
N GLN A 84 -4.18 17.04 2.91
CA GLN A 84 -5.25 17.23 1.91
C GLN A 84 -4.76 16.68 0.56
N SER A 85 -5.68 16.16 -0.26
CA SER A 85 -5.35 15.56 -1.55
C SER A 85 -5.16 16.62 -2.63
N ASP A 86 -3.99 16.54 -3.27
CA ASP A 86 -3.56 17.41 -4.38
C ASP A 86 -2.82 16.53 -5.41
N PRO A 87 -2.98 16.81 -6.76
CA PRO A 87 -2.35 15.97 -7.83
C PRO A 87 -0.81 15.93 -7.73
N THR A 88 -0.23 17.04 -7.25
CA THR A 88 1.22 17.21 -7.14
C THR A 88 1.78 16.45 -5.93
N MET A 89 0.98 16.34 -4.84
CA MET A 89 1.37 15.67 -3.59
C MET A 89 1.88 14.25 -3.86
N PHE A 90 1.07 13.49 -4.63
CA PHE A 90 1.39 12.09 -4.98
C PHE A 90 2.68 11.99 -5.80
N ASN A 91 2.84 12.87 -6.81
CA ASN A 91 3.95 12.77 -7.77
C ASN A 91 5.28 13.22 -7.11
N LYS A 92 5.18 14.18 -6.18
CA LYS A 92 6.32 14.77 -5.48
C LYS A 92 6.99 13.72 -4.57
N ILE A 93 6.20 13.05 -3.73
CA ILE A 93 6.70 12.02 -2.78
C ILE A 93 7.20 10.77 -3.54
N ALA A 94 6.58 10.50 -4.71
CA ALA A 94 6.94 9.38 -5.58
C ALA A 94 8.29 9.62 -6.31
N VAL A 95 8.53 10.88 -6.77
CA VAL A 95 9.75 11.21 -7.53
C VAL A 95 10.94 11.42 -6.56
N PHE A 96 10.68 11.92 -5.33
CA PHE A 96 11.72 12.09 -4.31
C PHE A 96 12.16 10.73 -3.77
N PHE A 97 11.16 9.91 -3.35
CA PHE A 97 11.37 8.56 -2.75
C PHE A 97 11.99 8.61 -1.30
N GLN A 98 12.66 9.71 -0.96
CA GLN A 98 13.23 9.97 0.37
C GLN A 98 13.45 11.49 0.49
N GLY B 1 19.43 -9.63 1.45
CA GLY B 1 19.84 -8.54 2.36
C GLY B 1 19.71 -7.18 1.69
N SER B 2 18.56 -6.50 1.92
CA SER B 2 18.29 -5.17 1.33
C SER B 2 19.18 -4.10 2.00
N MET B 3 20.02 -3.46 1.17
CA MET B 3 20.98 -2.42 1.65
C MET B 3 20.42 -1.02 1.35
N GLN B 4 20.89 -0.03 2.13
CA GLN B 4 20.54 1.40 1.96
C GLN B 4 21.27 1.96 0.73
N ASN B 5 20.74 1.61 -0.44
CA ASN B 5 21.34 1.87 -1.76
C ASN B 5 20.31 1.48 -2.83
N THR B 6 20.42 2.05 -4.05
CA THR B 6 19.51 1.72 -5.17
C THR B 6 19.82 0.29 -5.70
N THR B 7 19.27 -0.70 -4.97
CA THR B 7 19.47 -2.13 -5.23
C THR B 7 18.09 -2.81 -5.27
N HIS B 8 18.00 -3.95 -5.96
CA HIS B 8 16.74 -4.66 -6.19
C HIS B 8 16.72 -6.02 -5.47
N ASP B 9 16.74 -5.95 -4.13
CA ASP B 9 16.62 -7.13 -3.23
C ASP B 9 15.14 -7.54 -3.10
N ASN B 10 14.24 -6.58 -3.36
CA ASN B 10 12.79 -6.83 -3.39
C ASN B 10 12.33 -7.20 -4.81
N VAL B 11 11.07 -7.64 -4.91
CA VAL B 11 10.42 -8.01 -6.19
C VAL B 11 9.12 -7.23 -6.30
N ILE B 12 8.78 -6.83 -7.54
CA ILE B 12 7.67 -5.91 -7.83
C ILE B 12 6.42 -6.72 -8.23
N LEU B 13 5.57 -7.04 -7.25
CA LEU B 13 4.40 -7.91 -7.47
C LEU B 13 3.11 -7.09 -7.55
N GLU B 14 2.59 -6.87 -8.77
CA GLU B 14 1.32 -6.16 -8.96
C GLU B 14 0.15 -7.13 -8.90
N LEU B 15 -0.70 -6.94 -7.89
CA LEU B 15 -1.96 -7.62 -7.77
C LEU B 15 -3.05 -6.71 -8.34
N THR B 16 -3.63 -7.13 -9.46
CA THR B 16 -4.76 -6.46 -10.08
C THR B 16 -6.02 -6.97 -9.40
N VAL B 17 -6.63 -6.11 -8.56
CA VAL B 17 -7.75 -6.49 -7.70
C VAL B 17 -8.91 -5.52 -7.90
N ARG B 18 -10.14 -6.00 -7.73
CA ARG B 18 -11.32 -5.13 -7.63
C ARG B 18 -11.69 -5.01 -6.15
N ASN B 19 -12.24 -3.83 -5.75
CA ASN B 19 -12.42 -3.45 -4.33
C ASN B 19 -13.54 -4.28 -3.64
N HIS B 20 -13.11 -5.46 -3.18
CA HIS B 20 -13.84 -6.32 -2.22
C HIS B 20 -13.60 -5.80 -0.78
N PRO B 21 -14.45 -6.19 0.23
CA PRO B 21 -14.23 -5.82 1.65
C PRO B 21 -12.85 -6.32 2.19
N GLY B 22 -11.88 -5.40 2.25
CA GLY B 22 -10.56 -5.66 2.82
C GLY B 22 -9.65 -6.50 1.91
N VAL B 23 -9.46 -6.07 0.66
CA VAL B 23 -8.53 -6.77 -0.28
C VAL B 23 -7.08 -6.52 0.14
N MET B 24 -6.80 -5.25 0.46
CA MET B 24 -5.50 -4.80 0.93
C MET B 24 -5.09 -5.55 2.22
N THR B 25 -6.09 -5.98 3.02
CA THR B 25 -5.86 -6.81 4.22
C THR B 25 -5.33 -8.23 3.83
N HIS B 26 -5.75 -8.72 2.63
CA HIS B 26 -5.33 -10.03 2.10
C HIS B 26 -3.85 -10.01 1.68
N VAL B 27 -3.46 -9.00 0.86
CA VAL B 27 -2.06 -8.88 0.36
C VAL B 27 -1.09 -8.77 1.55
N CYS B 28 -1.51 -7.98 2.55
CA CYS B 28 -0.76 -7.75 3.78
C CYS B 28 -0.65 -9.03 4.62
N GLY B 29 -1.73 -9.82 4.62
CA GLY B 29 -1.79 -11.09 5.35
C GLY B 29 -0.80 -12.12 4.78
N LEU B 30 -0.70 -12.19 3.45
CA LEU B 30 0.13 -13.18 2.72
C LEU B 30 1.64 -12.98 3.02
N PHE B 31 2.09 -11.73 2.95
CA PHE B 31 3.52 -11.40 3.12
C PHE B 31 3.93 -11.35 4.61
N ALA B 32 2.96 -11.04 5.50
CA ALA B 32 3.18 -11.08 6.96
C ALA B 32 3.39 -12.54 7.44
N ARG B 33 2.53 -13.47 6.96
CA ARG B 33 2.59 -14.90 7.32
C ARG B 33 3.72 -15.64 6.58
N ARG B 34 4.35 -14.94 5.62
CA ARG B 34 5.42 -15.50 4.77
C ARG B 34 6.69 -15.68 5.61
N ALA B 35 7.22 -14.55 6.12
CA ALA B 35 8.46 -14.52 6.95
C ALA B 35 8.75 -13.05 7.33
N PHE B 36 8.98 -12.24 6.30
CA PHE B 36 9.34 -10.82 6.43
C PHE B 36 8.23 -9.98 5.76
N ASN B 37 8.00 -8.77 6.29
CA ASN B 37 6.94 -7.87 5.79
C ASN B 37 7.28 -7.26 4.42
N VAL B 38 6.35 -6.42 3.93
CA VAL B 38 6.54 -5.66 2.70
C VAL B 38 7.37 -4.39 3.01
N GLU B 39 8.31 -4.08 2.11
CA GLU B 39 9.18 -2.90 2.21
C GLU B 39 8.42 -1.64 1.69
N GLY B 40 7.85 -1.76 0.48
CA GLY B 40 7.15 -0.65 -0.18
C GLY B 40 5.87 -1.12 -0.87
N ILE B 41 4.86 -0.25 -0.96
CA ILE B 41 3.54 -0.58 -1.56
C ILE B 41 3.13 0.55 -2.49
N LEU B 42 2.43 0.22 -3.59
CA LEU B 42 1.84 1.22 -4.49
C LEU B 42 0.53 0.68 -5.09
N CYS B 43 -0.60 1.03 -4.45
CA CYS B 43 -1.95 0.70 -4.97
C CYS B 43 -2.38 1.82 -5.90
N LEU B 44 -2.35 1.52 -7.20
CA LEU B 44 -2.73 2.47 -8.27
C LEU B 44 -4.19 2.18 -8.66
N PRO B 45 -5.18 3.07 -8.31
CA PRO B 45 -6.59 2.86 -8.69
C PRO B 45 -6.86 3.19 -10.18
N ILE B 46 -7.35 2.19 -10.93
CA ILE B 46 -7.71 2.34 -12.36
C ILE B 46 -9.15 2.89 -12.46
N GLN B 47 -9.36 3.84 -13.39
CA GLN B 47 -10.64 4.56 -13.51
C GLN B 47 -11.64 3.85 -14.47
N ASP B 48 -11.13 3.22 -15.55
CA ASP B 48 -12.01 2.71 -16.65
C ASP B 48 -12.89 1.54 -16.18
N SER B 49 -12.37 0.73 -15.25
CA SER B 49 -13.08 -0.42 -14.68
C SER B 49 -12.68 -0.63 -13.22
N ASP B 50 -13.45 -1.47 -12.50
CA ASP B 50 -13.16 -1.85 -11.10
C ASP B 50 -11.89 -2.72 -11.06
N LYS B 51 -10.72 -2.06 -10.93
CA LYS B 51 -9.44 -2.71 -10.72
C LYS B 51 -8.40 -1.71 -10.20
N SER B 52 -7.42 -2.22 -9.45
CA SER B 52 -6.31 -1.47 -8.88
C SER B 52 -5.07 -2.37 -8.91
N HIS B 53 -3.92 -1.85 -9.37
CA HIS B 53 -2.65 -2.61 -9.39
C HIS B 53 -1.81 -2.23 -8.16
N ILE B 54 -1.74 -3.14 -7.18
CA ILE B 54 -0.96 -2.94 -5.95
C ILE B 54 0.42 -3.57 -6.12
N TRP B 55 1.47 -2.75 -6.26
CA TRP B 55 2.86 -3.23 -6.37
C TRP B 55 3.45 -3.41 -4.97
N LEU B 56 3.55 -4.69 -4.54
CA LEU B 56 4.19 -5.06 -3.29
C LEU B 56 5.69 -5.29 -3.54
N LEU B 57 6.51 -4.40 -3.00
CA LEU B 57 7.97 -4.50 -2.98
C LEU B 57 8.35 -5.33 -1.76
N VAL B 58 8.52 -6.63 -1.97
CA VAL B 58 8.83 -7.58 -0.88
C VAL B 58 10.06 -8.41 -1.29
N ASN B 59 10.95 -8.74 -0.35
CA ASN B 59 12.18 -9.49 -0.70
C ASN B 59 11.86 -10.97 -1.02
N ASP B 60 12.45 -11.47 -2.12
CA ASP B 60 12.20 -12.81 -2.65
C ASP B 60 12.60 -13.90 -1.64
N ASP B 61 11.76 -14.94 -1.56
CA ASP B 61 11.81 -15.97 -0.53
C ASP B 61 11.41 -17.32 -1.14
N GLN B 62 11.73 -18.44 -0.46
CA GLN B 62 11.36 -19.79 -0.92
C GLN B 62 9.83 -19.96 -0.95
N ARG B 63 9.18 -19.43 0.09
CA ARG B 63 7.71 -19.49 0.28
C ARG B 63 7.00 -18.42 -0.55
N LEU B 64 7.73 -17.32 -0.88
CA LEU B 64 7.20 -16.12 -1.60
C LEU B 64 6.31 -16.53 -2.80
N GLU B 65 6.85 -17.40 -3.67
CA GLU B 65 6.17 -17.85 -4.90
C GLU B 65 4.91 -18.67 -4.61
N GLN B 66 4.93 -19.39 -3.48
CA GLN B 66 3.78 -20.20 -3.01
C GLN B 66 2.66 -19.28 -2.47
N MET B 67 3.07 -18.14 -1.86
CA MET B 67 2.16 -17.07 -1.40
C MET B 67 1.55 -16.34 -2.61
N ILE B 68 2.35 -16.17 -3.69
CA ILE B 68 1.89 -15.58 -4.97
C ILE B 68 0.80 -16.48 -5.60
N SER B 69 1.05 -17.80 -5.56
CA SER B 69 0.12 -18.82 -6.08
C SER B 69 -1.18 -18.87 -5.25
N GLN B 70 -1.03 -18.70 -3.92
CA GLN B 70 -2.14 -18.73 -2.96
C GLN B 70 -3.09 -17.55 -3.23
N ILE B 71 -2.50 -16.34 -3.31
CA ILE B 71 -3.26 -15.09 -3.45
C ILE B 71 -3.83 -14.95 -4.88
N ASP B 72 -3.14 -15.54 -5.86
CA ASP B 72 -3.57 -15.54 -7.28
C ASP B 72 -4.99 -16.11 -7.43
N LYS B 73 -5.26 -17.21 -6.72
CA LYS B 73 -6.53 -17.93 -6.81
C LYS B 73 -7.59 -17.39 -5.82
N LEU B 74 -7.43 -16.11 -5.39
CA LEU B 74 -8.45 -15.37 -4.60
C LEU B 74 -9.46 -14.66 -5.54
N GLU B 75 -10.67 -14.44 -5.04
CA GLU B 75 -11.81 -13.84 -5.80
C GLU B 75 -11.61 -12.33 -6.03
N ASP B 76 -11.00 -11.68 -5.03
CA ASP B 76 -10.66 -10.25 -5.05
C ASP B 76 -9.59 -9.95 -6.10
N VAL B 77 -8.53 -10.78 -6.10
CA VAL B 77 -7.48 -10.74 -7.12
C VAL B 77 -8.06 -11.17 -8.47
N VAL B 78 -8.19 -10.19 -9.37
CA VAL B 78 -8.59 -10.43 -10.76
C VAL B 78 -7.44 -11.10 -11.52
N LYS B 79 -6.23 -10.55 -11.34
CA LYS B 79 -4.99 -11.02 -11.98
C LYS B 79 -3.79 -10.77 -11.05
N VAL B 80 -2.75 -11.61 -11.17
CA VAL B 80 -1.44 -11.36 -10.53
C VAL B 80 -0.39 -11.17 -11.65
N GLN B 81 0.67 -10.39 -11.38
CA GLN B 81 1.79 -10.25 -12.32
C GLN B 81 3.10 -9.94 -11.55
N ARG B 82 4.12 -10.78 -11.80
CA ARG B 82 5.43 -10.67 -11.16
C ARG B 82 6.36 -9.85 -12.06
N ASN B 83 7.10 -8.89 -11.46
CA ASN B 83 8.04 -8.00 -12.17
C ASN B 83 9.37 -7.94 -11.38
N GLN B 84 10.47 -7.69 -12.10
CA GLN B 84 11.79 -7.47 -11.47
C GLN B 84 11.90 -5.98 -11.08
N SER B 85 12.60 -5.72 -9.97
CA SER B 85 12.74 -4.38 -9.43
C SER B 85 13.81 -3.58 -10.19
N ASP B 86 13.40 -2.39 -10.61
CA ASP B 86 14.22 -1.42 -11.34
C ASP B 86 13.81 -0.01 -10.86
N PRO B 87 14.77 0.95 -10.75
CA PRO B 87 14.50 2.32 -10.22
C PRO B 87 13.46 3.08 -11.06
N THR B 88 13.45 2.80 -12.37
CA THR B 88 12.57 3.44 -13.34
C THR B 88 11.15 2.89 -13.26
N MET B 89 11.01 1.59 -12.93
CA MET B 89 9.72 0.89 -12.84
C MET B 89 8.75 1.64 -11.91
N PHE B 90 9.25 1.99 -10.71
CA PHE B 90 8.47 2.68 -9.68
C PHE B 90 8.03 4.09 -10.16
N ASN B 91 8.95 4.84 -10.79
CA ASN B 91 8.70 6.25 -11.15
C ASN B 91 7.77 6.34 -12.37
N LYS B 92 7.88 5.36 -13.27
CA LYS B 92 7.09 5.31 -14.52
C LYS B 92 5.59 5.11 -14.21
N ILE B 93 5.28 4.11 -13.40
CA ILE B 93 3.88 3.79 -13.03
C ILE B 93 3.27 4.91 -12.14
N ALA B 94 4.14 5.60 -11.37
CA ALA B 94 3.75 6.71 -10.49
C ALA B 94 3.45 7.99 -11.30
N VAL B 95 4.25 8.27 -12.35
CA VAL B 95 4.08 9.50 -13.17
C VAL B 95 2.93 9.33 -14.19
N PHE B 96 2.72 8.08 -14.67
CA PHE B 96 1.59 7.78 -15.56
C PHE B 96 0.28 7.88 -14.76
N PHE B 97 0.23 7.15 -13.61
CA PHE B 97 -0.89 7.22 -12.62
C PHE B 97 -2.30 7.02 -13.29
N GLN B 98 -2.32 6.52 -14.54
CA GLN B 98 -3.53 6.55 -15.38
C GLN B 98 -3.49 5.40 -16.41
N GLY A 1 -14.26 7.88 -3.26
CA GLY A 1 -13.91 8.35 -4.63
C GLY A 1 -15.08 9.03 -5.31
N SER A 2 -14.82 10.18 -5.95
CA SER A 2 -15.84 10.99 -6.66
C SER A 2 -16.22 10.33 -8.00
N MET A 3 -17.27 10.89 -8.65
CA MET A 3 -17.69 10.48 -10.02
C MET A 3 -16.88 11.28 -11.08
N GLN A 4 -15.58 11.42 -10.80
CA GLN A 4 -14.63 12.23 -11.57
C GLN A 4 -13.21 11.71 -11.27
N ASN A 5 -12.22 12.07 -12.13
CA ASN A 5 -10.79 11.85 -11.85
C ASN A 5 -10.46 12.31 -10.42
N THR A 6 -9.91 11.38 -9.61
CA THR A 6 -9.77 11.47 -8.13
C THR A 6 -9.54 12.93 -7.64
N THR A 7 -10.61 13.54 -7.10
CA THR A 7 -10.65 14.95 -6.70
C THR A 7 -10.33 15.05 -5.18
N HIS A 8 -10.71 16.18 -4.53
CA HIS A 8 -10.51 16.38 -3.06
C HIS A 8 -11.53 15.56 -2.23
N ASP A 9 -12.28 14.64 -2.89
CA ASP A 9 -13.16 13.66 -2.24
C ASP A 9 -12.35 12.81 -1.24
N ASN A 10 -11.12 12.45 -1.64
CA ASN A 10 -10.21 11.69 -0.79
C ASN A 10 -9.37 12.64 0.09
N VAL A 11 -8.72 12.06 1.09
CA VAL A 11 -7.81 12.75 2.00
C VAL A 11 -6.49 11.99 2.01
N ILE A 12 -5.39 12.72 2.11
CA ILE A 12 -4.03 12.17 2.07
C ILE A 12 -3.55 11.92 3.51
N LEU A 13 -3.78 10.72 4.05
CA LEU A 13 -3.42 10.39 5.44
C LEU A 13 -1.97 9.91 5.51
N GLU A 14 -1.06 10.81 5.90
CA GLU A 14 0.36 10.51 6.01
C GLU A 14 0.61 9.95 7.41
N LEU A 15 0.63 8.62 7.53
CA LEU A 15 0.95 7.93 8.78
C LEU A 15 2.33 7.27 8.64
N THR A 16 3.27 7.77 9.44
CA THR A 16 4.65 7.28 9.49
C THR A 16 4.71 6.10 10.44
N VAL A 17 5.02 4.92 9.90
CA VAL A 17 5.15 3.67 10.65
C VAL A 17 6.58 3.16 10.55
N ARG A 18 7.01 2.37 11.51
CA ARG A 18 8.22 1.54 11.40
C ARG A 18 7.78 0.07 11.25
N ASN A 19 8.59 -0.72 10.53
CA ASN A 19 8.20 -2.06 10.05
C ASN A 19 8.16 -3.10 11.20
N HIS A 20 7.02 -3.09 11.91
CA HIS A 20 6.58 -4.16 12.84
C HIS A 20 5.97 -5.32 12.02
N PRO A 21 5.91 -6.59 12.58
CA PRO A 21 5.28 -7.72 11.87
C PRO A 21 3.78 -7.47 11.53
N GLY A 22 3.54 -7.11 10.25
CA GLY A 22 2.19 -6.95 9.72
C GLY A 22 1.56 -5.59 10.01
N VAL A 23 2.35 -4.49 9.95
CA VAL A 23 1.80 -3.11 10.08
C VAL A 23 0.77 -2.84 8.98
N MET A 24 1.14 -3.27 7.78
CA MET A 24 0.29 -3.17 6.59
C MET A 24 -1.09 -3.83 6.83
N THR A 25 -1.10 -4.96 7.57
CA THR A 25 -2.35 -5.65 7.94
C THR A 25 -3.15 -4.81 8.98
N HIS A 26 -2.41 -4.13 9.88
CA HIS A 26 -2.99 -3.28 10.94
C HIS A 26 -3.76 -2.08 10.32
N VAL A 27 -3.08 -1.33 9.42
CA VAL A 27 -3.65 -0.11 8.80
C VAL A 27 -4.87 -0.48 7.90
N CYS A 28 -4.73 -1.61 7.18
CA CYS A 28 -5.78 -2.13 6.32
C CYS A 28 -7.02 -2.59 7.14
N GLY A 29 -6.76 -3.07 8.36
CA GLY A 29 -7.82 -3.42 9.31
C GLY A 29 -8.63 -2.20 9.75
N LEU A 30 -7.92 -1.08 9.97
CA LEU A 30 -8.50 0.22 10.38
C LEU A 30 -9.57 0.72 9.39
N PHE A 31 -9.19 0.79 8.11
CA PHE A 31 -10.08 1.35 7.06
C PHE A 31 -11.16 0.36 6.62
N ALA A 32 -10.87 -0.95 6.72
CA ALA A 32 -11.85 -2.01 6.44
C ALA A 32 -12.99 -2.04 7.49
N ARG A 33 -12.64 -1.79 8.77
CA ARG A 33 -13.62 -1.82 9.89
C ARG A 33 -14.35 -0.47 10.04
N ARG A 34 -13.93 0.55 9.26
CA ARG A 34 -14.53 1.89 9.30
C ARG A 34 -15.96 1.82 8.75
N ALA A 35 -16.07 1.60 7.43
CA ALA A 35 -17.35 1.53 6.68
C ALA A 35 -17.07 1.30 5.21
N PHE A 36 -16.23 2.18 4.64
CA PHE A 36 -15.82 2.14 3.23
C PHE A 36 -14.30 1.84 3.18
N ASN A 37 -13.85 1.33 2.02
CA ASN A 37 -12.45 0.91 1.82
C ASN A 37 -11.53 2.09 1.45
N VAL A 38 -10.30 1.74 1.03
CA VAL A 38 -9.28 2.70 0.56
C VAL A 38 -9.41 2.93 -0.96
N GLU A 39 -9.06 4.15 -1.41
CA GLU A 39 -8.90 4.47 -2.84
C GLU A 39 -7.54 3.93 -3.33
N GLY A 40 -6.45 4.46 -2.72
CA GLY A 40 -5.08 4.09 -3.09
C GLY A 40 -4.12 4.14 -1.91
N ILE A 41 -3.12 3.25 -1.91
CA ILE A 41 -2.13 3.13 -0.82
C ILE A 41 -0.74 3.48 -1.36
N LEU A 42 0.02 4.31 -0.63
CA LEU A 42 1.41 4.64 -0.98
C LEU A 42 2.31 4.44 0.24
N CYS A 43 2.79 3.20 0.40
CA CYS A 43 3.72 2.81 1.46
C CYS A 43 5.15 2.98 0.93
N LEU A 44 5.71 4.16 1.20
CA LEU A 44 7.04 4.58 0.71
C LEU A 44 8.12 4.16 1.73
N PRO A 45 8.95 3.13 1.43
CA PRO A 45 10.00 2.65 2.36
C PRO A 45 11.14 3.67 2.50
N ILE A 46 11.54 3.92 3.75
CA ILE A 46 12.61 4.87 4.09
C ILE A 46 13.92 4.10 4.29
N GLN A 47 14.91 4.39 3.45
CA GLN A 47 16.26 3.79 3.54
C GLN A 47 17.09 4.45 4.66
N ASP A 48 16.72 5.69 5.00
CA ASP A 48 17.41 6.52 6.01
C ASP A 48 17.32 5.89 7.42
N SER A 49 16.13 5.37 7.74
CA SER A 49 15.84 4.73 9.04
C SER A 49 14.81 3.61 8.82
N ASP A 50 14.71 2.65 9.76
CA ASP A 50 13.75 1.53 9.67
C ASP A 50 12.30 2.05 9.81
N LYS A 51 11.78 2.63 8.71
CA LYS A 51 10.50 3.35 8.66
C LYS A 51 9.88 3.23 7.25
N SER A 52 8.63 3.67 7.17
CA SER A 52 7.87 3.76 5.93
C SER A 52 6.73 4.77 6.14
N HIS A 53 6.62 5.79 5.27
CA HIS A 53 5.52 6.76 5.34
C HIS A 53 4.41 6.32 4.38
N ILE A 54 3.21 6.05 4.91
CA ILE A 54 2.06 5.64 4.10
C ILE A 54 1.16 6.85 3.88
N TRP A 55 1.09 7.33 2.62
CA TRP A 55 0.06 8.30 2.21
C TRP A 55 -1.15 7.49 1.75
N LEU A 56 -2.12 7.40 2.65
CA LEU A 56 -3.33 6.59 2.49
C LEU A 56 -4.45 7.48 1.94
N LEU A 57 -4.85 7.21 0.69
CA LEU A 57 -5.92 7.96 -0.01
C LEU A 57 -7.25 7.30 0.31
N VAL A 58 -8.08 7.99 1.09
CA VAL A 58 -9.40 7.49 1.53
C VAL A 58 -10.34 8.70 1.69
N ASN A 59 -11.65 8.53 1.48
CA ASN A 59 -12.61 9.65 1.63
C ASN A 59 -12.76 10.04 3.12
N ASP A 60 -13.00 11.33 3.39
CA ASP A 60 -13.26 11.83 4.76
C ASP A 60 -14.61 11.26 5.25
N ASP A 61 -14.68 10.95 6.55
CA ASP A 61 -15.79 10.17 7.13
C ASP A 61 -16.12 10.68 8.53
N GLN A 62 -17.28 10.29 9.06
CA GLN A 62 -17.70 10.60 10.45
C GLN A 62 -16.87 9.79 11.46
N ARG A 63 -16.42 8.61 11.03
CA ARG A 63 -15.52 7.72 11.79
C ARG A 63 -14.05 8.13 11.62
N LEU A 64 -13.71 8.75 10.46
CA LEU A 64 -12.32 8.92 9.93
C LEU A 64 -11.32 9.37 11.01
N GLU A 65 -11.63 10.49 11.68
CA GLU A 65 -10.75 11.09 12.71
C GLU A 65 -10.64 10.21 13.98
N GLN A 66 -11.70 9.44 14.28
CA GLN A 66 -11.67 8.45 15.38
C GLN A 66 -10.78 7.26 15.01
N MET A 67 -10.76 6.91 13.70
CA MET A 67 -9.91 5.82 13.18
C MET A 67 -8.43 6.26 13.19
N ILE A 68 -8.20 7.57 12.93
CA ILE A 68 -6.88 8.21 13.05
C ILE A 68 -6.38 8.14 14.51
N SER A 69 -7.30 8.39 15.45
CA SER A 69 -7.01 8.34 16.89
C SER A 69 -6.69 6.90 17.35
N GLN A 70 -7.40 5.92 16.76
CA GLN A 70 -7.26 4.51 17.12
C GLN A 70 -5.94 3.95 16.60
N ILE A 71 -5.56 4.31 15.35
CA ILE A 71 -4.31 3.82 14.72
C ILE A 71 -3.08 4.54 15.32
N ASP A 72 -3.29 5.80 15.76
CA ASP A 72 -2.24 6.67 16.35
C ASP A 72 -1.60 6.00 17.59
N LYS A 73 -2.42 5.35 18.42
CA LYS A 73 -1.98 4.75 19.70
C LYS A 73 -1.33 3.34 19.51
N LEU A 74 -1.07 2.94 18.24
CA LEU A 74 -0.28 1.73 17.93
C LEU A 74 1.23 2.07 17.98
N GLU A 75 2.04 1.09 18.42
CA GLU A 75 3.53 1.19 18.46
C GLU A 75 4.11 1.07 17.04
N ASP A 76 3.29 0.58 16.10
CA ASP A 76 3.59 0.52 14.67
C ASP A 76 3.81 1.94 14.14
N VAL A 77 2.81 2.79 14.41
CA VAL A 77 2.79 4.18 13.98
C VAL A 77 3.72 5.01 14.89
N VAL A 78 4.75 5.59 14.28
CA VAL A 78 5.67 6.52 14.95
C VAL A 78 4.96 7.90 15.09
N LYS A 79 4.47 8.41 13.94
CA LYS A 79 3.69 9.66 13.86
C LYS A 79 2.52 9.50 12.88
N VAL A 80 1.41 10.22 13.13
CA VAL A 80 0.26 10.27 12.20
C VAL A 80 0.01 11.75 11.81
N GLN A 81 -0.39 11.99 10.56
CA GLN A 81 -0.69 13.33 10.04
C GLN A 81 -1.81 13.24 9.02
N ARG A 82 -2.96 13.83 9.33
CA ARG A 82 -4.09 13.86 8.41
C ARG A 82 -3.95 15.09 7.50
N ASN A 83 -4.00 14.87 6.19
CA ASN A 83 -3.94 15.95 5.18
C ASN A 83 -5.14 15.77 4.25
N GLN A 84 -5.63 16.86 3.68
CA GLN A 84 -6.71 16.82 2.69
C GLN A 84 -6.36 17.77 1.54
N SER A 85 -5.85 17.18 0.46
CA SER A 85 -5.31 17.91 -0.70
C SER A 85 -5.48 17.04 -1.96
N ASP A 86 -4.98 17.56 -3.08
CA ASP A 86 -5.03 16.88 -4.40
C ASP A 86 -4.15 15.61 -4.38
N PRO A 87 -4.51 14.54 -5.18
CA PRO A 87 -3.70 13.30 -5.29
C PRO A 87 -2.41 13.51 -6.13
N THR A 88 -2.14 14.76 -6.51
CA THR A 88 -0.88 15.17 -7.12
C THR A 88 0.27 15.10 -6.11
N MET A 89 -0.07 15.12 -4.80
CA MET A 89 0.85 14.87 -3.69
C MET A 89 1.51 13.48 -3.84
N PHE A 90 0.68 12.48 -4.24
CA PHE A 90 1.10 11.08 -4.49
C PHE A 90 2.26 11.05 -5.52
N ASN A 91 2.06 11.78 -6.64
CA ASN A 91 3.06 11.90 -7.72
C ASN A 91 4.29 12.70 -7.26
N LYS A 92 4.03 13.75 -6.46
CA LYS A 92 5.03 14.76 -6.02
C LYS A 92 6.18 14.09 -5.24
N ILE A 93 5.80 13.23 -4.29
CA ILE A 93 6.74 12.51 -3.41
C ILE A 93 7.32 11.28 -4.12
N ALA A 94 6.55 10.68 -5.05
CA ALA A 94 7.01 9.51 -5.82
C ALA A 94 8.16 9.86 -6.77
N VAL A 95 8.12 11.09 -7.32
CA VAL A 95 9.15 11.59 -8.25
C VAL A 95 10.34 12.22 -7.48
N PHE A 96 10.13 12.53 -6.18
CA PHE A 96 11.17 13.15 -5.33
C PHE A 96 12.02 12.06 -4.65
N PHE A 97 11.34 11.04 -4.08
CA PHE A 97 11.99 9.93 -3.35
C PHE A 97 12.29 8.77 -4.31
N GLN A 98 13.26 9.00 -5.20
CA GLN A 98 13.78 7.99 -6.12
C GLN A 98 15.30 7.78 -5.84
N GLY B 1 18.66 -10.93 0.84
CA GLY B 1 19.19 -10.10 1.94
C GLY B 1 20.61 -9.61 1.67
N SER B 2 20.73 -8.46 0.99
CA SER B 2 22.02 -7.80 0.72
C SER B 2 22.10 -6.48 1.48
N MET B 3 23.30 -6.15 2.02
CA MET B 3 23.54 -4.90 2.76
C MET B 3 23.69 -3.73 1.78
N GLN B 4 22.55 -3.28 1.27
CA GLN B 4 22.42 -2.22 0.27
C GLN B 4 20.93 -1.83 0.17
N ASN B 5 20.64 -0.68 -0.49
CA ASN B 5 19.27 -0.33 -0.93
C ASN B 5 18.67 -1.52 -1.71
N THR B 6 17.38 -1.80 -1.48
CA THR B 6 16.63 -2.81 -2.23
C THR B 6 16.48 -2.36 -3.70
N THR B 7 17.51 -2.66 -4.49
CA THR B 7 17.59 -2.33 -5.92
C THR B 7 17.47 -3.63 -6.75
N HIS B 8 18.09 -4.68 -6.23
CA HIS B 8 18.01 -6.05 -6.78
C HIS B 8 17.54 -7.03 -5.70
N ASP B 9 17.34 -6.49 -4.47
CA ASP B 9 17.10 -7.31 -3.26
C ASP B 9 15.59 -7.53 -3.04
N ASN B 10 14.77 -6.73 -3.72
CA ASN B 10 13.30 -6.90 -3.72
C ASN B 10 12.84 -7.35 -5.12
N VAL B 11 11.57 -7.75 -5.20
CA VAL B 11 10.89 -8.13 -6.44
C VAL B 11 9.62 -7.28 -6.55
N ILE B 12 9.27 -6.91 -7.79
CA ILE B 12 8.13 -6.04 -8.08
C ILE B 12 6.90 -6.92 -8.43
N LEU B 13 6.09 -7.27 -7.42
CA LEU B 13 4.94 -8.17 -7.63
C LEU B 13 3.71 -7.35 -8.05
N GLU B 14 3.43 -7.35 -9.36
CA GLU B 14 2.30 -6.62 -9.92
C GLU B 14 1.07 -7.53 -9.87
N LEU B 15 0.26 -7.37 -8.82
CA LEU B 15 -1.00 -8.09 -8.68
C LEU B 15 -2.17 -7.12 -8.88
N THR B 16 -2.92 -7.35 -9.96
CA THR B 16 -4.08 -6.56 -10.35
C THR B 16 -5.30 -7.08 -9.60
N VAL B 17 -5.84 -6.26 -8.71
CA VAL B 17 -7.03 -6.57 -7.90
C VAL B 17 -8.17 -5.61 -8.28
N ARG B 18 -9.40 -6.04 -8.05
CA ARG B 18 -10.56 -5.15 -8.03
C ARG B 18 -11.02 -4.99 -6.58
N ASN B 19 -11.60 -3.82 -6.24
CA ASN B 19 -11.83 -3.39 -4.85
C ASN B 19 -13.00 -4.16 -4.20
N HIS B 20 -12.67 -5.36 -3.71
CA HIS B 20 -13.49 -6.16 -2.76
C HIS B 20 -13.32 -5.59 -1.33
N PRO B 21 -14.27 -5.86 -0.38
CA PRO B 21 -14.13 -5.43 1.02
C PRO B 21 -12.86 -6.01 1.71
N GLY B 22 -11.81 -5.17 1.79
CA GLY B 22 -10.59 -5.49 2.52
C GLY B 22 -9.59 -6.31 1.71
N VAL B 23 -9.44 -6.03 0.40
CA VAL B 23 -8.40 -6.69 -0.45
C VAL B 23 -7.01 -6.39 0.11
N MET B 24 -6.83 -5.13 0.49
CA MET B 24 -5.60 -4.64 1.10
C MET B 24 -5.23 -5.46 2.35
N THR B 25 -6.24 -5.88 3.14
CA THR B 25 -6.04 -6.74 4.32
C THR B 25 -5.64 -8.17 3.90
N HIS B 26 -6.21 -8.64 2.76
CA HIS B 26 -5.92 -9.98 2.20
C HIS B 26 -4.44 -10.09 1.76
N VAL B 27 -3.99 -9.12 0.95
CA VAL B 27 -2.61 -9.13 0.39
C VAL B 27 -1.57 -8.97 1.52
N CYS B 28 -1.89 -8.12 2.50
CA CYS B 28 -1.04 -7.89 3.67
C CYS B 28 -0.95 -9.13 4.56
N GLY B 29 -2.03 -9.92 4.59
CA GLY B 29 -2.06 -11.21 5.30
C GLY B 29 -1.11 -12.23 4.66
N LEU B 30 -1.05 -12.22 3.32
CA LEU B 30 -0.18 -13.12 2.51
C LEU B 30 1.31 -13.00 2.88
N PHE B 31 1.81 -11.76 2.89
CA PHE B 31 3.24 -11.48 3.11
C PHE B 31 3.61 -11.53 4.60
N ALA B 32 2.64 -11.21 5.48
CA ALA B 32 2.80 -11.32 6.94
C ALA B 32 2.94 -12.79 7.40
N ARG B 33 2.17 -13.69 6.76
CA ARG B 33 2.16 -15.14 7.11
C ARG B 33 3.30 -15.91 6.41
N ARG B 34 4.04 -15.22 5.50
CA ARG B 34 5.14 -15.82 4.73
C ARG B 34 6.30 -16.15 5.68
N ALA B 35 6.96 -15.08 6.16
CA ALA B 35 8.12 -15.15 7.07
C ALA B 35 8.62 -13.73 7.38
N PHE B 36 8.89 -12.97 6.30
CA PHE B 36 9.35 -11.57 6.37
C PHE B 36 8.27 -10.65 5.78
N ASN B 37 8.31 -9.37 6.15
CA ASN B 37 7.30 -8.36 5.75
C ASN B 37 7.58 -7.79 4.35
N VAL B 38 6.82 -6.73 4.02
CA VAL B 38 6.95 -5.96 2.76
C VAL B 38 7.99 -4.82 2.95
N GLU B 39 8.70 -4.49 1.86
CA GLU B 39 9.55 -3.28 1.80
C GLU B 39 8.64 -2.05 1.57
N GLY B 40 7.95 -2.04 0.40
CA GLY B 40 7.08 -0.93 0.01
C GLY B 40 5.85 -1.38 -0.78
N ILE B 41 4.73 -0.67 -0.62
CA ILE B 41 3.45 -1.01 -1.29
C ILE B 41 3.08 0.14 -2.23
N LEU B 42 2.62 -0.21 -3.44
CA LEU B 42 2.14 0.77 -4.42
C LEU B 42 0.80 0.31 -4.98
N CYS B 43 -0.29 0.66 -4.28
CA CYS B 43 -1.66 0.36 -4.68
C CYS B 43 -2.18 1.53 -5.52
N LEU B 44 -2.03 1.41 -6.84
CA LEU B 44 -2.36 2.45 -7.82
C LEU B 44 -3.83 2.26 -8.28
N PRO B 45 -4.78 3.16 -7.84
CA PRO B 45 -6.20 3.03 -8.21
C PRO B 45 -6.45 3.37 -9.69
N ILE B 46 -7.23 2.51 -10.35
CA ILE B 46 -7.55 2.64 -11.78
C ILE B 46 -8.92 3.33 -11.93
N GLN B 47 -8.92 4.50 -12.58
CA GLN B 47 -10.15 5.27 -12.87
C GLN B 47 -10.91 4.67 -14.07
N ASP B 48 -10.16 3.96 -14.93
CA ASP B 48 -10.69 3.36 -16.17
C ASP B 48 -11.74 2.26 -15.87
N SER B 49 -11.45 1.46 -14.84
CA SER B 49 -12.32 0.36 -14.39
C SER B 49 -12.17 0.18 -12.88
N ASP B 50 -13.16 -0.46 -12.21
CA ASP B 50 -13.12 -0.72 -10.75
C ASP B 50 -11.98 -1.72 -10.41
N LYS B 51 -10.75 -1.19 -10.39
CA LYS B 51 -9.50 -1.99 -10.26
C LYS B 51 -8.43 -1.16 -9.54
N SER B 52 -7.34 -1.83 -9.19
CA SER B 52 -6.15 -1.24 -8.61
C SER B 52 -4.98 -2.22 -8.83
N HIS B 53 -3.88 -1.75 -9.44
CA HIS B 53 -2.68 -2.57 -9.64
C HIS B 53 -1.71 -2.30 -8.48
N ILE B 54 -1.39 -3.34 -7.70
CA ILE B 54 -0.45 -3.22 -6.56
C ILE B 54 0.91 -3.75 -7.01
N TRP B 55 1.91 -2.85 -7.12
CA TRP B 55 3.31 -3.25 -7.26
C TRP B 55 3.90 -3.39 -5.85
N LEU B 56 3.95 -4.63 -5.40
CA LEU B 56 4.34 -5.00 -4.04
C LEU B 56 5.85 -5.31 -4.03
N LEU B 57 6.62 -4.46 -3.36
CA LEU B 57 8.08 -4.61 -3.23
C LEU B 57 8.38 -5.48 -2.02
N VAL B 58 8.89 -6.68 -2.26
CA VAL B 58 9.20 -7.66 -1.21
C VAL B 58 10.37 -8.53 -1.70
N ASN B 59 11.23 -9.02 -0.80
CA ASN B 59 12.37 -9.88 -1.20
C ASN B 59 11.87 -11.26 -1.71
N ASP B 60 12.59 -11.83 -2.69
CA ASP B 60 12.29 -13.19 -3.19
C ASP B 60 12.57 -14.22 -2.09
N ASP B 61 11.74 -15.27 -2.04
CA ASP B 61 11.72 -16.21 -0.91
C ASP B 61 11.46 -17.64 -1.41
N GLN B 62 11.67 -18.64 -0.54
CA GLN B 62 11.35 -20.05 -0.81
C GLN B 62 9.83 -20.27 -0.79
N ARG B 63 9.12 -19.46 0.01
CA ARG B 63 7.64 -19.43 0.08
C ARG B 63 7.02 -18.56 -1.04
N LEU B 64 7.80 -17.55 -1.51
CA LEU B 64 7.30 -16.39 -2.30
C LEU B 64 6.34 -16.82 -3.43
N GLU B 65 6.80 -17.74 -4.29
CA GLU B 65 6.04 -18.21 -5.47
C GLU B 65 4.78 -19.03 -5.06
N GLN B 66 4.85 -19.71 -3.91
CA GLN B 66 3.69 -20.41 -3.33
C GLN B 66 2.65 -19.40 -2.80
N MET B 67 3.16 -18.27 -2.26
CA MET B 67 2.29 -17.18 -1.76
C MET B 67 1.60 -16.47 -2.94
N ILE B 68 2.33 -16.39 -4.08
CA ILE B 68 1.79 -15.88 -5.36
C ILE B 68 0.65 -16.81 -5.85
N SER B 69 0.85 -18.13 -5.69
CA SER B 69 -0.13 -19.15 -6.09
C SER B 69 -1.39 -19.09 -5.21
N GLN B 70 -1.18 -18.80 -3.91
CA GLN B 70 -2.25 -18.77 -2.91
C GLN B 70 -3.11 -17.51 -3.09
N ILE B 71 -2.47 -16.36 -3.36
CA ILE B 71 -3.18 -15.07 -3.53
C ILE B 71 -3.90 -15.02 -4.91
N ASP B 72 -3.31 -15.72 -5.90
CA ASP B 72 -3.83 -15.78 -7.29
C ASP B 72 -5.25 -16.34 -7.36
N LYS B 73 -5.52 -17.35 -6.51
CA LYS B 73 -6.83 -18.04 -6.50
C LYS B 73 -7.90 -17.29 -5.68
N LEU B 74 -7.62 -16.04 -5.28
CA LEU B 74 -8.64 -15.13 -4.69
C LEU B 74 -9.41 -14.42 -5.80
N GLU B 75 -10.72 -14.17 -5.55
CA GLU B 75 -11.60 -13.41 -6.45
C GLU B 75 -11.26 -11.91 -6.42
N ASP B 76 -10.52 -11.51 -5.38
CA ASP B 76 -9.97 -10.15 -5.24
C ASP B 76 -9.03 -9.85 -6.42
N VAL B 77 -8.07 -10.78 -6.60
CA VAL B 77 -7.05 -10.69 -7.64
C VAL B 77 -7.64 -11.11 -8.99
N VAL B 78 -7.68 -10.14 -9.92
CA VAL B 78 -8.10 -10.37 -11.31
C VAL B 78 -6.98 -11.11 -12.07
N LYS B 79 -5.76 -10.56 -11.97
CA LYS B 79 -4.52 -11.14 -12.55
C LYS B 79 -3.35 -10.91 -11.58
N VAL B 80 -2.37 -11.84 -11.58
CA VAL B 80 -1.11 -11.69 -10.83
C VAL B 80 0.07 -11.77 -11.83
N GLN B 81 1.16 -11.02 -11.55
CA GLN B 81 2.36 -11.00 -12.39
C GLN B 81 3.57 -10.76 -11.50
N ARG B 82 4.46 -11.73 -11.38
CA ARG B 82 5.69 -11.58 -10.61
C ARG B 82 6.77 -10.99 -11.51
N ASN B 83 7.41 -9.92 -11.04
CA ASN B 83 8.52 -9.25 -11.76
C ASN B 83 9.68 -9.10 -10.78
N GLN B 84 10.92 -9.10 -11.28
CA GLN B 84 12.12 -8.86 -10.47
C GLN B 84 13.02 -7.88 -11.22
N SER B 85 12.94 -6.61 -10.83
CA SER B 85 13.61 -5.49 -11.50
C SER B 85 13.89 -4.38 -10.47
N ASP B 86 14.49 -3.29 -10.96
CA ASP B 86 14.85 -2.12 -10.14
C ASP B 86 13.58 -1.42 -9.60
N PRO B 87 13.65 -0.75 -8.39
CA PRO B 87 12.51 0.00 -7.80
C PRO B 87 12.26 1.34 -8.53
N THR B 88 13.00 1.57 -9.61
CA THR B 88 12.77 2.67 -10.54
C THR B 88 11.45 2.48 -11.31
N MET B 89 10.99 1.21 -11.38
CA MET B 89 9.66 0.85 -11.90
C MET B 89 8.55 1.58 -11.10
N PHE B 90 8.74 1.62 -9.77
CA PHE B 90 7.83 2.31 -8.81
C PHE B 90 7.63 3.79 -9.22
N ASN B 91 8.76 4.46 -9.51
CA ASN B 91 8.80 5.88 -9.97
C ASN B 91 8.19 6.01 -11.38
N LYS B 92 8.52 5.03 -12.25
CA LYS B 92 8.21 5.03 -13.69
C LYS B 92 6.68 5.15 -13.94
N ILE B 93 5.94 4.31 -13.21
CA ILE B 93 4.48 4.23 -13.32
C ILE B 93 3.79 5.36 -12.53
N ALA B 94 4.44 5.80 -11.45
CA ALA B 94 3.92 6.88 -10.60
C ALA B 94 3.91 8.23 -11.34
N VAL B 95 4.91 8.44 -12.20
CA VAL B 95 5.04 9.66 -13.01
C VAL B 95 4.21 9.56 -14.33
N PHE B 96 3.82 8.32 -14.70
CA PHE B 96 3.08 8.08 -15.96
C PHE B 96 1.55 8.13 -15.74
N PHE B 97 1.08 7.36 -14.74
CA PHE B 97 -0.36 7.21 -14.44
C PHE B 97 -0.84 8.37 -13.55
N GLN B 98 -0.91 9.55 -14.17
CA GLN B 98 -1.46 10.76 -13.54
C GLN B 98 -2.46 11.44 -14.52
N GLY A 1 -7.68 6.04 -9.28
CA GLY A 1 -8.07 6.96 -10.36
C GLY A 1 -9.07 8.02 -9.92
N SER A 2 -10.06 7.60 -9.12
CA SER A 2 -11.24 8.40 -8.77
C SER A 2 -10.87 9.75 -8.11
N MET A 3 -10.05 9.68 -7.05
CA MET A 3 -9.67 10.88 -6.26
C MET A 3 -8.28 11.40 -6.64
N GLN A 4 -7.57 10.69 -7.56
CA GLN A 4 -6.23 11.10 -8.05
C GLN A 4 -6.25 12.47 -8.75
N ASN A 5 -7.46 12.85 -9.23
CA ASN A 5 -7.72 14.13 -9.90
C ASN A 5 -7.56 15.30 -8.91
N THR A 6 -7.60 16.55 -9.44
CA THR A 6 -7.57 17.77 -8.62
C THR A 6 -8.89 17.90 -7.85
N THR A 7 -8.95 17.18 -6.71
CA THR A 7 -10.15 17.06 -5.87
C THR A 7 -9.72 17.00 -4.41
N HIS A 8 -10.62 17.45 -3.52
CA HIS A 8 -10.46 17.37 -2.06
C HIS A 8 -11.63 16.57 -1.47
N ASP A 9 -12.12 15.61 -2.26
CA ASP A 9 -13.08 14.59 -1.81
C ASP A 9 -12.40 13.65 -0.79
N ASN A 10 -11.07 13.61 -0.88
CA ASN A 10 -10.20 12.69 -0.12
C ASN A 10 -9.39 13.40 0.97
N VAL A 11 -8.80 12.57 1.83
CA VAL A 11 -7.80 12.94 2.81
C VAL A 11 -6.52 12.12 2.54
N ILE A 12 -5.39 12.82 2.70
CA ILE A 12 -4.04 12.32 2.51
C ILE A 12 -3.52 11.85 3.88
N LEU A 13 -3.76 10.56 4.18
CA LEU A 13 -3.40 9.99 5.48
C LEU A 13 -2.06 9.28 5.39
N GLU A 14 -0.99 10.01 5.73
CA GLU A 14 0.38 9.49 5.72
C GLU A 14 0.71 8.93 7.12
N LEU A 15 0.59 7.60 7.26
CA LEU A 15 0.84 6.86 8.50
C LEU A 15 2.32 6.53 8.60
N THR A 16 3.03 7.21 9.49
CA THR A 16 4.45 6.96 9.75
C THR A 16 4.54 5.80 10.75
N VAL A 17 4.74 4.60 10.22
CA VAL A 17 4.89 3.38 10.99
C VAL A 17 6.34 2.86 10.89
N ARG A 18 6.84 2.35 12.01
CA ARG A 18 8.07 1.54 12.04
C ARG A 18 7.71 0.14 11.51
N ASN A 19 8.50 -0.38 10.53
CA ASN A 19 8.12 -1.60 9.76
C ASN A 19 8.28 -2.89 10.62
N HIS A 20 7.26 -3.10 11.45
CA HIS A 20 7.06 -4.28 12.29
C HIS A 20 6.18 -5.27 11.50
N PRO A 21 6.35 -6.63 11.68
CA PRO A 21 5.51 -7.65 11.01
C PRO A 21 3.98 -7.39 11.13
N GLY A 22 3.41 -6.86 10.03
CA GLY A 22 1.97 -6.68 9.91
C GLY A 22 1.47 -5.24 10.09
N VAL A 23 2.37 -4.25 10.04
CA VAL A 23 1.96 -2.82 10.16
C VAL A 23 1.12 -2.37 8.96
N MET A 24 1.46 -2.88 7.78
CA MET A 24 0.70 -2.67 6.54
C MET A 24 -0.67 -3.38 6.63
N THR A 25 -0.73 -4.50 7.37
CA THR A 25 -1.98 -5.24 7.62
C THR A 25 -2.88 -4.48 8.61
N HIS A 26 -2.23 -3.71 9.54
CA HIS A 26 -2.94 -2.89 10.55
C HIS A 26 -3.64 -1.70 9.89
N VAL A 27 -2.91 -0.98 8.99
CA VAL A 27 -3.46 0.22 8.30
C VAL A 27 -4.63 -0.18 7.36
N CYS A 28 -4.42 -1.27 6.61
CA CYS A 28 -5.42 -1.82 5.69
C CYS A 28 -6.63 -2.39 6.45
N GLY A 29 -6.37 -2.95 7.66
CA GLY A 29 -7.38 -3.59 8.48
C GLY A 29 -8.38 -2.61 9.08
N LEU A 30 -7.87 -1.47 9.60
CA LEU A 30 -8.70 -0.41 10.19
C LEU A 30 -9.60 0.22 9.13
N PHE A 31 -9.05 0.48 7.94
CA PHE A 31 -9.79 1.13 6.84
C PHE A 31 -10.82 0.17 6.20
N ALA A 32 -10.54 -1.14 6.26
CA ALA A 32 -11.46 -2.19 5.76
C ALA A 32 -12.73 -2.32 6.63
N ARG A 33 -12.57 -2.13 7.95
CA ARG A 33 -13.67 -2.34 8.93
C ARG A 33 -14.61 -1.13 9.02
N ARG A 34 -14.26 -0.04 8.33
CA ARG A 34 -15.09 1.16 8.27
C ARG A 34 -16.37 0.86 7.48
N ALA A 35 -16.24 0.85 6.13
CA ALA A 35 -17.35 0.70 5.18
C ALA A 35 -16.81 0.88 3.75
N PHE A 36 -16.08 2.00 3.58
CA PHE A 36 -15.54 2.42 2.27
C PHE A 36 -14.05 2.05 2.22
N ASN A 37 -13.62 1.53 1.05
CA ASN A 37 -12.25 1.03 0.84
C ASN A 37 -11.29 2.19 0.51
N VAL A 38 -9.99 1.90 0.55
CA VAL A 38 -8.96 2.86 0.15
C VAL A 38 -8.87 2.88 -1.38
N GLU A 39 -8.87 4.09 -1.95
CA GLU A 39 -8.78 4.30 -3.40
C GLU A 39 -7.36 3.98 -3.85
N GLY A 40 -6.37 4.64 -3.22
CA GLY A 40 -4.95 4.49 -3.60
C GLY A 40 -4.05 4.37 -2.39
N ILE A 41 -2.92 3.65 -2.53
CA ILE A 41 -1.94 3.44 -1.42
C ILE A 41 -0.53 3.73 -1.93
N LEU A 42 0.33 4.32 -1.07
CA LEU A 42 1.75 4.52 -1.38
C LEU A 42 2.59 4.50 -0.09
N CYS A 43 3.20 3.36 0.19
CA CYS A 43 4.13 3.19 1.31
C CYS A 43 5.52 3.59 0.82
N LEU A 44 5.93 4.82 1.19
CA LEU A 44 7.27 5.34 0.90
C LEU A 44 8.17 5.04 2.13
N PRO A 45 9.04 4.00 2.04
CA PRO A 45 9.93 3.61 3.15
C PRO A 45 11.19 4.48 3.21
N ILE A 46 11.53 4.93 4.42
CA ILE A 46 12.74 5.72 4.69
C ILE A 46 13.87 4.73 5.03
N GLN A 47 14.99 4.81 4.30
CA GLN A 47 16.17 3.95 4.55
C GLN A 47 17.07 4.56 5.64
N ASP A 48 16.86 5.85 5.96
CA ASP A 48 17.65 6.59 6.94
C ASP A 48 17.40 6.06 8.37
N SER A 49 16.14 5.70 8.65
CA SER A 49 15.72 5.10 9.94
C SER A 49 14.61 4.06 9.70
N ASP A 50 14.33 3.21 10.72
CA ASP A 50 13.26 2.18 10.64
C ASP A 50 11.89 2.85 10.78
N LYS A 51 11.41 3.42 9.67
CA LYS A 51 10.15 4.17 9.58
C LYS A 51 9.71 4.24 8.12
N SER A 52 8.40 4.36 7.90
CA SER A 52 7.80 4.33 6.57
C SER A 52 6.44 5.00 6.64
N HIS A 53 6.17 5.98 5.76
CA HIS A 53 4.87 6.69 5.74
C HIS A 53 4.02 6.21 4.55
N ILE A 54 2.86 5.64 4.88
CA ILE A 54 1.92 5.06 3.91
C ILE A 54 0.81 6.10 3.64
N TRP A 55 0.70 6.57 2.39
CA TRP A 55 -0.38 7.48 1.98
C TRP A 55 -1.60 6.64 1.63
N LEU A 56 -2.60 6.70 2.50
CA LEU A 56 -3.90 6.10 2.28
C LEU A 56 -4.84 7.21 1.75
N LEU A 57 -5.11 7.12 0.45
CA LEU A 57 -5.98 8.04 -0.26
C LEU A 57 -7.40 7.52 -0.13
N VAL A 58 -8.14 8.13 0.81
CA VAL A 58 -9.51 7.70 1.17
C VAL A 58 -10.34 8.93 1.50
N ASN A 59 -11.67 8.91 1.29
CA ASN A 59 -12.53 10.04 1.70
C ASN A 59 -12.73 10.03 3.24
N ASP A 60 -12.90 11.22 3.83
CA ASP A 60 -13.10 11.40 5.28
C ASP A 60 -14.51 10.95 5.72
N ASP A 61 -14.62 10.55 6.99
CA ASP A 61 -15.86 10.04 7.61
C ASP A 61 -15.92 10.56 9.07
N GLN A 62 -17.07 10.39 9.73
CA GLN A 62 -17.21 10.73 11.16
C GLN A 62 -16.48 9.72 12.05
N ARG A 63 -16.48 8.45 11.60
CA ARG A 63 -15.80 7.34 12.28
C ARG A 63 -14.30 7.33 11.93
N LEU A 64 -13.95 7.92 10.76
CA LEU A 64 -12.56 8.01 10.23
C LEU A 64 -11.54 8.40 11.33
N GLU A 65 -11.90 9.42 12.14
CA GLU A 65 -11.03 9.99 13.19
C GLU A 65 -10.88 9.03 14.39
N GLN A 66 -11.97 8.32 14.72
CA GLN A 66 -12.00 7.27 15.76
C GLN A 66 -11.07 6.11 15.37
N MET A 67 -11.18 5.73 14.09
CA MET A 67 -10.41 4.65 13.45
C MET A 67 -8.90 5.00 13.42
N ILE A 68 -8.62 6.29 13.13
CA ILE A 68 -7.27 6.87 13.12
C ILE A 68 -6.64 6.82 14.52
N SER A 69 -7.41 7.25 15.53
CA SER A 69 -6.95 7.27 16.93
C SER A 69 -6.66 5.85 17.42
N GLN A 70 -7.52 4.90 17.01
CA GLN A 70 -7.44 3.49 17.43
C GLN A 70 -6.08 2.92 17.03
N ILE A 71 -5.73 3.09 15.74
CA ILE A 71 -4.48 2.56 15.19
C ILE A 71 -3.25 3.38 15.65
N ASP A 72 -3.45 4.68 15.92
CA ASP A 72 -2.39 5.58 16.41
C ASP A 72 -1.87 5.15 17.79
N LYS A 73 -2.78 4.57 18.61
CA LYS A 73 -2.45 4.06 19.96
C LYS A 73 -1.53 2.81 19.92
N LEU A 74 -1.45 2.16 18.74
CA LEU A 74 -0.55 1.01 18.49
C LEU A 74 0.92 1.46 18.49
N GLU A 75 1.80 0.51 18.83
CA GLU A 75 3.28 0.70 18.81
C GLU A 75 3.80 0.84 17.36
N ASP A 76 2.96 0.40 16.41
CA ASP A 76 3.25 0.40 14.98
C ASP A 76 3.32 1.83 14.43
N VAL A 77 2.23 2.59 14.67
CA VAL A 77 2.11 3.98 14.22
C VAL A 77 2.88 4.91 15.17
N VAL A 78 4.03 5.40 14.70
CA VAL A 78 4.87 6.36 15.43
C VAL A 78 4.19 7.75 15.42
N LYS A 79 3.72 8.14 14.22
CA LYS A 79 3.03 9.41 13.98
C LYS A 79 1.96 9.20 12.92
N VAL A 80 0.74 9.68 13.19
CA VAL A 80 -0.33 9.74 12.20
C VAL A 80 -0.41 11.18 11.68
N GLN A 81 -0.30 11.35 10.36
CA GLN A 81 -0.29 12.68 9.72
C GLN A 81 -1.52 12.83 8.82
N ARG A 82 -2.41 13.75 9.20
CA ARG A 82 -3.70 13.97 8.56
C ARG A 82 -3.70 15.31 7.83
N ASN A 83 -3.64 15.27 6.49
CA ASN A 83 -3.70 16.49 5.64
C ASN A 83 -4.78 16.29 4.57
N GLN A 84 -5.75 17.22 4.47
CA GLN A 84 -6.79 17.16 3.40
C GLN A 84 -6.32 17.99 2.18
N SER A 85 -5.77 17.29 1.18
CA SER A 85 -5.05 17.89 0.05
C SER A 85 -5.18 17.00 -1.20
N ASP A 86 -4.48 17.38 -2.29
CA ASP A 86 -4.41 16.58 -3.53
C ASP A 86 -3.47 15.36 -3.35
N PRO A 87 -3.72 14.21 -4.06
CA PRO A 87 -2.81 13.03 -4.08
C PRO A 87 -1.50 13.25 -4.88
N THR A 88 -1.23 14.52 -5.25
CA THR A 88 -0.01 14.92 -5.97
C THR A 88 1.27 14.73 -5.15
N MET A 89 1.13 14.35 -3.85
CA MET A 89 2.25 13.92 -2.98
C MET A 89 3.10 12.81 -3.65
N PHE A 90 2.41 11.99 -4.46
CA PHE A 90 3.02 10.96 -5.34
C PHE A 90 4.09 11.57 -6.28
N ASN A 91 3.70 12.61 -7.03
CA ASN A 91 4.58 13.31 -7.99
C ASN A 91 5.65 14.14 -7.25
N LYS A 92 5.22 14.76 -6.13
CA LYS A 92 6.06 15.66 -5.31
C LYS A 92 7.32 14.95 -4.79
N ILE A 93 7.17 13.69 -4.37
CA ILE A 93 8.31 12.88 -3.89
C ILE A 93 9.09 12.29 -5.08
N ALA A 94 8.37 11.96 -6.18
CA ALA A 94 8.96 11.28 -7.36
C ALA A 94 10.14 12.06 -7.96
N VAL A 95 9.96 13.40 -8.07
CA VAL A 95 10.99 14.30 -8.64
C VAL A 95 12.28 14.32 -7.77
N PHE A 96 12.15 14.03 -6.46
CA PHE A 96 13.29 14.02 -5.51
C PHE A 96 13.94 12.63 -5.39
N PHE A 97 13.11 11.58 -5.23
CA PHE A 97 13.58 10.21 -4.95
C PHE A 97 14.20 9.55 -6.19
N GLN A 98 13.41 9.42 -7.26
CA GLN A 98 13.86 8.84 -8.54
C GLN A 98 12.81 9.10 -9.66
N GLY B 1 13.44 2.48 1.45
CA GLY B 1 14.04 2.92 0.17
C GLY B 1 15.26 2.09 -0.23
N SER B 2 15.46 0.94 0.46
CA SER B 2 16.67 0.12 0.34
C SER B 2 16.79 -0.51 -1.07
N MET B 3 15.72 -1.20 -1.49
CA MET B 3 15.71 -1.95 -2.77
C MET B 3 15.34 -1.06 -3.97
N GLN B 4 15.05 0.24 -3.72
CA GLN B 4 14.65 1.20 -4.78
C GLN B 4 15.77 1.51 -5.80
N ASN B 5 17.00 1.06 -5.47
CA ASN B 5 18.17 1.16 -6.36
C ASN B 5 18.16 0.02 -7.41
N THR B 6 19.22 -0.04 -8.24
CA THR B 6 19.39 -1.09 -9.26
C THR B 6 19.76 -2.42 -8.57
N THR B 7 18.71 -3.18 -8.19
CA THR B 7 18.83 -4.43 -7.42
C THR B 7 17.96 -5.53 -8.06
N HIS B 8 18.46 -6.78 -8.04
CA HIS B 8 17.72 -7.96 -8.56
C HIS B 8 17.31 -8.89 -7.38
N ASP B 9 17.44 -8.37 -6.15
CA ASP B 9 17.06 -9.11 -4.92
C ASP B 9 15.53 -9.14 -4.76
N ASN B 10 14.91 -7.99 -5.02
CA ASN B 10 13.46 -7.80 -4.84
C ASN B 10 12.69 -8.31 -6.07
N VAL B 11 11.42 -8.57 -5.85
CA VAL B 11 10.45 -8.91 -6.88
C VAL B 11 9.33 -7.86 -6.88
N ILE B 12 8.97 -7.46 -8.10
CA ILE B 12 7.93 -6.47 -8.39
C ILE B 12 6.59 -7.21 -8.53
N LEU B 13 5.89 -7.37 -7.41
CA LEU B 13 4.64 -8.12 -7.36
C LEU B 13 3.46 -7.18 -7.48
N GLU B 14 3.00 -7.00 -8.72
CA GLU B 14 1.85 -6.14 -9.03
C GLU B 14 0.56 -7.00 -9.03
N LEU B 15 -0.16 -6.94 -7.90
CA LEU B 15 -1.41 -7.69 -7.67
C LEU B 15 -2.58 -6.90 -8.22
N THR B 16 -3.16 -7.36 -9.33
CA THR B 16 -4.33 -6.76 -9.93
C THR B 16 -5.57 -7.32 -9.23
N VAL B 17 -6.06 -6.54 -8.27
CA VAL B 17 -7.24 -6.87 -7.49
C VAL B 17 -8.39 -5.91 -7.85
N ARG B 18 -9.59 -6.44 -7.91
CA ARG B 18 -10.83 -5.64 -7.93
C ARG B 18 -11.08 -5.16 -6.50
N ASN B 19 -11.33 -3.84 -6.31
CA ASN B 19 -11.33 -3.20 -4.97
C ASN B 19 -12.61 -3.58 -4.17
N HIS B 20 -12.54 -4.78 -3.60
CA HIS B 20 -13.53 -5.35 -2.68
C HIS B 20 -13.08 -5.01 -1.24
N PRO B 21 -14.03 -4.81 -0.27
CA PRO B 21 -13.69 -4.55 1.16
C PRO B 21 -12.65 -5.53 1.74
N GLY B 22 -11.40 -5.05 1.85
CA GLY B 22 -10.32 -5.78 2.51
C GLY B 22 -9.32 -6.47 1.58
N VAL B 23 -9.32 -6.11 0.27
CA VAL B 23 -8.34 -6.69 -0.69
C VAL B 23 -6.90 -6.26 -0.36
N MET B 24 -6.77 -5.01 0.09
CA MET B 24 -5.49 -4.46 0.57
C MET B 24 -5.06 -5.15 1.88
N THR B 25 -6.04 -5.59 2.68
CA THR B 25 -5.78 -6.34 3.93
C THR B 25 -5.34 -7.79 3.61
N HIS B 26 -5.83 -8.32 2.46
CA HIS B 26 -5.48 -9.68 1.98
C HIS B 26 -4.03 -9.73 1.50
N VAL B 27 -3.62 -8.72 0.68
CA VAL B 27 -2.24 -8.67 0.13
C VAL B 27 -1.20 -8.44 1.25
N CYS B 28 -1.55 -7.57 2.21
CA CYS B 28 -0.70 -7.28 3.37
C CYS B 28 -0.65 -8.47 4.35
N GLY B 29 -1.78 -9.21 4.43
CA GLY B 29 -1.92 -10.33 5.36
C GLY B 29 -1.06 -11.54 4.99
N LEU B 30 -1.06 -11.89 3.69
CA LEU B 30 -0.27 -13.03 3.17
C LEU B 30 1.24 -12.78 3.36
N PHE B 31 1.68 -11.55 3.07
CA PHE B 31 3.10 -11.17 3.14
C PHE B 31 3.58 -11.04 4.61
N ALA B 32 2.64 -10.68 5.51
CA ALA B 32 2.91 -10.58 6.95
C ALA B 32 3.16 -11.96 7.58
N ARG B 33 2.43 -13.00 7.12
CA ARG B 33 2.47 -14.35 7.72
C ARG B 33 3.70 -15.15 7.25
N ARG B 34 4.44 -14.61 6.26
CA ARG B 34 5.65 -15.24 5.73
C ARG B 34 6.74 -15.24 6.84
N ALA B 35 7.37 -14.06 7.02
CA ALA B 35 8.51 -13.85 7.93
C ALA B 35 9.02 -12.42 7.75
N PHE B 36 9.32 -12.09 6.48
CA PHE B 36 9.92 -10.82 6.07
C PHE B 36 8.80 -9.87 5.58
N ASN B 37 8.88 -8.60 5.99
CA ASN B 37 7.86 -7.58 5.68
C ASN B 37 8.06 -7.00 4.28
N VAL B 38 7.07 -6.26 3.80
CA VAL B 38 7.16 -5.53 2.53
C VAL B 38 7.95 -4.23 2.75
N GLU B 39 8.93 -3.97 1.87
CA GLU B 39 9.79 -2.77 1.93
C GLU B 39 8.94 -1.55 1.52
N GLY B 40 8.33 -1.63 0.31
CA GLY B 40 7.55 -0.52 -0.26
C GLY B 40 6.27 -1.01 -0.90
N ILE B 41 5.22 -0.17 -0.90
CA ILE B 41 3.89 -0.51 -1.48
C ILE B 41 3.43 0.63 -2.40
N LEU B 42 2.74 0.30 -3.50
CA LEU B 42 2.13 1.29 -4.39
C LEU B 42 0.89 0.70 -5.08
N CYS B 43 -0.28 1.01 -4.53
CA CYS B 43 -1.58 0.66 -5.12
C CYS B 43 -1.96 1.74 -6.11
N LEU B 44 -1.76 1.44 -7.40
CA LEU B 44 -2.17 2.32 -8.51
C LEU B 44 -3.56 1.87 -8.99
N PRO B 45 -4.65 2.59 -8.57
CA PRO B 45 -6.02 2.24 -8.95
C PRO B 45 -6.38 2.75 -10.36
N ILE B 46 -7.00 1.87 -11.15
CA ILE B 46 -7.48 2.19 -12.49
C ILE B 46 -8.93 2.69 -12.38
N GLN B 47 -9.20 3.89 -12.91
CA GLN B 47 -10.56 4.47 -12.91
C GLN B 47 -11.39 3.94 -14.09
N ASP B 48 -10.71 3.38 -15.10
CA ASP B 48 -11.34 2.88 -16.33
C ASP B 48 -12.24 1.66 -16.04
N SER B 49 -11.82 0.81 -15.09
CA SER B 49 -12.60 -0.35 -14.61
C SER B 49 -12.32 -0.59 -13.12
N ASP B 50 -13.17 -1.40 -12.46
CA ASP B 50 -13.01 -1.75 -11.03
C ASP B 50 -11.85 -2.75 -10.86
N LYS B 51 -10.62 -2.21 -10.85
CA LYS B 51 -9.38 -2.97 -10.74
C LYS B 51 -8.24 -2.03 -10.30
N SER B 52 -7.24 -2.59 -9.63
CA SER B 52 -6.14 -1.83 -9.03
C SER B 52 -4.95 -2.77 -8.85
N HIS B 53 -3.76 -2.38 -9.35
CA HIS B 53 -2.54 -3.21 -9.20
C HIS B 53 -1.61 -2.61 -8.14
N ILE B 54 -1.38 -3.40 -7.08
CA ILE B 54 -0.57 -3.03 -5.93
C ILE B 54 0.84 -3.60 -6.11
N TRP B 55 1.86 -2.73 -6.20
CA TRP B 55 3.26 -3.15 -6.27
C TRP B 55 3.77 -3.38 -4.85
N LEU B 56 3.97 -4.65 -4.52
CA LEU B 56 4.59 -5.08 -3.26
C LEU B 56 6.06 -5.37 -3.53
N LEU B 57 6.91 -4.43 -3.06
CA LEU B 57 8.37 -4.50 -3.21
C LEU B 57 8.91 -5.30 -2.03
N VAL B 58 9.16 -6.58 -2.28
CA VAL B 58 9.60 -7.55 -1.27
C VAL B 58 10.63 -8.49 -1.91
N ASN B 59 11.57 -9.03 -1.14
CA ASN B 59 12.50 -10.05 -1.68
C ASN B 59 11.78 -11.41 -1.85
N ASP B 60 12.22 -12.20 -2.83
CA ASP B 60 11.63 -13.52 -3.13
C ASP B 60 12.02 -14.56 -2.07
N ASP B 61 11.18 -15.60 -1.94
CA ASP B 61 11.36 -16.71 -0.98
C ASP B 61 10.89 -18.02 -1.65
N GLN B 62 11.16 -19.17 -1.03
CA GLN B 62 10.67 -20.47 -1.49
C GLN B 62 9.16 -20.60 -1.23
N ARG B 63 8.72 -20.02 -0.11
CA ARG B 63 7.31 -19.99 0.31
C ARG B 63 6.54 -18.88 -0.43
N LEU B 64 7.29 -17.84 -0.88
CA LEU B 64 6.74 -16.66 -1.61
C LEU B 64 5.71 -17.07 -2.69
N GLU B 65 6.06 -18.10 -3.48
CA GLU B 65 5.25 -18.59 -4.61
C GLU B 65 3.98 -19.33 -4.13
N GLN B 66 4.11 -20.08 -3.02
CA GLN B 66 2.98 -20.75 -2.34
C GLN B 66 1.97 -19.70 -1.83
N MET B 67 2.52 -18.65 -1.23
CA MET B 67 1.78 -17.50 -0.65
C MET B 67 1.05 -16.71 -1.75
N ILE B 68 1.73 -16.57 -2.90
CA ILE B 68 1.21 -15.92 -4.11
C ILE B 68 0.01 -16.71 -4.69
N SER B 69 0.18 -18.05 -4.82
CA SER B 69 -0.86 -18.94 -5.35
C SER B 69 -2.09 -18.91 -4.44
N GLN B 70 -1.86 -18.88 -3.11
CA GLN B 70 -2.90 -18.93 -2.08
C GLN B 70 -3.86 -17.74 -2.29
N ILE B 71 -3.28 -16.53 -2.37
CA ILE B 71 -4.06 -15.29 -2.50
C ILE B 71 -4.64 -15.14 -3.94
N ASP B 72 -3.94 -15.71 -4.94
CA ASP B 72 -4.38 -15.67 -6.35
C ASP B 72 -5.72 -16.46 -6.55
N LYS B 73 -5.90 -17.51 -5.72
CA LYS B 73 -7.12 -18.34 -5.74
C LYS B 73 -8.36 -17.57 -5.22
N LEU B 74 -8.12 -16.45 -4.50
CA LEU B 74 -9.18 -15.54 -4.02
C LEU B 74 -9.87 -14.82 -5.20
N GLU B 75 -11.14 -14.45 -4.96
CA GLU B 75 -11.95 -13.66 -5.92
C GLU B 75 -11.41 -12.23 -6.06
N ASP B 76 -10.62 -11.82 -5.05
CA ASP B 76 -10.03 -10.48 -4.92
C ASP B 76 -8.98 -10.26 -6.02
N VAL B 77 -8.01 -11.19 -6.10
CA VAL B 77 -6.92 -11.15 -7.08
C VAL B 77 -7.44 -11.67 -8.43
N VAL B 78 -7.63 -10.74 -9.38
CA VAL B 78 -8.02 -11.04 -10.76
C VAL B 78 -6.82 -11.67 -11.49
N LYS B 79 -5.66 -10.99 -11.35
CA LYS B 79 -4.39 -11.40 -11.97
C LYS B 79 -3.25 -11.10 -11.01
N VAL B 80 -2.37 -12.07 -10.79
CA VAL B 80 -1.11 -11.86 -10.08
C VAL B 80 0.02 -11.74 -11.11
N GLN B 81 0.75 -10.63 -11.06
CA GLN B 81 1.83 -10.34 -12.03
C GLN B 81 3.17 -10.30 -11.31
N ARG B 82 4.03 -11.28 -11.65
CA ARG B 82 5.32 -11.51 -11.00
C ARG B 82 6.46 -11.15 -11.97
N ASN B 83 7.14 -10.03 -11.72
CA ASN B 83 8.31 -9.58 -12.51
C ASN B 83 9.46 -9.27 -11.55
N GLN B 84 10.62 -9.91 -11.74
CA GLN B 84 11.84 -9.57 -10.94
C GLN B 84 12.63 -8.46 -11.68
N SER B 85 12.48 -7.22 -11.19
CA SER B 85 12.99 -6.01 -11.86
C SER B 85 13.25 -4.90 -10.82
N ASP B 86 13.61 -3.70 -11.31
CA ASP B 86 13.80 -2.50 -10.48
C ASP B 86 12.44 -1.93 -10.01
N PRO B 87 12.37 -1.28 -8.80
CA PRO B 87 11.15 -0.54 -8.34
C PRO B 87 10.90 0.79 -9.08
N THR B 88 11.62 1.02 -10.18
CA THR B 88 11.49 2.22 -11.02
C THR B 88 10.11 2.30 -11.72
N MET B 89 9.28 1.21 -11.59
CA MET B 89 7.86 1.19 -12.02
C MET B 89 7.09 2.41 -11.46
N PHE B 90 7.50 2.84 -10.26
CA PHE B 90 7.03 4.06 -9.57
C PHE B 90 7.20 5.32 -10.48
N ASN B 91 8.42 5.51 -10.99
CA ASN B 91 8.78 6.65 -11.86
C ASN B 91 8.17 6.50 -13.27
N LYS B 92 8.14 5.24 -13.75
CA LYS B 92 7.66 4.88 -15.09
C LYS B 92 6.19 5.28 -15.31
N ILE B 93 5.36 5.07 -14.28
CA ILE B 93 3.95 5.45 -14.34
C ILE B 93 3.77 6.96 -14.05
N ALA B 94 4.65 7.52 -13.20
CA ALA B 94 4.54 8.92 -12.73
C ALA B 94 4.57 9.92 -13.90
N VAL B 95 5.48 9.67 -14.86
CA VAL B 95 5.63 10.53 -16.05
C VAL B 95 4.35 10.52 -16.93
N PHE B 96 3.57 9.43 -16.87
CA PHE B 96 2.32 9.28 -17.66
C PHE B 96 1.06 9.77 -16.91
N PHE B 97 0.90 9.31 -15.66
CA PHE B 97 -0.33 9.50 -14.86
C PHE B 97 -0.38 10.88 -14.19
N GLN B 98 0.68 11.21 -13.41
CA GLN B 98 0.73 12.45 -12.63
C GLN B 98 2.18 12.73 -12.20
N GLY A 1 -25.59 11.64 3.54
CA GLY A 1 -25.02 11.62 2.16
C GLY A 1 -23.61 11.04 2.13
N SER A 2 -22.90 11.28 1.01
CA SER A 2 -21.50 10.86 0.82
C SER A 2 -20.93 11.55 -0.43
N MET A 3 -19.62 11.79 -0.45
CA MET A 3 -18.92 12.44 -1.57
C MET A 3 -18.26 11.36 -2.45
N GLN A 4 -18.40 11.52 -3.79
CA GLN A 4 -18.00 10.51 -4.79
C GLN A 4 -16.49 10.57 -5.08
N ASN A 5 -16.04 11.64 -5.78
CA ASN A 5 -14.64 11.80 -6.22
C ASN A 5 -14.38 13.22 -6.74
N THR A 6 -13.66 14.01 -5.93
CA THR A 6 -13.10 15.32 -6.32
C THR A 6 -11.74 15.44 -5.60
N THR A 7 -10.91 16.42 -6.00
CA THR A 7 -9.50 16.54 -5.55
C THR A 7 -9.34 16.84 -4.04
N HIS A 8 -10.43 17.07 -3.29
CA HIS A 8 -10.38 17.26 -1.82
C HIS A 8 -11.38 16.34 -1.09
N ASP A 9 -12.11 15.52 -1.86
CA ASP A 9 -12.98 14.44 -1.30
C ASP A 9 -12.10 13.33 -0.73
N ASN A 10 -11.06 13.01 -1.51
CA ASN A 10 -10.03 12.05 -1.12
C ASN A 10 -9.07 12.73 -0.14
N VAL A 11 -8.66 11.99 0.89
CA VAL A 11 -7.75 12.49 1.92
C VAL A 11 -6.40 11.84 1.74
N ILE A 12 -5.38 12.63 1.98
CA ILE A 12 -4.01 12.20 2.09
C ILE A 12 -3.79 11.82 3.56
N LEU A 13 -4.12 10.57 3.88
CA LEU A 13 -3.96 10.02 5.23
C LEU A 13 -2.56 9.40 5.29
N GLU A 14 -1.59 10.22 5.64
CA GLU A 14 -0.18 9.85 5.58
C GLU A 14 0.38 9.64 6.99
N LEU A 15 0.79 8.40 7.28
CA LEU A 15 1.32 8.01 8.59
C LEU A 15 2.77 7.49 8.44
N THR A 16 3.60 7.76 9.45
CA THR A 16 4.96 7.23 9.55
C THR A 16 4.92 6.00 10.45
N VAL A 17 5.22 4.84 9.89
CA VAL A 17 5.37 3.59 10.65
C VAL A 17 6.83 3.14 10.52
N ARG A 18 7.34 2.43 11.52
CA ARG A 18 8.62 1.70 11.40
C ARG A 18 8.31 0.22 11.15
N ASN A 19 9.20 -0.46 10.39
CA ASN A 19 8.92 -1.78 9.80
C ASN A 19 8.88 -2.87 10.89
N HIS A 20 7.67 -3.01 11.46
CA HIS A 20 7.28 -4.07 12.41
C HIS A 20 6.55 -5.21 11.65
N PRO A 21 6.42 -6.46 12.25
CA PRO A 21 5.70 -7.59 11.61
C PRO A 21 4.29 -7.25 11.05
N GLY A 22 4.24 -7.06 9.72
CA GLY A 22 2.97 -6.88 8.98
C GLY A 22 2.15 -5.68 9.41
N VAL A 23 2.80 -4.50 9.55
CA VAL A 23 2.12 -3.22 9.88
C VAL A 23 1.01 -2.91 8.85
N MET A 24 1.28 -3.30 7.60
CA MET A 24 0.39 -3.05 6.46
C MET A 24 -0.98 -3.72 6.65
N THR A 25 -0.98 -4.91 7.28
CA THR A 25 -2.21 -5.65 7.60
C THR A 25 -3.03 -4.90 8.69
N HIS A 26 -2.30 -4.26 9.63
CA HIS A 26 -2.90 -3.50 10.75
C HIS A 26 -3.58 -2.21 10.24
N VAL A 27 -2.83 -1.39 9.46
CA VAL A 27 -3.32 -0.09 8.97
C VAL A 27 -4.55 -0.28 8.05
N CYS A 28 -4.41 -1.22 7.09
CA CYS A 28 -5.48 -1.58 6.13
C CYS A 28 -6.70 -2.15 6.86
N GLY A 29 -6.45 -2.81 8.01
CA GLY A 29 -7.51 -3.31 8.89
C GLY A 29 -8.41 -2.19 9.41
N LEU A 30 -7.79 -1.09 9.88
CA LEU A 30 -8.53 0.08 10.43
C LEU A 30 -9.39 0.80 9.37
N PHE A 31 -8.87 0.91 8.13
CA PHE A 31 -9.56 1.63 7.04
C PHE A 31 -10.70 0.78 6.43
N ALA A 32 -10.47 -0.54 6.37
CA ALA A 32 -11.43 -1.52 5.81
C ALA A 32 -12.65 -1.71 6.73
N ARG A 33 -12.41 -1.70 8.06
CA ARG A 33 -13.44 -2.02 9.08
C ARG A 33 -14.46 -0.87 9.27
N ARG A 34 -14.22 0.27 8.59
CA ARG A 34 -15.17 1.36 8.51
C ARG A 34 -16.37 0.92 7.62
N ALA A 35 -16.14 0.95 6.28
CA ALA A 35 -17.20 0.72 5.27
C ALA A 35 -16.60 0.88 3.88
N PHE A 36 -15.96 2.06 3.67
CA PHE A 36 -15.37 2.43 2.38
C PHE A 36 -13.86 2.07 2.38
N ASN A 37 -13.38 1.57 1.24
CA ASN A 37 -12.01 1.04 1.08
C ASN A 37 -11.07 2.10 0.50
N VAL A 38 -9.77 1.84 0.55
CA VAL A 38 -8.73 2.78 0.05
C VAL A 38 -8.65 2.71 -1.49
N GLU A 39 -8.46 3.88 -2.12
CA GLU A 39 -8.39 4.05 -3.58
C GLU A 39 -6.92 3.90 -4.05
N GLY A 40 -6.02 4.60 -3.35
CA GLY A 40 -4.60 4.63 -3.70
C GLY A 40 -3.70 4.55 -2.47
N ILE A 41 -2.55 3.87 -2.59
CA ILE A 41 -1.58 3.67 -1.49
C ILE A 41 -0.17 3.97 -2.01
N LEU A 42 0.69 4.49 -1.13
CA LEU A 42 2.11 4.70 -1.44
C LEU A 42 2.94 4.52 -0.16
N CYS A 43 3.52 3.33 0.04
CA CYS A 43 4.51 3.10 1.10
C CYS A 43 5.89 3.46 0.53
N LEU A 44 6.36 4.65 0.88
CA LEU A 44 7.68 5.15 0.52
C LEU A 44 8.67 4.75 1.63
N PRO A 45 9.60 3.76 1.37
CA PRO A 45 10.62 3.37 2.36
C PRO A 45 11.61 4.54 2.58
N ILE A 46 11.55 5.13 3.78
CA ILE A 46 12.42 6.23 4.17
C ILE A 46 13.86 5.69 4.33
N GLN A 47 14.73 5.99 3.34
CA GLN A 47 16.12 5.50 3.29
C GLN A 47 16.99 6.02 4.45
N ASP A 48 16.49 7.08 5.10
CA ASP A 48 17.20 7.78 6.18
C ASP A 48 17.27 6.92 7.46
N SER A 49 16.17 6.22 7.80
CA SER A 49 16.05 5.42 9.04
C SER A 49 15.21 4.14 8.78
N ASP A 50 15.10 3.25 9.79
CA ASP A 50 14.27 2.02 9.69
C ASP A 50 12.77 2.36 9.84
N LYS A 51 12.21 2.90 8.74
CA LYS A 51 10.80 3.33 8.68
C LYS A 51 10.34 3.50 7.23
N SER A 52 9.02 3.53 7.07
CA SER A 52 8.33 3.76 5.80
C SER A 52 7.09 4.63 6.08
N HIS A 53 6.90 5.68 5.27
CA HIS A 53 5.74 6.58 5.38
C HIS A 53 4.73 6.17 4.30
N ILE A 54 3.45 5.96 4.67
CA ILE A 54 2.42 5.46 3.74
C ILE A 54 1.33 6.53 3.54
N TRP A 55 1.10 6.92 2.27
CA TRP A 55 0.03 7.84 1.87
C TRP A 55 -1.21 7.03 1.46
N LEU A 56 -2.28 7.11 2.28
CA LEU A 56 -3.57 6.45 2.02
C LEU A 56 -4.56 7.46 1.43
N LEU A 57 -4.82 7.32 0.14
CA LEU A 57 -5.82 8.11 -0.59
C LEU A 57 -7.18 7.43 -0.45
N VAL A 58 -8.00 7.96 0.46
CA VAL A 58 -9.35 7.45 0.77
C VAL A 58 -10.21 8.63 1.23
N ASN A 59 -11.53 8.63 0.97
CA ASN A 59 -12.40 9.67 1.56
C ASN A 59 -12.54 9.40 3.07
N ASP A 60 -12.58 10.47 3.88
CA ASP A 60 -12.71 10.34 5.34
C ASP A 60 -14.17 10.31 5.75
N ASP A 61 -14.37 10.03 7.03
CA ASP A 61 -15.68 10.04 7.67
C ASP A 61 -15.49 10.57 9.09
N GLN A 62 -16.60 11.04 9.70
CA GLN A 62 -16.61 11.46 11.11
C GLN A 62 -16.18 10.28 12.02
N ARG A 63 -16.57 9.06 11.60
CA ARG A 63 -16.27 7.81 12.32
C ARG A 63 -14.84 7.31 12.01
N LEU A 64 -14.33 7.61 10.77
CA LEU A 64 -12.97 7.15 10.34
C LEU A 64 -11.88 7.63 11.32
N GLU A 65 -12.08 8.86 11.85
CA GLU A 65 -11.14 9.50 12.78
C GLU A 65 -11.02 8.75 14.12
N GLN A 66 -12.08 8.02 14.49
CA GLN A 66 -12.06 7.13 15.68
C GLN A 66 -11.08 5.94 15.46
N MET A 67 -11.07 5.41 14.22
CA MET A 67 -10.10 4.37 13.79
C MET A 67 -8.67 4.93 13.82
N ILE A 68 -8.53 6.22 13.41
CA ILE A 68 -7.24 6.94 13.40
C ILE A 68 -6.75 7.17 14.86
N SER A 69 -7.70 7.50 15.75
CA SER A 69 -7.44 7.76 17.18
C SER A 69 -7.04 6.47 17.92
N GLN A 70 -7.51 5.31 17.42
CA GLN A 70 -7.18 4.00 18.02
C GLN A 70 -5.83 3.50 17.49
N ILE A 71 -5.62 3.62 16.16
CA ILE A 71 -4.46 3.02 15.47
C ILE A 71 -3.13 3.65 15.94
N ASP A 72 -3.09 4.99 16.08
CA ASP A 72 -1.84 5.71 16.36
C ASP A 72 -1.22 5.29 17.72
N LYS A 73 -2.10 4.85 18.64
CA LYS A 73 -1.73 4.39 19.99
C LYS A 73 -0.83 3.13 19.96
N LEU A 74 -0.90 2.36 18.86
CA LEU A 74 -0.08 1.15 18.67
C LEU A 74 1.35 1.55 18.24
N GLU A 75 2.34 0.73 18.63
CA GLU A 75 3.78 1.06 18.52
C GLU A 75 4.32 1.01 17.08
N ASP A 76 3.50 0.50 16.14
CA ASP A 76 3.85 0.46 14.71
C ASP A 76 3.86 1.88 14.13
N VAL A 77 2.74 2.59 14.34
CA VAL A 77 2.56 3.99 13.90
C VAL A 77 3.34 4.92 14.86
N VAL A 78 4.47 5.43 14.35
CA VAL A 78 5.32 6.41 15.07
C VAL A 78 4.61 7.79 15.05
N LYS A 79 4.16 8.17 13.85
CA LYS A 79 3.45 9.43 13.58
C LYS A 79 2.25 9.15 12.67
N VAL A 80 1.20 9.98 12.78
CA VAL A 80 0.00 9.88 11.92
C VAL A 80 -0.46 11.29 11.52
N GLN A 81 -0.97 11.41 10.29
CA GLN A 81 -1.50 12.67 9.74
C GLN A 81 -2.61 12.35 8.72
N ARG A 82 -3.63 13.21 8.64
CA ARG A 82 -4.68 13.13 7.62
C ARG A 82 -5.03 14.56 7.16
N ASN A 83 -5.00 14.77 5.83
CA ASN A 83 -5.25 16.08 5.19
C ASN A 83 -5.92 15.85 3.84
N GLN A 84 -7.12 16.39 3.64
CA GLN A 84 -7.87 16.21 2.39
C GLN A 84 -7.39 17.28 1.39
N SER A 85 -6.51 16.83 0.49
CA SER A 85 -5.79 17.67 -0.46
C SER A 85 -5.72 16.93 -1.80
N ASP A 86 -5.08 17.56 -2.80
CA ASP A 86 -5.05 17.06 -4.18
C ASP A 86 -4.29 15.71 -4.23
N PRO A 87 -4.86 14.66 -4.91
CA PRO A 87 -4.22 13.31 -5.03
C PRO A 87 -2.77 13.33 -5.58
N THR A 88 -2.39 14.40 -6.35
CA THR A 88 -1.02 14.54 -6.94
C THR A 88 0.10 14.63 -5.87
N MET A 89 -0.29 14.70 -4.58
CA MET A 89 0.64 14.55 -3.44
C MET A 89 1.46 13.24 -3.57
N PHE A 90 0.76 12.09 -3.87
CA PHE A 90 1.41 10.75 -3.96
C PHE A 90 2.52 10.77 -5.03
N ASN A 91 2.23 11.42 -6.16
CA ASN A 91 3.17 11.55 -7.29
C ASN A 91 4.39 12.40 -6.87
N LYS A 92 4.10 13.51 -6.15
CA LYS A 92 5.11 14.51 -5.75
C LYS A 92 6.30 13.86 -4.99
N ILE A 93 6.03 13.11 -3.91
CA ILE A 93 7.10 12.47 -3.11
C ILE A 93 7.65 11.19 -3.79
N ALA A 94 6.80 10.51 -4.60
CA ALA A 94 7.19 9.25 -5.31
C ALA A 94 8.37 9.49 -6.27
N VAL A 95 8.34 10.63 -6.99
CA VAL A 95 9.42 11.04 -7.91
C VAL A 95 10.68 11.41 -7.12
N PHE A 96 10.47 12.14 -6.01
CA PHE A 96 11.57 12.72 -5.21
C PHE A 96 12.23 11.64 -4.31
N PHE A 97 11.56 10.47 -4.19
CA PHE A 97 12.06 9.23 -3.54
C PHE A 97 12.08 9.27 -1.99
N GLN A 98 12.17 10.46 -1.39
CA GLN A 98 12.20 10.62 0.09
C GLN A 98 11.98 12.11 0.41
N GLY B 1 20.65 -18.71 5.16
CA GLY B 1 20.17 -18.25 3.83
C GLY B 1 19.31 -17.00 3.95
N SER B 2 19.86 -15.86 3.52
CA SER B 2 19.20 -14.56 3.57
C SER B 2 19.79 -13.63 2.50
N MET B 3 18.96 -13.27 1.51
CA MET B 3 19.30 -12.28 0.47
C MET B 3 19.18 -10.85 1.06
N GLN B 4 20.16 -9.97 0.73
CA GLN B 4 20.38 -8.70 1.45
C GLN B 4 19.60 -7.56 0.74
N ASN B 5 20.13 -7.08 -0.42
CA ASN B 5 19.46 -6.05 -1.27
C ASN B 5 20.28 -5.84 -2.57
N THR B 6 19.58 -5.91 -3.70
CA THR B 6 20.10 -5.72 -5.07
C THR B 6 18.89 -5.49 -6.00
N THR B 7 19.12 -5.16 -7.28
CA THR B 7 18.03 -4.97 -8.27
C THR B 7 17.48 -6.32 -8.80
N HIS B 8 17.96 -7.44 -8.23
CA HIS B 8 17.41 -8.80 -8.46
C HIS B 8 17.00 -9.43 -7.12
N ASP B 9 16.96 -8.62 -6.05
CA ASP B 9 16.65 -9.07 -4.67
C ASP B 9 15.20 -8.71 -4.35
N ASN B 10 14.91 -7.39 -4.44
CA ASN B 10 13.56 -6.87 -4.26
C ASN B 10 12.76 -7.19 -5.51
N VAL B 11 11.54 -7.68 -5.32
CA VAL B 11 10.67 -8.09 -6.41
C VAL B 11 9.57 -7.07 -6.57
N ILE B 12 9.22 -6.86 -7.81
CA ILE B 12 8.07 -6.11 -8.22
C ILE B 12 6.91 -7.10 -8.30
N LEU B 13 6.26 -7.33 -7.15
CA LEU B 13 5.12 -8.25 -7.04
C LEU B 13 3.87 -7.41 -7.30
N GLU B 14 3.50 -7.30 -8.57
CA GLU B 14 2.44 -6.40 -9.00
C GLU B 14 1.19 -7.19 -9.41
N LEU B 15 0.11 -7.00 -8.65
CA LEU B 15 -1.17 -7.69 -8.87
C LEU B 15 -2.28 -6.68 -9.19
N THR B 16 -3.20 -7.07 -10.07
CA THR B 16 -4.41 -6.31 -10.40
C THR B 16 -5.56 -6.85 -9.54
N VAL B 17 -6.06 -6.01 -8.63
CA VAL B 17 -7.27 -6.33 -7.84
C VAL B 17 -8.36 -5.34 -8.23
N ARG B 18 -9.62 -5.75 -8.10
CA ARG B 18 -10.76 -4.82 -8.19
C ARG B 18 -11.23 -4.51 -6.76
N ASN B 19 -11.75 -3.28 -6.54
CA ASN B 19 -11.96 -2.72 -5.19
C ASN B 19 -13.13 -3.44 -4.46
N HIS B 20 -12.74 -4.55 -3.81
CA HIS B 20 -13.58 -5.35 -2.90
C HIS B 20 -13.33 -4.91 -1.42
N PRO B 21 -14.26 -5.24 -0.45
CA PRO B 21 -14.09 -4.92 0.99
C PRO B 21 -12.71 -5.30 1.58
N GLY B 22 -11.83 -4.29 1.69
CA GLY B 22 -10.53 -4.41 2.36
C GLY B 22 -9.58 -5.44 1.74
N VAL B 23 -9.43 -5.40 0.39
CA VAL B 23 -8.49 -6.28 -0.34
C VAL B 23 -7.05 -6.12 0.21
N MET B 24 -6.74 -4.89 0.61
CA MET B 24 -5.41 -4.49 1.10
C MET B 24 -5.01 -5.28 2.36
N THR B 25 -6.01 -5.60 3.20
CA THR B 25 -5.81 -6.41 4.42
C THR B 25 -5.49 -7.88 4.05
N HIS B 26 -6.12 -8.35 2.95
CA HIS B 26 -5.95 -9.73 2.43
C HIS B 26 -4.53 -9.92 1.85
N VAL B 27 -4.14 -9.00 0.92
CA VAL B 27 -2.85 -9.10 0.20
C VAL B 27 -1.67 -9.00 1.19
N CYS B 28 -1.73 -7.98 2.08
CA CYS B 28 -0.71 -7.74 3.11
C CYS B 28 -0.64 -8.91 4.11
N GLY B 29 -1.79 -9.58 4.30
CA GLY B 29 -1.88 -10.79 5.11
C GLY B 29 -0.99 -11.92 4.59
N LEU B 30 -1.03 -12.15 3.26
CA LEU B 30 -0.24 -13.22 2.60
C LEU B 30 1.28 -12.97 2.68
N PHE B 31 1.69 -11.70 2.56
CA PHE B 31 3.13 -11.33 2.53
C PHE B 31 3.72 -11.31 3.95
N ALA B 32 2.90 -10.89 4.94
CA ALA B 32 3.29 -10.79 6.35
C ALA B 32 3.43 -12.19 7.01
N ARG B 33 2.55 -13.13 6.61
CA ARG B 33 2.45 -14.47 7.23
C ARG B 33 3.61 -15.40 6.80
N ARG B 34 4.46 -14.93 5.88
CA ARG B 34 5.70 -15.59 5.51
C ARG B 34 6.72 -15.45 6.66
N ALA B 35 7.33 -14.25 6.78
CA ALA B 35 8.44 -13.97 7.72
C ALA B 35 8.92 -12.53 7.53
N PHE B 36 9.24 -12.20 6.27
CA PHE B 36 9.80 -10.88 5.89
C PHE B 36 8.65 -9.99 5.38
N ASN B 37 8.69 -8.70 5.76
CA ASN B 37 7.63 -7.72 5.47
C ASN B 37 7.95 -6.92 4.20
N VAL B 38 6.94 -6.19 3.71
CA VAL B 38 7.07 -5.38 2.48
C VAL B 38 7.83 -4.06 2.78
N GLU B 39 8.69 -3.66 1.84
CA GLU B 39 9.52 -2.46 1.93
C GLU B 39 8.78 -1.23 1.35
N GLY B 40 8.20 -1.43 0.15
CA GLY B 40 7.50 -0.36 -0.58
C GLY B 40 6.23 -0.85 -1.23
N ILE B 41 5.20 0.00 -1.27
CA ILE B 41 3.87 -0.33 -1.83
C ILE B 41 3.42 0.83 -2.75
N LEU B 42 2.68 0.50 -3.80
CA LEU B 42 2.06 1.49 -4.69
C LEU B 42 0.73 0.94 -5.24
N CYS B 43 -0.38 1.32 -4.62
CA CYS B 43 -1.71 1.05 -5.18
C CYS B 43 -2.09 2.21 -6.10
N LEU B 44 -1.93 1.97 -7.40
CA LEU B 44 -2.29 2.91 -8.45
C LEU B 44 -3.76 2.63 -8.86
N PRO B 45 -4.73 3.53 -8.50
CA PRO B 45 -6.13 3.37 -8.95
C PRO B 45 -6.23 3.52 -10.47
N ILE B 46 -6.57 2.41 -11.15
CA ILE B 46 -6.73 2.38 -12.60
C ILE B 46 -8.03 3.14 -12.95
N GLN B 47 -7.88 4.37 -13.47
CA GLN B 47 -9.00 5.27 -13.79
C GLN B 47 -9.91 4.71 -14.90
N ASP B 48 -9.36 3.74 -15.66
CA ASP B 48 -10.04 3.12 -16.80
C ASP B 48 -11.26 2.28 -16.38
N SER B 49 -11.11 1.51 -15.27
CA SER B 49 -12.14 0.57 -14.77
C SER B 49 -12.16 0.55 -13.22
N ASP B 50 -13.13 -0.18 -12.62
CA ASP B 50 -13.22 -0.34 -11.14
C ASP B 50 -12.15 -1.35 -10.67
N LYS B 51 -10.90 -0.86 -10.59
CA LYS B 51 -9.74 -1.67 -10.19
C LYS B 51 -8.56 -0.78 -9.82
N SER B 52 -7.63 -1.38 -9.08
CA SER B 52 -6.36 -0.78 -8.65
C SER B 52 -5.26 -1.85 -8.75
N HIS B 53 -4.13 -1.49 -9.36
CA HIS B 53 -2.96 -2.39 -9.48
C HIS B 53 -1.95 -1.98 -8.39
N ILE B 54 -1.46 -2.96 -7.60
CA ILE B 54 -0.57 -2.68 -6.45
C ILE B 54 0.81 -3.32 -6.71
N TRP B 55 1.87 -2.48 -6.66
CA TRP B 55 3.27 -2.91 -6.76
C TRP B 55 3.84 -3.13 -5.35
N LEU B 56 4.11 -4.40 -5.00
CA LEU B 56 4.71 -4.78 -3.71
C LEU B 56 6.21 -5.03 -3.89
N LEU B 57 7.01 -4.09 -3.39
CA LEU B 57 8.49 -4.21 -3.36
C LEU B 57 8.89 -4.95 -2.07
N VAL B 58 9.18 -6.24 -2.24
CA VAL B 58 9.59 -7.15 -1.15
C VAL B 58 10.52 -8.21 -1.75
N ASN B 59 11.50 -8.73 -0.99
CA ASN B 59 12.29 -9.87 -1.50
C ASN B 59 11.41 -11.13 -1.49
N ASP B 60 11.55 -12.00 -2.51
CA ASP B 60 10.76 -13.23 -2.61
C ASP B 60 11.46 -14.39 -1.90
N ASP B 61 10.72 -15.47 -1.77
CA ASP B 61 11.20 -16.71 -1.18
C ASP B 61 10.60 -17.87 -1.97
N GLN B 62 11.20 -19.05 -1.88
CA GLN B 62 10.67 -20.29 -2.48
C GLN B 62 9.25 -20.57 -1.93
N ARG B 63 9.07 -20.27 -0.63
CA ARG B 63 7.81 -20.44 0.10
C ARG B 63 6.81 -19.30 -0.21
N LEU B 64 7.32 -18.07 -0.50
CA LEU B 64 6.46 -16.87 -0.78
C LEU B 64 5.49 -17.16 -1.95
N GLU B 65 5.99 -17.92 -2.94
CA GLU B 65 5.24 -18.28 -4.15
C GLU B 65 4.02 -19.15 -3.85
N GLN B 66 4.08 -19.92 -2.74
CA GLN B 66 2.92 -20.72 -2.25
C GLN B 66 1.79 -19.79 -1.76
N MET B 67 2.18 -18.67 -1.10
CA MET B 67 1.23 -17.61 -0.69
C MET B 67 0.61 -16.94 -1.93
N ILE B 68 1.44 -16.74 -2.98
CA ILE B 68 1.04 -16.15 -4.28
C ILE B 68 0.04 -17.10 -5.00
N SER B 69 0.30 -18.41 -4.91
CA SER B 69 -0.51 -19.48 -5.53
C SER B 69 -1.87 -19.64 -4.83
N GLN B 70 -1.93 -19.29 -3.54
CA GLN B 70 -3.17 -19.35 -2.76
C GLN B 70 -4.00 -18.09 -2.99
N ILE B 71 -3.32 -16.90 -2.95
CA ILE B 71 -4.02 -15.59 -2.95
C ILE B 71 -4.78 -15.35 -4.25
N ASP B 72 -4.16 -15.68 -5.40
CA ASP B 72 -4.71 -15.34 -6.74
C ASP B 72 -6.06 -16.03 -6.97
N LYS B 73 -6.26 -17.19 -6.31
CA LYS B 73 -7.50 -17.99 -6.40
C LYS B 73 -8.73 -17.25 -5.86
N LEU B 74 -8.50 -16.25 -4.97
CA LEU B 74 -9.58 -15.43 -4.39
C LEU B 74 -10.03 -14.35 -5.40
N GLU B 75 -11.32 -13.97 -5.33
CA GLU B 75 -12.00 -13.15 -6.35
C GLU B 75 -11.59 -11.66 -6.31
N ASP B 76 -10.80 -11.28 -5.29
CA ASP B 76 -10.25 -9.91 -5.19
C ASP B 76 -9.16 -9.69 -6.25
N VAL B 77 -8.18 -10.62 -6.27
CA VAL B 77 -7.07 -10.62 -7.23
C VAL B 77 -7.57 -11.11 -8.60
N VAL B 78 -7.74 -10.17 -9.54
CA VAL B 78 -8.13 -10.46 -10.93
C VAL B 78 -6.93 -11.08 -11.67
N LYS B 79 -5.78 -10.41 -11.52
CA LYS B 79 -4.49 -10.81 -12.12
C LYS B 79 -3.38 -10.70 -11.07
N VAL B 80 -2.33 -11.52 -11.21
CA VAL B 80 -1.15 -11.48 -10.32
C VAL B 80 0.14 -11.64 -11.15
N GLN B 81 1.20 -10.95 -10.72
CA GLN B 81 2.51 -11.02 -11.37
C GLN B 81 3.60 -10.74 -10.32
N ARG B 82 4.78 -11.39 -10.46
CA ARG B 82 5.95 -11.14 -9.62
C ARG B 82 7.20 -11.20 -10.52
N ASN B 83 8.04 -10.15 -10.46
CA ASN B 83 9.27 -10.01 -11.27
C ASN B 83 10.31 -9.24 -10.47
N GLN B 84 11.48 -9.86 -10.23
CA GLN B 84 12.56 -9.21 -9.45
C GLN B 84 13.38 -8.33 -10.40
N SER B 85 13.08 -7.04 -10.35
CA SER B 85 13.63 -6.02 -11.24
C SER B 85 13.94 -4.76 -10.41
N ASP B 86 14.42 -3.70 -11.09
CA ASP B 86 14.87 -2.46 -10.44
C ASP B 86 13.67 -1.77 -9.73
N PRO B 87 13.84 -1.35 -8.43
CA PRO B 87 12.76 -0.68 -7.66
C PRO B 87 12.15 0.58 -8.34
N THR B 88 12.90 1.23 -9.27
CA THR B 88 12.43 2.45 -10.00
C THR B 88 11.18 2.20 -10.88
N MET B 89 10.76 0.92 -10.99
CA MET B 89 9.47 0.53 -11.58
C MET B 89 8.32 1.32 -10.93
N PHE B 90 8.30 1.39 -9.55
CA PHE B 90 7.20 2.06 -8.80
C PHE B 90 7.09 3.54 -9.22
N ASN B 91 8.25 4.19 -9.39
CA ASN B 91 8.33 5.61 -9.78
C ASN B 91 7.79 5.80 -11.22
N LYS B 92 8.16 4.86 -12.11
CA LYS B 92 7.84 4.94 -13.56
C LYS B 92 6.33 5.10 -13.83
N ILE B 93 5.50 4.20 -13.26
CA ILE B 93 4.04 4.25 -13.46
C ILE B 93 3.37 5.31 -12.57
N ALA B 94 3.99 5.64 -11.41
CA ALA B 94 3.46 6.64 -10.46
C ALA B 94 3.38 8.04 -11.10
N VAL B 95 4.43 8.39 -11.89
CA VAL B 95 4.47 9.66 -12.62
C VAL B 95 3.43 9.65 -13.75
N PHE B 96 3.41 8.53 -14.49
CA PHE B 96 2.57 8.36 -15.69
C PHE B 96 1.10 8.10 -15.31
N PHE B 97 0.86 7.84 -14.00
CA PHE B 97 -0.44 7.42 -13.41
C PHE B 97 -1.15 6.35 -14.27
N GLN B 98 -0.34 5.42 -14.80
CA GLN B 98 -0.78 4.31 -15.69
C GLN B 98 0.38 3.29 -15.76
#